data_5B7X
#
_entry.id   5B7X
#
loop_
_entity.id
_entity.type
_entity.pdbx_description
1 polymer 'Calmodulin, putative'
2 non-polymer 'CALCIUM ION'
#
_entity_poly.entity_id   1
_entity_poly.type   'polypeptide(L)'
_entity_poly.pdbx_seq_one_letter_code
;MSMEIEAPNANTQKIRDCFNFYDRDYDGKIDVKQLGTLIRSLGCAPTEDEVNSYIKEFAIEGETFQIEQFELIMEREQSK
PDTREIKLRKAFEVFDQDKDGKIKASDLAHNLTTVGDKMTKEEVEKVFSILGITMESDIDLATFLKLVALHHHHHH
;
_entity_poly.pdbx_strand_id   A
#
loop_
_chem_comp.id
_chem_comp.type
_chem_comp.name
_chem_comp.formula
CA non-polymer 'CALCIUM ION' 'Ca 2'
#
# COMPACT_ATOMS: atom_id res chain seq x y z
N MET A 1 -24.46 12.01 -1.96
CA MET A 1 -25.27 12.28 -0.78
C MET A 1 -24.70 11.57 0.45
N SER A 2 -23.82 12.26 1.16
CA SER A 2 -23.19 11.70 2.36
C SER A 2 -24.23 11.44 3.45
N MET A 3 -23.82 10.72 4.49
CA MET A 3 -24.71 10.42 5.60
C MET A 3 -23.92 10.17 6.88
N GLU A 4 -23.28 11.23 7.37
CA GLU A 4 -22.49 11.13 8.59
C GLU A 4 -21.37 10.10 8.43
N ILE A 5 -20.33 10.47 7.68
CA ILE A 5 -19.21 9.58 7.45
C ILE A 5 -17.89 10.34 7.49
N GLU A 6 -17.22 10.31 8.64
CA GLU A 6 -15.95 10.99 8.81
C GLU A 6 -14.94 10.53 7.76
N ALA A 7 -14.40 9.33 7.97
CA ALA A 7 -13.42 8.77 7.05
C ALA A 7 -12.16 9.62 7.00
N PRO A 8 -11.05 9.02 6.53
CA PRO A 8 -9.77 9.71 6.42
C PRO A 8 -9.76 10.78 5.34
N ASN A 9 -8.98 11.84 5.56
CA ASN A 9 -8.89 12.93 4.61
C ASN A 9 -7.56 12.89 3.86
N ALA A 10 -6.51 12.46 4.55
CA ALA A 10 -5.18 12.38 3.96
C ALA A 10 -5.22 11.61 2.64
N ASN A 11 -5.86 10.44 2.65
CA ASN A 11 -5.97 9.61 1.47
C ASN A 11 -7.01 10.18 0.49
N THR A 12 -8.18 10.50 1.01
CA THR A 12 -9.25 11.06 0.20
C THR A 12 -8.76 12.25 -0.62
N GLN A 13 -7.82 13.00 -0.07
CA GLN A 13 -7.26 14.16 -0.76
C GLN A 13 -6.25 13.73 -1.81
N LYS A 14 -5.41 12.77 -1.46
CA LYS A 14 -4.38 12.27 -2.38
C LYS A 14 -5.01 11.88 -3.71
N ILE A 15 -6.06 11.06 -3.67
CA ILE A 15 -6.74 10.62 -4.87
C ILE A 15 -7.11 11.80 -5.76
N ARG A 16 -7.71 12.82 -5.16
CA ARG A 16 -8.10 14.01 -5.90
C ARG A 16 -6.90 14.69 -6.54
N ASP A 17 -5.77 14.66 -5.84
CA ASP A 17 -4.55 15.27 -6.34
C ASP A 17 -4.08 14.58 -7.62
N CYS A 18 -3.80 13.28 -7.52
CA CYS A 18 -3.35 12.51 -8.67
C CYS A 18 -4.41 12.48 -9.76
N PHE A 19 -5.68 12.45 -9.35
CA PHE A 19 -6.78 12.43 -10.29
C PHE A 19 -6.75 13.64 -11.22
N ASN A 20 -6.95 14.82 -10.63
CA ASN A 20 -6.95 16.06 -11.39
C ASN A 20 -5.62 16.27 -12.10
N PHE A 21 -4.58 15.61 -11.59
CA PHE A 21 -3.25 15.71 -12.19
C PHE A 21 -3.27 15.32 -13.66
N TYR A 22 -3.76 14.12 -13.94
CA TYR A 22 -3.83 13.63 -15.32
C TYR A 22 -5.16 14.02 -15.96
N ASP A 23 -6.21 14.11 -15.14
CA ASP A 23 -7.53 14.47 -15.62
C ASP A 23 -7.63 15.98 -15.85
N ARG A 24 -6.54 16.69 -15.58
CA ARG A 24 -6.50 18.14 -15.75
C ARG A 24 -7.08 18.54 -17.11
N ASP A 25 -6.95 17.65 -18.09
CA ASP A 25 -7.45 17.90 -19.43
C ASP A 25 -8.89 18.41 -19.38
N TYR A 26 -9.64 17.94 -18.40
CA TYR A 26 -11.04 18.35 -18.24
C TYR A 26 -11.91 17.72 -19.33
N ASP A 27 -11.54 16.51 -19.74
CA ASP A 27 -12.29 15.79 -20.77
C ASP A 27 -13.60 15.25 -20.21
N GLY A 28 -13.63 15.03 -18.90
CA GLY A 28 -14.82 14.51 -18.26
C GLY A 28 -14.87 13.00 -18.27
N LYS A 29 -13.96 12.38 -19.02
CA LYS A 29 -13.91 10.93 -19.13
C LYS A 29 -12.53 10.41 -18.70
N ILE A 30 -12.44 9.11 -18.44
CA ILE A 30 -11.19 8.49 -18.04
C ILE A 30 -10.94 7.20 -18.81
N ASP A 31 -9.70 7.03 -19.26
CA ASP A 31 -9.32 5.85 -20.02
C ASP A 31 -8.45 4.91 -19.17
N VAL A 32 -8.09 3.76 -19.74
CA VAL A 32 -7.27 2.79 -19.03
C VAL A 32 -5.80 3.20 -19.05
N LYS A 33 -5.46 4.14 -19.93
CA LYS A 33 -4.09 4.62 -20.03
C LYS A 33 -3.83 5.74 -19.03
N GLN A 34 -4.82 6.61 -18.83
CA GLN A 34 -4.69 7.72 -17.90
C GLN A 34 -4.43 7.21 -16.49
N LEU A 35 -5.16 6.18 -16.09
CA LEU A 35 -5.01 5.60 -14.76
C LEU A 35 -3.55 5.24 -14.49
N GLY A 36 -2.86 4.78 -15.53
CA GLY A 36 -1.46 4.40 -15.38
C GLY A 36 -0.53 5.59 -15.51
N THR A 37 -1.02 6.66 -16.13
CA THR A 37 -0.23 7.86 -16.33
C THR A 37 0.39 8.34 -15.02
N LEU A 38 -0.44 8.45 -13.99
CA LEU A 38 0.03 8.89 -12.68
C LEU A 38 1.18 8.03 -12.19
N ILE A 39 0.90 6.75 -11.96
CA ILE A 39 1.91 5.81 -11.50
C ILE A 39 3.12 5.79 -12.43
N ARG A 40 2.90 6.17 -13.69
CA ARG A 40 3.97 6.21 -14.67
C ARG A 40 4.80 7.47 -14.54
N SER A 41 4.16 8.54 -14.04
CA SER A 41 4.84 9.81 -13.87
C SER A 41 5.71 9.80 -12.62
N LEU A 42 5.12 9.42 -11.49
CA LEU A 42 5.83 9.36 -10.22
C LEU A 42 6.62 8.06 -10.10
N GLY A 43 6.08 6.99 -10.68
CA GLY A 43 6.74 5.70 -10.63
C GLY A 43 6.33 4.89 -9.41
N CYS A 44 5.08 5.05 -8.99
CA CYS A 44 4.57 4.32 -7.83
C CYS A 44 4.89 2.83 -7.93
N ALA A 45 4.28 2.17 -8.91
CA ALA A 45 4.50 0.74 -9.12
C ALA A 45 5.51 0.50 -10.24
N PRO A 46 6.10 -0.70 -10.24
CA PRO A 46 7.09 -1.09 -11.24
C PRO A 46 6.48 -1.28 -12.63
N THR A 47 5.40 -2.06 -12.70
CA THR A 47 4.72 -2.32 -13.95
C THR A 47 3.21 -2.15 -13.80
N GLU A 48 2.54 -1.95 -14.94
CA GLU A 48 1.09 -1.77 -14.93
C GLU A 48 0.38 -2.99 -14.33
N ASP A 49 1.10 -4.11 -14.29
CA ASP A 49 0.55 -5.35 -13.76
C ASP A 49 0.01 -5.13 -12.34
N GLU A 50 0.73 -4.33 -11.55
CA GLU A 50 0.32 -4.04 -10.18
C GLU A 50 -1.04 -3.35 -10.15
N VAL A 51 -1.10 -2.15 -10.72
CA VAL A 51 -2.33 -1.39 -10.76
C VAL A 51 -3.45 -2.18 -11.43
N ASN A 52 -3.10 -2.87 -12.52
CA ASN A 52 -4.08 -3.67 -13.25
C ASN A 52 -4.60 -4.82 -12.39
N SER A 53 -3.74 -5.36 -11.54
CA SER A 53 -4.11 -6.46 -10.67
C SER A 53 -5.26 -6.06 -9.74
N TYR A 54 -5.01 -5.08 -8.89
CA TYR A 54 -6.02 -4.61 -7.95
C TYR A 54 -7.27 -4.16 -8.69
N ILE A 55 -7.09 -3.27 -9.67
CA ILE A 55 -8.20 -2.75 -10.46
C ILE A 55 -9.04 -3.89 -11.03
N LYS A 56 -8.38 -4.79 -11.75
CA LYS A 56 -9.06 -5.93 -12.35
C LYS A 56 -9.84 -6.72 -11.32
N GLU A 57 -9.25 -6.86 -10.13
CA GLU A 57 -9.89 -7.60 -9.04
C GLU A 57 -11.18 -6.91 -8.61
N PHE A 58 -11.21 -5.59 -8.76
CA PHE A 58 -12.39 -4.81 -8.38
C PHE A 58 -13.66 -5.40 -9.00
N ALA A 59 -13.60 -5.67 -10.29
CA ALA A 59 -14.74 -6.23 -11.01
C ALA A 59 -14.41 -6.47 -12.48
N ILE A 60 -14.45 -5.41 -13.27
CA ILE A 60 -14.15 -5.50 -14.69
C ILE A 60 -13.53 -4.21 -15.21
N GLU A 61 -13.37 -4.12 -16.53
CA GLU A 61 -12.80 -2.93 -17.15
C GLU A 61 -13.19 -2.85 -18.62
N GLY A 62 -12.82 -1.74 -19.26
CA GLY A 62 -13.15 -1.54 -20.66
C GLY A 62 -12.12 -0.69 -21.38
N GLU A 63 -12.60 0.19 -22.26
CA GLU A 63 -11.72 1.07 -23.02
C GLU A 63 -11.53 2.41 -22.30
N THR A 64 -12.63 3.14 -22.14
CA THR A 64 -12.59 4.44 -21.48
C THR A 64 -13.99 4.98 -21.23
N PHE A 65 -14.19 5.57 -20.06
CA PHE A 65 -15.48 6.14 -19.70
C PHE A 65 -15.33 7.23 -18.64
N GLN A 66 -15.16 6.81 -17.39
CA GLN A 66 -15.00 7.76 -16.30
C GLN A 66 -14.86 7.02 -14.96
N ILE A 67 -15.51 5.88 -14.85
CA ILE A 67 -15.44 5.08 -13.63
C ILE A 67 -14.01 4.66 -13.31
N GLU A 68 -13.14 4.76 -14.32
CA GLU A 68 -11.74 4.40 -14.14
C GLU A 68 -11.16 5.05 -12.90
N GLN A 69 -11.74 6.18 -12.50
CA GLN A 69 -11.27 6.90 -11.32
C GLN A 69 -11.08 5.94 -10.14
N PHE A 70 -11.87 4.88 -10.11
CA PHE A 70 -11.78 3.89 -9.04
C PHE A 70 -10.33 3.47 -8.81
N GLU A 71 -9.54 3.45 -9.88
CA GLU A 71 -8.15 3.06 -9.81
C GLU A 71 -7.43 3.82 -8.69
N LEU A 72 -7.63 5.13 -8.66
CA LEU A 72 -7.01 5.97 -7.65
C LEU A 72 -7.66 5.77 -6.28
N ILE A 73 -8.98 5.80 -6.25
CA ILE A 73 -9.73 5.61 -5.02
C ILE A 73 -9.27 4.35 -4.28
N MET A 74 -8.97 3.30 -5.04
CA MET A 74 -8.51 2.05 -4.47
C MET A 74 -7.00 2.03 -4.34
N GLU A 75 -6.32 2.72 -5.25
CA GLU A 75 -4.86 2.79 -5.24
C GLU A 75 -4.36 3.19 -3.85
N ARG A 76 -4.94 4.23 -3.29
CA ARG A 76 -4.56 4.72 -1.97
C ARG A 76 -4.64 3.60 -0.93
N GLU A 77 -5.55 2.66 -1.16
CA GLU A 77 -5.73 1.54 -0.24
C GLU A 77 -4.76 0.41 -0.56
N GLN A 78 -4.83 -0.10 -1.78
CA GLN A 78 -3.95 -1.19 -2.21
C GLN A 78 -2.49 -0.82 -1.99
N SER A 79 -2.17 0.47 -2.09
CA SER A 79 -0.82 0.94 -1.91
C SER A 79 -0.43 0.95 -0.43
N LYS A 80 -1.45 1.05 0.43
CA LYS A 80 -1.22 1.08 1.87
C LYS A 80 -0.49 -0.18 2.32
N PRO A 81 0.18 -0.10 3.48
CA PRO A 81 0.92 -1.23 4.05
C PRO A 81 0.00 -2.34 4.55
N ASP A 82 0.39 -3.58 4.28
CA ASP A 82 -0.41 -4.73 4.71
C ASP A 82 0.47 -5.97 4.85
N THR A 83 -0.16 -7.11 5.14
CA THR A 83 0.57 -8.36 5.29
C THR A 83 1.47 -8.64 4.10
N ARG A 84 1.07 -8.13 2.94
CA ARG A 84 1.85 -8.31 1.71
C ARG A 84 3.31 -7.95 1.94
N GLU A 85 3.55 -6.96 2.81
CA GLU A 85 4.91 -6.53 3.11
C GLU A 85 5.61 -7.53 4.03
N ILE A 86 4.90 -7.95 5.08
CA ILE A 86 5.46 -8.90 6.03
C ILE A 86 4.37 -9.82 6.58
N LYS A 87 4.76 -11.04 6.92
CA LYS A 87 3.82 -12.02 7.46
C LYS A 87 3.60 -11.79 8.95
N LEU A 88 4.70 -11.69 9.70
CA LEU A 88 4.63 -11.46 11.13
C LEU A 88 3.85 -10.19 11.46
N ARG A 89 4.21 -9.10 10.79
CA ARG A 89 3.54 -7.82 10.99
C ARG A 89 2.02 -7.98 10.93
N LYS A 90 1.57 -8.95 10.15
CA LYS A 90 0.15 -9.21 10.01
C LYS A 90 -0.48 -9.60 11.34
N ALA A 91 0.12 -10.58 12.01
CA ALA A 91 -0.37 -11.04 13.30
C ALA A 91 -0.37 -9.91 14.32
N PHE A 92 0.70 -9.11 14.32
CA PHE A 92 0.83 -8.00 15.25
C PHE A 92 -0.24 -6.94 14.97
N GLU A 93 -0.33 -6.52 13.71
CA GLU A 93 -1.30 -5.50 13.31
C GLU A 93 -2.69 -5.86 13.82
N VAL A 94 -2.95 -7.16 13.96
CA VAL A 94 -4.24 -7.63 14.44
C VAL A 94 -4.54 -7.11 15.84
N PHE A 95 -3.48 -6.93 16.63
CA PHE A 95 -3.63 -6.44 17.99
C PHE A 95 -3.06 -5.02 18.13
N ASP A 96 -1.79 -4.87 17.78
CA ASP A 96 -1.12 -3.58 17.86
C ASP A 96 -1.31 -2.79 16.56
N GLN A 97 -2.29 -1.89 16.56
CA GLN A 97 -2.57 -1.08 15.38
C GLN A 97 -1.38 -0.18 15.05
N ASP A 98 -0.70 0.29 16.08
CA ASP A 98 0.46 1.16 15.89
C ASP A 98 1.58 0.44 15.15
N LYS A 99 1.52 -0.89 15.16
CA LYS A 99 2.53 -1.70 14.48
C LYS A 99 2.86 -1.13 13.11
N ASP A 100 4.13 -0.86 12.88
CA ASP A 100 4.57 -0.30 11.61
C ASP A 100 5.72 -1.13 11.02
N GLY A 101 5.69 -2.43 11.29
CA GLY A 101 6.73 -3.31 10.79
C GLY A 101 7.92 -3.39 11.71
N LYS A 102 7.94 -2.54 12.73
CA LYS A 102 9.04 -2.51 13.68
C LYS A 102 8.59 -1.90 15.00
N ILE A 103 8.99 -2.53 16.11
CA ILE A 103 8.63 -2.04 17.44
C ILE A 103 9.71 -2.38 18.45
N LYS A 104 9.62 -1.77 19.63
CA LYS A 104 10.59 -2.01 20.69
C LYS A 104 10.40 -3.39 21.30
N ALA A 105 11.10 -3.64 22.42
CA ALA A 105 11.00 -4.92 23.10
C ALA A 105 9.64 -5.09 23.76
N SER A 106 9.07 -3.98 24.24
CA SER A 106 7.78 -4.02 24.89
C SER A 106 6.68 -4.45 23.92
N ASP A 107 6.50 -3.66 22.86
CA ASP A 107 5.49 -3.96 21.85
C ASP A 107 5.80 -5.28 21.15
N LEU A 108 7.08 -5.61 21.06
CA LEU A 108 7.50 -6.86 20.42
C LEU A 108 6.72 -8.05 20.97
N ALA A 109 6.85 -8.27 22.28
CA ALA A 109 6.17 -9.38 22.93
C ALA A 109 4.71 -9.04 23.18
N HIS A 110 4.36 -7.76 23.08
CA HIS A 110 3.00 -7.31 23.29
C HIS A 110 2.08 -7.79 22.16
N ASN A 111 2.46 -7.47 20.93
CA ASN A 111 1.68 -7.87 19.77
C ASN A 111 1.95 -9.32 19.39
N LEU A 112 3.15 -9.80 19.73
CA LEU A 112 3.53 -11.17 19.44
C LEU A 112 2.46 -12.16 19.92
N THR A 113 1.88 -11.87 21.07
CA THR A 113 0.84 -12.73 21.64
C THR A 113 -0.24 -13.04 20.60
N THR A 114 -0.45 -12.12 19.67
CA THR A 114 -1.44 -12.30 18.63
C THR A 114 -1.04 -13.39 17.65
N VAL A 115 0.22 -13.34 17.20
CA VAL A 115 0.74 -14.34 16.27
C VAL A 115 0.55 -15.75 16.81
N GLY A 116 0.50 -15.87 18.14
CA GLY A 116 0.32 -17.16 18.77
C GLY A 116 1.57 -18.03 18.66
N ASP A 117 2.73 -17.41 18.85
CA ASP A 117 3.99 -18.13 18.78
C ASP A 117 4.66 -18.22 20.14
N LYS A 118 4.32 -17.26 21.01
CA LYS A 118 4.88 -17.23 22.36
C LYS A 118 6.39 -16.96 22.31
N MET A 119 6.76 -15.73 21.93
CA MET A 119 8.16 -15.35 21.85
C MET A 119 8.79 -15.27 23.23
N THR A 120 9.46 -16.35 23.63
CA THR A 120 10.09 -16.41 24.94
C THR A 120 11.60 -16.19 24.83
N LYS A 121 12.31 -16.43 25.92
CA LYS A 121 13.76 -16.27 25.93
C LYS A 121 14.41 -16.94 24.73
N GLU A 122 13.73 -17.95 24.19
CA GLU A 122 14.23 -18.68 23.04
C GLU A 122 14.25 -17.79 21.80
N GLU A 123 13.09 -17.24 21.46
CA GLU A 123 12.97 -16.38 20.29
C GLU A 123 14.02 -15.27 20.32
N VAL A 124 14.11 -14.58 21.45
CA VAL A 124 15.08 -13.50 21.62
C VAL A 124 16.50 -14.04 21.61
N GLU A 125 16.69 -15.21 22.22
CA GLU A 125 18.00 -15.83 22.29
C GLU A 125 18.64 -15.93 20.90
N LYS A 126 17.87 -16.43 19.94
CA LYS A 126 18.34 -16.58 18.57
C LYS A 126 18.41 -15.23 17.87
N VAL A 127 17.50 -14.33 18.24
CA VAL A 127 17.45 -13.00 17.65
C VAL A 127 18.82 -12.31 17.73
N PHE A 128 19.52 -12.55 18.84
CA PHE A 128 20.83 -11.95 19.05
C PHE A 128 21.91 -12.73 18.30
N SER A 129 21.54 -13.88 17.76
CA SER A 129 22.47 -14.72 17.02
C SER A 129 22.54 -14.29 15.56
N ILE A 130 21.39 -14.21 14.92
CA ILE A 130 21.32 -13.81 13.52
C ILE A 130 21.28 -12.29 13.37
N LEU A 131 20.32 -11.66 14.02
CA LEU A 131 20.17 -10.21 13.97
C LEU A 131 21.33 -9.53 14.70
N GLY A 132 21.96 -10.26 15.62
CA GLY A 132 23.06 -9.71 16.37
C GLY A 132 22.65 -8.59 17.30
N ILE A 133 21.40 -8.64 17.77
CA ILE A 133 20.88 -7.62 18.66
C ILE A 133 20.39 -8.23 19.96
N THR A 134 20.63 -7.52 21.07
CA THR A 134 20.22 -8.00 22.38
C THR A 134 18.70 -7.97 22.52
N MET A 135 18.21 -8.45 23.67
CA MET A 135 16.77 -8.48 23.92
C MET A 135 16.22 -7.07 24.08
N GLU A 136 17.08 -6.13 24.46
CA GLU A 136 16.69 -4.75 24.64
C GLU A 136 16.86 -3.95 23.35
N SER A 137 16.58 -4.58 22.22
CA SER A 137 16.71 -3.94 20.92
C SER A 137 15.44 -4.11 20.10
N ASP A 138 14.90 -3.00 19.60
CA ASP A 138 13.69 -3.03 18.79
C ASP A 138 13.87 -3.93 17.58
N ILE A 139 12.77 -4.47 17.07
CA ILE A 139 12.80 -5.34 15.90
C ILE A 139 12.53 -4.56 14.62
N ASP A 140 13.05 -5.06 13.51
CA ASP A 140 12.86 -4.41 12.22
C ASP A 140 12.77 -5.44 11.10
N LEU A 141 12.68 -4.96 9.87
CA LEU A 141 12.60 -5.85 8.70
C LEU A 141 13.58 -7.00 8.83
N ALA A 142 14.83 -6.68 9.11
CA ALA A 142 15.87 -7.70 9.26
C ALA A 142 15.46 -8.76 10.28
N THR A 143 14.87 -8.32 11.38
CA THR A 143 14.42 -9.23 12.42
C THR A 143 13.50 -10.30 11.86
N PHE A 144 12.43 -9.87 11.22
CA PHE A 144 11.46 -10.80 10.62
C PHE A 144 12.15 -11.74 9.63
N LEU A 145 13.25 -11.27 9.04
CA LEU A 145 13.99 -12.07 8.07
C LEU A 145 14.65 -13.27 8.75
N LYS A 146 15.45 -12.99 9.77
CA LYS A 146 16.15 -14.04 10.51
C LYS A 146 15.15 -15.02 11.12
N LEU A 147 13.95 -14.54 11.39
CA LEU A 147 12.91 -15.37 11.99
C LEU A 147 12.23 -16.23 10.92
N VAL A 148 11.56 -15.58 9.98
CA VAL A 148 10.88 -16.30 8.90
C VAL A 148 11.83 -17.26 8.19
N ALA A 149 13.10 -16.89 8.13
CA ALA A 149 14.11 -17.71 7.48
C ALA A 149 14.53 -18.88 8.37
N LEU A 150 14.59 -18.63 9.67
CA LEU A 150 14.98 -19.66 10.62
C LEU A 150 14.14 -20.92 10.43
N HIS A 151 12.82 -20.77 10.50
CA HIS A 151 11.91 -21.90 10.32
C HIS A 151 12.11 -22.93 11.42
N HIS A 152 11.59 -22.63 12.61
CA HIS A 152 11.71 -23.54 13.75
C HIS A 152 10.36 -23.70 14.46
N HIS A 153 10.30 -24.64 15.39
CA HIS A 153 9.07 -24.89 16.14
C HIS A 153 9.28 -26.00 17.17
N HIS A 154 8.28 -26.20 18.02
CA HIS A 154 8.36 -27.23 19.05
C HIS A 154 7.07 -27.29 19.87
N HIS A 155 5.95 -27.44 19.18
CA HIS A 155 4.65 -27.51 19.83
C HIS A 155 3.91 -28.78 19.45
N HIS A 156 4.04 -29.18 18.19
CA HIS A 156 3.39 -30.39 17.69
C HIS A 156 3.86 -31.62 18.46
CA CA B . -9.12 12.93 -18.18
CA CA C . 4.25 -0.33 17.14
N MET A 1 9.16 22.37 -0.18
CA MET A 1 9.09 22.68 1.24
C MET A 1 9.04 21.41 2.09
N SER A 2 10.22 20.88 2.41
CA SER A 2 10.31 19.66 3.21
C SER A 2 9.70 18.48 2.46
N MET A 3 10.55 17.61 1.94
CA MET A 3 10.10 16.44 1.20
C MET A 3 10.39 15.15 1.98
N GLU A 4 10.24 15.22 3.30
CA GLU A 4 10.49 14.07 4.15
C GLU A 4 9.31 13.81 5.09
N ILE A 5 8.13 13.64 4.51
CA ILE A 5 6.93 13.39 5.29
C ILE A 5 6.00 12.42 4.57
N GLU A 6 6.04 11.15 4.97
CA GLU A 6 5.19 10.14 4.36
C GLU A 6 3.73 10.57 4.35
N ALA A 7 2.92 9.89 3.56
CA ALA A 7 1.50 10.20 3.46
C ALA A 7 0.74 9.10 2.72
N PRO A 8 0.63 7.92 3.36
CA PRO A 8 -0.07 6.77 2.79
C PRO A 8 -1.58 6.99 2.72
N ASN A 9 -2.14 7.56 3.77
CA ASN A 9 -3.58 7.82 3.82
C ASN A 9 -3.90 9.19 3.26
N ALA A 10 -2.99 10.14 3.47
CA ALA A 10 -3.18 11.50 2.98
C ALA A 10 -3.54 11.51 1.50
N ASN A 11 -3.06 10.51 0.77
CA ASN A 11 -3.33 10.40 -0.66
C ASN A 11 -4.83 10.51 -0.93
N THR A 12 -5.64 10.12 0.05
CA THR A 12 -7.09 10.17 -0.09
C THR A 12 -7.54 11.51 -0.67
N GLN A 13 -6.94 12.59 -0.18
CA GLN A 13 -7.28 13.93 -0.65
C GLN A 13 -6.49 14.28 -1.91
N LYS A 14 -5.31 13.68 -2.05
CA LYS A 14 -4.46 13.93 -3.20
C LYS A 14 -5.07 13.34 -4.46
N ILE A 15 -5.90 12.32 -4.29
CA ILE A 15 -6.55 11.66 -5.42
C ILE A 15 -7.20 12.69 -6.35
N ARG A 16 -7.66 13.80 -5.78
CA ARG A 16 -8.29 14.86 -6.55
C ARG A 16 -7.27 15.59 -7.41
N ASP A 17 -6.10 15.85 -6.84
CA ASP A 17 -5.03 16.55 -7.55
C ASP A 17 -4.37 15.63 -8.57
N CYS A 18 -3.98 14.44 -8.13
CA CYS A 18 -3.34 13.47 -9.00
C CYS A 18 -4.21 13.15 -10.21
N PHE A 19 -5.47 12.82 -9.94
CA PHE A 19 -6.42 12.49 -11.00
C PHE A 19 -6.64 13.69 -11.92
N ASN A 20 -7.07 14.81 -11.34
CA ASN A 20 -7.32 16.02 -12.09
C ASN A 20 -6.08 16.45 -12.87
N PHE A 21 -4.91 16.02 -12.38
CA PHE A 21 -3.65 16.37 -13.01
C PHE A 21 -3.70 16.08 -14.51
N TYR A 22 -4.02 14.84 -14.86
CA TYR A 22 -4.10 14.42 -16.25
C TYR A 22 -5.50 14.64 -16.81
N ASP A 23 -6.49 14.65 -15.92
CA ASP A 23 -7.87 14.84 -16.31
C ASP A 23 -8.17 16.32 -16.54
N ARG A 24 -7.15 17.15 -16.39
CA ARG A 24 -7.29 18.60 -16.58
C ARG A 24 -8.04 18.89 -17.87
N ASP A 25 -7.93 17.99 -18.84
CA ASP A 25 -8.58 18.16 -20.14
C ASP A 25 -10.05 18.54 -19.95
N TYR A 26 -10.65 18.05 -18.87
CA TYR A 26 -12.06 18.34 -18.58
C TYR A 26 -12.98 17.61 -19.57
N ASP A 27 -12.55 16.43 -20.00
CA ASP A 27 -13.33 15.63 -20.94
C ASP A 27 -14.48 14.93 -20.22
N GLY A 28 -14.33 14.72 -18.92
CA GLY A 28 -15.35 14.06 -18.15
C GLY A 28 -15.16 12.55 -18.09
N LYS A 29 -14.26 12.04 -18.93
CA LYS A 29 -13.99 10.61 -18.98
C LYS A 29 -12.50 10.34 -18.75
N ILE A 30 -12.18 9.11 -18.38
CA ILE A 30 -10.80 8.71 -18.12
C ILE A 30 -10.49 7.36 -18.75
N ASP A 31 -9.30 7.23 -19.32
CA ASP A 31 -8.88 5.99 -19.94
C ASP A 31 -7.84 5.27 -19.10
N VAL A 32 -7.40 4.10 -19.57
CA VAL A 32 -6.40 3.32 -18.85
C VAL A 32 -5.01 3.88 -19.07
N LYS A 33 -4.88 4.78 -20.04
CA LYS A 33 -3.59 5.40 -20.36
C LYS A 33 -3.34 6.61 -19.48
N GLN A 34 -4.41 7.36 -19.18
CA GLN A 34 -4.30 8.56 -18.36
C GLN A 34 -3.81 8.20 -16.95
N LEU A 35 -4.38 7.14 -16.38
CA LEU A 35 -4.02 6.70 -15.04
C LEU A 35 -2.50 6.54 -14.93
N GLY A 36 -1.87 6.05 -15.99
CA GLY A 36 -0.43 5.87 -15.97
C GLY A 36 0.31 7.12 -15.58
N THR A 37 -0.30 8.28 -15.84
CA THR A 37 0.32 9.55 -15.51
C THR A 37 0.81 9.57 -14.07
N LEU A 38 -0.12 9.39 -13.13
CA LEU A 38 0.23 9.38 -11.71
C LEU A 38 1.16 8.22 -11.38
N ILE A 39 0.92 7.07 -12.02
CA ILE A 39 1.74 5.89 -11.80
C ILE A 39 3.24 6.23 -11.92
N ARG A 40 3.57 7.09 -12.88
CA ARG A 40 4.95 7.48 -13.10
C ARG A 40 5.33 8.64 -12.19
N SER A 41 4.37 9.51 -11.91
CA SER A 41 4.60 10.67 -11.04
C SER A 41 5.22 10.23 -9.72
N LEU A 42 4.73 9.13 -9.18
CA LEU A 42 5.23 8.61 -7.91
C LEU A 42 6.07 7.35 -8.13
N GLY A 43 5.71 6.57 -9.14
CA GLY A 43 6.44 5.36 -9.44
C GLY A 43 6.33 4.33 -8.34
N CYS A 44 5.22 4.36 -7.61
CA CYS A 44 4.99 3.43 -6.51
C CYS A 44 5.20 1.99 -6.97
N ALA A 45 4.25 1.47 -7.72
CA ALA A 45 4.32 0.10 -8.22
C ALA A 45 5.21 0.03 -9.46
N PRO A 46 5.68 -1.19 -9.78
CA PRO A 46 6.54 -1.42 -10.95
C PRO A 46 5.79 -1.26 -12.26
N THR A 47 4.66 -1.95 -12.38
CA THR A 47 3.86 -1.88 -13.59
C THR A 47 2.38 -1.66 -13.26
N GLU A 48 1.63 -1.17 -14.22
CA GLU A 48 0.21 -0.91 -14.03
C GLU A 48 -0.54 -2.19 -13.68
N ASP A 49 0.08 -3.33 -13.99
CA ASP A 49 -0.51 -4.63 -13.70
C ASP A 49 -0.96 -4.72 -12.24
N GLU A 50 -0.23 -4.06 -11.36
CA GLU A 50 -0.55 -4.07 -9.94
C GLU A 50 -1.97 -3.57 -9.71
N VAL A 51 -2.22 -2.30 -10.03
CA VAL A 51 -3.55 -1.71 -9.87
C VAL A 51 -4.56 -2.34 -10.83
N ASN A 52 -4.11 -2.62 -12.04
CA ASN A 52 -4.97 -3.22 -13.05
C ASN A 52 -5.54 -4.55 -12.56
N SER A 53 -4.70 -5.34 -11.90
CA SER A 53 -5.10 -6.64 -11.38
C SER A 53 -6.16 -6.48 -10.30
N TYR A 54 -5.92 -5.58 -9.36
CA TYR A 54 -6.85 -5.33 -8.27
C TYR A 54 -8.23 -4.97 -8.81
N ILE A 55 -8.28 -3.91 -9.62
CA ILE A 55 -9.54 -3.45 -10.20
C ILE A 55 -10.17 -4.54 -11.06
N LYS A 56 -9.33 -5.34 -11.72
CA LYS A 56 -9.82 -6.41 -12.57
C LYS A 56 -10.61 -7.43 -11.76
N GLU A 57 -9.96 -8.04 -10.78
CA GLU A 57 -10.61 -9.03 -9.93
C GLU A 57 -11.83 -8.43 -9.24
N PHE A 58 -11.82 -7.12 -9.05
CA PHE A 58 -12.93 -6.44 -8.41
C PHE A 58 -14.14 -6.36 -9.33
N ALA A 59 -13.91 -5.94 -10.57
CA ALA A 59 -14.98 -5.82 -11.55
C ALA A 59 -14.44 -5.34 -12.89
N ILE A 60 -13.86 -6.26 -13.66
CA ILE A 60 -13.31 -5.92 -14.97
C ILE A 60 -14.31 -5.14 -15.81
N GLU A 61 -13.81 -4.18 -16.58
CA GLU A 61 -14.67 -3.36 -17.43
C GLU A 61 -14.05 -3.20 -18.82
N GLY A 62 -14.60 -2.28 -19.60
CA GLY A 62 -14.10 -2.04 -20.94
C GLY A 62 -12.68 -1.53 -20.93
N GLU A 63 -12.51 -0.25 -21.25
CA GLU A 63 -11.18 0.37 -21.28
C GLU A 63 -11.21 1.77 -20.70
N THR A 64 -11.96 2.66 -21.34
CA THR A 64 -12.07 4.04 -20.89
C THR A 64 -13.52 4.41 -20.60
N PHE A 65 -13.73 5.19 -19.55
CA PHE A 65 -15.07 5.61 -19.16
C PHE A 65 -15.01 6.74 -18.14
N GLN A 66 -15.05 6.37 -16.86
CA GLN A 66 -15.00 7.34 -15.78
C GLN A 66 -14.61 6.68 -14.46
N ILE A 67 -15.10 5.45 -14.26
CA ILE A 67 -14.81 4.72 -13.04
C ILE A 67 -13.32 4.41 -12.93
N GLU A 68 -12.59 4.59 -14.03
CA GLU A 68 -11.16 4.34 -14.04
C GLU A 68 -10.47 5.00 -12.85
N GLN A 69 -11.07 6.07 -12.35
CA GLN A 69 -10.51 6.79 -11.21
C GLN A 69 -10.16 5.84 -10.08
N PHE A 70 -10.86 4.70 -10.03
CA PHE A 70 -10.62 3.70 -9.00
C PHE A 70 -9.13 3.34 -8.93
N GLU A 71 -8.43 3.55 -10.03
CA GLU A 71 -7.01 3.24 -10.09
C GLU A 71 -6.28 3.80 -8.87
N LEU A 72 -6.34 5.12 -8.70
CA LEU A 72 -5.70 5.78 -7.57
C LEU A 72 -6.50 5.61 -6.29
N ILE A 73 -7.82 5.82 -6.40
CA ILE A 73 -8.71 5.70 -5.25
C ILE A 73 -8.46 4.39 -4.51
N MET A 74 -8.20 3.32 -5.27
CA MET A 74 -7.94 2.01 -4.68
C MET A 74 -6.44 1.79 -4.48
N GLU A 75 -5.63 2.51 -5.25
CA GLU A 75 -4.18 2.39 -5.15
C GLU A 75 -3.72 2.55 -3.70
N ARG A 76 -4.33 3.50 -3.00
CA ARG A 76 -3.98 3.76 -1.60
C ARG A 76 -4.23 2.52 -0.75
N GLU A 77 -5.26 1.76 -1.10
CA GLU A 77 -5.61 0.55 -0.36
C GLU A 77 -4.75 -0.63 -0.81
N GLN A 78 -4.75 -0.90 -2.10
CA GLN A 78 -3.97 -2.00 -2.66
C GLN A 78 -2.49 -1.83 -2.32
N SER A 79 -2.04 -0.59 -2.23
CA SER A 79 -0.65 -0.30 -1.91
C SER A 79 -0.50 0.18 -0.48
N LYS A 80 -1.44 -0.21 0.37
CA LYS A 80 -1.41 0.17 1.78
C LYS A 80 -0.06 -0.11 2.40
N PRO A 81 0.26 0.60 3.50
CA PRO A 81 1.54 0.45 4.20
C PRO A 81 1.63 -0.89 4.93
N ASP A 82 2.86 -1.38 5.09
CA ASP A 82 3.08 -2.64 5.77
C ASP A 82 4.58 -2.96 5.85
N THR A 83 5.31 -2.57 4.82
CA THR A 83 6.75 -2.81 4.77
C THR A 83 7.43 -2.34 6.05
N ARG A 84 6.90 -1.28 6.65
CA ARG A 84 7.45 -0.73 7.88
C ARG A 84 7.02 -1.57 9.09
N GLU A 85 5.80 -2.08 9.04
CA GLU A 85 5.26 -2.89 10.12
C GLU A 85 5.96 -4.25 10.18
N ILE A 86 6.12 -4.87 9.01
CA ILE A 86 6.77 -6.18 8.93
C ILE A 86 7.88 -6.16 7.88
N LYS A 87 8.90 -6.99 8.10
CA LYS A 87 10.02 -7.08 7.18
C LYS A 87 9.68 -7.96 5.99
N LEU A 88 9.30 -9.20 6.26
CA LEU A 88 8.94 -10.15 5.21
C LEU A 88 7.92 -9.53 4.25
N ARG A 89 6.93 -8.84 4.81
CA ARG A 89 5.89 -8.21 4.01
C ARG A 89 6.50 -7.38 2.89
N LYS A 90 7.69 -6.84 3.14
CA LYS A 90 8.39 -6.02 2.15
C LYS A 90 8.60 -6.80 0.85
N ALA A 91 9.33 -7.91 0.95
CA ALA A 91 9.60 -8.74 -0.22
C ALA A 91 8.36 -9.52 -0.64
N PHE A 92 7.58 -9.96 0.34
CA PHE A 92 6.35 -10.72 0.07
C PHE A 92 5.48 -9.99 -0.93
N GLU A 93 5.27 -8.69 -0.69
CA GLU A 93 4.44 -7.89 -1.58
C GLU A 93 4.89 -8.03 -3.04
N VAL A 94 6.17 -8.37 -3.22
CA VAL A 94 6.74 -8.54 -4.55
C VAL A 94 6.30 -9.85 -5.17
N PHE A 95 6.09 -10.86 -4.32
CA PHE A 95 5.68 -12.18 -4.78
C PHE A 95 4.16 -12.32 -4.71
N ASP A 96 3.61 -12.12 -3.52
CA ASP A 96 2.17 -12.23 -3.31
C ASP A 96 1.59 -10.92 -2.81
N GLN A 97 1.11 -10.09 -3.74
CA GLN A 97 0.53 -8.81 -3.38
C GLN A 97 -0.57 -8.96 -2.35
N ASP A 98 -1.31 -10.06 -2.44
CA ASP A 98 -2.40 -10.33 -1.51
C ASP A 98 -1.89 -10.37 -0.07
N LYS A 99 -0.58 -10.59 0.08
CA LYS A 99 0.03 -10.65 1.39
C LYS A 99 -0.53 -9.57 2.31
N ASP A 100 -1.03 -9.98 3.48
CA ASP A 100 -1.59 -9.05 4.44
C ASP A 100 -0.96 -9.24 5.82
N GLY A 101 0.31 -9.63 5.82
CA GLY A 101 1.02 -9.84 7.08
C GLY A 101 0.84 -11.25 7.61
N LYS A 102 -0.04 -12.02 6.97
CA LYS A 102 -0.29 -13.39 7.38
C LYS A 102 -0.89 -14.21 6.24
N ILE A 103 -0.39 -15.41 6.04
CA ILE A 103 -0.89 -16.29 4.98
C ILE A 103 -0.75 -17.76 5.36
N LYS A 104 -1.11 -18.64 4.45
CA LYS A 104 -1.03 -20.08 4.69
C LYS A 104 0.42 -20.56 4.60
N ALA A 105 0.63 -21.84 4.89
CA ALA A 105 1.96 -22.43 4.84
C ALA A 105 2.56 -22.30 3.44
N SER A 106 1.81 -22.75 2.44
CA SER A 106 2.26 -22.70 1.06
C SER A 106 2.64 -21.28 0.66
N ASP A 107 1.71 -20.35 0.86
CA ASP A 107 1.95 -18.95 0.53
C ASP A 107 3.26 -18.46 1.14
N LEU A 108 3.47 -18.76 2.42
CA LEU A 108 4.67 -18.35 3.13
C LEU A 108 5.92 -18.77 2.35
N ALA A 109 6.06 -20.07 2.13
CA ALA A 109 7.20 -20.59 1.40
C ALA A 109 7.31 -19.98 0.01
N HIS A 110 6.15 -19.68 -0.59
CA HIS A 110 6.11 -19.08 -1.92
C HIS A 110 6.88 -17.77 -1.94
N ASN A 111 6.65 -16.93 -0.94
CA ASN A 111 7.32 -15.64 -0.85
C ASN A 111 8.67 -15.78 -0.17
N LEU A 112 8.80 -16.76 0.70
CA LEU A 112 10.05 -17.01 1.42
C LEU A 112 11.21 -17.14 0.45
N THR A 113 10.90 -17.53 -0.79
CA THR A 113 11.93 -17.68 -1.82
C THR A 113 12.34 -16.35 -2.41
N THR A 114 11.39 -15.42 -2.47
CA THR A 114 11.65 -14.09 -3.02
C THR A 114 12.42 -13.23 -2.02
N VAL A 115 12.07 -13.35 -0.74
CA VAL A 115 12.72 -12.59 0.31
C VAL A 115 14.17 -13.03 0.49
N GLY A 116 14.43 -14.29 0.18
CA GLY A 116 15.78 -14.82 0.32
C GLY A 116 16.33 -15.38 -1.00
N ASP A 117 17.04 -16.49 -0.90
CA ASP A 117 17.61 -17.12 -2.09
C ASP A 117 16.92 -18.45 -2.38
N LYS A 118 16.54 -19.16 -1.33
CA LYS A 118 15.86 -20.44 -1.47
C LYS A 118 15.50 -21.03 -0.11
N MET A 119 14.22 -21.34 0.07
CA MET A 119 13.75 -21.91 1.32
C MET A 119 13.08 -23.26 1.10
N THR A 120 13.77 -24.33 1.49
CA THR A 120 13.24 -25.68 1.33
C THR A 120 12.67 -26.21 2.63
N LYS A 121 12.35 -27.50 2.66
CA LYS A 121 11.81 -28.14 3.85
C LYS A 121 12.64 -27.80 5.09
N GLU A 122 13.91 -27.47 4.86
CA GLU A 122 14.81 -27.13 5.95
C GLU A 122 14.36 -25.83 6.63
N GLU A 123 14.27 -24.76 5.86
CA GLU A 123 13.86 -23.47 6.39
C GLU A 123 12.53 -23.59 7.15
N VAL A 124 11.53 -24.18 6.49
CA VAL A 124 10.22 -24.35 7.10
C VAL A 124 10.30 -25.27 8.31
N GLU A 125 11.18 -26.27 8.24
CA GLU A 125 11.35 -27.22 9.34
C GLU A 125 11.65 -26.49 10.65
N LYS A 126 12.69 -25.66 10.64
CA LYS A 126 13.07 -24.90 11.83
C LYS A 126 12.00 -23.89 12.19
N VAL A 127 11.37 -23.30 11.18
CA VAL A 127 10.32 -22.31 11.40
C VAL A 127 9.27 -22.83 12.38
N PHE A 128 8.95 -24.10 12.26
CA PHE A 128 7.96 -24.72 13.13
C PHE A 128 8.58 -25.13 14.46
N SER A 129 9.90 -25.23 14.48
CA SER A 129 10.63 -25.63 15.69
C SER A 129 10.59 -24.51 16.73
N ILE A 130 10.80 -23.27 16.28
CA ILE A 130 10.80 -22.13 17.17
C ILE A 130 9.38 -21.59 17.35
N LEU A 131 8.60 -21.61 16.27
CA LEU A 131 7.22 -21.13 16.32
C LEU A 131 6.32 -22.14 17.01
N GLY A 132 6.72 -23.40 17.01
CA GLY A 132 5.94 -24.45 17.64
C GLY A 132 4.58 -24.60 17.01
N ILE A 133 4.52 -24.51 15.69
CA ILE A 133 3.25 -24.64 14.97
C ILE A 133 3.31 -25.79 13.97
N THR A 134 2.18 -26.46 13.79
CA THR A 134 2.10 -27.58 12.86
C THR A 134 2.22 -27.11 11.41
N MET A 135 2.72 -27.98 10.55
CA MET A 135 2.89 -27.65 9.15
C MET A 135 1.54 -27.39 8.48
N GLU A 136 0.48 -27.96 9.05
CA GLU A 136 -0.86 -27.78 8.51
C GLU A 136 -1.55 -26.58 9.16
N SER A 137 -0.78 -25.53 9.41
CA SER A 137 -1.31 -24.32 10.02
C SER A 137 -0.77 -23.07 9.32
N ASP A 138 -1.60 -22.03 9.27
CA ASP A 138 -1.21 -20.78 8.63
C ASP A 138 -0.17 -20.05 9.47
N ILE A 139 0.58 -19.16 8.83
CA ILE A 139 1.61 -18.38 9.51
C ILE A 139 1.09 -17.03 9.95
N ASP A 140 1.76 -16.42 10.92
CA ASP A 140 1.35 -15.11 11.43
C ASP A 140 2.57 -14.29 11.84
N LEU A 141 2.33 -13.11 12.37
CA LEU A 141 3.41 -12.22 12.80
C LEU A 141 4.47 -13.00 13.57
N ALA A 142 4.01 -13.85 14.50
CA ALA A 142 4.92 -14.65 15.30
C ALA A 142 5.80 -15.55 14.43
N THR A 143 5.18 -16.18 13.44
CA THR A 143 5.90 -17.06 12.53
C THR A 143 7.06 -16.34 11.86
N PHE A 144 6.87 -15.05 11.58
CA PHE A 144 7.91 -14.25 10.95
C PHE A 144 9.02 -13.92 11.94
N LEU A 145 8.65 -13.58 13.16
CA LEU A 145 9.61 -13.25 14.19
C LEU A 145 10.59 -14.40 14.41
N LYS A 146 10.05 -15.60 14.58
CA LYS A 146 10.88 -16.78 14.79
C LYS A 146 11.64 -17.16 13.52
N LEU A 147 11.01 -16.93 12.38
CA LEU A 147 11.63 -17.23 11.09
C LEU A 147 12.84 -16.34 10.84
N VAL A 148 12.59 -15.04 10.74
CA VAL A 148 13.66 -14.07 10.50
C VAL A 148 14.74 -14.18 11.57
N ALA A 149 14.33 -14.50 12.79
CA ALA A 149 15.27 -14.64 13.90
C ALA A 149 16.24 -15.80 13.65
N LEU A 150 15.69 -16.98 13.42
CA LEU A 150 16.50 -18.16 13.17
C LEU A 150 17.33 -18.01 11.88
N HIS A 151 16.66 -17.58 10.82
CA HIS A 151 17.33 -17.38 9.54
C HIS A 151 17.87 -18.71 9.00
N HIS A 152 18.53 -18.64 7.84
CA HIS A 152 19.10 -19.84 7.23
C HIS A 152 20.18 -20.44 8.12
N HIS A 153 20.89 -21.43 7.57
CA HIS A 153 21.96 -22.10 8.32
C HIS A 153 23.17 -22.34 7.42
N HIS A 154 23.01 -23.23 6.45
CA HIS A 154 24.09 -23.56 5.53
C HIS A 154 23.68 -23.27 4.09
N HIS A 155 22.83 -24.13 3.53
CA HIS A 155 22.37 -23.96 2.17
C HIS A 155 21.35 -25.04 1.81
N HIS A 156 21.70 -26.29 2.09
CA HIS A 156 20.82 -27.42 1.79
C HIS A 156 21.37 -28.72 2.40
CA CA B . -9.52 13.02 -18.79
CA CA C . -1.42 -13.41 1.36
N MET A 1 -28.06 6.72 -2.15
CA MET A 1 -26.74 6.53 -1.57
C MET A 1 -26.81 6.48 -0.05
N SER A 2 -25.96 5.64 0.54
CA SER A 2 -25.92 5.50 2.00
C SER A 2 -25.01 6.55 2.63
N MET A 3 -23.78 6.65 2.12
CA MET A 3 -22.82 7.61 2.63
C MET A 3 -22.58 7.40 4.13
N GLU A 4 -21.74 6.42 4.45
CA GLU A 4 -21.43 6.13 5.85
C GLU A 4 -19.95 5.79 6.02
N ILE A 5 -19.09 6.66 5.51
CA ILE A 5 -17.65 6.46 5.60
C ILE A 5 -16.91 7.78 5.58
N GLU A 6 -16.43 8.21 6.74
CA GLU A 6 -15.70 9.46 6.86
C GLU A 6 -14.50 9.48 5.91
N ALA A 7 -13.89 8.32 5.72
CA ALA A 7 -12.74 8.20 4.83
C ALA A 7 -11.55 9.00 5.35
N PRO A 8 -10.35 8.67 4.88
CA PRO A 8 -9.12 9.35 5.29
C PRO A 8 -9.04 10.77 4.75
N ASN A 9 -8.01 11.51 5.17
CA ASN A 9 -7.81 12.88 4.73
C ASN A 9 -6.67 12.98 3.73
N ALA A 10 -5.66 12.13 3.91
CA ALA A 10 -4.51 12.11 3.02
C ALA A 10 -4.82 11.41 1.71
N ASN A 11 -5.17 10.13 1.80
CA ASN A 11 -5.50 9.35 0.62
C ASN A 11 -6.58 10.04 -0.22
N THR A 12 -7.63 10.49 0.45
CA THR A 12 -8.73 11.17 -0.23
C THR A 12 -8.23 12.42 -0.95
N GLN A 13 -7.16 13.02 -0.43
CA GLN A 13 -6.59 14.22 -1.03
C GLN A 13 -5.61 13.86 -2.14
N LYS A 14 -4.96 12.71 -2.00
CA LYS A 14 -3.99 12.26 -3.00
C LYS A 14 -4.70 11.65 -4.21
N ILE A 15 -5.83 10.99 -3.96
CA ILE A 15 -6.61 10.37 -5.02
C ILE A 15 -7.26 11.43 -5.91
N ARG A 16 -7.77 12.49 -5.29
CA ARG A 16 -8.42 13.56 -6.03
C ARG A 16 -7.38 14.48 -6.68
N ASP A 17 -6.29 14.73 -5.95
CA ASP A 17 -5.22 15.60 -6.46
C ASP A 17 -4.60 15.01 -7.73
N CYS A 18 -4.23 13.74 -7.66
CA CYS A 18 -3.61 13.06 -8.80
C CYS A 18 -4.64 12.84 -9.91
N PHE A 19 -5.88 12.55 -9.52
CA PHE A 19 -6.95 12.32 -10.48
C PHE A 19 -7.14 13.53 -11.39
N ASN A 20 -7.56 14.63 -10.80
CA ASN A 20 -7.79 15.86 -11.56
C ASN A 20 -6.50 16.36 -12.19
N PHE A 21 -5.38 15.96 -11.60
CA PHE A 21 -4.07 16.38 -12.09
C PHE A 21 -3.94 16.12 -13.59
N TYR A 22 -4.21 14.88 -14.00
CA TYR A 22 -4.13 14.50 -15.40
C TYR A 22 -5.46 14.71 -16.10
N ASP A 23 -6.54 14.74 -15.32
CA ASP A 23 -7.89 14.93 -15.85
C ASP A 23 -8.15 16.41 -16.09
N ARG A 24 -7.16 17.24 -15.81
CA ARG A 24 -7.30 18.69 -16.00
C ARG A 24 -7.89 19.00 -17.36
N ASP A 25 -7.66 18.12 -18.33
CA ASP A 25 -8.17 18.31 -19.68
C ASP A 25 -9.65 18.69 -19.65
N TYR A 26 -10.37 18.15 -18.67
CA TYR A 26 -11.80 18.43 -18.54
C TYR A 26 -12.59 17.74 -19.65
N ASP A 27 -12.11 16.58 -20.09
CA ASP A 27 -12.78 15.82 -21.14
C ASP A 27 -14.05 15.17 -20.61
N GLY A 28 -14.11 14.95 -19.30
CA GLY A 28 -15.26 14.33 -18.70
C GLY A 28 -15.17 12.81 -18.66
N LYS A 29 -14.19 12.27 -19.38
CA LYS A 29 -13.98 10.83 -19.43
C LYS A 29 -12.57 10.47 -19.00
N ILE A 30 -12.36 9.20 -18.65
CA ILE A 30 -11.07 8.72 -18.22
C ILE A 30 -10.72 7.38 -18.87
N ASP A 31 -9.54 7.30 -19.45
CA ASP A 31 -9.09 6.07 -20.11
C ASP A 31 -8.03 5.36 -19.27
N VAL A 32 -7.47 4.29 -19.81
CA VAL A 32 -6.45 3.52 -19.12
C VAL A 32 -5.14 4.30 -19.04
N LYS A 33 -4.99 5.29 -19.91
CA LYS A 33 -3.78 6.11 -19.93
C LYS A 33 -3.88 7.24 -18.91
N GLN A 34 -5.09 7.74 -18.71
CA GLN A 34 -5.32 8.82 -17.76
C GLN A 34 -4.79 8.46 -16.38
N LEU A 35 -5.05 7.22 -15.96
CA LEU A 35 -4.60 6.75 -14.65
C LEU A 35 -3.11 6.40 -14.69
N GLY A 36 -2.69 5.71 -15.74
CA GLY A 36 -1.30 5.34 -15.88
C GLY A 36 -0.36 6.52 -15.72
N THR A 37 -0.86 7.72 -16.03
CA THR A 37 -0.06 8.92 -15.94
C THR A 37 0.64 9.01 -14.58
N LEU A 38 -0.14 8.93 -13.52
CA LEU A 38 0.40 9.01 -12.16
C LEU A 38 1.29 7.81 -11.87
N ILE A 39 0.88 6.64 -12.35
CA ILE A 39 1.65 5.42 -12.14
C ILE A 39 3.11 5.61 -12.56
N ARG A 40 3.32 6.35 -13.63
CA ARG A 40 4.67 6.61 -14.13
C ARG A 40 5.29 7.80 -13.41
N SER A 41 4.45 8.76 -13.03
CA SER A 41 4.92 9.95 -12.34
C SER A 41 5.72 9.58 -11.09
N LEU A 42 5.25 8.57 -10.37
CA LEU A 42 5.94 8.11 -9.16
C LEU A 42 6.63 6.78 -9.40
N GLY A 43 6.04 5.95 -10.25
CA GLY A 43 6.62 4.65 -10.54
C GLY A 43 6.65 3.74 -9.33
N CYS A 44 5.66 3.89 -8.45
CA CYS A 44 5.57 3.08 -7.25
C CYS A 44 5.74 1.59 -7.58
N ALA A 45 4.70 1.00 -8.14
CA ALA A 45 4.74 -0.41 -8.51
C ALA A 45 5.74 -0.66 -9.64
N PRO A 46 6.15 -1.93 -9.78
CA PRO A 46 7.12 -2.32 -10.81
C PRO A 46 6.51 -2.26 -12.21
N THR A 47 5.35 -2.87 -12.39
CA THR A 47 4.66 -2.88 -13.68
C THR A 47 3.20 -2.50 -13.52
N GLU A 48 2.62 -1.95 -14.59
CA GLU A 48 1.22 -1.55 -14.57
C GLU A 48 0.32 -2.73 -14.26
N ASP A 49 0.84 -3.94 -14.46
CA ASP A 49 0.08 -5.16 -14.20
C ASP A 49 -0.25 -5.28 -12.72
N GLU A 50 0.67 -4.85 -11.86
CA GLU A 50 0.46 -4.92 -10.42
C GLU A 50 -0.78 -4.14 -10.01
N VAL A 51 -0.76 -2.82 -10.25
CA VAL A 51 -1.88 -1.96 -9.91
C VAL A 51 -3.14 -2.36 -10.68
N ASN A 52 -2.94 -2.76 -11.94
CA ASN A 52 -4.05 -3.17 -12.79
C ASN A 52 -4.74 -4.42 -12.24
N SER A 53 -3.94 -5.31 -11.66
CA SER A 53 -4.47 -6.55 -11.10
C SER A 53 -5.34 -6.27 -9.88
N TYR A 54 -4.90 -5.34 -9.04
CA TYR A 54 -5.63 -4.97 -7.83
C TYR A 54 -6.94 -4.26 -8.19
N ILE A 55 -6.81 -3.12 -8.86
CA ILE A 55 -7.97 -2.34 -9.27
C ILE A 55 -9.01 -3.22 -9.97
N LYS A 56 -8.54 -4.10 -10.86
CA LYS A 56 -9.41 -5.00 -11.60
C LYS A 56 -9.95 -6.09 -10.68
N GLU A 57 -9.11 -6.55 -9.75
CA GLU A 57 -9.50 -7.60 -8.82
C GLU A 57 -10.75 -7.20 -8.05
N PHE A 58 -10.85 -5.92 -7.71
CA PHE A 58 -12.00 -5.41 -6.96
C PHE A 58 -12.70 -4.31 -7.74
N ALA A 59 -12.53 -4.32 -9.06
CA ALA A 59 -13.15 -3.31 -9.91
C ALA A 59 -12.67 -3.45 -11.36
N ILE A 60 -13.29 -4.35 -12.09
CA ILE A 60 -12.93 -4.58 -13.49
C ILE A 60 -13.06 -3.30 -14.31
N GLU A 61 -12.88 -3.43 -15.62
CA GLU A 61 -12.97 -2.28 -16.51
C GLU A 61 -12.88 -2.72 -17.97
N GLY A 62 -12.88 -1.74 -18.88
CA GLY A 62 -12.79 -2.04 -20.29
C GLY A 62 -11.69 -1.27 -20.98
N GLU A 63 -12.05 -0.15 -21.61
CA GLU A 63 -11.07 0.67 -22.32
C GLU A 63 -11.03 2.08 -21.73
N THR A 64 -12.15 2.78 -21.82
CA THR A 64 -12.24 4.15 -21.31
C THR A 64 -13.70 4.57 -21.14
N PHE A 65 -13.96 5.37 -20.10
CA PHE A 65 -15.31 5.85 -19.82
C PHE A 65 -15.28 6.98 -18.80
N GLN A 66 -15.47 6.62 -17.53
CA GLN A 66 -15.47 7.60 -16.45
C GLN A 66 -15.24 6.94 -15.10
N ILE A 67 -15.81 5.75 -14.94
CA ILE A 67 -15.68 5.00 -13.69
C ILE A 67 -14.22 4.64 -13.43
N GLU A 68 -13.38 4.78 -14.46
CA GLU A 68 -11.96 4.46 -14.33
C GLU A 68 -11.37 5.11 -13.08
N GLN A 69 -11.97 6.21 -12.64
CA GLN A 69 -11.50 6.91 -11.46
C GLN A 69 -11.28 5.94 -10.30
N PHE A 70 -12.06 4.86 -10.27
CA PHE A 70 -11.94 3.86 -9.23
C PHE A 70 -10.48 3.43 -9.04
N GLU A 71 -9.72 3.46 -10.12
CA GLU A 71 -8.31 3.07 -10.08
C GLU A 71 -7.59 3.81 -8.96
N LEU A 72 -7.79 5.12 -8.89
CA LEU A 72 -7.15 5.94 -7.87
C LEU A 72 -7.80 5.73 -6.51
N ILE A 73 -9.13 5.85 -6.46
CA ILE A 73 -9.87 5.66 -5.23
C ILE A 73 -9.48 4.35 -4.54
N MET A 74 -9.21 3.33 -5.35
CA MET A 74 -8.82 2.03 -4.82
C MET A 74 -7.31 1.94 -4.65
N GLU A 75 -6.57 2.63 -5.52
CA GLU A 75 -5.12 2.63 -5.46
C GLU A 75 -4.63 3.00 -4.05
N ARG A 76 -5.24 4.03 -3.48
CA ARG A 76 -4.86 4.47 -2.14
C ARG A 76 -4.94 3.33 -1.13
N GLU A 77 -5.88 2.42 -1.38
CA GLU A 77 -6.06 1.26 -0.49
C GLU A 77 -5.14 0.12 -0.88
N GLN A 78 -5.21 -0.29 -2.14
CA GLN A 78 -4.38 -1.38 -2.65
C GLN A 78 -2.91 -1.09 -2.41
N SER A 79 -2.43 0.02 -2.97
CA SER A 79 -1.03 0.41 -2.82
C SER A 79 -0.85 1.39 -1.66
N LYS A 80 -1.69 1.24 -0.64
CA LYS A 80 -1.63 2.12 0.52
C LYS A 80 -0.22 2.18 1.09
N PRO A 81 0.10 3.29 1.76
CA PRO A 81 1.42 3.50 2.37
C PRO A 81 1.67 2.59 3.56
N ASP A 82 2.86 2.00 3.61
CA ASP A 82 3.21 1.09 4.71
C ASP A 82 4.72 0.93 4.80
N THR A 83 5.43 2.05 4.92
CA THR A 83 6.88 2.04 5.01
C THR A 83 7.34 2.20 6.46
N ARG A 84 6.52 2.87 7.26
CA ARG A 84 6.84 3.09 8.66
C ARG A 84 7.06 1.78 9.40
N GLU A 85 6.53 0.69 8.82
CA GLU A 85 6.67 -0.63 9.42
C GLU A 85 8.12 -1.10 9.35
N ILE A 86 8.72 -0.97 8.18
CA ILE A 86 10.10 -1.39 7.98
C ILE A 86 10.84 -0.45 7.02
N LYS A 87 12.13 -0.28 7.24
CA LYS A 87 12.94 0.59 6.39
C LYS A 87 13.35 -0.13 5.11
N LEU A 88 13.88 -1.34 5.27
CA LEU A 88 14.31 -2.14 4.12
C LEU A 88 13.14 -2.39 3.17
N ARG A 89 12.01 -2.79 3.72
CA ARG A 89 10.82 -3.06 2.91
C ARG A 89 10.53 -1.90 1.97
N LYS A 90 10.92 -0.70 2.37
CA LYS A 90 10.70 0.49 1.57
C LYS A 90 11.24 0.30 0.16
N ALA A 91 12.52 -0.03 0.05
CA ALA A 91 13.16 -0.24 -1.24
C ALA A 91 12.56 -1.45 -1.95
N PHE A 92 12.56 -2.60 -1.26
CA PHE A 92 12.02 -3.83 -1.83
C PHE A 92 10.62 -3.60 -2.38
N GLU A 93 9.87 -2.73 -1.72
CA GLU A 93 8.50 -2.43 -2.14
C GLU A 93 8.45 -2.04 -3.62
N VAL A 94 9.56 -1.51 -4.11
CA VAL A 94 9.67 -1.10 -5.51
C VAL A 94 9.90 -2.30 -6.42
N PHE A 95 10.62 -3.29 -5.90
CA PHE A 95 10.92 -4.50 -6.67
C PHE A 95 9.79 -5.51 -6.57
N ASP A 96 9.43 -5.87 -5.34
CA ASP A 96 8.37 -6.83 -5.11
C ASP A 96 7.20 -6.18 -4.36
N GLN A 97 6.16 -5.80 -5.11
CA GLN A 97 4.99 -5.16 -4.53
C GLN A 97 4.43 -6.00 -3.37
N ASP A 98 4.60 -7.31 -3.48
CA ASP A 98 4.11 -8.22 -2.44
C ASP A 98 4.73 -7.90 -1.09
N LYS A 99 5.84 -7.16 -1.11
CA LYS A 99 6.53 -6.78 0.11
C LYS A 99 5.54 -6.47 1.23
N ASP A 100 5.49 -7.35 2.22
CA ASP A 100 4.59 -7.17 3.35
C ASP A 100 5.34 -7.25 4.68
N GLY A 101 6.63 -6.92 4.63
CA GLY A 101 7.45 -6.95 5.83
C GLY A 101 8.01 -8.34 6.10
N LYS A 102 7.56 -9.33 5.34
CA LYS A 102 8.02 -10.69 5.51
C LYS A 102 8.00 -11.44 4.18
N ILE A 103 9.07 -12.21 3.92
CA ILE A 103 9.17 -12.96 2.69
C ILE A 103 10.16 -14.11 2.83
N LYS A 104 10.35 -14.87 1.76
CA LYS A 104 11.28 -16.00 1.77
C LYS A 104 12.70 -15.53 1.47
N ALA A 105 13.65 -16.46 1.57
CA ALA A 105 15.05 -16.15 1.31
C ALA A 105 15.25 -15.69 -0.14
N SER A 106 14.56 -16.36 -1.07
CA SER A 106 14.66 -16.03 -2.48
C SER A 106 14.21 -14.60 -2.74
N ASP A 107 12.96 -14.30 -2.39
CA ASP A 107 12.41 -12.97 -2.58
C ASP A 107 13.30 -11.91 -1.92
N LEU A 108 13.91 -12.29 -0.80
CA LEU A 108 14.78 -11.36 -0.08
C LEU A 108 15.98 -10.95 -0.94
N ALA A 109 16.75 -11.94 -1.37
CA ALA A 109 17.92 -11.68 -2.20
C ALA A 109 17.54 -10.95 -3.48
N HIS A 110 16.32 -11.20 -3.96
CA HIS A 110 15.83 -10.57 -5.18
C HIS A 110 15.69 -9.06 -4.98
N ASN A 111 14.93 -8.66 -3.96
CA ASN A 111 14.72 -7.25 -3.67
C ASN A 111 15.96 -6.63 -3.02
N LEU A 112 16.80 -7.47 -2.44
CA LEU A 112 18.02 -7.01 -1.80
C LEU A 112 18.83 -6.13 -2.74
N THR A 113 18.78 -6.44 -4.02
CA THR A 113 19.50 -5.67 -5.04
C THR A 113 18.86 -4.31 -5.26
N THR A 114 17.56 -4.21 -4.96
CA THR A 114 16.83 -2.97 -5.13
C THR A 114 17.26 -1.94 -4.09
N VAL A 115 17.28 -2.34 -2.84
CA VAL A 115 17.68 -1.45 -1.75
C VAL A 115 19.17 -1.13 -1.81
N GLY A 116 19.94 -2.07 -2.33
CA GLY A 116 21.38 -1.89 -2.45
C GLY A 116 21.89 -2.06 -3.86
N ASP A 117 23.04 -2.70 -4.01
CA ASP A 117 23.63 -2.94 -5.32
C ASP A 117 23.61 -4.42 -5.66
N LYS A 118 23.92 -5.25 -4.67
CA LYS A 118 23.93 -6.70 -4.88
C LYS A 118 24.29 -7.42 -3.58
N MET A 119 23.63 -8.54 -3.33
CA MET A 119 23.88 -9.32 -2.11
C MET A 119 24.15 -10.78 -2.47
N THR A 120 25.37 -11.23 -2.22
CA THR A 120 25.77 -12.61 -2.51
C THR A 120 25.78 -13.45 -1.24
N LYS A 121 26.32 -14.66 -1.35
CA LYS A 121 26.40 -15.57 -0.21
C LYS A 121 26.96 -14.87 1.01
N GLU A 122 27.74 -13.81 0.77
CA GLU A 122 28.35 -13.05 1.86
C GLU A 122 27.28 -12.39 2.72
N GLU A 123 26.41 -11.61 2.08
CA GLU A 123 25.34 -10.92 2.79
C GLU A 123 24.48 -11.91 3.58
N VAL A 124 23.94 -12.90 2.88
CA VAL A 124 23.10 -13.91 3.52
C VAL A 124 23.87 -14.65 4.60
N GLU A 125 25.17 -14.84 4.39
CA GLU A 125 26.01 -15.54 5.36
C GLU A 125 25.92 -14.87 6.73
N LYS A 126 26.35 -13.61 6.80
CA LYS A 126 26.32 -12.87 8.05
C LYS A 126 24.90 -12.78 8.60
N VAL A 127 23.93 -12.54 7.72
CA VAL A 127 22.54 -12.45 8.12
C VAL A 127 22.12 -13.65 8.96
N PHE A 128 22.67 -14.81 8.64
CA PHE A 128 22.36 -16.03 9.36
C PHE A 128 23.22 -16.16 10.63
N SER A 129 24.32 -15.42 10.65
CA SER A 129 25.23 -15.44 11.80
C SER A 129 24.59 -14.75 13.00
N ILE A 130 23.97 -13.60 12.75
CA ILE A 130 23.32 -12.84 13.82
C ILE A 130 21.90 -13.33 14.06
N LEU A 131 21.14 -13.48 12.99
CA LEU A 131 19.76 -13.95 13.09
C LEU A 131 19.71 -15.42 13.47
N GLY A 132 20.81 -16.14 13.22
CA GLY A 132 20.87 -17.55 13.55
C GLY A 132 19.77 -18.35 12.88
N ILE A 133 19.35 -17.91 11.70
CA ILE A 133 18.30 -18.59 10.95
C ILE A 133 18.85 -19.24 9.69
N THR A 134 18.30 -20.39 9.33
CA THR A 134 18.74 -21.12 8.15
C THR A 134 18.36 -20.36 6.87
N MET A 135 19.30 -20.31 5.93
CA MET A 135 19.06 -19.62 4.67
C MET A 135 17.79 -20.13 3.99
N GLU A 136 17.45 -21.39 4.26
CA GLU A 136 16.25 -21.99 3.68
C GLU A 136 14.98 -21.37 4.28
N SER A 137 15.06 -21.01 5.56
CA SER A 137 13.93 -20.40 6.24
C SER A 137 13.61 -19.03 5.67
N ASP A 138 12.45 -18.49 6.04
CA ASP A 138 12.02 -17.17 5.57
C ASP A 138 12.61 -16.07 6.44
N ILE A 139 12.47 -14.84 5.97
CA ILE A 139 12.99 -13.68 6.71
C ILE A 139 11.86 -12.93 7.41
N ASP A 140 12.22 -12.16 8.43
CA ASP A 140 11.25 -11.39 9.19
C ASP A 140 11.84 -10.07 9.66
N LEU A 141 11.05 -9.29 10.39
CA LEU A 141 11.50 -8.00 10.91
C LEU A 141 12.90 -8.11 11.49
N ALA A 142 13.13 -9.13 12.30
CA ALA A 142 14.42 -9.35 12.92
C ALA A 142 15.52 -9.51 11.86
N THR A 143 15.22 -10.26 10.81
CA THR A 143 16.17 -10.48 9.74
C THR A 143 16.67 -9.16 9.16
N PHE A 144 15.75 -8.23 8.98
CA PHE A 144 16.10 -6.92 8.43
C PHE A 144 16.94 -6.12 9.41
N LEU A 145 16.65 -6.28 10.70
CA LEU A 145 17.38 -5.59 11.75
C LEU A 145 18.85 -5.98 11.75
N LYS A 146 19.12 -7.29 11.73
CA LYS A 146 20.48 -7.79 11.73
C LYS A 146 21.18 -7.45 10.41
N LEU A 147 20.42 -7.49 9.32
CA LEU A 147 20.97 -7.19 8.00
C LEU A 147 21.38 -5.73 7.90
N VAL A 148 20.41 -4.83 8.02
CA VAL A 148 20.68 -3.40 7.96
C VAL A 148 21.76 -2.99 8.95
N ALA A 149 21.79 -3.67 10.10
CA ALA A 149 22.77 -3.38 11.13
C ALA A 149 24.17 -3.79 10.69
N LEU A 150 24.26 -4.89 9.94
CA LEU A 150 25.54 -5.37 9.46
C LEU A 150 26.04 -4.53 8.28
N HIS A 151 25.16 -4.30 7.31
CA HIS A 151 25.52 -3.51 6.14
C HIS A 151 26.68 -4.15 5.38
N HIS A 152 26.99 -3.59 4.22
CA HIS A 152 28.09 -4.10 3.39
C HIS A 152 28.67 -2.99 2.51
N HIS A 153 29.97 -3.09 2.23
CA HIS A 153 30.64 -2.10 1.40
C HIS A 153 30.09 -2.12 -0.03
N HIS A 154 30.30 -1.04 -0.75
CA HIS A 154 29.83 -0.93 -2.13
C HIS A 154 30.96 -1.22 -3.12
N HIS A 155 30.61 -1.33 -4.39
CA HIS A 155 31.60 -1.60 -5.43
C HIS A 155 31.23 -0.88 -6.73
N HIS A 156 31.96 -1.21 -7.81
CA HIS A 156 31.71 -0.61 -9.10
C HIS A 156 30.96 -1.57 -10.02
CA CA B . -9.39 13.17 -18.52
CA CA C . 6.76 -10.57 -0.78
N MET A 1 -11.90 25.74 0.90
CA MET A 1 -12.47 25.99 2.21
C MET A 1 -13.12 24.73 2.78
N SER A 2 -12.31 23.87 3.39
CA SER A 2 -12.80 22.63 3.97
C SER A 2 -12.32 22.46 5.40
N MET A 3 -11.03 22.19 5.56
CA MET A 3 -10.45 22.01 6.89
C MET A 3 -11.15 20.89 7.65
N GLU A 4 -10.60 19.69 7.56
CA GLU A 4 -11.18 18.53 8.24
C GLU A 4 -10.10 17.68 8.87
N ILE A 5 -10.48 16.88 9.87
CA ILE A 5 -9.54 16.01 10.56
C ILE A 5 -9.95 14.55 10.42
N GLU A 6 -11.23 14.27 10.64
CA GLU A 6 -11.76 12.91 10.55
C GLU A 6 -11.37 12.27 9.22
N ALA A 7 -11.21 10.95 9.22
CA ALA A 7 -10.85 10.22 8.01
C ALA A 7 -9.46 10.63 7.53
N PRO A 8 -8.85 9.76 6.70
CA PRO A 8 -7.52 10.01 6.15
C PRO A 8 -7.52 11.15 5.12
N ASN A 9 -6.59 12.09 5.31
CA ASN A 9 -6.48 13.23 4.40
C ASN A 9 -5.42 12.98 3.34
N ALA A 10 -4.37 12.26 3.72
CA ALA A 10 -3.28 11.95 2.79
C ALA A 10 -3.82 11.25 1.54
N ASN A 11 -4.42 10.08 1.73
CA ASN A 11 -4.96 9.31 0.62
C ASN A 11 -5.99 10.14 -0.16
N THR A 12 -7.00 10.63 0.55
CA THR A 12 -8.05 11.43 -0.08
C THR A 12 -7.45 12.58 -0.88
N GLN A 13 -6.29 13.05 -0.44
CA GLN A 13 -5.62 14.15 -1.13
C GLN A 13 -4.81 13.65 -2.31
N LYS A 14 -4.29 12.43 -2.20
CA LYS A 14 -3.50 11.83 -3.27
C LYS A 14 -4.39 11.37 -4.41
N ILE A 15 -5.45 10.65 -4.07
CA ILE A 15 -6.39 10.15 -5.07
C ILE A 15 -6.84 11.27 -6.01
N ARG A 16 -7.19 12.41 -5.43
CA ARG A 16 -7.63 13.55 -6.21
C ARG A 16 -6.46 14.23 -6.90
N ASP A 17 -5.33 14.31 -6.21
CA ASP A 17 -4.13 14.93 -6.77
C ASP A 17 -3.77 14.32 -8.12
N CYS A 18 -3.61 13.00 -8.15
CA CYS A 18 -3.27 12.30 -9.37
C CYS A 18 -4.44 12.32 -10.36
N PHE A 19 -5.65 12.20 -9.82
CA PHE A 19 -6.85 12.20 -10.66
C PHE A 19 -6.92 13.46 -11.51
N ASN A 20 -7.07 14.61 -10.85
CA ASN A 20 -7.16 15.89 -11.54
C ASN A 20 -5.87 16.17 -12.32
N PHE A 21 -4.78 15.56 -11.88
CA PHE A 21 -3.48 15.75 -12.53
C PHE A 21 -3.60 15.52 -14.03
N TYR A 22 -4.04 14.32 -14.41
CA TYR A 22 -4.20 13.99 -15.82
C TYR A 22 -5.59 14.36 -16.33
N ASP A 23 -6.54 14.44 -15.41
CA ASP A 23 -7.91 14.79 -15.77
C ASP A 23 -8.06 16.30 -15.93
N ARG A 24 -6.95 17.02 -15.78
CA ARG A 24 -6.96 18.47 -15.92
C ARG A 24 -7.65 18.90 -17.20
N ASP A 25 -7.66 18.01 -18.18
CA ASP A 25 -8.30 18.30 -19.46
C ASP A 25 -9.75 18.72 -19.28
N TYR A 26 -10.33 18.31 -18.15
CA TYR A 26 -11.71 18.65 -17.85
C TYR A 26 -12.67 17.93 -18.80
N ASP A 27 -12.31 16.71 -19.19
CA ASP A 27 -13.14 15.92 -20.09
C ASP A 27 -14.27 15.24 -19.34
N GLY A 28 -14.03 14.96 -18.06
CA GLY A 28 -15.04 14.31 -17.24
C GLY A 28 -15.01 12.80 -17.37
N LYS A 29 -14.26 12.30 -18.35
CA LYS A 29 -14.13 10.87 -18.57
C LYS A 29 -12.69 10.41 -18.36
N ILE A 30 -12.48 9.10 -18.39
CA ILE A 30 -11.16 8.52 -18.20
C ILE A 30 -10.82 7.55 -19.32
N ASP A 31 -9.54 7.50 -19.71
CA ASP A 31 -9.09 6.60 -20.75
C ASP A 31 -7.87 5.80 -20.30
N VAL A 32 -7.34 4.99 -21.20
CA VAL A 32 -6.17 4.17 -20.90
C VAL A 32 -4.91 5.02 -20.75
N LYS A 33 -4.84 6.07 -21.56
CA LYS A 33 -3.69 6.97 -21.53
C LYS A 33 -3.57 7.65 -20.17
N GLN A 34 -4.69 8.17 -19.68
CA GLN A 34 -4.71 8.85 -18.38
C GLN A 34 -4.35 7.89 -17.26
N LEU A 35 -4.77 6.63 -17.40
CA LEU A 35 -4.50 5.61 -16.40
C LEU A 35 -3.00 5.51 -16.11
N GLY A 36 -2.23 5.33 -17.18
CA GLY A 36 -0.78 5.23 -17.03
C GLY A 36 -0.13 6.54 -16.68
N THR A 37 -0.77 7.64 -17.09
CA THR A 37 -0.25 8.97 -16.83
C THR A 37 0.17 9.13 -15.37
N LEU A 38 -0.72 8.75 -14.46
CA LEU A 38 -0.45 8.85 -13.03
C LEU A 38 0.66 7.88 -12.63
N ILE A 39 0.64 6.68 -13.21
CA ILE A 39 1.63 5.66 -12.91
C ILE A 39 3.05 6.23 -13.07
N ARG A 40 3.24 7.08 -14.06
CA ARG A 40 4.53 7.69 -14.32
C ARG A 40 4.74 8.93 -13.47
N SER A 41 3.63 9.63 -13.19
CA SER A 41 3.68 10.84 -12.38
C SER A 41 4.35 10.57 -11.03
N LEU A 42 4.00 9.45 -10.43
CA LEU A 42 4.56 9.07 -9.14
C LEU A 42 5.59 7.96 -9.29
N GLY A 43 5.38 7.08 -10.27
CA GLY A 43 6.30 5.99 -10.51
C GLY A 43 6.34 5.01 -9.35
N CYS A 44 5.26 4.94 -8.59
CA CYS A 44 5.18 4.04 -7.44
C CYS A 44 5.01 2.60 -7.91
N ALA A 45 5.33 1.66 -7.02
CA ALA A 45 5.21 0.24 -7.33
C ALA A 45 6.16 -0.15 -8.47
N PRO A 46 6.43 -1.46 -8.59
CA PRO A 46 7.32 -1.99 -9.63
C PRO A 46 6.70 -1.89 -11.02
N THR A 47 5.48 -2.42 -11.16
CA THR A 47 4.78 -2.38 -12.44
C THR A 47 3.33 -1.94 -12.26
N GLU A 48 2.73 -1.45 -13.34
CA GLU A 48 1.35 -0.99 -13.30
C GLU A 48 0.41 -2.12 -12.90
N ASP A 49 0.90 -3.35 -13.01
CA ASP A 49 0.10 -4.52 -12.66
C ASP A 49 -0.58 -4.33 -11.31
N GLU A 50 0.08 -3.60 -10.41
CA GLU A 50 -0.45 -3.34 -9.09
C GLU A 50 -1.88 -2.81 -9.17
N VAL A 51 -2.06 -1.72 -9.89
CA VAL A 51 -3.38 -1.11 -10.05
C VAL A 51 -4.25 -1.93 -11.00
N ASN A 52 -3.62 -2.52 -12.01
CA ASN A 52 -4.34 -3.33 -12.98
C ASN A 52 -5.00 -4.54 -12.31
N SER A 53 -4.35 -5.07 -11.28
CA SER A 53 -4.87 -6.21 -10.55
C SER A 53 -6.09 -5.82 -9.74
N TYR A 54 -5.94 -4.81 -8.88
CA TYR A 54 -7.03 -4.35 -8.03
C TYR A 54 -8.24 -3.95 -8.87
N ILE A 55 -7.98 -3.23 -9.97
CA ILE A 55 -9.04 -2.79 -10.86
C ILE A 55 -9.78 -3.98 -11.46
N LYS A 56 -9.08 -4.77 -12.26
CA LYS A 56 -9.68 -5.94 -12.90
C LYS A 56 -10.33 -6.85 -11.86
N GLU A 57 -9.75 -6.89 -10.67
CA GLU A 57 -10.28 -7.72 -9.59
C GLU A 57 -11.64 -7.20 -9.13
N PHE A 58 -11.84 -5.89 -9.24
CA PHE A 58 -13.10 -5.27 -8.83
C PHE A 58 -14.28 -5.94 -9.53
N ALA A 59 -14.17 -6.11 -10.85
CA ALA A 59 -15.23 -6.72 -11.63
C ALA A 59 -14.80 -6.92 -13.08
N ILE A 60 -14.80 -5.83 -13.85
CA ILE A 60 -14.41 -5.88 -15.25
C ILE A 60 -13.57 -4.67 -15.64
N GLU A 61 -13.30 -4.52 -16.93
CA GLU A 61 -12.52 -3.40 -17.43
C GLU A 61 -12.86 -3.10 -18.88
N GLY A 62 -12.15 -2.13 -19.46
CA GLY A 62 -12.41 -1.76 -20.85
C GLY A 62 -11.30 -0.91 -21.43
N GLU A 63 -11.68 0.17 -22.10
CA GLU A 63 -10.70 1.07 -22.71
C GLU A 63 -10.79 2.47 -22.10
N THR A 64 -11.94 3.11 -22.27
CA THR A 64 -12.15 4.45 -21.73
C THR A 64 -13.61 4.65 -21.32
N PHE A 65 -13.82 5.35 -20.21
CA PHE A 65 -15.16 5.62 -19.72
C PHE A 65 -15.14 6.68 -18.63
N GLN A 66 -15.02 6.25 -17.37
CA GLN A 66 -14.99 7.16 -16.24
C GLN A 66 -14.77 6.40 -14.93
N ILE A 67 -15.32 5.20 -14.87
CA ILE A 67 -15.19 4.37 -13.68
C ILE A 67 -13.72 4.12 -13.32
N GLU A 68 -12.85 4.34 -14.30
CA GLU A 68 -11.42 4.14 -14.10
C GLU A 68 -10.96 4.80 -12.81
N GLN A 69 -11.66 5.86 -12.41
CA GLN A 69 -11.32 6.59 -11.19
C GLN A 69 -11.11 5.63 -10.02
N PHE A 70 -11.84 4.52 -10.04
CA PHE A 70 -11.73 3.51 -8.99
C PHE A 70 -10.27 3.14 -8.75
N GLU A 71 -9.48 3.16 -9.80
CA GLU A 71 -8.06 2.82 -9.70
C GLU A 71 -7.39 3.60 -8.59
N LEU A 72 -7.67 4.90 -8.53
CA LEU A 72 -7.09 5.77 -7.52
C LEU A 72 -7.73 5.52 -6.16
N ILE A 73 -9.06 5.62 -6.11
CA ILE A 73 -9.80 5.41 -4.87
C ILE A 73 -9.38 4.10 -4.21
N MET A 74 -9.04 3.11 -5.03
CA MET A 74 -8.62 1.82 -4.51
C MET A 74 -7.11 1.78 -4.31
N GLU A 75 -6.38 2.52 -5.14
CA GLU A 75 -4.93 2.57 -5.05
C GLU A 75 -4.47 2.96 -3.65
N ARG A 76 -5.24 3.84 -3.01
CA ARG A 76 -4.91 4.30 -1.67
C ARG A 76 -5.14 3.19 -0.64
N GLU A 77 -6.06 2.28 -0.96
CA GLU A 77 -6.37 1.17 -0.07
C GLU A 77 -5.43 0.00 -0.31
N GLN A 78 -5.11 -0.25 -1.57
CA GLN A 78 -4.21 -1.33 -1.95
C GLN A 78 -2.77 -0.98 -1.65
N SER A 79 -2.44 0.30 -1.78
CA SER A 79 -1.08 0.78 -1.53
C SER A 79 -0.95 1.31 -0.10
N LYS A 80 -1.82 0.83 0.78
CA LYS A 80 -1.79 1.25 2.17
C LYS A 80 -0.40 1.13 2.77
N PRO A 81 -0.11 1.94 3.80
CA PRO A 81 1.19 1.93 4.48
C PRO A 81 1.40 0.67 5.29
N ASP A 82 2.55 0.59 5.97
CA ASP A 82 2.88 -0.57 6.79
C ASP A 82 2.05 -0.57 8.08
N THR A 83 0.78 -0.96 7.95
CA THR A 83 -0.12 -1.01 9.10
C THR A 83 0.05 -2.31 9.87
N ARG A 84 0.26 -3.40 9.15
CA ARG A 84 0.44 -4.72 9.77
C ARG A 84 1.72 -4.76 10.59
N GLU A 85 2.58 -3.77 10.39
CA GLU A 85 3.85 -3.70 11.10
C GLU A 85 3.61 -3.42 12.59
N ILE A 86 2.50 -2.75 12.89
CA ILE A 86 2.16 -2.43 14.27
C ILE A 86 1.92 -3.69 15.09
N LYS A 87 2.20 -3.61 16.39
CA LYS A 87 2.01 -4.75 17.28
C LYS A 87 0.55 -4.87 17.71
N LEU A 88 -0.13 -3.73 17.83
CA LEU A 88 -1.52 -3.71 18.23
C LEU A 88 -2.36 -4.64 17.34
N ARG A 89 -2.04 -4.66 16.06
CA ARG A 89 -2.76 -5.50 15.11
C ARG A 89 -2.61 -6.97 15.47
N LYS A 90 -1.47 -7.32 16.06
CA LYS A 90 -1.20 -8.70 16.46
C LYS A 90 -2.36 -9.27 17.26
N ALA A 91 -2.67 -8.64 18.40
CA ALA A 91 -3.76 -9.09 19.24
C ALA A 91 -5.10 -9.00 18.52
N PHE A 92 -5.23 -8.03 17.62
CA PHE A 92 -6.45 -7.83 16.86
C PHE A 92 -6.72 -9.04 15.96
N GLU A 93 -5.68 -9.46 15.23
CA GLU A 93 -5.80 -10.59 14.32
C GLU A 93 -6.38 -11.81 15.05
N VAL A 94 -6.21 -11.84 16.37
CA VAL A 94 -6.71 -12.95 17.18
C VAL A 94 -8.21 -12.83 17.38
N PHE A 95 -8.71 -11.60 17.41
CA PHE A 95 -10.13 -11.35 17.61
C PHE A 95 -10.83 -11.09 16.28
N ASP A 96 -10.35 -10.09 15.54
CA ASP A 96 -10.93 -9.75 14.24
C ASP A 96 -9.91 -9.96 13.13
N GLN A 97 -10.03 -11.09 12.44
CA GLN A 97 -9.11 -11.42 11.35
C GLN A 97 -9.16 -10.33 10.26
N ASP A 98 -10.33 -9.75 10.07
CA ASP A 98 -10.51 -8.71 9.07
C ASP A 98 -9.61 -7.51 9.36
N LYS A 99 -9.17 -7.41 10.61
CA LYS A 99 -8.31 -6.31 11.02
C LYS A 99 -7.24 -6.03 9.97
N ASP A 100 -7.15 -4.78 9.54
CA ASP A 100 -6.16 -4.38 8.54
C ASP A 100 -5.35 -3.18 9.02
N GLY A 101 -5.19 -3.08 10.34
CA GLY A 101 -4.43 -1.97 10.90
C GLY A 101 -5.26 -0.72 11.08
N LYS A 102 -6.48 -0.75 10.54
CA LYS A 102 -7.38 0.39 10.63
C LYS A 102 -8.84 -0.06 10.67
N ILE A 103 -9.62 0.53 11.56
CA ILE A 103 -11.03 0.19 11.69
C ILE A 103 -11.80 1.28 12.44
N LYS A 104 -13.10 1.07 12.61
CA LYS A 104 -13.94 2.03 13.31
C LYS A 104 -13.70 1.98 14.81
N ALA A 105 -14.17 3.00 15.52
CA ALA A 105 -14.01 3.06 16.97
C ALA A 105 -14.51 1.79 17.64
N SER A 106 -15.49 1.15 17.02
CA SER A 106 -16.06 -0.09 17.56
C SER A 106 -15.04 -1.22 17.51
N ASP A 107 -14.57 -1.54 16.32
CA ASP A 107 -13.59 -2.60 16.13
C ASP A 107 -12.34 -2.33 16.95
N LEU A 108 -12.00 -1.04 17.11
CA LEU A 108 -10.82 -0.65 17.87
C LEU A 108 -10.82 -1.31 19.24
N ALA A 109 -11.86 -1.03 20.02
CA ALA A 109 -11.98 -1.59 21.36
C ALA A 109 -12.46 -3.05 21.31
N HIS A 110 -13.29 -3.35 20.31
CA HIS A 110 -13.83 -4.70 20.15
C HIS A 110 -12.70 -5.74 20.18
N ASN A 111 -11.65 -5.49 19.40
CA ASN A 111 -10.52 -6.39 19.35
C ASN A 111 -9.52 -6.10 20.46
N LEU A 112 -9.53 -4.86 20.94
CA LEU A 112 -8.63 -4.45 22.01
C LEU A 112 -8.68 -5.43 23.18
N THR A 113 -9.86 -6.01 23.39
CA THR A 113 -10.05 -6.98 24.47
C THR A 113 -8.98 -8.05 24.44
N THR A 114 -8.65 -8.53 23.25
CA THR A 114 -7.64 -9.57 23.08
C THR A 114 -6.27 -9.07 23.54
N VAL A 115 -6.00 -7.78 23.30
CA VAL A 115 -4.73 -7.19 23.69
C VAL A 115 -4.50 -7.31 25.19
N GLY A 116 -5.58 -7.21 25.96
CA GLY A 116 -5.47 -7.31 27.40
C GLY A 116 -4.96 -6.04 28.04
N ASP A 117 -5.39 -4.89 27.50
CA ASP A 117 -4.97 -3.60 28.02
C ASP A 117 -6.14 -2.88 28.69
N LYS A 118 -7.35 -3.11 28.17
CA LYS A 118 -8.55 -2.48 28.71
C LYS A 118 -8.49 -0.97 28.55
N MET A 119 -9.30 -0.45 27.64
CA MET A 119 -9.35 0.99 27.39
C MET A 119 -10.78 1.51 27.47
N THR A 120 -11.05 2.32 28.48
CA THR A 120 -12.38 2.89 28.68
C THR A 120 -12.43 4.34 28.19
N LYS A 121 -13.52 5.02 28.52
CA LYS A 121 -13.70 6.41 28.13
C LYS A 121 -12.47 7.23 28.46
N GLU A 122 -11.70 6.77 29.44
CA GLU A 122 -10.49 7.46 29.86
C GLU A 122 -9.40 7.38 28.78
N GLU A 123 -9.08 6.15 28.39
CA GLU A 123 -8.06 5.94 27.37
C GLU A 123 -8.42 6.66 26.08
N VAL A 124 -9.55 6.28 25.48
CA VAL A 124 -10.01 6.89 24.25
C VAL A 124 -9.99 8.42 24.35
N GLU A 125 -10.42 8.93 25.50
CA GLU A 125 -10.46 10.37 25.72
C GLU A 125 -9.10 11.00 25.40
N LYS A 126 -8.06 10.56 26.10
CA LYS A 126 -6.73 11.08 25.89
C LYS A 126 -6.19 10.68 24.52
N VAL A 127 -6.55 9.47 24.09
CA VAL A 127 -6.11 8.97 22.79
C VAL A 127 -6.34 10.00 21.69
N PHE A 128 -7.54 10.58 21.68
CA PHE A 128 -7.90 11.58 20.67
C PHE A 128 -7.04 12.84 20.83
N SER A 129 -6.41 12.97 21.99
CA SER A 129 -5.57 14.12 22.27
C SER A 129 -4.15 13.89 21.77
N ILE A 130 -3.78 12.63 21.61
CA ILE A 130 -2.45 12.27 21.13
C ILE A 130 -2.37 12.35 19.61
N LEU A 131 -3.43 11.89 18.95
CA LEU A 131 -3.48 11.91 17.49
C LEU A 131 -4.30 13.09 16.99
N GLY A 132 -5.18 13.60 17.84
CA GLY A 132 -6.01 14.72 17.48
C GLY A 132 -7.30 14.30 16.79
N ILE A 133 -7.35 13.05 16.36
CA ILE A 133 -8.53 12.53 15.68
C ILE A 133 -9.61 12.14 16.69
N THR A 134 -10.86 12.42 16.35
CA THR A 134 -11.99 12.10 17.22
C THR A 134 -12.20 10.59 17.30
N MET A 135 -13.06 10.18 18.23
CA MET A 135 -13.35 8.76 18.41
C MET A 135 -14.41 8.29 17.41
N GLU A 136 -15.24 9.22 16.95
CA GLU A 136 -16.29 8.90 15.99
C GLU A 136 -15.70 8.51 14.64
N SER A 137 -14.56 9.12 14.31
CA SER A 137 -13.89 8.84 13.04
C SER A 137 -13.01 7.61 13.15
N ASP A 138 -13.02 6.78 12.12
CA ASP A 138 -12.22 5.56 12.09
C ASP A 138 -10.76 5.87 12.43
N ILE A 139 -10.06 4.87 12.95
CA ILE A 139 -8.66 5.03 13.33
C ILE A 139 -7.74 4.56 12.20
N ASP A 140 -6.46 4.90 12.31
CA ASP A 140 -5.48 4.52 11.30
C ASP A 140 -4.12 4.24 11.95
N LEU A 141 -3.14 3.88 11.13
CA LEU A 141 -1.79 3.60 11.62
C LEU A 141 -1.32 4.69 12.57
N ALA A 142 -1.60 5.95 12.21
CA ALA A 142 -1.21 7.08 13.02
C ALA A 142 -1.89 7.05 14.39
N THR A 143 -3.18 6.68 14.38
CA THR A 143 -3.95 6.62 15.62
C THR A 143 -3.32 5.64 16.61
N PHE A 144 -3.28 4.36 16.24
CA PHE A 144 -2.70 3.33 17.08
C PHE A 144 -1.28 3.70 17.51
N LEU A 145 -0.54 4.33 16.61
CA LEU A 145 0.83 4.74 16.89
C LEU A 145 0.87 5.74 18.05
N LYS A 146 -0.12 6.63 18.11
CA LYS A 146 -0.20 7.62 19.16
C LYS A 146 -0.62 6.98 20.48
N LEU A 147 -1.60 6.09 20.42
CA LEU A 147 -2.09 5.41 21.61
C LEU A 147 -0.99 4.55 22.23
N VAL A 148 -0.39 3.68 21.43
CA VAL A 148 0.68 2.81 21.90
C VAL A 148 1.88 3.62 22.38
N ALA A 149 2.12 4.75 21.72
CA ALA A 149 3.23 5.61 22.07
C ALA A 149 3.06 6.19 23.47
N LEU A 150 1.81 6.45 23.85
CA LEU A 150 1.50 7.00 25.16
C LEU A 150 2.19 6.21 26.26
N HIS A 151 2.28 4.89 26.08
CA HIS A 151 2.91 4.02 27.06
C HIS A 151 2.16 4.04 28.38
N HIS A 152 2.40 3.04 29.22
CA HIS A 152 1.74 2.95 30.52
C HIS A 152 2.70 2.40 31.57
N HIS A 153 2.17 2.10 32.75
CA HIS A 153 2.98 1.57 33.84
C HIS A 153 3.47 0.16 33.52
N HIS A 154 4.13 -0.47 34.49
CA HIS A 154 4.66 -1.82 34.30
C HIS A 154 4.17 -2.74 35.42
N HIS A 155 4.16 -4.04 35.14
CA HIS A 155 3.71 -5.04 36.11
C HIS A 155 4.00 -6.45 35.62
N HIS A 156 3.23 -6.89 34.63
CA HIS A 156 3.40 -8.23 34.06
C HIS A 156 2.46 -8.44 32.88
CA CA B . -9.68 13.42 -18.05
CA CA C . -11.03 -4.67 10.84
N MET A 1 -17.22 28.16 7.88
CA MET A 1 -15.81 28.13 8.24
C MET A 1 -15.62 27.55 9.63
N SER A 2 -15.15 26.30 9.69
CA SER A 2 -14.93 25.63 10.97
C SER A 2 -13.81 24.60 10.86
N MET A 3 -13.57 23.87 11.94
CA MET A 3 -12.52 22.86 11.96
C MET A 3 -12.97 21.61 11.19
N GLU A 4 -13.88 20.85 11.78
CA GLU A 4 -14.37 19.63 11.16
C GLU A 4 -13.22 18.73 10.71
N ILE A 5 -13.55 17.69 9.94
CA ILE A 5 -12.55 16.77 9.45
C ILE A 5 -11.86 16.04 10.61
N GLU A 6 -12.26 14.79 10.84
CA GLU A 6 -11.68 13.99 11.90
C GLU A 6 -10.61 13.06 11.37
N ALA A 7 -11.04 11.98 10.70
CA ALA A 7 -10.13 11.01 10.13
C ALA A 7 -9.10 11.69 9.24
N PRO A 8 -7.98 10.99 8.99
CA PRO A 8 -6.89 11.51 8.14
C PRO A 8 -7.29 11.58 6.67
N ASN A 9 -7.08 12.74 6.06
CA ASN A 9 -7.42 12.94 4.65
C ASN A 9 -6.16 12.97 3.79
N ALA A 10 -5.03 12.58 4.39
CA ALA A 10 -3.75 12.56 3.66
C ALA A 10 -3.86 11.72 2.40
N ASN A 11 -4.60 10.62 2.48
CA ASN A 11 -4.78 9.73 1.34
C ASN A 11 -5.89 10.23 0.42
N THR A 12 -7.00 10.65 1.02
CA THR A 12 -8.13 11.15 0.25
C THR A 12 -7.69 12.24 -0.73
N GLN A 13 -6.69 13.03 -0.33
CA GLN A 13 -6.19 14.10 -1.17
C GLN A 13 -5.45 13.54 -2.38
N LYS A 14 -4.59 12.56 -2.15
CA LYS A 14 -3.82 11.94 -3.23
C LYS A 14 -4.74 11.47 -4.35
N ILE A 15 -5.90 10.94 -3.97
CA ILE A 15 -6.88 10.46 -4.95
C ILE A 15 -7.24 11.56 -5.94
N ARG A 16 -7.83 12.63 -5.43
CA ARG A 16 -8.24 13.75 -6.27
C ARG A 16 -7.04 14.37 -6.98
N ASP A 17 -5.92 14.46 -6.26
CA ASP A 17 -4.71 15.01 -6.83
C ASP A 17 -4.34 14.33 -8.14
N CYS A 18 -4.12 13.02 -8.07
CA CYS A 18 -3.75 12.24 -9.26
C CYS A 18 -4.87 12.28 -10.29
N PHE A 19 -6.11 12.28 -9.81
CA PHE A 19 -7.28 12.31 -10.70
C PHE A 19 -7.22 13.52 -11.62
N ASN A 20 -7.34 14.71 -11.03
CA ASN A 20 -7.30 15.94 -11.80
C ASN A 20 -5.97 16.09 -12.55
N PHE A 21 -4.97 15.35 -12.09
CA PHE A 21 -3.64 15.40 -12.71
C PHE A 21 -3.73 15.08 -14.20
N TYR A 22 -4.25 13.91 -14.52
CA TYR A 22 -4.38 13.48 -15.92
C TYR A 22 -5.74 13.90 -16.48
N ASP A 23 -6.73 14.01 -15.60
CA ASP A 23 -8.08 14.39 -16.00
C ASP A 23 -8.20 15.91 -16.12
N ARG A 24 -7.08 16.60 -15.91
CA ARG A 24 -7.05 18.05 -15.99
C ARG A 24 -7.77 18.55 -17.24
N ASP A 25 -7.75 17.72 -18.29
CA ASP A 25 -8.39 18.07 -19.55
C ASP A 25 -9.82 18.55 -19.32
N TYR A 26 -10.44 18.05 -18.26
CA TYR A 26 -11.81 18.43 -17.93
C TYR A 26 -12.80 17.80 -18.90
N ASP A 27 -12.55 16.56 -19.27
CA ASP A 27 -13.42 15.84 -20.19
C ASP A 27 -14.47 15.02 -19.44
N GLY A 28 -14.16 14.69 -18.19
CA GLY A 28 -15.08 13.92 -17.37
C GLY A 28 -15.01 12.44 -17.67
N LYS A 29 -13.88 11.99 -18.23
CA LYS A 29 -13.69 10.59 -18.57
C LYS A 29 -12.21 10.25 -18.65
N ILE A 30 -11.89 8.96 -18.54
CA ILE A 30 -10.52 8.50 -18.61
C ILE A 30 -10.39 7.26 -19.48
N ASP A 31 -9.20 7.03 -20.01
CA ASP A 31 -8.95 5.88 -20.87
C ASP A 31 -7.98 4.90 -20.20
N VAL A 32 -7.51 3.92 -20.95
CA VAL A 32 -6.58 2.93 -20.43
C VAL A 32 -5.16 3.47 -20.39
N LYS A 33 -4.85 4.38 -21.31
CA LYS A 33 -3.53 4.98 -21.38
C LYS A 33 -3.45 6.22 -20.50
N GLN A 34 -4.49 7.04 -20.55
CA GLN A 34 -4.54 8.27 -19.75
C GLN A 34 -4.35 7.96 -18.26
N LEU A 35 -5.03 6.91 -17.79
CA LEU A 35 -4.94 6.52 -16.40
C LEU A 35 -3.48 6.22 -16.01
N GLY A 36 -2.75 5.59 -16.92
CA GLY A 36 -1.37 5.26 -16.66
C GLY A 36 -0.54 6.48 -16.31
N THR A 37 -1.01 7.65 -16.72
CA THR A 37 -0.31 8.90 -16.44
C THR A 37 0.11 8.98 -14.97
N LEU A 38 -0.77 8.50 -14.09
CA LEU A 38 -0.50 8.51 -12.66
C LEU A 38 0.53 7.46 -12.28
N ILE A 39 0.42 6.29 -12.90
CA ILE A 39 1.34 5.19 -12.63
C ILE A 39 2.79 5.63 -12.85
N ARG A 40 3.00 6.48 -13.84
CA ARG A 40 4.34 6.98 -14.15
C ARG A 40 4.68 8.19 -13.29
N SER A 41 3.67 9.00 -12.99
CA SER A 41 3.87 10.20 -12.18
C SER A 41 4.51 9.85 -10.85
N LEU A 42 3.90 8.91 -10.13
CA LEU A 42 4.41 8.48 -8.83
C LEU A 42 5.38 7.32 -8.99
N GLY A 43 5.15 6.49 -10.00
CA GLY A 43 6.02 5.35 -10.24
C GLY A 43 5.90 4.30 -9.16
N CYS A 44 4.76 4.27 -8.48
CA CYS A 44 4.52 3.31 -7.40
C CYS A 44 4.52 1.89 -7.96
N ALA A 45 4.89 0.93 -7.10
CA ALA A 45 4.92 -0.47 -7.50
C ALA A 45 5.95 -0.70 -8.62
N PRO A 46 6.36 -1.96 -8.80
CA PRO A 46 7.33 -2.33 -9.83
C PRO A 46 6.76 -2.22 -11.23
N THR A 47 5.58 -2.80 -11.45
CA THR A 47 4.92 -2.75 -12.75
C THR A 47 3.47 -2.32 -12.62
N GLU A 48 2.90 -1.83 -13.71
CA GLU A 48 1.51 -1.39 -13.71
C GLU A 48 0.58 -2.53 -13.34
N ASP A 49 1.06 -3.76 -13.46
CA ASP A 49 0.28 -4.94 -13.13
C ASP A 49 -0.35 -4.80 -11.74
N GLU A 50 0.39 -4.18 -10.83
CA GLU A 50 -0.08 -3.98 -9.47
C GLU A 50 -1.41 -3.22 -9.45
N VAL A 51 -1.36 -1.97 -9.91
CA VAL A 51 -2.55 -1.13 -9.94
C VAL A 51 -3.61 -1.71 -10.89
N ASN A 52 -3.14 -2.24 -12.01
CA ASN A 52 -4.03 -2.83 -13.00
C ASN A 52 -4.81 -4.01 -12.41
N SER A 53 -4.16 -4.75 -11.52
CA SER A 53 -4.78 -5.90 -10.88
C SER A 53 -5.92 -5.47 -9.96
N TYR A 54 -5.64 -4.49 -9.11
CA TYR A 54 -6.64 -3.98 -8.18
C TYR A 54 -7.85 -3.43 -8.92
N ILE A 55 -7.62 -2.41 -9.74
CA ILE A 55 -8.69 -1.80 -10.51
C ILE A 55 -9.49 -2.85 -11.28
N LYS A 56 -8.78 -3.78 -11.92
CA LYS A 56 -9.43 -4.83 -12.68
C LYS A 56 -10.34 -5.68 -11.78
N GLU A 57 -9.78 -6.21 -10.70
CA GLU A 57 -10.54 -7.03 -9.77
C GLU A 57 -11.81 -6.31 -9.33
N PHE A 58 -11.74 -4.98 -9.27
CA PHE A 58 -12.89 -4.17 -8.87
C PHE A 58 -14.11 -4.48 -9.73
N ALA A 59 -13.91 -4.48 -11.05
CA ALA A 59 -14.98 -4.76 -11.99
C ALA A 59 -14.49 -4.72 -13.43
N ILE A 60 -13.67 -5.71 -13.78
CA ILE A 60 -13.12 -5.79 -15.13
C ILE A 60 -12.64 -4.42 -15.62
N GLU A 61 -12.54 -4.27 -16.94
CA GLU A 61 -12.10 -3.02 -17.53
C GLU A 61 -12.62 -2.87 -18.96
N GLY A 62 -12.19 -1.81 -19.63
CA GLY A 62 -12.63 -1.58 -21.00
C GLY A 62 -11.64 -0.73 -21.78
N GLU A 63 -12.16 0.23 -22.54
CA GLU A 63 -11.32 1.11 -23.34
C GLU A 63 -11.19 2.48 -22.70
N THR A 64 -12.33 3.04 -22.29
CA THR A 64 -12.34 4.36 -21.66
C THR A 64 -13.73 4.69 -21.14
N PHE A 65 -13.79 5.33 -19.97
CA PHE A 65 -15.06 5.71 -19.37
C PHE A 65 -14.84 6.67 -18.20
N GLN A 66 -14.77 6.12 -16.99
CA GLN A 66 -14.57 6.94 -15.80
C GLN A 66 -14.48 6.06 -14.55
N ILE A 67 -13.74 4.97 -14.66
CA ILE A 67 -13.57 4.05 -13.54
C ILE A 67 -12.41 4.48 -12.64
N GLU A 68 -11.58 5.39 -13.14
CA GLU A 68 -10.44 5.89 -12.38
C GLU A 68 -10.85 6.22 -10.95
N GLN A 69 -12.08 6.69 -10.78
CA GLN A 69 -12.58 7.05 -9.47
C GLN A 69 -12.24 5.97 -8.44
N PHE A 70 -12.70 4.76 -8.71
CA PHE A 70 -12.45 3.63 -7.81
C PHE A 70 -10.98 3.21 -7.85
N GLU A 71 -10.37 3.35 -9.02
CA GLU A 71 -8.97 2.99 -9.20
C GLU A 71 -8.08 3.72 -8.19
N LEU A 72 -8.32 5.02 -8.04
CA LEU A 72 -7.55 5.84 -7.10
C LEU A 72 -7.93 5.52 -5.66
N ILE A 73 -9.23 5.56 -5.38
CA ILE A 73 -9.73 5.28 -4.03
C ILE A 73 -9.14 3.98 -3.50
N MET A 74 -8.93 3.01 -4.38
CA MET A 74 -8.37 1.72 -3.99
C MET A 74 -6.85 1.75 -4.11
N GLU A 75 -6.34 2.52 -5.06
CA GLU A 75 -4.90 2.62 -5.27
C GLU A 75 -4.19 3.04 -3.99
N ARG A 76 -4.84 3.90 -3.21
CA ARG A 76 -4.27 4.39 -1.97
C ARG A 76 -4.24 3.29 -0.91
N GLU A 77 -5.18 2.36 -1.02
CA GLU A 77 -5.27 1.25 -0.07
C GLU A 77 -4.34 0.10 -0.50
N GLN A 78 -4.27 -0.14 -1.80
CA GLN A 78 -3.42 -1.20 -2.33
C GLN A 78 -1.95 -0.80 -2.30
N SER A 79 -1.70 0.49 -2.50
CA SER A 79 -0.34 1.02 -2.51
C SER A 79 0.36 0.74 -1.18
N LYS A 80 -0.43 0.68 -0.11
CA LYS A 80 0.12 0.41 1.22
C LYS A 80 1.01 -0.82 1.21
N PRO A 81 1.87 -0.93 2.24
CA PRO A 81 2.80 -2.06 2.38
C PRO A 81 2.08 -3.37 2.69
N ASP A 82 2.78 -4.48 2.52
CA ASP A 82 2.21 -5.80 2.79
C ASP A 82 3.25 -6.89 2.56
N THR A 83 4.09 -6.70 1.54
CA THR A 83 5.12 -7.68 1.22
C THR A 83 6.21 -7.70 2.28
N ARG A 84 6.56 -6.53 2.80
CA ARG A 84 7.58 -6.42 3.82
C ARG A 84 7.24 -7.29 5.03
N GLU A 85 5.95 -7.58 5.21
CA GLU A 85 5.51 -8.40 6.31
C GLU A 85 5.99 -9.84 6.17
N ILE A 86 6.10 -10.29 4.91
CA ILE A 86 6.55 -11.64 4.63
C ILE A 86 7.98 -11.86 5.09
N LYS A 87 8.30 -13.08 5.48
CA LYS A 87 9.64 -13.42 5.94
C LYS A 87 10.58 -13.68 4.76
N LEU A 88 10.20 -14.65 3.93
CA LEU A 88 11.00 -15.00 2.76
C LEU A 88 11.23 -13.78 1.87
N ARG A 89 10.15 -13.08 1.54
CA ARG A 89 10.24 -11.89 0.70
C ARG A 89 11.33 -10.96 1.19
N LYS A 90 11.56 -10.96 2.51
CA LYS A 90 12.59 -10.11 3.11
C LYS A 90 13.97 -10.46 2.55
N ALA A 91 14.26 -11.75 2.51
CA ALA A 91 15.55 -12.22 2.00
C ALA A 91 15.68 -11.96 0.51
N PHE A 92 14.58 -12.13 -0.22
CA PHE A 92 14.57 -11.92 -1.66
C PHE A 92 14.80 -10.45 -2.00
N GLU A 93 14.27 -9.56 -1.15
CA GLU A 93 14.42 -8.12 -1.37
C GLU A 93 15.89 -7.75 -1.53
N VAL A 94 16.77 -8.59 -1.00
CA VAL A 94 18.21 -8.34 -1.10
C VAL A 94 18.74 -8.72 -2.47
N PHE A 95 18.14 -9.74 -3.06
CA PHE A 95 18.56 -10.21 -4.39
C PHE A 95 17.73 -9.55 -5.49
N ASP A 96 16.41 -9.69 -5.40
CA ASP A 96 15.52 -9.10 -6.38
C ASP A 96 14.64 -8.04 -5.74
N GLN A 97 15.02 -6.78 -5.92
CA GLN A 97 14.26 -5.66 -5.35
C GLN A 97 12.84 -5.63 -5.91
N ASP A 98 12.70 -5.99 -7.18
CA ASP A 98 11.39 -6.00 -7.83
C ASP A 98 10.45 -6.97 -7.12
N LYS A 99 11.02 -7.92 -6.38
CA LYS A 99 10.23 -8.91 -5.64
C LYS A 99 9.03 -8.24 -4.98
N ASP A 100 7.84 -8.70 -5.35
CA ASP A 100 6.61 -8.16 -4.77
C ASP A 100 5.81 -9.26 -4.06
N GLY A 101 6.52 -10.23 -3.50
CA GLY A 101 5.87 -11.32 -2.80
C GLY A 101 5.45 -12.44 -3.73
N LYS A 102 5.58 -12.21 -5.04
CA LYS A 102 5.21 -13.20 -6.04
C LYS A 102 5.90 -12.91 -7.37
N ILE A 103 6.42 -13.96 -8.00
CA ILE A 103 7.09 -13.82 -9.28
C ILE A 103 7.21 -15.16 -10.00
N LYS A 104 7.75 -15.14 -11.20
CA LYS A 104 7.92 -16.35 -11.99
C LYS A 104 8.85 -17.34 -11.29
N ALA A 105 8.87 -18.57 -11.77
CA ALA A 105 9.72 -19.60 -11.19
C ALA A 105 11.19 -19.17 -11.20
N SER A 106 11.66 -18.71 -12.35
CA SER A 106 13.05 -18.27 -12.49
C SER A 106 13.40 -17.26 -11.40
N ASP A 107 12.68 -16.15 -11.37
CA ASP A 107 12.92 -15.10 -10.37
C ASP A 107 12.86 -15.67 -8.96
N LEU A 108 11.87 -16.54 -8.71
CA LEU A 108 11.69 -17.15 -7.41
C LEU A 108 12.94 -17.92 -7.00
N ALA A 109 13.31 -18.91 -7.80
CA ALA A 109 14.49 -19.72 -7.53
C ALA A 109 15.74 -18.84 -7.41
N HIS A 110 15.76 -17.75 -8.16
CA HIS A 110 16.90 -16.83 -8.14
C HIS A 110 17.10 -16.25 -6.74
N ASN A 111 16.05 -15.65 -6.21
CA ASN A 111 16.12 -15.05 -4.87
C ASN A 111 16.09 -16.12 -3.78
N LEU A 112 15.53 -17.29 -4.12
CA LEU A 112 15.44 -18.39 -3.19
C LEU A 112 16.82 -18.73 -2.62
N THR A 113 17.87 -18.45 -3.39
CA THR A 113 19.23 -18.71 -2.96
C THR A 113 19.67 -17.74 -1.87
N THR A 114 19.08 -16.56 -1.87
CA THR A 114 19.41 -15.53 -0.88
C THR A 114 18.86 -15.91 0.50
N VAL A 115 17.58 -16.26 0.54
CA VAL A 115 16.94 -16.64 1.80
C VAL A 115 17.51 -17.94 2.33
N GLY A 116 18.00 -18.80 1.43
CA GLY A 116 18.56 -20.07 1.83
C GLY A 116 20.03 -20.18 1.48
N ASP A 117 20.53 -21.41 1.39
CA ASP A 117 21.93 -21.66 1.07
C ASP A 117 22.06 -22.29 -0.31
N LYS A 118 21.10 -23.13 -0.67
CA LYS A 118 21.11 -23.80 -1.96
C LYS A 118 19.70 -24.22 -2.37
N MET A 119 19.15 -23.52 -3.36
CA MET A 119 17.81 -23.82 -3.85
C MET A 119 17.83 -24.19 -5.32
N THR A 120 17.97 -25.48 -5.60
CA THR A 120 18.01 -25.97 -6.98
C THR A 120 16.67 -26.56 -7.40
N LYS A 121 16.65 -27.23 -8.54
CA LYS A 121 15.43 -27.85 -9.05
C LYS A 121 14.74 -28.67 -7.96
N GLU A 122 15.53 -29.13 -6.99
CA GLU A 122 15.00 -29.94 -5.90
C GLU A 122 14.05 -29.12 -5.03
N GLU A 123 14.56 -28.00 -4.50
CA GLU A 123 13.76 -27.13 -3.65
C GLU A 123 12.47 -26.70 -4.37
N VAL A 124 12.63 -26.12 -5.54
CA VAL A 124 11.49 -25.66 -6.33
C VAL A 124 10.55 -26.82 -6.64
N GLU A 125 11.10 -28.01 -6.83
CA GLU A 125 10.30 -29.19 -7.12
C GLU A 125 9.27 -29.44 -6.03
N LYS A 126 9.76 -29.69 -4.82
CA LYS A 126 8.88 -29.95 -3.68
C LYS A 126 7.93 -28.77 -3.44
N VAL A 127 8.46 -27.55 -3.54
CA VAL A 127 7.66 -26.36 -3.35
C VAL A 127 6.40 -26.38 -4.21
N PHE A 128 6.53 -26.93 -5.42
CA PHE A 128 5.41 -27.03 -6.34
C PHE A 128 4.55 -28.25 -6.03
N SER A 129 5.11 -29.20 -5.28
CA SER A 129 4.41 -30.41 -4.93
C SER A 129 3.36 -30.14 -3.84
N ILE A 130 3.74 -29.31 -2.88
CA ILE A 130 2.84 -28.97 -1.78
C ILE A 130 1.93 -27.81 -2.16
N LEU A 131 2.47 -26.87 -2.94
CA LEU A 131 1.70 -25.71 -3.38
C LEU A 131 0.65 -26.11 -4.42
N GLY A 132 0.89 -27.24 -5.09
CA GLY A 132 -0.03 -27.70 -6.10
C GLY A 132 -0.08 -26.81 -7.32
N ILE A 133 1.09 -26.33 -7.75
CA ILE A 133 1.18 -25.47 -8.91
C ILE A 133 2.02 -26.11 -10.02
N THR A 134 1.64 -25.84 -11.26
CA THR A 134 2.35 -26.40 -12.40
C THR A 134 3.74 -25.79 -12.54
N MET A 135 4.71 -26.62 -12.89
CA MET A 135 6.09 -26.16 -13.04
C MET A 135 6.16 -25.00 -14.02
N GLU A 136 5.20 -24.93 -14.94
CA GLU A 136 5.16 -23.86 -15.92
C GLU A 136 4.31 -22.70 -15.42
N SER A 137 4.41 -22.41 -14.13
CA SER A 137 3.65 -21.33 -13.53
C SER A 137 4.52 -20.52 -12.57
N ASP A 138 3.96 -19.45 -12.02
CA ASP A 138 4.67 -18.59 -11.09
C ASP A 138 4.35 -18.97 -9.65
N ILE A 139 4.96 -18.26 -8.71
CA ILE A 139 4.74 -18.52 -7.29
C ILE A 139 3.97 -17.38 -6.63
N ASP A 140 3.38 -17.66 -5.47
CA ASP A 140 2.62 -16.65 -4.74
C ASP A 140 2.79 -16.84 -3.24
N LEU A 141 2.08 -16.02 -2.46
CA LEU A 141 2.14 -16.09 -1.01
C LEU A 141 2.05 -17.52 -0.53
N ALA A 142 1.04 -18.24 -1.01
CA ALA A 142 0.84 -19.64 -0.63
C ALA A 142 2.09 -20.45 -0.90
N THR A 143 2.77 -20.16 -2.00
CA THR A 143 3.99 -20.88 -2.36
C THR A 143 5.03 -20.76 -1.27
N PHE A 144 5.26 -19.54 -0.80
CA PHE A 144 6.25 -19.29 0.25
C PHE A 144 5.88 -20.03 1.54
N LEU A 145 4.58 -20.13 1.79
CA LEU A 145 4.09 -20.82 2.98
C LEU A 145 4.43 -22.31 2.94
N LYS A 146 4.29 -22.91 1.76
CA LYS A 146 4.59 -24.33 1.59
C LYS A 146 6.09 -24.58 1.68
N LEU A 147 6.88 -23.63 1.19
CA LEU A 147 8.33 -23.74 1.21
C LEU A 147 8.85 -23.63 2.64
N VAL A 148 8.59 -22.49 3.27
CA VAL A 148 9.05 -22.25 4.64
C VAL A 148 8.54 -23.34 5.58
N ALA A 149 7.35 -23.84 5.31
CA ALA A 149 6.76 -24.90 6.14
C ALA A 149 7.52 -26.21 5.98
N LEU A 150 7.60 -26.69 4.75
CA LEU A 150 8.30 -27.94 4.46
C LEU A 150 9.77 -27.85 4.88
N HIS A 151 10.37 -26.69 4.66
CA HIS A 151 11.77 -26.46 5.01
C HIS A 151 12.68 -27.38 4.22
N HIS A 152 13.98 -27.15 4.33
CA HIS A 152 14.97 -27.96 3.63
C HIS A 152 15.09 -29.35 4.25
N HIS A 153 16.04 -30.14 3.77
CA HIS A 153 16.26 -31.49 4.28
C HIS A 153 17.74 -31.79 4.40
N HIS A 154 18.51 -30.83 4.89
CA HIS A 154 19.95 -30.99 5.05
C HIS A 154 20.62 -31.28 3.71
N HIS A 155 21.92 -31.53 3.75
CA HIS A 155 22.68 -31.83 2.54
C HIS A 155 22.64 -30.65 1.57
N HIS A 156 23.72 -29.87 1.55
CA HIS A 156 23.79 -28.71 0.68
C HIS A 156 25.26 -28.29 0.47
CA CA B . -9.53 12.93 -18.49
CA CA C . 9.77 -10.01 -8.48
N MET A 1 -4.84 25.57 5.49
CA MET A 1 -6.03 26.09 4.82
C MET A 1 -6.79 24.97 4.12
N SER A 2 -6.06 24.02 3.57
CA SER A 2 -6.66 22.88 2.87
C SER A 2 -7.12 21.82 3.85
N MET A 3 -6.15 21.08 4.41
CA MET A 3 -6.46 20.02 5.36
C MET A 3 -5.17 19.44 5.95
N GLU A 4 -4.97 19.67 7.25
CA GLU A 4 -3.79 19.17 7.93
C GLU A 4 -4.16 18.22 9.07
N ILE A 5 -5.27 18.53 9.74
CA ILE A 5 -5.74 17.70 10.85
C ILE A 5 -5.85 16.24 10.43
N GLU A 6 -6.18 16.01 9.16
CA GLU A 6 -6.31 14.66 8.64
C GLU A 6 -5.00 13.88 8.78
N ALA A 7 -4.99 12.65 8.29
CA ALA A 7 -3.81 11.81 8.36
C ALA A 7 -4.05 10.46 7.71
N PRO A 8 -5.02 9.71 8.26
CA PRO A 8 -5.37 8.38 7.75
C PRO A 8 -6.06 8.44 6.39
N ASN A 9 -6.98 9.40 6.25
CA ASN A 9 -7.71 9.57 5.00
C ASN A 9 -6.99 10.53 4.08
N ALA A 10 -5.75 10.87 4.42
CA ALA A 10 -4.95 11.79 3.62
C ALA A 10 -4.91 11.35 2.16
N ASN A 11 -4.78 10.04 1.95
CA ASN A 11 -4.72 9.50 0.60
C ASN A 11 -5.92 9.94 -0.22
N THR A 12 -7.08 10.02 0.42
CA THR A 12 -8.30 10.44 -0.26
C THR A 12 -8.10 11.75 -1.00
N GLN A 13 -7.27 12.62 -0.43
CA GLN A 13 -6.99 13.91 -1.04
C GLN A 13 -5.91 13.79 -2.12
N LYS A 14 -4.95 12.89 -1.87
CA LYS A 14 -3.86 12.68 -2.82
C LYS A 14 -4.39 12.23 -4.18
N ILE A 15 -5.22 11.19 -4.17
CA ILE A 15 -5.80 10.67 -5.40
C ILE A 15 -6.45 11.78 -6.22
N ARG A 16 -7.03 12.75 -5.52
CA ARG A 16 -7.69 13.88 -6.19
C ARG A 16 -6.68 14.73 -6.94
N ASP A 17 -5.53 14.98 -6.31
CA ASP A 17 -4.48 15.78 -6.93
C ASP A 17 -3.92 15.09 -8.16
N CYS A 18 -3.54 13.82 -7.99
CA CYS A 18 -2.97 13.04 -9.09
C CYS A 18 -4.00 12.85 -10.20
N PHE A 19 -5.25 12.62 -9.82
CA PHE A 19 -6.33 12.42 -10.78
C PHE A 19 -6.51 13.65 -11.66
N ASN A 20 -6.89 14.76 -11.04
CA ASN A 20 -7.10 16.01 -11.78
C ASN A 20 -5.84 16.40 -12.54
N PHE A 21 -4.70 15.90 -12.10
CA PHE A 21 -3.43 16.19 -12.75
C PHE A 21 -3.51 15.94 -14.25
N TYR A 22 -3.88 14.71 -14.61
CA TYR A 22 -3.99 14.32 -16.02
C TYR A 22 -5.39 14.60 -16.54
N ASP A 23 -6.37 14.60 -15.64
CA ASP A 23 -7.76 14.86 -16.01
C ASP A 23 -8.02 16.35 -16.18
N ARG A 24 -6.96 17.15 -16.01
CA ARG A 24 -7.06 18.60 -16.15
C ARG A 24 -7.86 18.97 -17.40
N ASP A 25 -7.77 18.12 -18.41
CA ASP A 25 -8.47 18.36 -19.68
C ASP A 25 -9.93 18.75 -19.42
N TYR A 26 -10.50 18.17 -18.37
CA TYR A 26 -11.90 18.44 -18.03
C TYR A 26 -12.85 17.78 -19.01
N ASP A 27 -12.46 16.62 -19.50
CA ASP A 27 -13.28 15.88 -20.46
C ASP A 27 -14.45 15.20 -19.77
N GLY A 28 -14.29 14.93 -18.47
CA GLY A 28 -15.33 14.28 -17.71
C GLY A 28 -15.25 12.77 -17.77
N LYS A 29 -14.41 12.26 -18.67
CA LYS A 29 -14.23 10.83 -18.83
C LYS A 29 -12.78 10.42 -18.58
N ILE A 30 -12.57 9.16 -18.23
CA ILE A 30 -11.23 8.65 -17.96
C ILE A 30 -10.88 7.51 -18.92
N ASP A 31 -9.59 7.32 -19.14
CA ASP A 31 -9.12 6.25 -20.03
C ASP A 31 -8.06 5.41 -19.35
N VAL A 32 -7.65 4.33 -20.01
CA VAL A 32 -6.64 3.43 -19.46
C VAL A 32 -5.24 4.02 -19.63
N LYS A 33 -5.11 4.98 -20.54
CA LYS A 33 -3.83 5.62 -20.79
C LYS A 33 -3.60 6.78 -19.83
N GLN A 34 -4.67 7.48 -19.49
CA GLN A 34 -4.59 8.62 -18.57
C GLN A 34 -4.10 8.17 -17.19
N LEU A 35 -4.65 7.08 -16.70
CA LEU A 35 -4.26 6.54 -15.40
C LEU A 35 -2.75 6.34 -15.32
N GLY A 36 -2.16 5.89 -16.42
CA GLY A 36 -0.72 5.67 -16.45
C GLY A 36 0.06 6.91 -16.05
N THR A 37 -0.51 8.08 -16.32
CA THR A 37 0.15 9.34 -15.99
C THR A 37 0.63 9.34 -14.55
N LEU A 38 -0.28 9.11 -13.62
CA LEU A 38 0.06 9.08 -12.19
C LEU A 38 0.98 7.92 -11.87
N ILE A 39 0.75 6.79 -12.54
CA ILE A 39 1.56 5.60 -12.34
C ILE A 39 3.04 5.92 -12.47
N ARG A 40 3.38 6.78 -13.43
CA ARG A 40 4.76 7.17 -13.66
C ARG A 40 5.17 8.31 -12.74
N SER A 41 4.23 9.21 -12.46
CA SER A 41 4.48 10.35 -11.60
C SER A 41 5.07 9.90 -10.27
N LEU A 42 4.37 8.98 -9.61
CA LEU A 42 4.82 8.47 -8.31
C LEU A 42 5.67 7.22 -8.49
N GLY A 43 5.36 6.44 -9.52
CA GLY A 43 6.11 5.23 -9.78
C GLY A 43 5.76 4.11 -8.83
N CYS A 44 4.54 4.15 -8.29
CA CYS A 44 4.08 3.13 -7.35
C CYS A 44 4.15 1.74 -7.98
N ALA A 45 4.60 0.77 -7.19
CA ALA A 45 4.72 -0.61 -7.66
C ALA A 45 5.72 -0.71 -8.81
N PRO A 46 6.22 -1.93 -9.06
CA PRO A 46 7.18 -2.19 -10.12
C PRO A 46 6.57 -2.04 -11.52
N THR A 47 5.43 -2.69 -11.73
CA THR A 47 4.75 -2.62 -13.02
C THR A 47 3.27 -2.32 -12.84
N GLU A 48 2.62 -1.87 -13.91
CA GLU A 48 1.20 -1.55 -13.87
C GLU A 48 0.37 -2.76 -13.47
N ASP A 49 0.96 -3.95 -13.61
CA ASP A 49 0.27 -5.19 -13.25
C ASP A 49 -0.33 -5.09 -11.86
N GLU A 50 0.37 -4.41 -10.96
CA GLU A 50 -0.09 -4.26 -9.58
C GLU A 50 -1.42 -3.50 -9.55
N VAL A 51 -1.40 -2.25 -9.98
CA VAL A 51 -2.59 -1.43 -10.00
C VAL A 51 -3.70 -2.07 -10.83
N ASN A 52 -3.33 -2.58 -12.01
CA ASN A 52 -4.28 -3.22 -12.90
C ASN A 52 -4.91 -4.44 -12.24
N SER A 53 -4.11 -5.16 -11.44
CA SER A 53 -4.58 -6.34 -10.75
C SER A 53 -5.62 -5.98 -9.70
N TYR A 54 -5.50 -4.78 -9.15
CA TYR A 54 -6.43 -4.32 -8.12
C TYR A 54 -7.75 -3.88 -8.74
N ILE A 55 -7.68 -3.00 -9.72
CA ILE A 55 -8.87 -2.51 -10.41
C ILE A 55 -9.61 -3.64 -11.12
N LYS A 56 -8.84 -4.57 -11.69
CA LYS A 56 -9.42 -5.70 -12.40
C LYS A 56 -10.01 -6.71 -11.42
N GLU A 57 -9.42 -6.80 -10.24
CA GLU A 57 -9.88 -7.72 -9.21
C GLU A 57 -11.21 -7.25 -8.62
N PHE A 58 -11.42 -5.94 -8.64
CA PHE A 58 -12.65 -5.36 -8.09
C PHE A 58 -13.88 -5.99 -8.75
N ALA A 59 -13.86 -6.09 -10.06
CA ALA A 59 -14.98 -6.67 -10.80
C ALA A 59 -14.64 -6.83 -12.29
N ILE A 60 -14.67 -5.72 -13.01
CA ILE A 60 -14.37 -5.73 -14.44
C ILE A 60 -13.63 -4.47 -14.86
N GLU A 61 -13.48 -4.27 -16.16
CA GLU A 61 -12.81 -3.11 -16.70
C GLU A 61 -13.10 -2.93 -18.18
N GLY A 62 -12.50 -1.90 -18.78
CA GLY A 62 -12.72 -1.64 -20.19
C GLY A 62 -11.60 -0.82 -20.80
N GLU A 63 -11.97 0.18 -21.61
CA GLU A 63 -10.99 1.03 -22.26
C GLU A 63 -11.01 2.44 -21.66
N THR A 64 -12.15 3.12 -21.81
CA THR A 64 -12.30 4.46 -21.28
C THR A 64 -13.77 4.78 -21.00
N PHE A 65 -14.02 5.48 -19.90
CA PHE A 65 -15.38 5.84 -19.50
C PHE A 65 -15.36 6.88 -18.40
N GLN A 66 -15.35 6.43 -17.16
CA GLN A 66 -15.34 7.31 -16.00
C GLN A 66 -15.03 6.55 -14.72
N ILE A 67 -15.52 5.32 -14.63
CA ILE A 67 -15.28 4.49 -13.47
C ILE A 67 -13.79 4.21 -13.27
N GLU A 68 -13.00 4.48 -14.31
CA GLU A 68 -11.56 4.26 -14.26
C GLU A 68 -10.97 4.90 -13.01
N GLN A 69 -11.65 5.93 -12.49
CA GLN A 69 -11.19 6.64 -11.32
C GLN A 69 -10.79 5.66 -10.21
N PHE A 70 -11.42 4.47 -10.23
CA PHE A 70 -11.13 3.45 -9.23
C PHE A 70 -9.62 3.21 -9.11
N GLU A 71 -8.90 3.49 -10.18
CA GLU A 71 -7.46 3.31 -10.19
C GLU A 71 -6.81 3.94 -8.96
N LEU A 72 -7.15 5.19 -8.70
CA LEU A 72 -6.62 5.90 -7.54
C LEU A 72 -7.41 5.57 -6.28
N ILE A 73 -8.73 5.69 -6.36
CA ILE A 73 -9.60 5.40 -5.23
C ILE A 73 -9.23 4.06 -4.60
N MET A 74 -8.79 3.12 -5.42
CA MET A 74 -8.41 1.79 -4.93
C MET A 74 -6.92 1.74 -4.61
N GLU A 75 -6.13 2.48 -5.38
CA GLU A 75 -4.68 2.52 -5.19
C GLU A 75 -4.34 2.84 -3.73
N ARG A 76 -5.16 3.71 -3.13
CA ARG A 76 -4.93 4.11 -1.74
C ARG A 76 -5.19 2.95 -0.79
N GLU A 77 -6.10 2.06 -1.18
CA GLU A 77 -6.45 0.91 -0.37
C GLU A 77 -5.50 -0.26 -0.64
N GLN A 78 -5.48 -0.71 -1.89
CA GLN A 78 -4.62 -1.82 -2.28
C GLN A 78 -3.15 -1.43 -2.18
N SER A 79 -2.80 -0.30 -2.79
CA SER A 79 -1.42 0.18 -2.78
C SER A 79 -1.21 1.17 -1.63
N LYS A 80 -1.93 0.97 -0.54
CA LYS A 80 -1.82 1.85 0.62
C LYS A 80 -0.36 2.12 0.96
N PRO A 81 -0.11 3.22 1.68
CA PRO A 81 1.23 3.61 2.10
C PRO A 81 1.82 2.68 3.15
N ASP A 82 3.09 2.34 2.99
CA ASP A 82 3.77 1.44 3.92
C ASP A 82 5.29 1.54 3.75
N THR A 83 6.01 0.62 4.39
CA THR A 83 7.46 0.60 4.32
C THR A 83 7.94 0.64 2.87
N ARG A 84 7.19 -0.03 1.99
CA ARG A 84 7.55 -0.08 0.57
C ARG A 84 7.60 1.33 -0.01
N GLU A 85 6.75 2.21 0.49
CA GLU A 85 6.69 3.59 0.01
C GLU A 85 7.96 4.35 0.42
N ILE A 86 8.48 4.04 1.59
CA ILE A 86 9.69 4.69 2.09
C ILE A 86 10.89 4.37 1.22
N LYS A 87 11.83 5.30 1.14
CA LYS A 87 13.04 5.12 0.34
C LYS A 87 14.07 4.26 1.08
N LEU A 88 14.41 4.68 2.29
CA LEU A 88 15.38 3.95 3.11
C LEU A 88 14.92 2.51 3.34
N ARG A 89 13.76 2.37 3.98
CA ARG A 89 13.21 1.04 4.26
C ARG A 89 13.23 0.17 3.01
N LYS A 90 13.07 0.79 1.85
CA LYS A 90 13.06 0.07 0.59
C LYS A 90 14.30 -0.82 0.46
N ALA A 91 15.48 -0.21 0.50
CA ALA A 91 16.72 -0.95 0.40
C ALA A 91 16.95 -1.82 1.64
N PHE A 92 16.63 -1.27 2.80
CA PHE A 92 16.81 -1.99 4.05
C PHE A 92 16.14 -3.36 3.99
N GLU A 93 14.87 -3.37 3.59
CA GLU A 93 14.12 -4.61 3.48
C GLU A 93 14.87 -5.64 2.63
N VAL A 94 15.75 -5.15 1.76
CA VAL A 94 16.53 -6.02 0.89
C VAL A 94 17.75 -6.58 1.62
N PHE A 95 18.25 -5.81 2.58
CA PHE A 95 19.42 -6.22 3.35
C PHE A 95 19.00 -6.93 4.63
N ASP A 96 18.19 -6.26 5.45
CA ASP A 96 17.72 -6.82 6.70
C ASP A 96 16.22 -7.06 6.65
N GLN A 97 15.82 -8.30 6.39
CA GLN A 97 14.41 -8.66 6.32
C GLN A 97 13.69 -8.28 7.61
N ASP A 98 14.40 -8.38 8.73
CA ASP A 98 13.83 -8.06 10.03
C ASP A 98 13.44 -6.58 10.10
N LYS A 99 14.05 -5.77 9.24
CA LYS A 99 13.79 -4.34 9.21
C LYS A 99 12.28 -4.07 9.30
N ASP A 100 11.91 -3.20 10.22
CA ASP A 100 10.50 -2.85 10.41
C ASP A 100 10.30 -1.34 10.38
N GLY A 101 11.15 -0.65 9.61
CA GLY A 101 11.05 0.79 9.52
C GLY A 101 11.78 1.49 10.66
N LYS A 102 12.23 0.73 11.63
CA LYS A 102 12.93 1.28 12.78
C LYS A 102 13.96 0.28 13.33
N ILE A 103 15.14 0.80 13.67
CA ILE A 103 16.20 -0.04 14.20
C ILE A 103 17.29 0.81 14.86
N LYS A 104 18.29 0.13 15.44
CA LYS A 104 19.39 0.81 16.11
C LYS A 104 20.45 1.24 15.10
N ALA A 105 21.42 2.02 15.56
CA ALA A 105 22.50 2.49 14.70
C ALA A 105 23.20 1.33 14.01
N SER A 106 23.41 0.24 14.75
CA SER A 106 24.07 -0.93 14.21
C SER A 106 23.39 -1.41 12.93
N ASP A 107 22.10 -1.74 13.04
CA ASP A 107 21.34 -2.20 11.89
C ASP A 107 21.22 -1.10 10.83
N LEU A 108 21.12 0.14 11.29
CA LEU A 108 20.99 1.28 10.40
C LEU A 108 22.12 1.28 9.36
N ALA A 109 23.35 1.35 9.85
CA ALA A 109 24.52 1.36 8.97
C ALA A 109 24.65 0.04 8.22
N HIS A 110 24.28 -1.06 8.88
CA HIS A 110 24.35 -2.38 8.27
C HIS A 110 23.58 -2.42 6.95
N ASN A 111 22.38 -1.86 6.97
CA ASN A 111 21.53 -1.85 5.78
C ASN A 111 21.86 -0.64 4.90
N LEU A 112 22.27 0.46 5.54
CA LEU A 112 22.62 1.68 4.83
C LEU A 112 23.59 1.39 3.70
N THR A 113 24.40 0.35 3.88
CA THR A 113 25.37 -0.04 2.86
C THR A 113 24.71 -0.26 1.51
N THR A 114 23.79 -1.21 1.45
CA THR A 114 23.08 -1.52 0.21
C THR A 114 22.27 -0.32 -0.26
N VAL A 115 21.89 0.54 0.66
CA VAL A 115 21.11 1.73 0.34
C VAL A 115 21.95 2.76 -0.40
N GLY A 116 23.23 2.85 -0.02
CA GLY A 116 24.13 3.80 -0.67
C GLY A 116 25.45 3.17 -1.05
N ASP A 117 26.53 3.94 -0.92
CA ASP A 117 27.86 3.45 -1.25
C ASP A 117 28.72 3.32 0.00
N LYS A 118 28.53 4.25 0.94
CA LYS A 118 29.29 4.22 2.19
C LYS A 118 28.61 5.11 3.24
N MET A 119 28.94 4.88 4.50
CA MET A 119 28.38 5.66 5.60
C MET A 119 29.33 5.69 6.79
N THR A 120 30.12 6.75 6.88
CA THR A 120 31.09 6.90 7.97
C THR A 120 30.56 7.87 9.02
N LYS A 121 31.44 8.24 9.95
CA LYS A 121 31.07 9.17 11.01
C LYS A 121 30.34 10.39 10.45
N GLU A 122 30.60 10.69 9.18
CA GLU A 122 29.97 11.84 8.53
C GLU A 122 28.47 11.62 8.39
N GLU A 123 28.10 10.53 7.73
CA GLU A 123 26.69 10.21 7.54
C GLU A 123 25.91 10.26 8.85
N VAL A 124 26.50 9.66 9.89
CA VAL A 124 25.87 9.65 11.21
C VAL A 124 26.00 11.00 11.89
N GLU A 125 26.96 11.79 11.45
CA GLU A 125 27.19 13.12 12.02
C GLU A 125 26.07 14.08 11.62
N LYS A 126 25.53 13.88 10.42
CA LYS A 126 24.45 14.72 9.91
C LYS A 126 23.10 14.23 10.40
N VAL A 127 22.85 12.94 10.23
CA VAL A 127 21.59 12.34 10.66
C VAL A 127 21.27 12.69 12.11
N PHE A 128 22.30 12.75 12.93
CA PHE A 128 22.13 13.08 14.34
C PHE A 128 22.09 14.59 14.55
N SER A 129 22.56 15.33 13.55
CA SER A 129 22.57 16.79 13.62
C SER A 129 21.15 17.35 13.53
N ILE A 130 20.36 16.78 12.64
CA ILE A 130 18.98 17.22 12.46
C ILE A 130 18.04 16.54 13.45
N LEU A 131 18.26 15.25 13.68
CA LEU A 131 17.44 14.49 14.62
C LEU A 131 17.76 14.87 16.06
N GLY A 132 18.95 15.41 16.27
CA GLY A 132 19.36 15.81 17.61
C GLY A 132 19.38 14.64 18.58
N ILE A 133 19.68 13.45 18.08
CA ILE A 133 19.72 12.27 18.91
C ILE A 133 21.15 11.73 19.03
N THR A 134 21.46 11.12 20.16
CA THR A 134 22.78 10.56 20.41
C THR A 134 23.05 9.37 19.50
N MET A 135 24.33 9.07 19.30
CA MET A 135 24.72 7.95 18.46
C MET A 135 24.06 6.66 18.93
N GLU A 136 23.73 6.60 20.21
CA GLU A 136 23.09 5.42 20.79
C GLU A 136 21.57 5.53 20.72
N SER A 137 21.08 6.09 19.61
CA SER A 137 19.64 6.26 19.42
C SER A 137 19.18 5.55 18.15
N ASP A 138 18.02 4.89 18.23
CA ASP A 138 17.47 4.19 17.09
C ASP A 138 17.01 5.16 16.01
N ILE A 139 16.39 4.62 14.96
CA ILE A 139 15.90 5.44 13.86
C ILE A 139 14.44 5.12 13.55
N ASP A 140 13.71 6.12 13.06
CA ASP A 140 12.31 5.95 12.72
C ASP A 140 11.93 6.80 11.50
N LEU A 141 10.66 6.77 11.14
CA LEU A 141 10.18 7.54 9.99
C LEU A 141 10.82 8.92 9.96
N ALA A 142 10.78 9.63 11.08
CA ALA A 142 11.36 10.95 11.17
C ALA A 142 12.84 10.94 10.77
N THR A 143 13.59 9.98 11.30
CA THR A 143 15.01 9.86 10.99
C THR A 143 15.24 9.85 9.48
N PHE A 144 14.45 9.07 8.77
CA PHE A 144 14.56 8.97 7.32
C PHE A 144 14.33 10.33 6.66
N LEU A 145 13.42 11.11 7.23
CA LEU A 145 13.11 12.43 6.70
C LEU A 145 14.30 13.38 6.84
N LYS A 146 14.96 13.32 7.99
CA LYS A 146 16.12 14.16 8.26
C LYS A 146 17.29 13.78 7.34
N LEU A 147 17.43 12.48 7.08
CA LEU A 147 18.50 11.99 6.22
C LEU A 147 18.20 12.30 4.75
N VAL A 148 17.10 11.76 4.26
CA VAL A 148 16.70 11.98 2.87
C VAL A 148 16.70 13.46 2.53
N ALA A 149 16.40 14.30 3.51
CA ALA A 149 16.36 15.74 3.31
C ALA A 149 17.78 16.31 3.24
N LEU A 150 18.62 15.93 4.19
CA LEU A 150 19.99 16.40 4.23
C LEU A 150 20.75 16.01 2.97
N HIS A 151 20.47 14.81 2.46
CA HIS A 151 21.11 14.32 1.24
C HIS A 151 22.62 14.19 1.45
N HIS A 152 23.33 13.87 0.38
CA HIS A 152 24.79 13.71 0.44
C HIS A 152 25.48 14.92 -0.17
N HIS A 153 26.66 15.23 0.34
CA HIS A 153 27.44 16.37 -0.16
C HIS A 153 28.82 16.43 0.51
N HIS A 154 29.86 16.56 -0.31
CA HIS A 154 31.22 16.62 0.21
C HIS A 154 31.55 15.38 1.04
N HIS A 155 32.76 15.35 1.59
CA HIS A 155 33.19 14.22 2.40
C HIS A 155 34.31 14.64 3.36
N HIS A 156 34.89 13.67 4.06
CA HIS A 156 35.96 13.93 5.01
C HIS A 156 36.96 12.80 5.03
CA CA B . -9.64 13.28 -18.40
CA CA C . 15.40 -4.41 11.72
N MET A 1 -26.43 10.80 -0.78
CA MET A 1 -27.16 11.05 0.46
C MET A 1 -26.51 10.32 1.63
N SER A 2 -25.33 10.78 2.04
CA SER A 2 -24.61 10.18 3.15
C SER A 2 -23.95 11.24 4.02
N MET A 3 -24.27 11.20 5.31
CA MET A 3 -23.73 12.16 6.26
C MET A 3 -22.53 11.58 6.99
N GLU A 4 -21.60 11.01 6.23
CA GLU A 4 -20.40 10.40 6.81
C GLU A 4 -19.18 10.68 5.94
N ILE A 5 -18.02 10.23 6.41
CA ILE A 5 -16.78 10.42 5.67
C ILE A 5 -15.95 9.14 5.65
N GLU A 6 -15.47 8.74 6.82
CA GLU A 6 -14.66 7.53 6.93
C GLU A 6 -13.36 7.66 6.13
N ALA A 7 -12.45 6.72 6.33
CA ALA A 7 -11.17 6.73 5.62
C ALA A 7 -10.37 7.98 5.98
N PRO A 8 -9.05 7.91 5.74
CA PRO A 8 -8.13 9.01 6.03
C PRO A 8 -8.35 10.20 5.09
N ASN A 9 -7.62 11.29 5.35
CA ASN A 9 -7.74 12.49 4.54
C ASN A 9 -6.60 12.57 3.52
N ALA A 10 -5.44 12.07 3.91
CA ALA A 10 -4.27 12.08 3.03
C ALA A 10 -4.53 11.28 1.76
N ASN A 11 -5.14 10.11 1.91
CA ASN A 11 -5.46 9.25 0.78
C ASN A 11 -6.43 9.93 -0.16
N THR A 12 -7.56 10.37 0.38
CA THR A 12 -8.58 11.05 -0.42
C THR A 12 -7.98 12.16 -1.25
N GLN A 13 -6.92 12.79 -0.73
CA GLN A 13 -6.25 13.88 -1.43
C GLN A 13 -5.43 13.34 -2.59
N LYS A 14 -4.65 12.30 -2.33
CA LYS A 14 -3.82 11.70 -3.36
C LYS A 14 -4.63 11.38 -4.62
N ILE A 15 -5.66 10.57 -4.46
CA ILE A 15 -6.52 10.19 -5.57
C ILE A 15 -7.01 11.42 -6.32
N ARG A 16 -7.28 12.49 -5.58
CA ARG A 16 -7.77 13.73 -6.16
C ARG A 16 -6.68 14.40 -7.00
N ASP A 17 -5.53 14.61 -6.38
CA ASP A 17 -4.40 15.25 -7.06
C ASP A 17 -3.99 14.44 -8.29
N CYS A 18 -3.70 13.16 -8.09
CA CYS A 18 -3.29 12.29 -9.18
C CYS A 18 -4.31 12.31 -10.31
N PHE A 19 -5.59 12.18 -9.95
CA PHE A 19 -6.66 12.17 -10.93
C PHE A 19 -6.70 13.49 -11.69
N ASN A 20 -6.91 14.59 -10.96
CA ASN A 20 -6.97 15.91 -11.56
C ASN A 20 -5.69 16.22 -12.33
N PHE A 21 -4.61 15.53 -11.97
CA PHE A 21 -3.33 15.73 -12.63
C PHE A 21 -3.45 15.57 -14.14
N TYR A 22 -3.88 14.38 -14.57
CA TYR A 22 -4.04 14.10 -15.99
C TYR A 22 -5.45 14.43 -16.45
N ASP A 23 -6.41 14.35 -15.53
CA ASP A 23 -7.80 14.63 -15.84
C ASP A 23 -8.06 16.14 -15.83
N ARG A 24 -7.00 16.91 -15.60
CA ARG A 24 -7.12 18.37 -15.56
C ARG A 24 -7.91 18.88 -16.76
N ASP A 25 -7.86 18.14 -17.86
CA ASP A 25 -8.58 18.52 -19.07
C ASP A 25 -10.02 18.89 -18.76
N TYR A 26 -10.58 18.25 -17.74
CA TYR A 26 -11.96 18.50 -17.34
C TYR A 26 -12.94 17.92 -18.35
N ASP A 27 -12.56 16.78 -18.94
CA ASP A 27 -13.41 16.11 -19.91
C ASP A 27 -14.48 15.28 -19.23
N GLY A 28 -14.20 14.85 -18.00
CA GLY A 28 -15.15 14.05 -17.25
C GLY A 28 -14.99 12.56 -17.52
N LYS A 29 -14.21 12.23 -18.54
CA LYS A 29 -13.97 10.84 -18.90
C LYS A 29 -12.51 10.45 -18.66
N ILE A 30 -12.27 9.16 -18.46
CA ILE A 30 -10.93 8.66 -18.23
C ILE A 30 -10.66 7.40 -19.05
N ASP A 31 -9.50 7.36 -19.70
CA ASP A 31 -9.11 6.22 -20.52
C ASP A 31 -7.94 5.48 -19.89
N VAL A 32 -7.36 4.54 -20.64
CA VAL A 32 -6.23 3.76 -20.15
C VAL A 32 -4.95 4.59 -20.15
N LYS A 33 -4.85 5.51 -21.10
CA LYS A 33 -3.67 6.37 -21.21
C LYS A 33 -3.52 7.23 -19.96
N GLN A 34 -4.61 7.86 -19.54
CA GLN A 34 -4.60 8.71 -18.35
C GLN A 34 -4.26 7.90 -17.10
N LEU A 35 -4.70 6.65 -17.09
CA LEU A 35 -4.44 5.77 -15.95
C LEU A 35 -2.95 5.58 -15.73
N GLY A 36 -2.25 5.17 -16.78
CA GLY A 36 -0.81 4.96 -16.68
C GLY A 36 -0.07 6.23 -16.30
N THR A 37 -0.70 7.37 -16.52
CA THR A 37 -0.09 8.65 -16.20
C THR A 37 0.51 8.65 -14.80
N LEU A 38 -0.33 8.33 -13.81
CA LEU A 38 0.11 8.29 -12.42
C LEU A 38 1.35 7.41 -12.28
N ILE A 39 1.37 6.32 -13.02
CA ILE A 39 2.50 5.39 -12.96
C ILE A 39 3.78 6.04 -13.47
N ARG A 40 3.63 7.00 -14.38
CA ARG A 40 4.76 7.71 -14.94
C ARG A 40 5.15 8.90 -14.07
N SER A 41 4.21 9.35 -13.25
CA SER A 41 4.44 10.50 -12.36
C SER A 41 5.05 10.04 -11.04
N LEU A 42 4.38 9.12 -10.38
CA LEU A 42 4.86 8.60 -9.11
C LEU A 42 5.32 7.15 -9.24
N GLY A 43 4.64 6.40 -10.11
CA GLY A 43 5.01 5.01 -10.32
C GLY A 43 4.78 4.16 -9.09
N CYS A 44 3.75 4.48 -8.31
CA CYS A 44 3.44 3.75 -7.10
C CYS A 44 3.47 2.24 -7.35
N ALA A 45 3.66 1.47 -6.29
CA ALA A 45 3.71 0.02 -6.40
C ALA A 45 4.89 -0.43 -7.24
N PRO A 46 5.27 -1.72 -7.11
CA PRO A 46 6.39 -2.29 -7.84
C PRO A 46 6.10 -2.44 -9.33
N THR A 47 4.95 -3.05 -9.65
CA THR A 47 4.55 -3.24 -11.03
C THR A 47 3.10 -2.81 -11.25
N GLU A 48 2.79 -2.40 -12.47
CA GLU A 48 1.45 -1.97 -12.82
C GLU A 48 0.44 -3.07 -12.57
N ASP A 49 0.92 -4.31 -12.47
CA ASP A 49 0.06 -5.46 -12.22
C ASP A 49 -0.58 -5.37 -10.84
N GLU A 50 0.18 -4.86 -9.87
CA GLU A 50 -0.32 -4.73 -8.51
C GLU A 50 -1.62 -3.92 -8.48
N VAL A 51 -1.53 -2.66 -8.89
CA VAL A 51 -2.70 -1.78 -8.90
C VAL A 51 -3.75 -2.29 -9.88
N ASN A 52 -3.34 -2.55 -11.12
CA ASN A 52 -4.25 -3.05 -12.14
C ASN A 52 -5.03 -4.25 -11.63
N SER A 53 -4.38 -5.08 -10.81
CA SER A 53 -5.02 -6.26 -10.25
C SER A 53 -6.17 -5.89 -9.32
N TYR A 54 -5.86 -5.04 -8.34
CA TYR A 54 -6.86 -4.60 -7.37
C TYR A 54 -8.09 -4.04 -8.08
N ILE A 55 -7.86 -3.16 -9.04
CA ILE A 55 -8.94 -2.55 -9.80
C ILE A 55 -9.62 -3.56 -10.72
N LYS A 56 -8.84 -4.53 -11.18
CA LYS A 56 -9.36 -5.57 -12.07
C LYS A 56 -10.30 -6.50 -11.32
N GLU A 57 -9.78 -7.16 -10.30
CA GLU A 57 -10.58 -8.09 -9.50
C GLU A 57 -11.76 -7.37 -8.86
N PHE A 58 -11.61 -6.06 -8.66
CA PHE A 58 -12.66 -5.26 -8.05
C PHE A 58 -13.68 -4.80 -9.10
N ALA A 59 -13.19 -4.61 -10.33
CA ALA A 59 -14.05 -4.16 -11.43
C ALA A 59 -13.26 -4.05 -12.73
N ILE A 60 -13.13 -5.16 -13.44
CA ILE A 60 -12.40 -5.18 -14.70
C ILE A 60 -12.78 -3.99 -15.56
N GLU A 61 -11.79 -3.42 -16.25
CA GLU A 61 -12.02 -2.27 -17.12
C GLU A 61 -12.23 -2.72 -18.57
N GLY A 62 -12.22 -1.76 -19.48
CA GLY A 62 -12.41 -2.07 -20.89
C GLY A 62 -11.50 -1.26 -21.79
N GLU A 63 -11.87 0.00 -22.02
CA GLU A 63 -11.08 0.88 -22.88
C GLU A 63 -11.01 2.28 -22.29
N THR A 64 -12.17 2.93 -22.18
CA THR A 64 -12.24 4.28 -21.63
C THR A 64 -13.68 4.70 -21.36
N PHE A 65 -13.89 5.41 -20.26
CA PHE A 65 -15.23 5.87 -19.89
C PHE A 65 -15.15 6.87 -18.75
N GLN A 66 -15.30 6.37 -17.52
CA GLN A 66 -15.25 7.22 -16.34
C GLN A 66 -15.02 6.39 -15.08
N ILE A 67 -15.62 5.21 -15.04
CA ILE A 67 -15.48 4.32 -13.88
C ILE A 67 -14.01 4.03 -13.60
N GLU A 68 -13.16 4.20 -14.61
CA GLU A 68 -11.73 3.96 -14.46
C GLU A 68 -11.18 4.64 -13.21
N GLN A 69 -11.83 5.74 -12.81
CA GLN A 69 -11.41 6.48 -11.63
C GLN A 69 -11.18 5.55 -10.45
N PHE A 70 -11.93 4.45 -10.42
CA PHE A 70 -11.81 3.48 -9.34
C PHE A 70 -10.35 3.10 -9.10
N GLU A 71 -9.57 3.10 -10.18
CA GLU A 71 -8.15 2.76 -10.09
C GLU A 71 -7.47 3.55 -8.98
N LEU A 72 -7.71 4.86 -8.96
CA LEU A 72 -7.12 5.73 -7.96
C LEU A 72 -7.78 5.52 -6.59
N ILE A 73 -9.11 5.51 -6.57
CA ILE A 73 -9.85 5.31 -5.34
C ILE A 73 -9.36 4.08 -4.59
N MET A 74 -9.14 3.00 -5.33
CA MET A 74 -8.65 1.75 -4.73
C MET A 74 -7.14 1.79 -4.55
N GLU A 75 -6.45 2.50 -5.44
CA GLU A 75 -5.00 2.62 -5.37
C GLU A 75 -4.56 3.08 -3.98
N ARG A 76 -5.33 4.01 -3.40
CA ARG A 76 -5.01 4.53 -2.08
C ARG A 76 -5.27 3.49 -1.00
N GLU A 77 -6.25 2.61 -1.25
CA GLU A 77 -6.59 1.57 -0.30
C GLU A 77 -5.59 0.43 -0.35
N GLN A 78 -5.19 0.05 -1.56
CA GLN A 78 -4.23 -1.03 -1.75
C GLN A 78 -2.81 -0.56 -1.46
N SER A 79 -2.53 0.71 -1.78
CA SER A 79 -1.21 1.28 -1.57
C SER A 79 -1.23 2.25 -0.39
N LYS A 80 -2.12 2.01 0.56
CA LYS A 80 -2.24 2.86 1.74
C LYS A 80 -0.87 3.17 2.32
N PRO A 81 -0.78 4.27 3.10
CA PRO A 81 0.46 4.70 3.74
C PRO A 81 0.89 3.76 4.85
N ASP A 82 2.08 4.01 5.40
CA ASP A 82 2.61 3.18 6.49
C ASP A 82 3.66 3.94 7.29
N THR A 83 3.40 5.23 7.53
CA THR A 83 4.33 6.06 8.28
C THR A 83 4.16 5.85 9.78
N ARG A 84 2.94 5.55 10.21
CA ARG A 84 2.66 5.33 11.61
C ARG A 84 3.43 4.13 12.13
N GLU A 85 3.71 3.18 11.25
CA GLU A 85 4.44 1.98 11.62
C GLU A 85 5.89 2.29 11.97
N ILE A 86 6.50 3.16 11.17
CA ILE A 86 7.88 3.56 11.39
C ILE A 86 7.96 4.81 12.26
N LYS A 87 9.03 4.92 13.04
CA LYS A 87 9.24 6.07 13.91
C LYS A 87 9.82 7.25 13.13
N LEU A 88 10.82 6.97 12.31
CA LEU A 88 11.46 8.01 11.51
C LEU A 88 10.48 8.63 10.54
N ARG A 89 9.95 7.83 9.63
CA ARG A 89 8.99 8.31 8.64
C ARG A 89 7.84 9.05 9.32
N LYS A 90 7.57 8.71 10.57
CA LYS A 90 6.51 9.34 11.33
C LYS A 90 6.62 10.86 11.25
N ALA A 91 7.83 11.38 11.42
CA ALA A 91 8.05 12.82 11.36
C ALA A 91 8.22 13.28 9.91
N PHE A 92 8.95 12.50 9.14
CA PHE A 92 9.20 12.84 7.73
C PHE A 92 7.87 13.09 7.01
N GLU A 93 6.96 12.13 7.10
CA GLU A 93 5.66 12.24 6.46
C GLU A 93 5.00 13.59 6.78
N VAL A 94 5.30 14.12 7.96
CA VAL A 94 4.74 15.40 8.40
C VAL A 94 5.19 16.53 7.47
N PHE A 95 6.38 16.38 6.91
CA PHE A 95 6.93 17.40 6.01
C PHE A 95 6.85 16.93 4.55
N ASP A 96 7.44 15.77 4.28
CA ASP A 96 7.44 15.22 2.93
C ASP A 96 6.55 13.98 2.86
N GLN A 97 5.31 14.18 2.41
CA GLN A 97 4.36 13.09 2.29
C GLN A 97 4.86 12.04 1.29
N ASP A 98 5.58 12.50 0.28
CA ASP A 98 6.12 11.60 -0.74
C ASP A 98 7.03 10.56 -0.12
N LYS A 99 7.53 10.84 1.08
CA LYS A 99 8.42 9.93 1.78
C LYS A 99 7.97 8.49 1.61
N ASP A 100 8.90 7.63 1.22
CA ASP A 100 8.60 6.21 1.02
C ASP A 100 9.56 5.33 1.82
N GLY A 101 10.02 5.84 2.95
CA GLY A 101 10.93 5.08 3.78
C GLY A 101 12.38 5.20 3.30
N LYS A 102 12.56 5.81 2.14
CA LYS A 102 13.90 5.99 1.57
C LYS A 102 14.00 7.30 0.81
N ILE A 103 15.11 8.00 0.99
CA ILE A 103 15.33 9.27 0.31
C ILE A 103 16.81 9.62 0.25
N LYS A 104 17.14 10.67 -0.49
CA LYS A 104 18.52 11.12 -0.62
C LYS A 104 18.89 12.07 0.51
N ALA A 105 20.16 12.44 0.56
CA ALA A 105 20.65 13.36 1.58
C ALA A 105 19.79 14.62 1.66
N SER A 106 19.47 15.17 0.49
CA SER A 106 18.65 16.38 0.43
C SER A 106 17.38 16.22 1.24
N ASP A 107 16.56 15.25 0.88
CA ASP A 107 15.31 14.99 1.58
C ASP A 107 15.57 14.51 3.00
N LEU A 108 16.73 13.89 3.21
CA LEU A 108 17.10 13.37 4.52
C LEU A 108 16.99 14.46 5.58
N ALA A 109 17.76 15.53 5.40
CA ALA A 109 17.74 16.65 6.34
C ALA A 109 16.49 17.50 6.15
N HIS A 110 16.02 17.59 4.91
CA HIS A 110 14.83 18.38 4.60
C HIS A 110 13.67 17.98 5.51
N ASN A 111 13.46 16.68 5.66
CA ASN A 111 12.37 16.18 6.50
C ASN A 111 12.81 16.07 7.96
N LEU A 112 14.11 15.82 8.16
CA LEU A 112 14.65 15.70 9.51
C LEU A 112 14.22 16.87 10.38
N THR A 113 14.15 18.05 9.78
CA THR A 113 13.75 19.25 10.51
C THR A 113 12.47 19.01 11.30
N THR A 114 11.58 18.19 10.75
CA THR A 114 10.32 17.87 11.41
C THR A 114 10.53 16.95 12.61
N VAL A 115 11.49 16.04 12.48
CA VAL A 115 11.79 15.10 13.54
C VAL A 115 12.27 15.83 14.80
N GLY A 116 13.07 16.87 14.61
CA GLY A 116 13.58 17.64 15.73
C GLY A 116 14.97 17.22 16.14
N ASP A 117 15.28 15.93 15.96
CA ASP A 117 16.59 15.40 16.31
C ASP A 117 17.66 15.92 15.35
N LYS A 118 17.26 16.21 14.12
CA LYS A 118 18.19 16.72 13.11
C LYS A 118 19.22 15.67 12.74
N MET A 119 19.84 15.83 11.58
CA MET A 119 20.85 14.89 11.11
C MET A 119 22.00 15.63 10.42
N THR A 120 23.06 15.90 11.18
CA THR A 120 24.23 16.59 10.65
C THR A 120 25.35 15.62 10.35
N LYS A 121 26.54 16.16 10.07
CA LYS A 121 27.71 15.34 9.77
C LYS A 121 27.88 14.22 10.80
N GLU A 122 27.34 14.46 11.99
CA GLU A 122 27.42 13.47 13.08
C GLU A 122 26.57 12.24 12.76
N GLU A 123 25.27 12.46 12.57
CA GLU A 123 24.36 11.37 12.27
C GLU A 123 24.88 10.52 11.11
N VAL A 124 25.24 11.18 10.01
CA VAL A 124 25.77 10.49 8.84
C VAL A 124 27.10 9.82 9.15
N GLU A 125 27.91 10.48 9.98
CA GLU A 125 29.22 9.95 10.35
C GLU A 125 29.10 8.53 10.88
N LYS A 126 28.16 8.32 11.80
CA LYS A 126 27.94 7.01 12.40
C LYS A 126 27.20 6.09 11.43
N VAL A 127 26.36 6.68 10.59
CA VAL A 127 25.59 5.91 9.62
C VAL A 127 26.51 5.01 8.78
N PHE A 128 27.67 5.54 8.42
CA PHE A 128 28.63 4.79 7.63
C PHE A 128 29.36 3.76 8.48
N SER A 129 29.16 3.84 9.79
CA SER A 129 29.80 2.92 10.73
C SER A 129 29.01 1.63 10.83
N ILE A 130 27.75 1.73 11.25
CA ILE A 130 26.90 0.56 11.39
C ILE A 130 26.24 0.20 10.06
N LEU A 131 25.55 1.16 9.46
CA LEU A 131 24.88 0.94 8.18
C LEU A 131 25.88 0.70 7.07
N GLY A 132 27.12 1.15 7.28
CA GLY A 132 28.16 0.97 6.28
C GLY A 132 27.82 1.64 4.97
N ILE A 133 27.06 2.73 5.04
CA ILE A 133 26.66 3.46 3.84
C ILE A 133 27.41 4.78 3.72
N THR A 134 27.74 5.18 2.50
CA THR A 134 28.45 6.42 2.25
C THR A 134 27.57 7.62 2.56
N MET A 135 28.20 8.74 2.90
CA MET A 135 27.47 9.97 3.21
C MET A 135 26.71 10.48 1.99
N GLU A 136 27.25 10.19 0.81
CA GLU A 136 26.62 10.63 -0.43
C GLU A 136 25.67 9.55 -0.97
N SER A 137 24.97 8.88 -0.06
CA SER A 137 24.04 7.84 -0.44
C SER A 137 22.64 8.16 0.05
N ASP A 138 21.74 7.18 -0.06
CA ASP A 138 20.36 7.35 0.37
C ASP A 138 20.08 6.58 1.66
N ILE A 139 19.01 6.95 2.35
CA ILE A 139 18.63 6.28 3.59
C ILE A 139 17.57 5.21 3.34
N ASP A 140 17.57 4.18 4.18
CA ASP A 140 16.62 3.09 4.05
C ASP A 140 16.23 2.54 5.42
N LEU A 141 15.39 1.52 5.43
CA LEU A 141 14.93 0.90 6.68
C LEU A 141 16.10 0.72 7.64
N ALA A 142 17.21 0.19 7.13
CA ALA A 142 18.39 -0.03 7.94
C ALA A 142 18.88 1.27 8.57
N THR A 143 18.96 2.32 7.77
CA THR A 143 19.41 3.62 8.25
C THR A 143 18.67 4.02 9.52
N PHE A 144 17.34 3.86 9.51
CA PHE A 144 16.52 4.20 10.66
C PHE A 144 16.82 3.27 11.84
N LEU A 145 17.23 2.05 11.52
CA LEU A 145 17.53 1.06 12.56
C LEU A 145 18.71 1.51 13.40
N LYS A 146 19.85 1.76 12.76
CA LYS A 146 21.05 2.21 13.45
C LYS A 146 20.81 3.55 14.14
N LEU A 147 19.95 4.37 13.54
CA LEU A 147 19.64 5.68 14.09
C LEU A 147 18.82 5.56 15.38
N VAL A 148 17.61 5.02 15.24
CA VAL A 148 16.73 4.84 16.39
C VAL A 148 17.41 4.00 17.48
N ALA A 149 18.26 3.07 17.06
CA ALA A 149 18.97 2.21 17.99
C ALA A 149 19.98 3.01 18.81
N LEU A 150 20.94 3.63 18.13
CA LEU A 150 21.96 4.43 18.79
C LEU A 150 21.34 5.58 19.56
N HIS A 151 20.50 6.36 18.88
CA HIS A 151 19.83 7.49 19.50
C HIS A 151 20.85 8.55 19.94
N HIS A 152 21.51 9.16 18.96
CA HIS A 152 22.51 10.19 19.24
C HIS A 152 23.59 9.65 20.16
N HIS A 153 24.52 10.51 20.55
CA HIS A 153 25.63 10.12 21.43
C HIS A 153 26.49 11.33 21.78
N HIS A 154 26.31 11.85 22.99
CA HIS A 154 27.07 12.99 23.45
C HIS A 154 26.80 14.22 22.58
N HIS A 155 27.52 15.30 22.84
CA HIS A 155 27.36 16.53 22.08
C HIS A 155 25.94 17.06 22.21
N HIS A 156 25.75 18.02 23.12
CA HIS A 156 24.44 18.62 23.34
C HIS A 156 24.16 19.73 22.33
CA CA B . -9.53 13.26 -18.40
CA CA C . 10.75 11.12 -0.52
N MET A 1 -1.13 29.20 2.60
CA MET A 1 -2.49 28.71 2.76
C MET A 1 -2.57 27.64 3.85
N SER A 2 -1.55 26.78 3.90
CA SER A 2 -1.51 25.72 4.89
C SER A 2 -0.09 25.53 5.42
N MET A 3 0.02 24.96 6.61
CA MET A 3 1.32 24.72 7.23
C MET A 3 1.44 23.27 7.70
N GLU A 4 0.97 22.34 6.88
CA GLU A 4 1.01 20.93 7.22
C GLU A 4 0.52 20.07 6.05
N ILE A 5 1.22 18.97 5.81
CA ILE A 5 0.85 18.06 4.71
C ILE A 5 0.95 16.60 5.16
N GLU A 6 0.62 16.35 6.42
CA GLU A 6 0.68 15.00 6.96
C GLU A 6 -0.62 14.65 7.69
N ALA A 7 -1.12 13.43 7.45
CA ALA A 7 -2.35 12.99 8.08
C ALA A 7 -2.67 11.55 7.68
N PRO A 8 -3.52 10.88 8.48
CA PRO A 8 -3.92 9.50 8.22
C PRO A 8 -4.83 9.38 7.00
N ASN A 9 -5.76 10.32 6.85
CA ASN A 9 -6.68 10.32 5.73
C ASN A 9 -6.11 11.11 4.55
N ALA A 10 -4.83 11.45 4.64
CA ALA A 10 -4.16 12.20 3.59
C ALA A 10 -4.37 11.55 2.23
N ASN A 11 -4.42 10.22 2.21
CA ASN A 11 -4.62 9.48 0.97
C ASN A 11 -5.84 9.99 0.23
N THR A 12 -6.91 10.27 0.96
CA THR A 12 -8.14 10.77 0.37
C THR A 12 -7.87 11.96 -0.54
N GLN A 13 -6.89 12.78 -0.17
CA GLN A 13 -6.54 13.95 -0.95
C GLN A 13 -5.58 13.58 -2.09
N LYS A 14 -4.69 12.63 -1.82
CA LYS A 14 -3.72 12.19 -2.81
C LYS A 14 -4.42 11.74 -4.09
N ILE A 15 -5.35 10.80 -3.95
CA ILE A 15 -6.10 10.29 -5.10
C ILE A 15 -6.68 11.43 -5.92
N ARG A 16 -7.06 12.51 -5.26
CA ARG A 16 -7.63 13.67 -5.94
C ARG A 16 -6.55 14.43 -6.69
N ASP A 17 -5.38 14.56 -6.08
CA ASP A 17 -4.27 15.27 -6.70
C ASP A 17 -3.86 14.61 -8.02
N CYS A 18 -3.66 13.30 -7.97
CA CYS A 18 -3.26 12.55 -9.16
C CYS A 18 -4.40 12.52 -10.19
N PHE A 19 -5.62 12.45 -9.70
CA PHE A 19 -6.79 12.42 -10.57
C PHE A 19 -6.85 13.67 -11.44
N ASN A 20 -7.06 14.82 -10.82
CA ASN A 20 -7.13 16.08 -11.53
C ASN A 20 -5.82 16.39 -12.25
N PHE A 21 -4.75 15.74 -11.80
CA PHE A 21 -3.43 15.94 -12.39
C PHE A 21 -3.46 15.70 -13.89
N TYR A 22 -3.84 14.49 -14.28
CA TYR A 22 -3.90 14.13 -15.70
C TYR A 22 -5.31 14.40 -16.25
N ASP A 23 -6.29 14.39 -15.37
CA ASP A 23 -7.68 14.63 -15.77
C ASP A 23 -7.97 16.12 -15.86
N ARG A 24 -6.95 16.94 -15.63
CA ARG A 24 -7.09 18.39 -15.68
C ARG A 24 -7.82 18.82 -16.95
N ASP A 25 -7.69 18.00 -18.00
CA ASP A 25 -8.34 18.30 -19.27
C ASP A 25 -9.81 18.65 -19.07
N TYR A 26 -10.42 18.05 -18.06
CA TYR A 26 -11.83 18.30 -17.76
C TYR A 26 -12.73 17.67 -18.81
N ASP A 27 -12.30 16.53 -19.35
CA ASP A 27 -13.06 15.83 -20.36
C ASP A 27 -14.22 15.04 -19.73
N GLY A 28 -14.08 14.76 -18.44
CA GLY A 28 -15.12 14.02 -17.74
C GLY A 28 -15.07 12.53 -18.02
N LYS A 29 -13.90 12.05 -18.41
CA LYS A 29 -13.71 10.64 -18.72
C LYS A 29 -12.24 10.25 -18.59
N ILE A 30 -11.99 8.94 -18.47
CA ILE A 30 -10.62 8.45 -18.35
C ILE A 30 -10.41 7.22 -19.25
N ASP A 31 -9.30 7.23 -19.98
CA ASP A 31 -8.97 6.13 -20.88
C ASP A 31 -7.76 5.35 -20.37
N VAL A 32 -7.29 4.40 -21.17
CA VAL A 32 -6.14 3.59 -20.80
C VAL A 32 -4.90 4.44 -20.61
N LYS A 33 -4.78 5.50 -21.41
CA LYS A 33 -3.64 6.40 -21.34
C LYS A 33 -3.60 7.10 -19.99
N GLN A 34 -4.74 7.64 -19.56
CA GLN A 34 -4.84 8.34 -18.29
C GLN A 34 -4.50 7.41 -17.13
N LEU A 35 -4.82 6.13 -17.29
CA LEU A 35 -4.56 5.13 -16.26
C LEU A 35 -3.06 4.99 -16.01
N GLY A 36 -2.31 4.75 -17.08
CA GLY A 36 -0.87 4.60 -16.96
C GLY A 36 -0.18 5.91 -16.66
N THR A 37 -0.85 7.02 -16.97
CA THR A 37 -0.29 8.34 -16.75
C THR A 37 0.30 8.46 -15.35
N LEU A 38 -0.53 8.26 -14.34
CA LEU A 38 -0.08 8.34 -12.95
C LEU A 38 1.15 7.46 -12.72
N ILE A 39 1.16 6.29 -13.35
CA ILE A 39 2.26 5.35 -13.21
C ILE A 39 3.56 5.98 -13.72
N ARG A 40 3.44 6.86 -14.71
CA ARG A 40 4.61 7.52 -15.29
C ARG A 40 4.97 8.77 -14.50
N SER A 41 4.01 9.29 -13.74
CA SER A 41 4.23 10.49 -12.94
C SER A 41 4.81 10.13 -11.57
N LEU A 42 4.11 9.26 -10.84
CA LEU A 42 4.56 8.84 -9.52
C LEU A 42 5.00 7.38 -9.54
N GLY A 43 4.33 6.57 -10.36
CA GLY A 43 4.67 5.16 -10.46
C GLY A 43 4.35 4.40 -9.19
N CYS A 44 3.24 4.75 -8.56
CA CYS A 44 2.81 4.09 -7.32
C CYS A 44 2.91 2.57 -7.45
N ALA A 45 2.99 1.89 -6.31
CA ALA A 45 3.08 0.44 -6.31
C ALA A 45 4.40 -0.03 -6.93
N PRO A 46 4.78 -1.28 -6.63
CA PRO A 46 6.01 -1.87 -7.15
C PRO A 46 5.93 -2.15 -8.65
N THR A 47 4.87 -2.84 -9.07
CA THR A 47 4.69 -3.16 -10.48
C THR A 47 3.26 -2.86 -10.92
N GLU A 48 3.08 -2.65 -12.22
CA GLU A 48 1.76 -2.34 -12.78
C GLU A 48 0.79 -3.47 -12.48
N ASP A 49 1.31 -4.64 -12.17
CA ASP A 49 0.49 -5.81 -11.86
C ASP A 49 -0.35 -5.57 -10.61
N GLU A 50 0.21 -4.80 -9.67
CA GLU A 50 -0.49 -4.49 -8.43
C GLU A 50 -1.73 -3.66 -8.69
N VAL A 51 -1.54 -2.45 -9.21
CA VAL A 51 -2.65 -1.55 -9.51
C VAL A 51 -3.64 -2.21 -10.47
N ASN A 52 -3.12 -2.94 -11.44
CA ASN A 52 -3.96 -3.62 -12.42
C ASN A 52 -4.73 -4.77 -11.77
N SER A 53 -4.09 -5.43 -10.82
CA SER A 53 -4.71 -6.56 -10.13
C SER A 53 -6.02 -6.13 -9.46
N TYR A 54 -5.97 -5.03 -8.72
CA TYR A 54 -7.15 -4.52 -8.03
C TYR A 54 -8.15 -3.93 -9.02
N ILE A 55 -7.66 -3.03 -9.88
CA ILE A 55 -8.50 -2.39 -10.88
C ILE A 55 -9.23 -3.43 -11.72
N LYS A 56 -8.60 -4.58 -11.91
CA LYS A 56 -9.19 -5.66 -12.70
C LYS A 56 -10.18 -6.46 -11.87
N GLU A 57 -9.89 -6.58 -10.58
CA GLU A 57 -10.77 -7.33 -9.67
C GLU A 57 -12.12 -6.63 -9.51
N PHE A 58 -12.10 -5.30 -9.62
CA PHE A 58 -13.31 -4.51 -9.49
C PHE A 58 -13.61 -3.73 -10.76
N ALA A 59 -13.13 -4.27 -11.89
CA ALA A 59 -13.35 -3.63 -13.18
C ALA A 59 -12.65 -4.39 -14.30
N ILE A 60 -13.28 -5.46 -14.78
CA ILE A 60 -12.72 -6.28 -15.84
C ILE A 60 -12.91 -5.61 -17.20
N GLU A 61 -11.93 -5.81 -18.08
CA GLU A 61 -12.00 -5.23 -19.43
C GLU A 61 -12.24 -3.73 -19.36
N GLY A 62 -12.46 -3.11 -20.52
CA GLY A 62 -12.70 -1.69 -20.56
C GLY A 62 -11.60 -0.94 -21.31
N GLU A 63 -12.00 0.04 -22.11
CA GLU A 63 -11.04 0.83 -22.88
C GLU A 63 -10.98 2.27 -22.36
N THR A 64 -12.13 2.82 -22.03
CA THR A 64 -12.20 4.19 -21.52
C THR A 64 -13.62 4.52 -21.04
N PHE A 65 -13.70 5.27 -19.94
CA PHE A 65 -14.99 5.66 -19.39
C PHE A 65 -14.82 6.73 -18.32
N GLN A 66 -14.73 6.31 -17.06
CA GLN A 66 -14.57 7.23 -15.96
C GLN A 66 -14.48 6.48 -14.63
N ILE A 67 -13.88 5.30 -14.66
CA ILE A 67 -13.73 4.48 -13.47
C ILE A 67 -12.48 4.88 -12.68
N GLU A 68 -11.62 5.67 -13.32
CA GLU A 68 -10.39 6.12 -12.67
C GLU A 68 -10.65 6.55 -11.24
N GLN A 69 -11.80 7.18 -11.01
CA GLN A 69 -12.16 7.65 -9.68
C GLN A 69 -11.99 6.54 -8.65
N PHE A 70 -12.53 5.36 -8.95
CA PHE A 70 -12.43 4.22 -8.05
C PHE A 70 -11.01 3.66 -8.04
N GLU A 71 -10.36 3.70 -9.19
CA GLU A 71 -9.00 3.20 -9.30
C GLU A 71 -8.06 3.91 -8.33
N LEU A 72 -8.23 5.22 -8.22
CA LEU A 72 -7.40 6.03 -7.31
C LEU A 72 -7.78 5.77 -5.87
N ILE A 73 -9.07 5.91 -5.56
CA ILE A 73 -9.56 5.70 -4.20
C ILE A 73 -9.09 4.36 -3.64
N MET A 74 -9.00 3.36 -4.52
CA MET A 74 -8.55 2.03 -4.12
C MET A 74 -7.03 1.92 -4.21
N GLU A 75 -6.44 2.65 -5.16
CA GLU A 75 -4.99 2.63 -5.34
C GLU A 75 -4.28 3.03 -4.06
N ARG A 76 -4.86 3.96 -3.32
CA ARG A 76 -4.27 4.43 -2.07
C ARG A 76 -4.41 3.38 -0.97
N GLU A 77 -5.47 2.59 -1.05
CA GLU A 77 -5.71 1.54 -0.06
C GLU A 77 -4.86 0.31 -0.37
N GLN A 78 -4.72 -0.01 -1.65
CA GLN A 78 -3.93 -1.16 -2.07
C GLN A 78 -2.44 -0.84 -2.03
N SER A 79 -2.10 0.40 -2.37
CA SER A 79 -0.71 0.83 -2.40
C SER A 79 -0.39 1.72 -1.19
N LYS A 80 -1.10 1.48 -0.10
CA LYS A 80 -0.90 2.25 1.13
C LYS A 80 0.50 2.03 1.69
N PRO A 81 0.98 3.01 2.47
CA PRO A 81 2.31 2.94 3.09
C PRO A 81 2.39 1.89 4.19
N ASP A 82 3.60 1.60 4.63
CA ASP A 82 3.81 0.61 5.69
C ASP A 82 4.92 1.06 6.64
N THR A 83 4.53 1.64 7.77
CA THR A 83 5.48 2.12 8.76
C THR A 83 5.62 1.12 9.90
N ARG A 84 4.52 0.48 10.25
CA ARG A 84 4.51 -0.50 11.34
C ARG A 84 5.62 -1.54 11.14
N GLU A 85 5.89 -1.86 9.89
CA GLU A 85 6.93 -2.84 9.57
C GLU A 85 8.31 -2.29 9.88
N ILE A 86 8.55 -1.04 9.48
CA ILE A 86 9.83 -0.40 9.72
C ILE A 86 9.74 1.12 9.50
N LYS A 87 10.55 1.87 10.23
CA LYS A 87 10.55 3.32 10.12
C LYS A 87 11.38 3.76 8.91
N LEU A 88 12.44 3.02 8.63
CA LEU A 88 13.31 3.34 7.49
C LEU A 88 12.50 3.51 6.21
N ARG A 89 11.63 2.55 5.93
CA ARG A 89 10.79 2.60 4.74
C ARG A 89 10.10 3.96 4.62
N LYS A 90 9.74 4.54 5.76
CA LYS A 90 9.07 5.84 5.78
C LYS A 90 9.85 6.86 4.96
N ALA A 91 11.09 7.11 5.36
CA ALA A 91 11.95 8.06 4.66
C ALA A 91 12.07 7.71 3.19
N PHE A 92 12.09 6.41 2.89
CA PHE A 92 12.22 5.95 1.52
C PHE A 92 10.98 6.33 0.71
N GLU A 93 9.80 6.03 1.24
CA GLU A 93 8.55 6.35 0.56
C GLU A 93 8.52 7.82 0.14
N VAL A 94 9.22 8.65 0.89
CA VAL A 94 9.28 10.09 0.59
C VAL A 94 10.01 10.34 -0.72
N PHE A 95 10.96 9.47 -1.05
CA PHE A 95 11.73 9.61 -2.28
C PHE A 95 11.24 8.63 -3.34
N ASP A 96 11.25 7.34 -2.99
CA ASP A 96 10.81 6.30 -3.91
C ASP A 96 9.54 5.63 -3.40
N GLN A 97 8.39 6.13 -3.85
CA GLN A 97 7.11 5.59 -3.44
C GLN A 97 7.03 4.09 -3.72
N ASP A 98 7.71 3.66 -4.78
CA ASP A 98 7.73 2.25 -5.17
C ASP A 98 8.40 1.40 -4.09
N LYS A 99 9.19 2.04 -3.24
CA LYS A 99 9.88 1.35 -2.15
C LYS A 99 8.98 0.29 -1.53
N ASP A 100 9.50 -0.93 -1.41
CA ASP A 100 8.75 -2.03 -0.82
C ASP A 100 9.54 -2.70 0.29
N GLY A 101 10.35 -1.91 0.99
CA GLY A 101 11.15 -2.43 2.07
C GLY A 101 12.45 -3.05 1.59
N LYS A 102 12.59 -3.18 0.28
CA LYS A 102 13.79 -3.76 -0.32
C LYS A 102 14.00 -3.25 -1.74
N ILE A 103 15.23 -2.86 -2.05
CA ILE A 103 15.57 -2.35 -3.37
C ILE A 103 17.02 -2.65 -3.72
N LYS A 104 17.46 -2.16 -4.87
CA LYS A 104 18.83 -2.36 -5.34
C LYS A 104 19.80 -1.54 -4.50
N ALA A 105 21.09 -1.65 -4.82
CA ALA A 105 22.12 -0.92 -4.11
C ALA A 105 21.98 0.59 -4.32
N SER A 106 21.78 0.98 -5.58
CA SER A 106 21.63 2.39 -5.91
C SER A 106 20.39 2.98 -5.24
N ASP A 107 19.25 2.35 -5.47
CA ASP A 107 17.99 2.80 -4.89
C ASP A 107 18.10 2.93 -3.38
N LEU A 108 18.89 2.04 -2.77
CA LEU A 108 19.09 2.04 -1.33
C LEU A 108 19.76 3.34 -0.87
N ALA A 109 20.96 3.57 -1.38
CA ALA A 109 21.71 4.78 -1.03
C ALA A 109 21.02 6.03 -1.56
N HIS A 110 20.20 5.86 -2.58
CA HIS A 110 19.47 6.97 -3.18
C HIS A 110 18.43 7.53 -2.22
N ASN A 111 17.60 6.64 -1.69
CA ASN A 111 16.54 7.03 -0.75
C ASN A 111 17.10 7.15 0.66
N LEU A 112 18.17 6.41 0.94
CA LEU A 112 18.80 6.44 2.26
C LEU A 112 19.13 7.87 2.66
N THR A 113 19.45 8.70 1.67
CA THR A 113 19.80 10.11 1.93
C THR A 113 18.56 10.92 2.25
N THR A 114 17.40 10.46 1.78
CA THR A 114 16.15 11.16 2.01
C THR A 114 15.84 11.26 3.50
N VAL A 115 16.04 10.16 4.22
CA VAL A 115 15.80 10.13 5.66
C VAL A 115 16.50 11.29 6.37
N GLY A 116 17.63 11.73 5.79
CA GLY A 116 18.37 12.83 6.38
C GLY A 116 19.55 12.35 7.21
N ASP A 117 20.07 11.17 6.87
CA ASP A 117 21.20 10.62 7.58
C ASP A 117 22.45 10.59 6.69
N LYS A 118 22.23 10.53 5.38
CA LYS A 118 23.32 10.50 4.43
C LYS A 118 24.14 9.21 4.58
N MET A 119 23.70 8.14 3.92
CA MET A 119 24.38 6.87 3.98
C MET A 119 25.31 6.69 2.78
N THR A 120 26.61 6.78 3.02
CA THR A 120 27.59 6.62 1.95
C THR A 120 28.22 5.23 1.98
N LYS A 121 29.29 5.06 1.20
CA LYS A 121 29.99 3.79 1.13
C LYS A 121 30.27 3.25 2.54
N GLU A 122 30.34 4.15 3.51
CA GLU A 122 30.60 3.77 4.89
C GLU A 122 29.43 2.96 5.46
N GLU A 123 28.25 3.56 5.45
CA GLU A 123 27.06 2.90 5.98
C GLU A 123 26.88 1.52 5.35
N VAL A 124 26.99 1.47 4.03
CA VAL A 124 26.84 0.20 3.31
C VAL A 124 28.01 -0.73 3.59
N GLU A 125 29.18 -0.15 3.81
CA GLU A 125 30.38 -0.93 4.09
C GLU A 125 30.17 -1.85 5.29
N LYS A 126 29.89 -1.25 6.44
CA LYS A 126 29.67 -2.01 7.66
C LYS A 126 28.44 -2.90 7.54
N VAL A 127 27.40 -2.36 6.89
CA VAL A 127 26.16 -3.11 6.69
C VAL A 127 26.43 -4.48 6.06
N PHE A 128 27.48 -4.55 5.25
CA PHE A 128 27.85 -5.79 4.59
C PHE A 128 28.55 -6.74 5.56
N SER A 129 29.09 -6.17 6.63
CA SER A 129 29.80 -6.96 7.63
C SER A 129 28.84 -7.54 8.66
N ILE A 130 27.72 -6.84 8.86
CA ILE A 130 26.71 -7.28 9.82
C ILE A 130 25.77 -8.30 9.19
N LEU A 131 25.26 -7.98 8.00
CA LEU A 131 24.35 -8.87 7.29
C LEU A 131 25.12 -9.88 6.44
N GLY A 132 26.35 -9.52 6.08
CA GLY A 132 27.17 -10.40 5.27
C GLY A 132 26.93 -10.22 3.78
N ILE A 133 25.84 -9.53 3.45
CA ILE A 133 25.49 -9.29 2.05
C ILE A 133 26.36 -8.17 1.46
N THR A 134 26.82 -8.38 0.23
CA THR A 134 27.64 -7.38 -0.45
C THR A 134 26.84 -6.14 -0.80
N MET A 135 27.50 -4.99 -0.78
CA MET A 135 26.84 -3.72 -1.10
C MET A 135 26.28 -3.75 -2.52
N GLU A 136 26.91 -4.52 -3.39
CA GLU A 136 26.47 -4.62 -4.78
C GLU A 136 25.15 -5.36 -4.88
N SER A 137 24.95 -6.34 -4.00
CA SER A 137 23.72 -7.13 -3.98
C SER A 137 22.57 -6.32 -3.39
N ASP A 138 21.39 -6.48 -3.97
CA ASP A 138 20.20 -5.77 -3.50
C ASP A 138 20.02 -5.94 -1.99
N ILE A 139 19.38 -4.96 -1.37
CA ILE A 139 19.14 -5.01 0.06
C ILE A 139 17.76 -5.58 0.38
N ASP A 140 17.57 -6.01 1.62
CA ASP A 140 16.31 -6.57 2.05
C ASP A 140 16.01 -6.21 3.50
N LEU A 141 14.89 -6.71 4.02
CA LEU A 141 14.50 -6.45 5.41
C LEU A 141 15.71 -6.53 6.33
N ALA A 142 16.44 -7.63 6.25
CA ALA A 142 17.63 -7.82 7.08
C ALA A 142 18.59 -6.65 6.95
N THR A 143 18.89 -6.29 5.70
CA THR A 143 19.81 -5.18 5.44
C THR A 143 19.38 -3.92 6.18
N PHE A 144 18.07 -3.67 6.22
CA PHE A 144 17.54 -2.51 6.89
C PHE A 144 17.82 -2.56 8.39
N LEU A 145 17.69 -3.75 8.97
CA LEU A 145 17.93 -3.94 10.39
C LEU A 145 19.36 -3.56 10.76
N LYS A 146 20.31 -4.05 9.98
CA LYS A 146 21.72 -3.75 10.21
C LYS A 146 22.02 -2.28 9.96
N LEU A 147 21.30 -1.69 9.01
CA LEU A 147 21.49 -0.28 8.66
C LEU A 147 21.15 0.62 9.85
N VAL A 148 19.87 0.62 10.23
CA VAL A 148 19.41 1.43 11.35
C VAL A 148 20.16 1.08 12.63
N ALA A 149 20.47 -0.19 12.78
CA ALA A 149 21.19 -0.67 13.96
C ALA A 149 22.53 0.04 14.11
N LEU A 150 23.41 -0.15 13.13
CA LEU A 150 24.73 0.48 13.15
C LEU A 150 24.61 2.00 13.26
N HIS A 151 23.60 2.55 12.60
CA HIS A 151 23.37 3.99 12.62
C HIS A 151 22.80 4.44 13.97
N HIS A 152 23.67 4.87 14.86
CA HIS A 152 23.26 5.32 16.18
C HIS A 152 23.75 6.73 16.46
N HIS A 153 25.05 6.95 16.29
CA HIS A 153 25.64 8.27 16.51
C HIS A 153 25.06 9.30 15.56
N HIS A 154 25.48 10.55 15.72
CA HIS A 154 25.00 11.64 14.88
C HIS A 154 25.95 12.84 14.94
N HIS A 155 26.27 13.38 13.78
CA HIS A 155 27.16 14.53 13.71
C HIS A 155 26.36 15.83 13.60
N HIS A 156 25.68 16.02 12.49
CA HIS A 156 24.88 17.21 12.27
C HIS A 156 25.71 18.47 12.49
CA CA B . -9.25 13.08 -18.29
CA CA C . 11.99 0.32 -4.58
N MET A 1 -19.54 20.80 14.92
CA MET A 1 -18.79 19.69 15.49
C MET A 1 -19.53 18.37 15.29
N SER A 2 -19.87 18.08 14.04
CA SER A 2 -20.58 16.85 13.71
C SER A 2 -20.19 16.35 12.32
N MET A 3 -19.33 15.34 12.29
CA MET A 3 -18.88 14.77 11.02
C MET A 3 -18.12 13.46 11.25
N GLU A 4 -18.20 12.56 10.29
CA GLU A 4 -17.53 11.27 10.38
C GLU A 4 -16.02 11.43 10.22
N ILE A 5 -15.28 11.08 11.26
CA ILE A 5 -13.82 11.19 11.23
C ILE A 5 -13.17 9.86 11.61
N GLU A 6 -12.86 9.06 10.60
CA GLU A 6 -12.23 7.76 10.83
C GLU A 6 -11.33 7.38 9.65
N ALA A 7 -10.97 8.36 8.85
CA ALA A 7 -10.12 8.13 7.68
C ALA A 7 -9.01 9.18 7.60
N PRO A 8 -7.95 8.86 6.84
CA PRO A 8 -6.81 9.75 6.66
C PRO A 8 -7.16 10.98 5.81
N ASN A 9 -6.34 12.01 5.93
CA ASN A 9 -6.57 13.25 5.18
C ASN A 9 -5.60 13.35 4.01
N ALA A 10 -4.38 12.84 4.20
CA ALA A 10 -3.37 12.88 3.16
C ALA A 10 -3.75 11.98 1.99
N ASN A 11 -4.17 10.76 2.29
CA ASN A 11 -4.57 9.81 1.26
C ASN A 11 -5.77 10.32 0.48
N THR A 12 -6.79 10.78 1.20
CA THR A 12 -8.00 11.30 0.57
C THR A 12 -7.67 12.35 -0.48
N GLN A 13 -6.61 13.11 -0.23
CA GLN A 13 -6.18 14.15 -1.15
C GLN A 13 -5.32 13.58 -2.28
N LYS A 14 -4.51 12.58 -1.94
CA LYS A 14 -3.64 11.95 -2.92
C LYS A 14 -4.44 11.49 -4.14
N ILE A 15 -5.45 10.66 -3.89
CA ILE A 15 -6.30 10.15 -4.97
C ILE A 15 -6.81 11.29 -5.85
N ARG A 16 -7.07 12.44 -5.24
CA ARG A 16 -7.57 13.60 -5.96
C ARG A 16 -6.46 14.20 -6.83
N ASP A 17 -5.23 14.17 -6.34
CA ASP A 17 -4.10 14.71 -7.08
C ASP A 17 -3.83 13.89 -8.33
N CYS A 18 -3.62 12.58 -8.15
CA CYS A 18 -3.35 11.69 -9.27
C CYS A 18 -4.50 11.69 -10.25
N PHE A 19 -5.72 11.73 -9.74
CA PHE A 19 -6.91 11.74 -10.58
C PHE A 19 -6.95 12.97 -11.48
N ASN A 20 -6.99 14.14 -10.86
CA ASN A 20 -7.03 15.40 -11.60
C ASN A 20 -5.74 15.59 -12.40
N PHE A 21 -4.68 14.88 -12.00
CA PHE A 21 -3.40 14.97 -12.67
C PHE A 21 -3.54 14.65 -14.16
N TYR A 22 -4.11 13.50 -14.46
CA TYR A 22 -4.31 13.07 -15.84
C TYR A 22 -5.64 13.56 -16.38
N ASP A 23 -6.63 13.68 -15.50
CA ASP A 23 -7.95 14.13 -15.88
C ASP A 23 -7.98 15.66 -16.04
N ARG A 24 -6.83 16.29 -15.81
CA ARG A 24 -6.72 17.73 -15.94
C ARG A 24 -7.31 18.22 -17.26
N ASP A 25 -7.23 17.36 -18.28
CA ASP A 25 -7.75 17.70 -19.59
C ASP A 25 -9.19 18.21 -19.50
N TYR A 26 -9.90 17.78 -18.47
CA TYR A 26 -11.28 18.19 -18.26
C TYR A 26 -12.20 17.51 -19.28
N ASP A 27 -11.88 16.28 -19.63
CA ASP A 27 -12.69 15.52 -20.59
C ASP A 27 -13.91 14.92 -19.92
N GLY A 28 -13.82 14.71 -18.61
CA GLY A 28 -14.93 14.14 -17.87
C GLY A 28 -15.02 12.64 -18.02
N LYS A 29 -13.90 12.03 -18.42
CA LYS A 29 -13.85 10.58 -18.60
C LYS A 29 -12.41 10.07 -18.50
N ILE A 30 -12.26 8.76 -18.36
CA ILE A 30 -10.94 8.15 -18.26
C ILE A 30 -10.65 7.26 -19.46
N ASP A 31 -9.37 7.05 -19.74
CA ASP A 31 -8.95 6.22 -20.86
C ASP A 31 -7.95 5.17 -20.41
N VAL A 32 -7.49 4.34 -21.36
CA VAL A 32 -6.52 3.29 -21.06
C VAL A 32 -5.14 3.88 -20.80
N LYS A 33 -4.83 4.97 -21.50
CA LYS A 33 -3.54 5.63 -21.34
C LYS A 33 -3.56 6.61 -20.17
N GLN A 34 -4.70 7.28 -19.99
CA GLN A 34 -4.86 8.24 -18.91
C GLN A 34 -4.65 7.58 -17.56
N LEU A 35 -5.24 6.40 -17.37
CA LEU A 35 -5.13 5.66 -16.12
C LEU A 35 -3.67 5.47 -15.75
N GLY A 36 -2.81 5.27 -16.76
CA GLY A 36 -1.41 5.07 -16.50
C GLY A 36 -0.65 6.37 -16.36
N THR A 37 -1.22 7.44 -16.91
CA THR A 37 -0.60 8.76 -16.84
C THR A 37 -0.14 9.08 -15.42
N LEU A 38 -0.97 8.74 -14.45
CA LEU A 38 -0.65 8.98 -13.05
C LEU A 38 0.42 8.01 -12.55
N ILE A 39 0.27 6.74 -12.91
CA ILE A 39 1.22 5.72 -12.50
C ILE A 39 2.66 6.17 -12.79
N ARG A 40 2.85 6.84 -13.91
CA ARG A 40 4.17 7.33 -14.30
C ARG A 40 4.47 8.67 -13.66
N SER A 41 3.42 9.48 -13.48
CA SER A 41 3.57 10.80 -12.88
C SER A 41 4.29 10.71 -11.54
N LEU A 42 3.96 9.69 -10.77
CA LEU A 42 4.58 9.49 -9.46
C LEU A 42 5.54 8.30 -9.48
N GLY A 43 5.21 7.30 -10.29
CA GLY A 43 6.04 6.12 -10.40
C GLY A 43 6.10 5.34 -9.10
N CYS A 44 5.04 5.44 -8.31
CA CYS A 44 4.98 4.73 -7.03
C CYS A 44 4.88 3.22 -7.25
N ALA A 45 5.12 2.46 -6.19
CA ALA A 45 5.06 1.01 -6.27
C ALA A 45 6.12 0.46 -7.21
N PRO A 46 6.42 -0.84 -7.08
CA PRO A 46 7.43 -1.51 -7.91
C PRO A 46 6.96 -1.67 -9.36
N THR A 47 5.78 -2.26 -9.54
CA THR A 47 5.23 -2.47 -10.87
C THR A 47 3.76 -2.07 -10.93
N GLU A 48 3.31 -1.65 -12.11
CA GLU A 48 1.92 -1.24 -12.29
C GLU A 48 0.96 -2.38 -11.94
N ASP A 49 1.49 -3.60 -11.89
CA ASP A 49 0.70 -4.77 -11.56
C ASP A 49 -0.15 -4.52 -10.32
N GLU A 50 0.40 -3.75 -9.39
CA GLU A 50 -0.30 -3.44 -8.14
C GLU A 50 -1.66 -2.79 -8.43
N VAL A 51 -1.64 -1.72 -9.21
CA VAL A 51 -2.86 -1.00 -9.55
C VAL A 51 -3.66 -1.77 -10.60
N ASN A 52 -2.96 -2.42 -11.52
CA ASN A 52 -3.60 -3.19 -12.58
C ASN A 52 -4.40 -4.35 -11.99
N SER A 53 -3.92 -4.90 -10.88
CA SER A 53 -4.59 -6.01 -10.22
C SER A 53 -5.88 -5.56 -9.56
N TYR A 54 -5.78 -4.50 -8.75
CA TYR A 54 -6.95 -3.97 -8.05
C TYR A 54 -8.07 -3.64 -9.04
N ILE A 55 -7.75 -2.83 -10.03
CA ILE A 55 -8.73 -2.44 -11.04
C ILE A 55 -9.30 -3.66 -11.75
N LYS A 56 -8.42 -4.57 -12.14
CA LYS A 56 -8.83 -5.79 -12.83
C LYS A 56 -9.83 -6.58 -11.99
N GLU A 57 -9.62 -6.57 -10.68
CA GLU A 57 -10.51 -7.29 -9.76
C GLU A 57 -11.84 -6.57 -9.61
N PHE A 58 -11.83 -5.26 -9.87
CA PHE A 58 -13.04 -4.46 -9.76
C PHE A 58 -14.20 -5.11 -10.51
N ALA A 59 -13.95 -5.51 -11.75
CA ALA A 59 -14.97 -6.15 -12.57
C ALA A 59 -14.39 -6.61 -13.91
N ILE A 60 -14.21 -5.67 -14.82
CA ILE A 60 -13.67 -5.98 -16.14
C ILE A 60 -12.77 -4.84 -16.64
N GLU A 61 -12.36 -4.94 -17.90
CA GLU A 61 -11.49 -3.93 -18.50
C GLU A 61 -12.32 -2.87 -19.21
N GLY A 62 -11.66 -2.04 -20.02
CA GLY A 62 -12.34 -0.99 -20.74
C GLY A 62 -11.38 -0.02 -21.41
N GLU A 63 -11.73 0.40 -22.62
CA GLU A 63 -10.89 1.34 -23.36
C GLU A 63 -10.95 2.74 -22.74
N THR A 64 -12.12 3.10 -22.25
CA THR A 64 -12.33 4.41 -21.63
C THR A 64 -13.71 4.52 -20.99
N PHE A 65 -13.76 5.11 -19.81
CA PHE A 65 -15.02 5.27 -19.09
C PHE A 65 -14.97 6.48 -18.17
N GLN A 66 -14.78 6.24 -16.88
CA GLN A 66 -14.70 7.30 -15.89
C GLN A 66 -14.68 6.74 -14.48
N ILE A 67 -15.27 5.57 -14.30
CA ILE A 67 -15.31 4.92 -13.00
C ILE A 67 -13.91 4.66 -12.46
N GLU A 68 -12.92 4.76 -13.35
CA GLU A 68 -11.53 4.54 -12.97
C GLU A 68 -11.20 5.27 -11.68
N GLN A 69 -11.88 6.39 -11.43
CA GLN A 69 -11.66 7.18 -10.23
C GLN A 69 -11.64 6.30 -8.99
N PHE A 70 -12.49 5.28 -8.97
CA PHE A 70 -12.56 4.36 -7.84
C PHE A 70 -11.24 3.64 -7.66
N GLU A 71 -10.60 3.26 -8.76
CA GLU A 71 -9.32 2.56 -8.71
C GLU A 71 -8.34 3.29 -7.81
N LEU A 72 -8.35 4.62 -7.89
CA LEU A 72 -7.45 5.44 -7.08
C LEU A 72 -7.88 5.44 -5.62
N ILE A 73 -9.12 5.82 -5.37
CA ILE A 73 -9.67 5.86 -4.02
C ILE A 73 -9.41 4.55 -3.29
N MET A 74 -9.44 3.44 -4.04
CA MET A 74 -9.23 2.13 -3.46
C MET A 74 -7.74 1.78 -3.48
N GLU A 75 -7.02 2.31 -4.45
CA GLU A 75 -5.58 2.05 -4.57
C GLU A 75 -4.84 2.45 -3.29
N ARG A 76 -5.14 3.65 -2.80
CA ARG A 76 -4.50 4.15 -1.58
C ARG A 76 -4.65 3.15 -0.44
N GLU A 77 -5.76 2.42 -0.44
CA GLU A 77 -6.03 1.43 0.59
C GLU A 77 -5.38 0.09 0.24
N GLN A 78 -5.55 -0.34 -1.00
CA GLN A 78 -4.99 -1.60 -1.45
C GLN A 78 -3.47 -1.62 -1.30
N SER A 79 -2.85 -0.46 -1.54
CA SER A 79 -1.40 -0.34 -1.44
C SER A 79 -0.94 -0.55 0.00
N LYS A 80 -1.82 -0.23 0.95
CA LYS A 80 -1.51 -0.38 2.37
C LYS A 80 -0.98 -1.78 2.65
N PRO A 81 -0.19 -1.90 3.72
CA PRO A 81 0.40 -3.18 4.15
C PRO A 81 -0.64 -4.14 4.69
N ASP A 82 -0.18 -5.25 5.26
CA ASP A 82 -1.08 -6.25 5.82
C ASP A 82 -0.58 -6.72 7.19
N THR A 83 -1.19 -7.78 7.70
CA THR A 83 -0.81 -8.32 9.00
C THR A 83 0.69 -8.55 9.08
N ARG A 84 1.31 -8.84 7.94
CA ARG A 84 2.74 -9.08 7.89
C ARG A 84 3.52 -7.95 8.57
N GLU A 85 2.96 -6.74 8.53
CA GLU A 85 3.60 -5.59 9.15
C GLU A 85 3.30 -5.55 10.64
N ILE A 86 2.03 -5.75 11.00
CA ILE A 86 1.62 -5.73 12.40
C ILE A 86 0.59 -6.82 12.68
N LYS A 87 0.58 -7.31 13.90
CA LYS A 87 -0.36 -8.35 14.31
C LYS A 87 -1.73 -7.76 14.59
N LEU A 88 -1.77 -6.81 15.53
CA LEU A 88 -3.03 -6.15 15.90
C LEU A 88 -3.76 -5.66 14.66
N ARG A 89 -3.02 -5.00 13.76
CA ARG A 89 -3.61 -4.47 12.54
C ARG A 89 -4.44 -5.54 11.83
N LYS A 90 -4.04 -6.80 11.96
CA LYS A 90 -4.74 -7.90 11.33
C LYS A 90 -6.19 -7.97 11.82
N ALA A 91 -6.37 -7.95 13.13
CA ALA A 91 -7.70 -8.00 13.72
C ALA A 91 -8.52 -6.77 13.35
N PHE A 92 -7.85 -5.63 13.25
CA PHE A 92 -8.51 -4.38 12.91
C PHE A 92 -8.93 -4.37 11.44
N GLU A 93 -8.10 -4.96 10.58
CA GLU A 93 -8.39 -5.02 9.16
C GLU A 93 -9.78 -5.62 8.92
N VAL A 94 -10.26 -6.40 9.88
CA VAL A 94 -11.57 -7.02 9.77
C VAL A 94 -12.69 -6.03 10.06
N PHE A 95 -12.40 -5.09 10.97
CA PHE A 95 -13.39 -4.07 11.34
C PHE A 95 -13.19 -2.80 10.52
N ASP A 96 -11.99 -2.23 10.60
CA ASP A 96 -11.66 -1.02 9.87
C ASP A 96 -10.76 -1.31 8.68
N GLN A 97 -11.35 -1.40 7.50
CA GLN A 97 -10.60 -1.68 6.28
C GLN A 97 -9.57 -0.60 6.02
N ASP A 98 -9.92 0.64 6.34
CA ASP A 98 -9.03 1.78 6.13
C ASP A 98 -7.77 1.63 6.98
N LYS A 99 -7.87 0.84 8.05
CA LYS A 99 -6.74 0.62 8.94
C LYS A 99 -5.45 0.38 8.16
N ASP A 100 -4.52 1.33 8.25
CA ASP A 100 -3.25 1.22 7.55
C ASP A 100 -2.10 1.07 8.54
N GLY A 101 -2.37 0.43 9.67
CA GLY A 101 -1.35 0.23 10.67
C GLY A 101 -1.29 1.38 11.68
N LYS A 102 -2.04 2.44 11.40
CA LYS A 102 -2.08 3.59 12.28
C LYS A 102 -3.30 4.47 11.99
N ILE A 103 -3.96 4.93 13.04
CA ILE A 103 -5.13 5.77 12.89
C ILE A 103 -5.40 6.58 14.16
N LYS A 104 -6.41 7.44 14.12
CA LYS A 104 -6.77 8.26 15.27
C LYS A 104 -7.19 7.38 16.44
N ALA A 105 -7.14 7.96 17.64
CA ALA A 105 -7.52 7.24 18.85
C ALA A 105 -8.91 6.64 18.72
N SER A 106 -9.81 7.36 18.06
CA SER A 106 -11.17 6.90 17.87
C SER A 106 -11.20 5.59 17.09
N ASP A 107 -10.66 5.61 15.88
CA ASP A 107 -10.61 4.42 15.04
C ASP A 107 -9.93 3.27 15.76
N LEU A 108 -8.92 3.60 16.56
CA LEU A 108 -8.19 2.58 17.31
C LEU A 108 -9.11 1.81 18.24
N ALA A 109 -9.76 2.52 19.15
CA ALA A 109 -10.68 1.89 20.10
C ALA A 109 -11.80 1.16 19.36
N HIS A 110 -12.14 1.65 18.18
CA HIS A 110 -13.20 1.05 17.37
C HIS A 110 -12.82 -0.38 16.95
N ASN A 111 -11.67 -0.50 16.30
CA ASN A 111 -11.19 -1.79 15.84
C ASN A 111 -10.64 -2.62 17.00
N LEU A 112 -10.24 -1.94 18.07
CA LEU A 112 -9.71 -2.60 19.24
C LEU A 112 -10.64 -3.70 19.73
N THR A 113 -11.94 -3.50 19.49
CA THR A 113 -12.94 -4.48 19.90
C THR A 113 -12.80 -5.78 19.11
N THR A 114 -12.31 -5.67 17.88
CA THR A 114 -12.14 -6.83 17.02
C THR A 114 -10.99 -7.71 17.52
N VAL A 115 -9.84 -7.08 17.76
CA VAL A 115 -8.67 -7.81 18.23
C VAL A 115 -8.87 -8.30 19.66
N GLY A 116 -9.69 -7.59 20.43
CA GLY A 116 -9.96 -7.97 21.79
C GLY A 116 -11.42 -8.30 22.04
N ASP A 117 -11.87 -8.11 23.28
CA ASP A 117 -13.26 -8.40 23.64
C ASP A 117 -14.01 -7.11 23.93
N LYS A 118 -13.31 -6.13 24.51
CA LYS A 118 -13.92 -4.85 24.84
C LYS A 118 -12.89 -3.90 25.44
N MET A 119 -12.44 -2.95 24.64
CA MET A 119 -11.44 -1.97 25.09
C MET A 119 -12.09 -0.61 25.32
N THR A 120 -12.23 -0.23 26.59
CA THR A 120 -12.84 1.05 26.94
C THR A 120 -11.77 2.07 27.32
N LYS A 121 -12.20 3.19 27.87
CA LYS A 121 -11.29 4.26 28.29
C LYS A 121 -10.14 3.69 29.10
N GLU A 122 -10.36 2.54 29.72
CA GLU A 122 -9.34 1.90 30.53
C GLU A 122 -8.19 1.39 29.67
N GLU A 123 -8.51 0.53 28.70
CA GLU A 123 -7.52 -0.02 27.81
C GLU A 123 -6.67 1.09 27.19
N VAL A 124 -7.33 2.13 26.70
CA VAL A 124 -6.64 3.26 26.08
C VAL A 124 -5.90 4.09 27.13
N GLU A 125 -6.48 4.18 28.31
CA GLU A 125 -5.87 4.94 29.40
C GLU A 125 -4.44 4.47 29.66
N LYS A 126 -4.22 3.16 29.57
CA LYS A 126 -2.91 2.59 29.80
C LYS A 126 -2.08 2.61 28.52
N VAL A 127 -2.75 2.40 27.39
CA VAL A 127 -2.07 2.40 26.09
C VAL A 127 -1.21 3.66 25.92
N PHE A 128 -1.76 4.81 26.30
CA PHE A 128 -1.05 6.07 26.18
C PHE A 128 -0.13 6.29 27.39
N SER A 129 -0.32 5.47 28.42
CA SER A 129 0.49 5.58 29.63
C SER A 129 1.86 4.95 29.43
N ILE A 130 1.89 3.82 28.73
CA ILE A 130 3.14 3.12 28.46
C ILE A 130 3.80 3.64 27.19
N LEU A 131 2.99 4.05 26.23
CA LEU A 131 3.50 4.58 24.97
C LEU A 131 4.05 5.99 25.16
N GLY A 132 3.53 6.70 26.15
CA GLY A 132 4.00 8.05 26.42
C GLY A 132 3.49 9.05 25.39
N ILE A 133 2.22 8.91 25.01
CA ILE A 133 1.62 9.82 24.03
C ILE A 133 0.37 10.47 24.59
N THR A 134 0.09 11.69 24.13
CA THR A 134 -1.08 12.43 24.59
C THR A 134 -2.36 11.79 24.08
N MET A 135 -3.39 11.81 24.92
CA MET A 135 -4.69 11.24 24.55
C MET A 135 -5.17 11.80 23.22
N GLU A 136 -4.77 13.03 22.91
CA GLU A 136 -5.17 13.68 21.67
C GLU A 136 -4.15 13.41 20.56
N SER A 137 -3.62 12.19 20.54
CA SER A 137 -2.63 11.81 19.54
C SER A 137 -2.95 10.42 18.97
N ASP A 138 -2.99 10.34 17.64
CA ASP A 138 -3.28 9.07 16.97
C ASP A 138 -2.33 7.98 17.44
N ILE A 139 -2.57 6.76 16.99
CA ILE A 139 -1.74 5.62 17.36
C ILE A 139 -0.87 5.16 16.18
N ASP A 140 0.20 4.45 16.49
CA ASP A 140 1.11 3.95 15.45
C ASP A 140 1.67 2.58 15.84
N LEU A 141 2.54 2.05 15.00
CA LEU A 141 3.16 0.76 15.25
C LEU A 141 3.59 0.63 16.71
N ALA A 142 4.31 1.63 17.20
CA ALA A 142 4.78 1.65 18.58
C ALA A 142 3.62 1.48 19.55
N THR A 143 2.53 2.18 19.30
CA THR A 143 1.36 2.11 20.15
C THR A 143 0.88 0.66 20.32
N PHE A 144 0.86 -0.08 19.22
CA PHE A 144 0.44 -1.48 19.26
C PHE A 144 1.39 -2.31 20.10
N LEU A 145 2.69 -2.00 20.02
CA LEU A 145 3.70 -2.72 20.77
C LEU A 145 3.48 -2.56 22.27
N LYS A 146 3.39 -1.32 22.72
CA LYS A 146 3.19 -1.02 24.13
C LYS A 146 1.80 -1.48 24.59
N LEU A 147 0.85 -1.47 23.67
CA LEU A 147 -0.52 -1.89 23.97
C LEU A 147 -0.60 -3.40 24.13
N VAL A 148 -0.31 -4.12 23.05
CA VAL A 148 -0.35 -5.58 23.07
C VAL A 148 0.51 -6.13 24.21
N ALA A 149 1.58 -5.42 24.53
CA ALA A 149 2.47 -5.84 25.60
C ALA A 149 1.82 -5.66 26.97
N LEU A 150 1.42 -4.43 27.27
CA LEU A 150 0.79 -4.12 28.54
C LEU A 150 -0.49 -4.94 28.74
N HIS A 151 -1.20 -5.17 27.64
CA HIS A 151 -2.44 -5.94 27.68
C HIS A 151 -2.22 -7.28 28.38
N HIS A 152 -3.26 -7.78 29.02
CA HIS A 152 -3.19 -9.06 29.72
C HIS A 152 -2.19 -8.98 30.87
N HIS A 153 -2.67 -8.51 32.03
CA HIS A 153 -1.82 -8.38 33.21
C HIS A 153 -2.66 -8.20 34.47
N HIS A 154 -3.72 -7.40 34.35
CA HIS A 154 -4.61 -7.14 35.48
C HIS A 154 -5.98 -7.79 35.25
N HIS A 155 -6.93 -7.47 36.12
CA HIS A 155 -8.28 -8.02 36.01
C HIS A 155 -9.26 -7.20 36.85
N HIS A 156 -10.47 -7.72 37.01
CA HIS A 156 -11.50 -7.04 37.78
C HIS A 156 -11.88 -5.70 37.14
CA CA B . -9.45 13.07 -18.21
CA CA C . -7.45 3.46 9.53
N MET A 1 -18.75 17.97 17.32
CA MET A 1 -19.75 16.92 17.40
C MET A 1 -19.15 15.58 16.95
N SER A 2 -19.40 14.54 17.73
CA SER A 2 -18.87 13.21 17.43
C SER A 2 -17.35 13.21 17.45
N MET A 3 -16.76 12.05 17.15
CA MET A 3 -15.31 11.91 17.14
C MET A 3 -14.90 10.52 16.68
N GLU A 4 -15.68 9.52 17.08
CA GLU A 4 -15.39 8.14 16.70
C GLU A 4 -15.83 7.86 15.27
N ILE A 5 -15.26 8.61 14.33
CA ILE A 5 -15.58 8.44 12.91
C ILE A 5 -14.36 8.64 12.04
N GLU A 6 -13.75 7.54 11.60
CA GLU A 6 -12.58 7.60 10.75
C GLU A 6 -12.81 8.51 9.55
N ALA A 7 -11.85 9.37 9.26
CA ALA A 7 -11.96 10.29 8.13
C ALA A 7 -10.59 10.72 7.64
N PRO A 8 -9.89 9.80 6.94
CA PRO A 8 -8.56 10.06 6.40
C PRO A 8 -8.58 11.06 5.25
N ASN A 9 -7.73 12.07 5.33
CA ASN A 9 -7.64 13.10 4.30
C ASN A 9 -6.39 12.93 3.45
N ALA A 10 -5.32 12.47 4.09
CA ALA A 10 -4.05 12.25 3.40
C ALA A 10 -4.24 11.41 2.14
N ASN A 11 -5.07 10.38 2.25
CA ASN A 11 -5.34 9.51 1.11
C ASN A 11 -6.46 10.07 0.24
N THR A 12 -7.58 10.41 0.88
CA THR A 12 -8.72 10.95 0.17
C THR A 12 -8.30 12.11 -0.74
N GLN A 13 -7.29 12.86 -0.31
CA GLN A 13 -6.80 13.99 -1.09
C GLN A 13 -5.95 13.52 -2.27
N LYS A 14 -5.09 12.55 -2.01
CA LYS A 14 -4.23 12.00 -3.06
C LYS A 14 -5.05 11.60 -4.29
N ILE A 15 -6.20 10.99 -4.05
CA ILE A 15 -7.06 10.55 -5.13
C ILE A 15 -7.34 11.70 -6.11
N ARG A 16 -8.00 12.74 -5.61
CA ARG A 16 -8.32 13.89 -6.44
C ARG A 16 -7.05 14.55 -6.97
N ASP A 17 -6.00 14.55 -6.16
CA ASP A 17 -4.74 15.14 -6.54
C ASP A 17 -4.23 14.56 -7.87
N CYS A 18 -4.00 13.25 -7.88
CA CYS A 18 -3.52 12.57 -9.07
C CYS A 18 -4.61 12.50 -10.13
N PHE A 19 -5.85 12.29 -9.69
CA PHE A 19 -6.98 12.21 -10.60
C PHE A 19 -7.11 13.47 -11.45
N ASN A 20 -7.39 14.59 -10.78
CA ASN A 20 -7.53 15.88 -11.46
C ASN A 20 -6.23 16.28 -12.13
N PHE A 21 -5.12 15.74 -11.64
CA PHE A 21 -3.80 16.04 -12.20
C PHE A 21 -3.79 15.84 -13.71
N TYR A 22 -4.09 14.62 -14.14
CA TYR A 22 -4.12 14.28 -15.56
C TYR A 22 -5.51 14.52 -16.14
N ASP A 23 -6.53 14.43 -15.31
CA ASP A 23 -7.90 14.62 -15.74
C ASP A 23 -8.23 16.11 -15.85
N ARG A 24 -7.24 16.95 -15.58
CA ARG A 24 -7.41 18.39 -15.66
C ARG A 24 -8.11 18.79 -16.94
N ASP A 25 -7.90 18.01 -18.00
CA ASP A 25 -8.52 18.28 -19.29
C ASP A 25 -10.01 18.55 -19.14
N TYR A 26 -10.63 17.86 -18.18
CA TYR A 26 -12.06 18.03 -17.93
C TYR A 26 -12.88 17.36 -19.03
N ASP A 27 -12.37 16.26 -19.56
CA ASP A 27 -13.05 15.52 -20.62
C ASP A 27 -14.26 14.78 -20.06
N GLY A 28 -14.22 14.48 -18.77
CA GLY A 28 -15.32 13.77 -18.14
C GLY A 28 -15.14 12.27 -18.18
N LYS A 29 -14.16 11.81 -18.96
CA LYS A 29 -13.89 10.39 -19.09
C LYS A 29 -12.44 10.08 -18.72
N ILE A 30 -12.17 8.81 -18.43
CA ILE A 30 -10.82 8.38 -18.08
C ILE A 30 -10.42 7.12 -18.84
N ASP A 31 -9.12 6.99 -19.12
CA ASP A 31 -8.62 5.83 -19.84
C ASP A 31 -7.51 5.14 -19.04
N VAL A 32 -6.95 4.08 -19.62
CA VAL A 32 -5.88 3.34 -18.96
C VAL A 32 -4.55 4.07 -19.09
N LYS A 33 -4.44 4.94 -20.07
CA LYS A 33 -3.22 5.71 -20.29
C LYS A 33 -3.18 6.94 -19.39
N GLN A 34 -4.30 7.64 -19.31
CA GLN A 34 -4.38 8.85 -18.49
C GLN A 34 -3.98 8.55 -17.05
N LEU A 35 -4.50 7.45 -16.51
CA LEU A 35 -4.19 7.05 -15.14
C LEU A 35 -2.74 6.64 -15.02
N GLY A 36 -2.23 5.93 -16.03
CA GLY A 36 -0.85 5.48 -16.01
C GLY A 36 0.13 6.63 -15.90
N THR A 37 -0.29 7.81 -16.34
CA THR A 37 0.57 8.99 -16.29
C THR A 37 1.18 9.17 -14.91
N LEU A 38 0.33 9.16 -13.89
CA LEU A 38 0.79 9.32 -12.51
C LEU A 38 1.62 8.12 -12.07
N ILE A 39 1.22 6.94 -12.52
CA ILE A 39 1.93 5.71 -12.18
C ILE A 39 3.42 5.83 -12.50
N ARG A 40 3.73 6.48 -13.61
CA ARG A 40 5.11 6.67 -14.02
C ARG A 40 5.73 7.90 -13.35
N SER A 41 4.90 8.92 -13.14
CA SER A 41 5.36 10.16 -12.51
C SER A 41 6.05 9.86 -11.19
N LEU A 42 5.37 9.13 -10.32
CA LEU A 42 5.91 8.78 -9.01
C LEU A 42 6.56 7.40 -9.05
N GLY A 43 6.01 6.51 -9.87
CA GLY A 43 6.54 5.16 -9.98
C GLY A 43 5.84 4.18 -9.06
N CYS A 44 4.56 4.42 -8.82
CA CYS A 44 3.77 3.55 -7.95
C CYS A 44 3.82 2.10 -8.45
N ALA A 45 4.25 1.20 -7.59
CA ALA A 45 4.34 -0.21 -7.93
C ALA A 45 5.34 -0.44 -9.05
N PRO A 46 5.79 -1.70 -9.20
CA PRO A 46 6.76 -2.08 -10.24
C PRO A 46 6.17 -2.00 -11.64
N THR A 47 5.01 -2.61 -11.82
CA THR A 47 4.33 -2.61 -13.12
C THR A 47 2.87 -2.22 -12.99
N GLU A 48 2.29 -1.70 -14.07
CA GLU A 48 0.89 -1.29 -14.06
C GLU A 48 -0.02 -2.46 -13.72
N ASP A 49 0.50 -3.67 -13.87
CA ASP A 49 -0.26 -4.88 -13.58
C ASP A 49 -0.82 -4.83 -12.16
N GLU A 50 -0.06 -4.23 -11.25
CA GLU A 50 -0.47 -4.12 -9.85
C GLU A 50 -1.77 -3.33 -9.73
N VAL A 51 -1.71 -2.05 -10.10
CA VAL A 51 -2.88 -1.18 -10.03
C VAL A 51 -3.99 -1.68 -10.94
N ASN A 52 -3.62 -2.16 -12.13
CA ASN A 52 -4.59 -2.67 -13.09
C ASN A 52 -5.30 -3.89 -12.53
N SER A 53 -4.57 -4.72 -11.78
CA SER A 53 -5.15 -5.92 -11.19
C SER A 53 -6.21 -5.57 -10.16
N TYR A 54 -5.93 -4.58 -9.32
CA TYR A 54 -6.87 -4.16 -8.29
C TYR A 54 -8.15 -3.60 -8.92
N ILE A 55 -8.00 -2.59 -9.76
CA ILE A 55 -9.14 -1.97 -10.43
C ILE A 55 -9.93 -3.00 -11.23
N LYS A 56 -9.21 -3.82 -11.98
CA LYS A 56 -9.85 -4.86 -12.80
C LYS A 56 -10.53 -5.89 -11.92
N GLU A 57 -9.95 -6.16 -10.76
CA GLU A 57 -10.51 -7.14 -9.83
C GLU A 57 -11.73 -6.56 -9.09
N PHE A 58 -11.79 -5.23 -9.03
CA PHE A 58 -12.89 -4.55 -8.36
C PHE A 58 -13.67 -3.68 -9.34
N ALA A 59 -13.64 -4.06 -10.62
CA ALA A 59 -14.34 -3.31 -11.65
C ALA A 59 -14.29 -4.04 -12.99
N ILE A 60 -14.23 -5.36 -12.94
CA ILE A 60 -14.17 -6.18 -14.14
C ILE A 60 -13.22 -5.58 -15.16
N GLU A 61 -13.42 -5.93 -16.43
CA GLU A 61 -12.58 -5.42 -17.50
C GLU A 61 -12.95 -3.98 -17.86
N GLY A 62 -12.35 -3.47 -18.93
CA GLY A 62 -12.62 -2.11 -19.36
C GLY A 62 -11.37 -1.37 -19.78
N GLU A 63 -11.49 -0.56 -20.83
CA GLU A 63 -10.36 0.22 -21.33
C GLU A 63 -10.45 1.67 -20.88
N THR A 64 -11.49 2.36 -21.32
CA THR A 64 -11.68 3.76 -20.95
C THR A 64 -13.17 4.10 -20.86
N PHE A 65 -13.53 4.90 -19.86
CA PHE A 65 -14.92 5.30 -19.67
C PHE A 65 -15.02 6.40 -18.62
N GLN A 66 -15.28 6.01 -17.38
CA GLN A 66 -15.41 6.95 -16.28
C GLN A 66 -15.15 6.28 -14.94
N ILE A 67 -15.60 5.04 -14.81
CA ILE A 67 -15.43 4.27 -13.58
C ILE A 67 -13.96 4.04 -13.29
N GLU A 68 -13.12 4.28 -14.29
CA GLU A 68 -11.67 4.09 -14.14
C GLU A 68 -11.18 4.72 -12.84
N GLN A 69 -11.85 5.78 -12.40
CA GLN A 69 -11.49 6.47 -11.17
C GLN A 69 -11.26 5.47 -10.04
N PHE A 70 -12.02 4.39 -10.05
CA PHE A 70 -11.90 3.36 -9.02
C PHE A 70 -10.44 2.92 -8.84
N GLU A 71 -9.70 2.93 -9.95
CA GLU A 71 -8.30 2.54 -9.92
C GLU A 71 -7.50 3.44 -8.99
N LEU A 72 -7.84 4.72 -8.97
CA LEU A 72 -7.15 5.69 -8.13
C LEU A 72 -7.50 5.47 -6.66
N ILE A 73 -8.78 5.60 -6.34
CA ILE A 73 -9.25 5.42 -4.97
C ILE A 73 -8.81 4.08 -4.41
N MET A 74 -8.62 3.10 -5.30
CA MET A 74 -8.18 1.77 -4.90
C MET A 74 -6.67 1.67 -4.88
N GLU A 75 -6.02 2.51 -5.69
CA GLU A 75 -4.56 2.51 -5.77
C GLU A 75 -3.94 2.98 -4.46
N ARG A 76 -4.65 3.86 -3.77
CA ARG A 76 -4.18 4.40 -2.50
C ARG A 76 -4.34 3.36 -1.38
N GLU A 77 -5.37 2.53 -1.51
CA GLU A 77 -5.63 1.50 -0.50
C GLU A 77 -4.83 0.24 -0.79
N GLN A 78 -4.65 -0.07 -2.07
CA GLN A 78 -3.90 -1.25 -2.48
C GLN A 78 -2.40 -0.95 -2.51
N SER A 79 -2.03 0.15 -3.13
CA SER A 79 -0.63 0.55 -3.23
C SER A 79 -0.25 1.51 -2.11
N LYS A 80 -0.86 1.33 -0.94
CA LYS A 80 -0.59 2.18 0.20
C LYS A 80 0.91 2.33 0.44
N PRO A 81 1.29 3.36 1.18
CA PRO A 81 2.70 3.63 1.50
C PRO A 81 3.29 2.61 2.45
N ASP A 82 2.55 2.28 3.50
CA ASP A 82 3.00 1.31 4.49
C ASP A 82 1.82 0.71 5.24
N THR A 83 2.00 -0.49 5.76
CA THR A 83 0.95 -1.17 6.51
C THR A 83 1.15 -1.03 8.01
N ARG A 84 2.22 -0.34 8.40
CA ARG A 84 2.53 -0.13 9.81
C ARG A 84 1.32 0.42 10.56
N GLU A 85 0.46 1.14 9.83
CA GLU A 85 -0.73 1.72 10.43
C GLU A 85 -1.72 0.64 10.85
N ILE A 86 -1.79 -0.42 10.06
CA ILE A 86 -2.69 -1.53 10.35
C ILE A 86 -1.95 -2.71 10.98
N LYS A 87 -2.64 -3.46 11.83
CA LYS A 87 -2.04 -4.61 12.47
C LYS A 87 -2.06 -5.83 11.56
N LEU A 88 -3.25 -6.21 11.11
CA LEU A 88 -3.42 -7.35 10.23
C LEU A 88 -2.68 -7.13 8.91
N ARG A 89 -3.09 -6.10 8.18
CA ARG A 89 -2.47 -5.78 6.90
C ARG A 89 -0.94 -5.80 7.01
N LYS A 90 -0.44 -5.45 8.19
CA LYS A 90 1.00 -5.44 8.43
C LYS A 90 1.64 -6.76 8.01
N ALA A 91 1.15 -7.86 8.59
CA ALA A 91 1.67 -9.18 8.28
C ALA A 91 1.08 -9.71 6.98
N PHE A 92 -0.22 -9.50 6.80
CA PHE A 92 -0.91 -9.96 5.60
C PHE A 92 -0.19 -9.49 4.34
N GLU A 93 0.12 -8.20 4.29
CA GLU A 93 0.81 -7.63 3.14
C GLU A 93 2.09 -8.40 2.83
N VAL A 94 2.64 -9.06 3.85
CA VAL A 94 3.86 -9.84 3.70
C VAL A 94 3.55 -11.21 3.11
N PHE A 95 2.37 -11.74 3.40
CA PHE A 95 1.96 -13.04 2.91
C PHE A 95 1.23 -12.91 1.57
N ASP A 96 0.17 -12.12 1.55
CA ASP A 96 -0.62 -11.92 0.35
C ASP A 96 -0.58 -10.45 -0.07
N GLN A 97 0.35 -10.13 -0.97
CA GLN A 97 0.49 -8.76 -1.46
C GLN A 97 -0.82 -8.26 -2.05
N ASP A 98 -1.62 -9.18 -2.58
CA ASP A 98 -2.90 -8.82 -3.18
C ASP A 98 -3.89 -8.38 -2.12
N LYS A 99 -3.64 -8.77 -0.87
CA LYS A 99 -4.51 -8.41 0.24
C LYS A 99 -5.00 -6.96 0.10
N ASP A 100 -6.29 -6.76 0.34
CA ASP A 100 -6.88 -5.43 0.24
C ASP A 100 -7.65 -5.09 1.52
N GLY A 101 -7.22 -5.66 2.64
CA GLY A 101 -7.87 -5.40 3.91
C GLY A 101 -9.10 -6.27 4.12
N LYS A 102 -9.49 -7.00 3.07
CA LYS A 102 -10.66 -7.87 3.14
C LYS A 102 -10.46 -9.11 2.27
N ILE A 103 -10.91 -10.25 2.77
CA ILE A 103 -10.79 -11.51 2.04
C ILE A 103 -11.68 -12.58 2.65
N LYS A 104 -11.68 -13.76 2.02
CA LYS A 104 -12.49 -14.88 2.50
C LYS A 104 -11.79 -15.60 3.65
N ALA A 105 -12.39 -16.68 4.12
CA ALA A 105 -11.81 -17.46 5.22
C ALA A 105 -10.48 -18.08 4.80
N SER A 106 -10.43 -18.59 3.58
CA SER A 106 -9.21 -19.21 3.07
C SER A 106 -8.01 -18.27 3.20
N ASP A 107 -8.11 -17.13 2.55
CA ASP A 107 -7.03 -16.13 2.58
C ASP A 107 -6.91 -15.53 3.98
N LEU A 108 -8.03 -15.43 4.69
CA LEU A 108 -8.03 -14.87 6.03
C LEU A 108 -6.98 -15.56 6.91
N ALA A 109 -7.10 -16.88 7.06
CA ALA A 109 -6.16 -17.64 7.87
C ALA A 109 -4.84 -17.83 7.13
N HIS A 110 -4.91 -17.93 5.81
CA HIS A 110 -3.70 -18.12 5.00
C HIS A 110 -2.65 -17.08 5.36
N ASN A 111 -3.08 -15.83 5.49
CA ASN A 111 -2.17 -14.74 5.83
C ASN A 111 -1.97 -14.64 7.34
N LEU A 112 -3.03 -14.96 8.09
CA LEU A 112 -2.97 -14.91 9.55
C LEU A 112 -1.75 -15.64 10.08
N THR A 113 -1.35 -16.69 9.36
CA THR A 113 -0.19 -17.49 9.76
C THR A 113 1.01 -16.60 10.05
N THR A 114 1.22 -15.59 9.21
CA THR A 114 2.33 -14.67 9.37
C THR A 114 2.13 -13.78 10.60
N VAL A 115 0.88 -13.44 10.87
CA VAL A 115 0.54 -12.59 12.01
C VAL A 115 0.82 -13.31 13.33
N GLY A 116 0.56 -14.61 13.35
CA GLY A 116 0.78 -15.39 14.56
C GLY A 116 1.18 -16.82 14.25
N ASP A 117 0.39 -17.77 14.72
CA ASP A 117 0.67 -19.18 14.49
C ASP A 117 -0.25 -19.77 13.42
N LYS A 118 -1.56 -19.60 13.62
CA LYS A 118 -2.54 -20.11 12.68
C LYS A 118 -3.95 -19.83 13.16
N MET A 119 -4.85 -19.50 12.23
CA MET A 119 -6.24 -19.20 12.57
C MET A 119 -7.09 -20.46 12.47
N THR A 120 -7.43 -21.06 13.61
CA THR A 120 -8.24 -22.26 13.64
C THR A 120 -9.67 -21.94 14.03
N LYS A 121 -10.46 -22.99 14.28
CA LYS A 121 -11.85 -22.81 14.66
C LYS A 121 -11.99 -21.81 15.79
N GLU A 122 -10.92 -21.64 16.56
CA GLU A 122 -10.92 -20.70 17.69
C GLU A 122 -11.06 -19.27 17.20
N GLU A 123 -10.12 -18.83 16.37
CA GLU A 123 -10.14 -17.48 15.83
C GLU A 123 -11.48 -17.16 15.20
N VAL A 124 -11.92 -18.04 14.29
CA VAL A 124 -13.20 -17.86 13.61
C VAL A 124 -14.36 -17.91 14.60
N GLU A 125 -14.22 -18.73 15.63
CA GLU A 125 -15.26 -18.87 16.65
C GLU A 125 -15.62 -17.52 17.24
N LYS A 126 -14.63 -16.85 17.82
CA LYS A 126 -14.84 -15.55 18.42
C LYS A 126 -15.31 -14.53 17.38
N VAL A 127 -14.75 -14.61 16.19
CA VAL A 127 -15.11 -13.70 15.11
C VAL A 127 -16.62 -13.69 14.88
N PHE A 128 -17.25 -14.84 15.06
CA PHE A 128 -18.69 -14.97 14.88
C PHE A 128 -19.44 -14.49 16.13
N SER A 129 -18.70 -14.28 17.21
CA SER A 129 -19.29 -13.82 18.47
C SER A 129 -19.43 -12.31 18.48
N ILE A 130 -18.35 -11.62 18.16
CA ILE A 130 -18.35 -10.15 18.13
C ILE A 130 -18.82 -9.63 16.78
N LEU A 131 -18.13 -10.04 15.72
CA LEU A 131 -18.48 -9.61 14.37
C LEU A 131 -19.83 -10.17 13.95
N GLY A 132 -20.23 -11.26 14.59
CA GLY A 132 -21.50 -11.88 14.26
C GLY A 132 -21.56 -12.39 12.83
N ILE A 133 -20.39 -12.76 12.30
CA ILE A 133 -20.31 -13.26 10.94
C ILE A 133 -19.98 -14.75 10.91
N THR A 134 -20.59 -15.48 9.98
CA THR A 134 -20.36 -16.90 9.85
C THR A 134 -18.93 -17.19 9.37
N MET A 135 -18.45 -18.39 9.67
CA MET A 135 -17.10 -18.78 9.28
C MET A 135 -16.98 -18.84 7.76
N GLU A 136 -18.10 -19.11 7.08
CA GLU A 136 -18.11 -19.20 5.63
C GLU A 136 -18.47 -17.85 5.02
N SER A 137 -17.97 -16.78 5.62
CA SER A 137 -18.23 -15.43 5.14
C SER A 137 -16.95 -14.61 5.08
N ASP A 138 -16.87 -13.71 4.11
CA ASP A 138 -15.69 -12.87 3.94
C ASP A 138 -15.54 -11.92 5.13
N ILE A 139 -14.29 -11.55 5.42
CA ILE A 139 -14.00 -10.66 6.53
C ILE A 139 -13.75 -9.24 6.04
N ASP A 140 -13.82 -8.28 6.96
CA ASP A 140 -13.60 -6.88 6.62
C ASP A 140 -12.91 -6.14 7.75
N LEU A 141 -12.68 -4.85 7.57
CA LEU A 141 -12.01 -4.03 8.58
C LEU A 141 -12.57 -4.33 9.97
N ALA A 142 -13.90 -4.43 10.06
CA ALA A 142 -14.55 -4.70 11.33
C ALA A 142 -14.12 -6.07 11.89
N THR A 143 -14.11 -7.07 11.02
CA THR A 143 -13.73 -8.42 11.43
C THR A 143 -12.37 -8.41 12.12
N PHE A 144 -11.44 -7.61 11.60
CA PHE A 144 -10.11 -7.51 12.17
C PHE A 144 -10.14 -6.78 13.51
N LEU A 145 -10.99 -5.76 13.61
CA LEU A 145 -11.12 -4.99 14.82
C LEU A 145 -11.49 -5.87 16.01
N LYS A 146 -12.50 -6.71 15.81
CA LYS A 146 -12.95 -7.62 16.86
C LYS A 146 -11.95 -8.75 17.07
N LEU A 147 -11.32 -9.19 15.99
CA LEU A 147 -10.33 -10.26 16.06
C LEU A 147 -9.12 -9.84 16.90
N VAL A 148 -8.47 -8.76 16.50
CA VAL A 148 -7.31 -8.26 17.23
C VAL A 148 -7.69 -7.83 18.64
N ALA A 149 -8.90 -7.29 18.78
CA ALA A 149 -9.38 -6.83 20.08
C ALA A 149 -9.42 -7.98 21.08
N LEU A 150 -10.15 -9.04 20.73
CA LEU A 150 -10.27 -10.21 21.60
C LEU A 150 -8.96 -10.98 21.67
N HIS A 151 -8.25 -11.02 20.55
CA HIS A 151 -6.97 -11.73 20.48
C HIS A 151 -7.15 -13.23 20.74
N HIS A 152 -6.16 -14.01 20.34
CA HIS A 152 -6.22 -15.46 20.52
C HIS A 152 -5.05 -15.94 21.36
N HIS A 153 -4.87 -17.26 21.44
CA HIS A 153 -3.79 -17.84 22.23
C HIS A 153 -3.34 -19.16 21.60
N HIS A 154 -2.11 -19.57 21.92
CA HIS A 154 -1.55 -20.80 21.40
C HIS A 154 -0.18 -21.09 21.99
N HIS A 155 0.17 -22.36 22.12
CA HIS A 155 1.46 -22.77 22.67
C HIS A 155 2.55 -22.69 21.61
N HIS A 156 3.68 -22.10 21.98
CA HIS A 156 4.81 -21.98 21.05
C HIS A 156 4.39 -21.23 19.79
CA CA B . -9.57 13.17 -18.29
CA CA C . -6.54 -10.80 -0.70
N MET A 1 -26.18 9.19 5.88
CA MET A 1 -25.87 7.97 5.16
C MET A 1 -24.38 7.90 4.83
N SER A 2 -23.62 7.24 5.70
CA SER A 2 -22.18 7.09 5.50
C SER A 2 -21.73 5.67 5.79
N MET A 3 -20.45 5.39 5.56
CA MET A 3 -19.89 4.07 5.80
C MET A 3 -19.35 3.95 7.21
N GLU A 4 -18.40 4.82 7.55
CA GLU A 4 -17.79 4.82 8.88
C GLU A 4 -17.84 6.21 9.49
N ILE A 5 -17.23 6.35 10.67
CA ILE A 5 -17.19 7.63 11.37
C ILE A 5 -15.76 8.15 11.49
N GLU A 6 -14.82 7.23 11.65
CA GLU A 6 -13.41 7.59 11.77
C GLU A 6 -12.58 6.97 10.66
N ALA A 7 -11.72 7.77 10.06
CA ALA A 7 -10.86 7.31 8.97
C ALA A 7 -9.93 8.41 8.49
N PRO A 8 -8.84 8.02 7.81
CA PRO A 8 -7.85 8.96 7.29
C PRO A 8 -8.40 9.79 6.13
N ASN A 9 -8.23 11.11 6.21
CA ASN A 9 -8.70 12.01 5.17
C ASN A 9 -7.54 12.54 4.34
N ALA A 10 -6.37 11.95 4.53
CA ALA A 10 -5.18 12.37 3.79
C ALA A 10 -5.17 11.78 2.38
N ASN A 11 -5.16 10.45 2.30
CA ASN A 11 -5.15 9.77 1.00
C ASN A 11 -6.37 10.17 0.18
N THR A 12 -7.50 10.35 0.85
CA THR A 12 -8.74 10.73 0.17
C THR A 12 -8.52 11.95 -0.73
N GLN A 13 -7.67 12.87 -0.28
CA GLN A 13 -7.37 14.08 -1.04
C GLN A 13 -6.30 13.82 -2.09
N LYS A 14 -5.35 12.95 -1.75
CA LYS A 14 -4.26 12.61 -2.66
C LYS A 14 -4.81 12.14 -4.00
N ILE A 15 -5.66 11.12 -3.96
CA ILE A 15 -6.25 10.57 -5.18
C ILE A 15 -6.90 11.67 -6.02
N ARG A 16 -7.44 12.68 -5.35
CA ARG A 16 -8.08 13.79 -6.03
C ARG A 16 -7.05 14.66 -6.74
N ASP A 17 -5.89 14.82 -6.12
CA ASP A 17 -4.82 15.63 -6.69
C ASP A 17 -4.27 14.98 -7.96
N CYS A 18 -3.97 13.69 -7.87
CA CYS A 18 -3.44 12.95 -9.01
C CYS A 18 -4.49 12.76 -10.09
N PHE A 19 -5.74 12.54 -9.66
CA PHE A 19 -6.84 12.35 -10.59
C PHE A 19 -7.06 13.58 -11.44
N ASN A 20 -7.43 14.69 -10.80
CA ASN A 20 -7.67 15.95 -11.49
C ASN A 20 -6.41 16.42 -12.21
N PHE A 21 -5.26 15.97 -11.74
CA PHE A 21 -3.98 16.34 -12.33
C PHE A 21 -4.01 16.13 -13.84
N TYR A 22 -4.37 14.92 -14.26
CA TYR A 22 -4.44 14.58 -15.67
C TYR A 22 -5.81 14.90 -16.25
N ASP A 23 -6.83 14.85 -15.40
CA ASP A 23 -8.20 15.14 -15.83
C ASP A 23 -8.41 16.63 -15.98
N ARG A 24 -7.36 17.41 -15.74
CA ARG A 24 -7.44 18.87 -15.84
C ARG A 24 -8.08 19.26 -17.17
N ASP A 25 -7.95 18.41 -18.18
CA ASP A 25 -8.51 18.68 -19.49
C ASP A 25 -9.98 19.08 -19.39
N TYR A 26 -10.65 18.56 -18.35
CA TYR A 26 -12.06 18.86 -18.13
C TYR A 26 -12.93 18.10 -19.13
N ASP A 27 -12.51 16.90 -19.48
CA ASP A 27 -13.25 16.07 -20.42
C ASP A 27 -14.32 15.26 -19.70
N GLY A 28 -14.05 14.91 -18.45
CA GLY A 28 -15.00 14.13 -17.67
C GLY A 28 -14.84 12.64 -17.88
N LYS A 29 -14.05 12.27 -18.88
CA LYS A 29 -13.80 10.85 -19.17
C LYS A 29 -12.40 10.44 -18.74
N ILE A 30 -12.23 9.15 -18.47
CA ILE A 30 -10.94 8.62 -18.05
C ILE A 30 -10.62 7.33 -18.77
N ASP A 31 -9.37 7.20 -19.22
CA ASP A 31 -8.93 6.00 -19.92
C ASP A 31 -7.90 5.24 -19.10
N VAL A 32 -7.38 4.16 -19.68
CA VAL A 32 -6.38 3.34 -19.00
C VAL A 32 -4.99 3.97 -19.09
N LYS A 33 -4.82 4.87 -20.06
CA LYS A 33 -3.54 5.55 -20.25
C LYS A 33 -3.42 6.74 -19.31
N GLN A 34 -4.49 7.53 -19.22
CA GLN A 34 -4.49 8.71 -18.35
C GLN A 34 -4.12 8.33 -16.92
N LEU A 35 -4.70 7.24 -16.45
CA LEU A 35 -4.44 6.77 -15.09
C LEU A 35 -3.03 6.18 -14.98
N GLY A 36 -2.56 5.59 -16.07
CA GLY A 36 -1.24 5.00 -16.07
C GLY A 36 -0.14 6.04 -15.92
N THR A 37 -0.43 7.28 -16.33
CA THR A 37 0.53 8.36 -16.25
C THR A 37 1.05 8.53 -14.83
N LEU A 38 0.12 8.69 -13.89
CA LEU A 38 0.48 8.87 -12.49
C LEU A 38 1.35 7.71 -12.00
N ILE A 39 0.75 6.52 -11.91
CA ILE A 39 1.46 5.34 -11.46
C ILE A 39 2.82 5.22 -12.15
N ARG A 40 2.89 5.71 -13.38
CA ARG A 40 4.13 5.67 -14.15
C ARG A 40 5.12 6.72 -13.66
N SER A 41 4.63 7.92 -13.43
CA SER A 41 5.48 9.02 -12.96
C SER A 41 6.17 8.65 -11.66
N LEU A 42 5.39 8.18 -10.69
CA LEU A 42 5.94 7.79 -9.39
C LEU A 42 6.58 6.41 -9.47
N GLY A 43 6.05 5.56 -10.35
CA GLY A 43 6.59 4.23 -10.51
C GLY A 43 6.13 3.29 -9.42
N CYS A 44 5.00 3.60 -8.81
CA CYS A 44 4.45 2.77 -7.74
C CYS A 44 4.36 1.31 -8.16
N ALA A 45 4.59 0.41 -7.21
CA ALA A 45 4.53 -1.02 -7.48
C ALA A 45 5.63 -1.43 -8.46
N PRO A 46 5.94 -2.73 -8.50
CA PRO A 46 6.97 -3.28 -9.39
C PRO A 46 6.56 -3.23 -10.86
N THR A 47 5.34 -3.72 -11.15
CA THR A 47 4.84 -3.74 -12.52
C THR A 47 3.41 -3.19 -12.57
N GLU A 48 3.04 -2.63 -13.72
CA GLU A 48 1.70 -2.08 -13.89
C GLU A 48 0.64 -3.15 -13.67
N ASP A 49 1.05 -4.41 -13.75
CA ASP A 49 0.13 -5.52 -13.55
C ASP A 49 -0.39 -5.56 -12.12
N GLU A 50 0.45 -5.12 -11.18
CA GLU A 50 0.07 -5.11 -9.77
C GLU A 50 -1.12 -4.19 -9.54
N VAL A 51 -0.93 -2.90 -9.82
CA VAL A 51 -2.00 -1.92 -9.64
C VAL A 51 -3.19 -2.22 -10.55
N ASN A 52 -2.89 -2.64 -11.77
CA ASN A 52 -3.92 -2.96 -12.74
C ASN A 52 -4.74 -4.17 -12.29
N SER A 53 -4.09 -5.09 -11.57
CA SER A 53 -4.76 -6.28 -11.08
C SER A 53 -5.78 -5.93 -10.00
N TYR A 54 -5.34 -5.17 -9.01
CA TYR A 54 -6.21 -4.76 -7.91
C TYR A 54 -7.38 -3.92 -8.43
N ILE A 55 -7.06 -2.80 -9.05
CA ILE A 55 -8.08 -1.91 -9.60
C ILE A 55 -9.07 -2.68 -10.47
N LYS A 56 -8.58 -3.69 -11.17
CA LYS A 56 -9.42 -4.50 -12.04
C LYS A 56 -10.29 -5.46 -11.21
N GLU A 57 -9.67 -6.13 -10.24
CA GLU A 57 -10.38 -7.06 -9.39
C GLU A 57 -11.58 -6.38 -8.72
N PHE A 58 -11.48 -5.08 -8.56
CA PHE A 58 -12.55 -4.30 -7.93
C PHE A 58 -13.91 -4.66 -8.52
N ALA A 59 -13.91 -4.96 -9.82
CA ALA A 59 -15.15 -5.32 -10.51
C ALA A 59 -14.85 -5.95 -11.86
N ILE A 60 -14.50 -5.13 -12.84
CA ILE A 60 -14.18 -5.61 -14.18
C ILE A 60 -13.16 -4.70 -14.86
N GLU A 61 -12.92 -4.96 -16.15
CA GLU A 61 -11.97 -4.17 -16.91
C GLU A 61 -12.68 -3.12 -17.75
N GLY A 62 -11.95 -2.52 -18.69
CA GLY A 62 -12.53 -1.50 -19.55
C GLY A 62 -11.48 -0.65 -20.23
N GLU A 63 -11.77 -0.22 -21.45
CA GLU A 63 -10.85 0.60 -22.22
C GLU A 63 -10.80 2.03 -21.67
N THR A 64 -11.94 2.73 -21.74
CA THR A 64 -12.03 4.09 -21.25
C THR A 64 -13.48 4.54 -21.15
N PHE A 65 -13.79 5.31 -20.12
CA PHE A 65 -15.14 5.81 -19.91
C PHE A 65 -15.17 6.89 -18.83
N GLN A 66 -15.47 6.49 -17.60
CA GLN A 66 -15.53 7.42 -16.49
C GLN A 66 -15.34 6.69 -15.15
N ILE A 67 -15.92 5.50 -15.05
CA ILE A 67 -15.81 4.70 -13.84
C ILE A 67 -14.37 4.30 -13.57
N GLU A 68 -13.52 4.42 -14.59
CA GLU A 68 -12.11 4.07 -14.45
C GLU A 68 -11.49 4.75 -13.23
N GLN A 69 -12.09 5.87 -12.82
CA GLN A 69 -11.60 6.62 -11.67
C GLN A 69 -11.36 5.68 -10.48
N PHE A 70 -12.15 4.61 -10.41
CA PHE A 70 -12.03 3.65 -9.33
C PHE A 70 -10.57 3.21 -9.15
N GLU A 71 -9.83 3.19 -10.25
CA GLU A 71 -8.43 2.79 -10.22
C GLU A 71 -7.67 3.55 -9.13
N LEU A 72 -7.61 4.87 -9.28
CA LEU A 72 -6.92 5.71 -8.32
C LEU A 72 -7.50 5.54 -6.91
N ILE A 73 -8.83 5.59 -6.81
CA ILE A 73 -9.50 5.43 -5.53
C ILE A 73 -9.02 4.18 -4.81
N MET A 74 -8.65 3.16 -5.58
CA MET A 74 -8.18 1.91 -5.02
C MET A 74 -6.66 1.92 -4.86
N GLU A 75 -5.98 2.59 -5.79
CA GLU A 75 -4.53 2.69 -5.76
C GLU A 75 -4.04 3.19 -4.39
N ARG A 76 -4.77 4.16 -3.84
CA ARG A 76 -4.41 4.72 -2.54
C ARG A 76 -4.52 3.67 -1.45
N GLU A 77 -5.42 2.72 -1.63
CA GLU A 77 -5.63 1.65 -0.66
C GLU A 77 -4.66 0.49 -0.89
N GLN A 78 -4.78 -0.14 -2.06
CA GLN A 78 -3.91 -1.26 -2.41
C GLN A 78 -2.45 -0.84 -2.41
N SER A 79 -2.15 0.24 -3.11
CA SER A 79 -0.79 0.75 -3.20
C SER A 79 -0.55 1.84 -2.15
N LYS A 80 -1.23 1.73 -1.02
CA LYS A 80 -1.09 2.70 0.06
C LYS A 80 0.38 2.93 0.40
N PRO A 81 0.67 4.09 1.01
CA PRO A 81 2.03 4.46 1.39
C PRO A 81 2.55 3.61 2.56
N ASP A 82 3.70 4.01 3.11
CA ASP A 82 4.29 3.28 4.23
C ASP A 82 4.16 4.08 5.51
N THR A 83 2.92 4.40 5.87
CA THR A 83 2.64 5.16 7.09
C THR A 83 2.20 4.24 8.22
N ARG A 84 1.47 3.19 7.88
CA ARG A 84 0.98 2.23 8.87
C ARG A 84 2.11 1.29 9.30
N GLU A 85 3.04 1.03 8.40
CA GLU A 85 4.16 0.14 8.68
C GLU A 85 5.10 0.78 9.71
N ILE A 86 5.40 2.06 9.53
CA ILE A 86 6.28 2.78 10.43
C ILE A 86 5.48 3.59 11.45
N LYS A 87 6.06 3.76 12.64
CA LYS A 87 5.40 4.52 13.70
C LYS A 87 5.59 6.02 13.49
N LEU A 88 6.85 6.43 13.36
CA LEU A 88 7.18 7.84 13.16
C LEU A 88 6.42 8.41 11.96
N ARG A 89 6.67 7.83 10.78
CA ARG A 89 6.00 8.28 9.56
C ARG A 89 4.49 8.36 9.76
N LYS A 90 3.96 7.49 10.62
CA LYS A 90 2.54 7.47 10.90
C LYS A 90 2.05 8.83 11.40
N ALA A 91 2.62 9.27 12.53
CA ALA A 91 2.25 10.55 13.12
C ALA A 91 2.53 11.70 12.15
N PHE A 92 3.64 11.59 11.42
CA PHE A 92 4.02 12.63 10.46
C PHE A 92 2.98 12.76 9.36
N GLU A 93 2.62 11.63 8.76
CA GLU A 93 1.62 11.62 7.68
C GLU A 93 0.34 12.31 8.12
N VAL A 94 0.11 12.36 9.43
CA VAL A 94 -1.08 12.99 9.99
C VAL A 94 -0.95 14.51 9.96
N PHE A 95 0.28 15.00 10.09
CA PHE A 95 0.53 16.44 10.07
C PHE A 95 0.98 16.90 8.69
N ASP A 96 2.06 16.31 8.19
CA ASP A 96 2.59 16.66 6.88
C ASP A 96 2.29 15.56 5.86
N GLN A 97 1.26 15.76 5.06
CA GLN A 97 0.87 14.79 4.05
C GLN A 97 2.01 14.54 3.07
N ASP A 98 2.77 15.59 2.78
CA ASP A 98 3.90 15.48 1.86
C ASP A 98 4.94 14.51 2.39
N LYS A 99 4.91 14.26 3.69
CA LYS A 99 5.85 13.35 4.32
C LYS A 99 6.11 12.13 3.43
N ASP A 100 7.38 11.82 3.22
CA ASP A 100 7.77 10.68 2.40
C ASP A 100 8.73 9.76 3.15
N GLY A 101 8.57 9.70 4.47
CA GLY A 101 9.44 8.85 5.28
C GLY A 101 10.75 9.54 5.64
N LYS A 102 10.98 10.70 5.04
CA LYS A 102 12.20 11.46 5.30
C LYS A 102 11.98 12.95 5.08
N ILE A 103 12.49 13.77 5.99
CA ILE A 103 12.35 15.22 5.88
C ILE A 103 13.56 15.93 6.47
N LYS A 104 13.52 17.27 6.47
CA LYS A 104 14.61 18.07 7.01
C LYS A 104 14.37 18.37 8.48
N ALA A 105 15.27 19.16 9.06
CA ALA A 105 15.16 19.53 10.47
C ALA A 105 13.88 20.32 10.74
N SER A 106 13.46 21.11 9.75
CA SER A 106 12.26 21.92 9.88
C SER A 106 11.02 21.03 10.03
N ASP A 107 10.78 20.20 9.02
CA ASP A 107 9.63 19.30 9.03
C ASP A 107 9.74 18.30 10.18
N LEU A 108 10.97 17.92 10.52
CA LEU A 108 11.20 16.98 11.60
C LEU A 108 10.40 17.35 12.84
N ALA A 109 10.59 18.57 13.32
CA ALA A 109 9.88 19.05 14.50
C ALA A 109 8.49 19.54 14.14
N HIS A 110 8.34 20.05 12.91
CA HIS A 110 7.06 20.55 12.44
C HIS A 110 5.96 19.50 12.62
N ASN A 111 6.23 18.29 12.15
CA ASN A 111 5.27 17.19 12.26
C ASN A 111 5.39 16.50 13.61
N LEU A 112 6.55 16.64 14.24
CA LEU A 112 6.80 16.01 15.54
C LEU A 112 5.66 16.29 16.50
N THR A 113 5.05 17.47 16.36
CA THR A 113 3.93 17.86 17.21
C THR A 113 2.87 16.76 17.28
N THR A 114 2.49 16.24 16.12
CA THR A 114 1.49 15.18 16.05
C THR A 114 1.96 13.94 16.79
N VAL A 115 3.24 13.61 16.66
CA VAL A 115 3.80 12.45 17.33
C VAL A 115 3.57 12.51 18.84
N GLY A 116 3.60 13.71 19.39
CA GLY A 116 3.38 13.88 20.81
C GLY A 116 4.47 13.22 21.65
N ASP A 117 5.68 13.20 21.11
CA ASP A 117 6.81 12.59 21.80
C ASP A 117 7.82 13.66 22.23
N LYS A 118 7.75 14.81 21.58
CA LYS A 118 8.66 15.92 21.90
C LYS A 118 10.09 15.57 21.51
N MET A 119 10.64 16.34 20.58
CA MET A 119 12.01 16.12 20.12
C MET A 119 12.88 17.34 20.38
N THR A 120 13.54 17.35 21.53
CA THR A 120 14.41 18.47 21.90
C THR A 120 15.88 18.12 21.67
N LYS A 121 16.76 18.98 22.19
CA LYS A 121 18.20 18.76 22.04
C LYS A 121 18.57 17.33 22.42
N GLU A 122 17.75 16.70 23.25
CA GLU A 122 17.99 15.33 23.68
C GLU A 122 17.81 14.35 22.52
N GLU A 123 16.63 14.38 21.91
CA GLU A 123 16.33 13.50 20.79
C GLU A 123 17.40 13.61 19.71
N VAL A 124 17.64 14.82 19.24
CA VAL A 124 18.64 15.06 18.20
C VAL A 124 20.02 14.64 18.67
N GLU A 125 20.30 14.85 19.95
CA GLU A 125 21.60 14.50 20.52
C GLU A 125 21.92 13.02 20.25
N LYS A 126 21.06 12.14 20.74
CA LYS A 126 21.26 10.71 20.54
C LYS A 126 21.25 10.35 19.06
N VAL A 127 20.39 11.03 18.30
CA VAL A 127 20.28 10.78 16.87
C VAL A 127 21.64 10.88 16.19
N PHE A 128 22.49 11.77 16.69
CA PHE A 128 23.81 11.97 16.13
C PHE A 128 24.78 10.90 16.65
N SER A 129 24.35 10.17 17.69
CA SER A 129 25.18 9.13 18.27
C SER A 129 25.00 7.81 17.52
N ILE A 130 23.76 7.42 17.31
CA ILE A 130 23.46 6.18 16.60
C ILE A 130 23.43 6.40 15.09
N LEU A 131 22.56 7.30 14.64
CA LEU A 131 22.44 7.61 13.22
C LEU A 131 23.70 8.27 12.69
N GLY A 132 24.46 8.89 13.60
CA GLY A 132 25.69 9.55 13.21
C GLY A 132 25.45 10.75 12.32
N ILE A 133 24.31 11.41 12.52
CA ILE A 133 23.96 12.58 11.73
C ILE A 133 23.78 13.81 12.62
N THR A 134 24.23 14.95 12.13
CA THR A 134 24.12 16.20 12.87
C THR A 134 22.68 16.66 12.96
N MET A 135 22.42 17.64 13.83
CA MET A 135 21.08 18.17 14.01
C MET A 135 20.55 18.79 12.71
N GLU A 136 21.47 19.30 11.90
CA GLU A 136 21.10 19.93 10.63
C GLU A 136 21.14 18.91 9.50
N SER A 137 20.74 17.68 9.79
CA SER A 137 20.74 16.62 8.80
C SER A 137 19.35 15.99 8.67
N ASP A 138 18.89 15.84 7.43
CA ASP A 138 17.58 15.24 7.18
C ASP A 138 17.44 13.91 7.90
N ILE A 139 16.19 13.51 8.15
CA ILE A 139 15.92 12.25 8.84
C ILE A 139 15.34 11.22 7.88
N ASP A 140 15.52 9.95 8.21
CA ASP A 140 15.02 8.86 7.38
C ASP A 140 14.56 7.68 8.25
N LEU A 141 14.10 6.62 7.59
CA LEU A 141 13.63 5.44 8.30
C LEU A 141 14.59 5.06 9.42
N ALA A 142 15.88 5.03 9.12
CA ALA A 142 16.89 4.70 10.11
C ALA A 142 16.83 5.64 11.31
N THR A 143 16.71 6.94 11.03
CA THR A 143 16.64 7.94 12.08
C THR A 143 15.54 7.60 13.10
N PHE A 144 14.39 7.18 12.59
CA PHE A 144 13.27 6.83 13.46
C PHE A 144 13.59 5.57 14.26
N LEU A 145 14.33 4.65 13.65
CA LEU A 145 14.70 3.40 14.31
C LEU A 145 15.53 3.68 15.56
N LYS A 146 16.57 4.48 15.40
CA LYS A 146 17.46 4.83 16.51
C LYS A 146 16.74 5.74 17.51
N LEU A 147 15.86 6.58 17.00
CA LEU A 147 15.11 7.52 17.84
C LEU A 147 14.12 6.76 18.73
N VAL A 148 13.21 6.03 18.10
CA VAL A 148 12.21 5.27 18.83
C VAL A 148 12.87 4.23 19.74
N ALA A 149 14.01 3.72 19.31
CA ALA A 149 14.74 2.72 20.09
C ALA A 149 15.27 3.32 21.39
N LEU A 150 16.14 4.33 21.27
CA LEU A 150 16.71 4.98 22.43
C LEU A 150 15.62 5.61 23.30
N HIS A 151 14.61 6.19 22.65
CA HIS A 151 13.51 6.82 23.36
C HIS A 151 12.90 5.86 24.37
N HIS A 152 12.93 6.23 25.65
CA HIS A 152 12.38 5.40 26.71
C HIS A 152 12.51 6.09 28.06
N HIS A 153 11.37 6.37 28.69
CA HIS A 153 11.36 7.03 29.99
C HIS A 153 11.97 8.42 29.90
N HIS A 154 11.10 9.44 29.84
CA HIS A 154 11.56 10.83 29.75
C HIS A 154 10.63 11.75 30.52
N HIS A 155 10.34 11.38 31.77
CA HIS A 155 9.45 12.19 32.61
C HIS A 155 8.02 12.14 32.10
N HIS A 156 7.76 12.88 31.02
CA HIS A 156 6.43 12.93 30.44
C HIS A 156 5.38 13.28 31.48
CA CA B . -9.42 13.45 -18.32
CA CA C . 7.94 15.89 4.05
N MET A 1 -27.52 19.32 6.87
CA MET A 1 -27.52 18.22 7.83
C MET A 1 -28.02 16.93 7.19
N SER A 2 -27.15 15.92 7.16
CA SER A 2 -27.50 14.63 6.58
C SER A 2 -26.39 13.62 6.80
N MET A 3 -26.73 12.33 6.71
CA MET A 3 -25.77 11.26 6.90
C MET A 3 -24.62 11.38 5.89
N GLU A 4 -23.60 10.54 6.05
CA GLU A 4 -22.45 10.55 5.16
C GLU A 4 -21.45 9.47 5.56
N ILE A 5 -20.27 9.52 4.93
CA ILE A 5 -19.22 8.54 5.23
C ILE A 5 -17.86 9.21 5.29
N GLU A 6 -17.42 9.52 6.52
CA GLU A 6 -16.13 10.16 6.73
C GLU A 6 -15.01 9.36 6.07
N ALA A 7 -13.80 9.90 6.10
CA ALA A 7 -12.65 9.23 5.52
C ALA A 7 -11.36 10.04 5.73
N PRO A 8 -10.22 9.37 5.61
CA PRO A 8 -8.91 10.02 5.79
C PRO A 8 -8.58 10.99 4.66
N ASN A 9 -8.11 12.18 5.02
CA ASN A 9 -7.75 13.20 4.05
C ASN A 9 -6.29 13.07 3.63
N ALA A 10 -5.66 11.97 4.04
CA ALA A 10 -4.26 11.74 3.71
C ALA A 10 -4.10 11.20 2.30
N ASN A 11 -4.69 10.03 2.05
CA ASN A 11 -4.61 9.41 0.73
C ASN A 11 -5.71 9.94 -0.19
N THR A 12 -6.91 10.10 0.36
CA THR A 12 -8.04 10.61 -0.41
C THR A 12 -7.70 11.90 -1.13
N GLN A 13 -6.85 12.71 -0.49
CA GLN A 13 -6.44 13.99 -1.08
C GLN A 13 -5.38 13.77 -2.16
N LYS A 14 -4.36 12.98 -1.82
CA LYS A 14 -3.28 12.69 -2.76
C LYS A 14 -3.83 12.16 -4.08
N ILE A 15 -4.55 11.05 -4.01
CA ILE A 15 -5.13 10.44 -5.20
C ILE A 15 -5.93 11.47 -6.01
N ARG A 16 -6.60 12.38 -5.30
CA ARG A 16 -7.38 13.41 -5.95
C ARG A 16 -6.50 14.33 -6.79
N ASP A 17 -5.46 14.87 -6.17
CA ASP A 17 -4.53 15.77 -6.86
C ASP A 17 -3.96 15.09 -8.10
N CYS A 18 -3.58 13.82 -7.97
CA CYS A 18 -3.01 13.08 -9.08
C CYS A 18 -4.05 12.86 -10.17
N PHE A 19 -5.27 12.52 -9.78
CA PHE A 19 -6.35 12.29 -10.72
C PHE A 19 -6.62 13.54 -11.56
N ASN A 20 -7.07 14.60 -10.90
CA ASN A 20 -7.36 15.86 -11.58
C ASN A 20 -6.15 16.35 -12.38
N PHE A 21 -4.96 15.93 -11.95
CA PHE A 21 -3.73 16.33 -12.62
C PHE A 21 -3.83 16.10 -14.13
N TYR A 22 -4.14 14.87 -14.51
CA TYR A 22 -4.27 14.52 -15.93
C TYR A 22 -5.70 14.74 -16.41
N ASP A 23 -6.64 14.70 -15.48
CA ASP A 23 -8.05 14.89 -15.81
C ASP A 23 -8.36 16.38 -16.02
N ARG A 24 -7.35 17.21 -15.89
CA ARG A 24 -7.51 18.64 -16.06
C ARG A 24 -8.23 18.96 -17.37
N ASP A 25 -8.12 18.05 -18.33
CA ASP A 25 -8.77 18.23 -19.63
C ASP A 25 -10.26 18.50 -19.46
N TYR A 26 -10.83 18.00 -18.37
CA TYR A 26 -12.24 18.18 -18.09
C TYR A 26 -13.09 17.46 -19.13
N ASP A 27 -12.56 16.38 -19.68
CA ASP A 27 -13.28 15.60 -20.68
C ASP A 27 -14.52 14.94 -20.09
N GLY A 28 -14.51 14.76 -18.77
CA GLY A 28 -15.64 14.15 -18.10
C GLY A 28 -15.55 12.64 -18.07
N LYS A 29 -14.61 12.08 -18.84
CA LYS A 29 -14.43 10.64 -18.90
C LYS A 29 -12.99 10.26 -18.56
N ILE A 30 -12.77 8.97 -18.32
CA ILE A 30 -11.43 8.48 -17.98
C ILE A 30 -11.02 7.34 -18.90
N ASP A 31 -9.71 7.12 -19.01
CA ASP A 31 -9.19 6.05 -19.85
C ASP A 31 -8.20 5.19 -19.08
N VAL A 32 -7.75 4.10 -19.71
CA VAL A 32 -6.81 3.19 -19.07
C VAL A 32 -5.39 3.75 -19.12
N LYS A 33 -5.18 4.76 -19.96
CA LYS A 33 -3.88 5.38 -20.10
C LYS A 33 -3.72 6.54 -19.12
N GLN A 34 -4.79 7.32 -18.95
CA GLN A 34 -4.78 8.46 -18.05
C GLN A 34 -4.33 8.04 -16.65
N LEU A 35 -4.87 6.91 -16.18
CA LEU A 35 -4.55 6.39 -14.85
C LEU A 35 -3.06 6.05 -14.76
N GLY A 36 -2.49 5.59 -15.87
CA GLY A 36 -1.09 5.23 -15.89
C GLY A 36 -0.18 6.43 -15.75
N THR A 37 -0.67 7.59 -16.18
CA THR A 37 0.11 8.81 -16.10
C THR A 37 0.62 9.06 -14.69
N LEU A 38 -0.29 9.09 -13.73
CA LEU A 38 0.06 9.32 -12.33
C LEU A 38 0.94 8.18 -11.81
N ILE A 39 0.61 6.95 -12.20
CA ILE A 39 1.37 5.78 -11.78
C ILE A 39 2.85 5.95 -12.10
N ARG A 40 3.14 6.58 -13.24
CA ARG A 40 4.52 6.79 -13.66
C ARG A 40 5.08 8.07 -13.05
N SER A 41 4.20 9.04 -12.80
CA SER A 41 4.61 10.31 -12.22
C SER A 41 5.30 10.10 -10.88
N LEU A 42 4.75 9.20 -10.07
CA LEU A 42 5.32 8.90 -8.76
C LEU A 42 6.02 7.55 -8.76
N GLY A 43 5.51 6.62 -9.57
CA GLY A 43 6.11 5.30 -9.65
C GLY A 43 5.90 4.50 -8.39
N CYS A 44 4.74 4.66 -7.76
CA CYS A 44 4.42 3.93 -6.54
C CYS A 44 4.72 2.44 -6.69
N ALA A 45 3.90 1.76 -7.49
CA ALA A 45 4.09 0.33 -7.71
C ALA A 45 5.24 0.07 -8.68
N PRO A 46 5.76 -1.16 -8.66
CA PRO A 46 6.87 -1.57 -9.52
C PRO A 46 6.46 -1.67 -10.99
N THR A 47 5.37 -2.39 -11.24
CA THR A 47 4.87 -2.55 -12.60
C THR A 47 3.37 -2.30 -12.68
N GLU A 48 2.87 -2.04 -13.88
CA GLU A 48 1.45 -1.79 -14.08
C GLU A 48 0.61 -2.98 -13.62
N ASP A 49 1.25 -4.14 -13.51
CA ASP A 49 0.57 -5.35 -13.08
C ASP A 49 -0.18 -5.11 -11.78
N GLU A 50 0.40 -4.29 -10.90
CA GLU A 50 -0.22 -3.99 -9.61
C GLU A 50 -1.50 -3.18 -9.80
N VAL A 51 -1.37 -1.98 -10.35
CA VAL A 51 -2.51 -1.11 -10.59
C VAL A 51 -3.58 -1.81 -11.41
N ASN A 52 -3.13 -2.56 -12.42
CA ASN A 52 -4.05 -3.30 -13.28
C ASN A 52 -4.70 -4.45 -12.54
N SER A 53 -3.94 -5.06 -11.64
CA SER A 53 -4.43 -6.20 -10.86
C SER A 53 -5.73 -5.84 -10.16
N TYR A 54 -5.70 -4.75 -9.40
CA TYR A 54 -6.88 -4.29 -8.66
C TYR A 54 -7.94 -3.77 -9.62
N ILE A 55 -7.56 -2.81 -10.47
CA ILE A 55 -8.47 -2.22 -11.43
C ILE A 55 -9.20 -3.30 -12.23
N LYS A 56 -8.54 -4.43 -12.42
CA LYS A 56 -9.13 -5.54 -13.16
C LYS A 56 -10.08 -6.34 -12.28
N GLU A 57 -9.65 -6.63 -11.05
CA GLU A 57 -10.46 -7.39 -10.11
C GLU A 57 -11.86 -6.77 -9.98
N PHE A 58 -11.92 -5.46 -10.08
CA PHE A 58 -13.19 -4.74 -9.97
C PHE A 58 -13.61 -4.15 -11.32
N ALA A 59 -13.15 -4.77 -12.39
CA ALA A 59 -13.47 -4.31 -13.74
C ALA A 59 -12.91 -5.25 -14.80
N ILE A 60 -13.60 -6.38 -15.00
CA ILE A 60 -13.17 -7.36 -15.99
C ILE A 60 -12.85 -6.70 -17.33
N GLU A 61 -13.90 -6.36 -18.07
CA GLU A 61 -13.73 -5.72 -19.38
C GLU A 61 -13.98 -4.22 -19.28
N GLY A 62 -13.23 -3.45 -20.05
CA GLY A 62 -13.38 -2.01 -20.04
C GLY A 62 -12.09 -1.29 -20.39
N GLU A 63 -12.19 -0.27 -21.25
CA GLU A 63 -11.02 0.50 -21.67
C GLU A 63 -11.10 1.93 -21.13
N THR A 64 -12.11 2.66 -21.56
CA THR A 64 -12.29 4.04 -21.12
C THR A 64 -13.77 4.35 -20.91
N PHE A 65 -14.07 5.11 -19.86
CA PHE A 65 -15.44 5.48 -19.54
C PHE A 65 -15.47 6.59 -18.49
N GLN A 66 -15.51 6.18 -17.22
CA GLN A 66 -15.55 7.14 -16.11
C GLN A 66 -15.23 6.45 -14.80
N ILE A 67 -15.72 5.23 -14.63
CA ILE A 67 -15.48 4.46 -13.42
C ILE A 67 -14.00 4.14 -13.25
N GLU A 68 -13.24 4.31 -14.32
CA GLU A 68 -11.80 4.05 -14.30
C GLU A 68 -11.14 4.73 -13.10
N GLN A 69 -11.75 5.81 -12.63
CA GLN A 69 -11.22 6.56 -11.50
C GLN A 69 -10.92 5.63 -10.33
N PHE A 70 -11.67 4.53 -10.25
CA PHE A 70 -11.48 3.56 -9.18
C PHE A 70 -10.03 3.10 -9.10
N GLU A 71 -9.32 3.23 -10.22
CA GLU A 71 -7.92 2.82 -10.28
C GLU A 71 -7.13 3.43 -9.13
N LEU A 72 -7.05 4.75 -9.11
CA LEU A 72 -6.32 5.46 -8.06
C LEU A 72 -7.07 5.40 -6.73
N ILE A 73 -8.39 5.61 -6.79
CA ILE A 73 -9.23 5.57 -5.60
C ILE A 73 -8.99 4.30 -4.80
N MET A 74 -8.77 3.19 -5.50
CA MET A 74 -8.52 1.91 -4.86
C MET A 74 -7.03 1.67 -4.69
N GLU A 75 -6.23 2.21 -5.61
CA GLU A 75 -4.78 2.05 -5.55
C GLU A 75 -4.24 2.44 -4.19
N ARG A 76 -4.77 3.53 -3.64
CA ARG A 76 -4.34 4.02 -2.33
C ARG A 76 -4.64 2.99 -1.24
N GLU A 77 -5.68 2.20 -1.46
CA GLU A 77 -6.07 1.18 -0.50
C GLU A 77 -5.28 -0.12 -0.71
N GLN A 78 -5.26 -0.59 -1.95
CA GLN A 78 -4.54 -1.81 -2.29
C GLN A 78 -3.04 -1.65 -2.04
N SER A 79 -2.53 -0.45 -2.25
CA SER A 79 -1.12 -0.16 -2.05
C SER A 79 -0.90 0.67 -0.79
N LYS A 80 -1.82 0.53 0.16
CA LYS A 80 -1.74 1.26 1.42
C LYS A 80 -0.36 1.09 2.04
N PRO A 81 0.03 2.07 2.89
CA PRO A 81 1.33 2.05 3.57
C PRO A 81 1.41 0.96 4.63
N ASP A 82 2.57 0.87 5.29
CA ASP A 82 2.78 -0.13 6.33
C ASP A 82 1.89 0.13 7.53
N THR A 83 1.57 -0.92 8.28
CA THR A 83 0.73 -0.80 9.46
C THR A 83 1.56 -0.76 10.74
N ARG A 84 2.80 -1.23 10.64
CA ARG A 84 3.70 -1.25 11.79
C ARG A 84 3.82 0.14 12.41
N GLU A 85 3.52 1.16 11.62
CA GLU A 85 3.59 2.53 12.09
C GLU A 85 2.54 2.80 13.17
N ILE A 86 1.39 2.15 13.03
CA ILE A 86 0.30 2.31 13.99
C ILE A 86 0.03 1.01 14.74
N LYS A 87 -0.43 1.13 15.99
CA LYS A 87 -0.73 -0.03 16.80
C LYS A 87 -2.11 -0.60 16.46
N LEU A 88 -3.12 0.25 16.53
CA LEU A 88 -4.48 -0.16 16.22
C LEU A 88 -4.55 -0.87 14.87
N ARG A 89 -3.89 -0.28 13.87
CA ARG A 89 -3.87 -0.86 12.53
C ARG A 89 -3.51 -2.34 12.58
N LYS A 90 -2.65 -2.71 13.53
CA LYS A 90 -2.22 -4.08 13.68
C LYS A 90 -3.42 -5.02 13.74
N ALA A 91 -4.27 -4.82 14.72
CA ALA A 91 -5.46 -5.65 14.88
C ALA A 91 -6.56 -5.25 13.91
N PHE A 92 -6.71 -3.94 13.70
CA PHE A 92 -7.72 -3.43 12.79
C PHE A 92 -7.60 -4.09 11.41
N GLU A 93 -6.39 -4.13 10.88
CA GLU A 93 -6.15 -4.73 9.58
C GLU A 93 -6.70 -6.16 9.53
N VAL A 94 -6.83 -6.77 10.70
CA VAL A 94 -7.35 -8.13 10.79
C VAL A 94 -8.87 -8.16 10.67
N PHE A 95 -9.51 -7.09 11.14
CA PHE A 95 -10.96 -6.98 11.08
C PHE A 95 -11.40 -6.21 9.84
N ASP A 96 -10.91 -4.97 9.72
CA ASP A 96 -11.26 -4.12 8.58
C ASP A 96 -10.01 -3.76 7.79
N GLN A 97 -9.72 -4.54 6.74
CA GLN A 97 -8.56 -4.29 5.91
C GLN A 97 -8.55 -2.85 5.38
N ASP A 98 -9.74 -2.33 5.11
CA ASP A 98 -9.89 -0.98 4.60
C ASP A 98 -9.26 0.03 5.57
N LYS A 99 -9.11 -0.37 6.82
CA LYS A 99 -8.54 0.49 7.85
C LYS A 99 -7.36 1.28 7.28
N ASP A 100 -7.45 2.60 7.40
CA ASP A 100 -6.39 3.48 6.90
C ASP A 100 -5.92 4.45 7.99
N GLY A 101 -6.04 4.01 9.25
CA GLY A 101 -5.63 4.85 10.36
C GLY A 101 -6.72 5.82 10.78
N LYS A 102 -7.78 5.89 9.99
CA LYS A 102 -8.89 6.79 10.29
C LYS A 102 -10.21 6.18 9.83
N ILE A 103 -11.24 6.29 10.66
CA ILE A 103 -12.56 5.75 10.33
C ILE A 103 -13.62 6.31 11.27
N LYS A 104 -14.87 5.95 11.01
CA LYS A 104 -15.99 6.41 11.84
C LYS A 104 -16.12 5.56 13.11
N ALA A 105 -16.92 6.04 14.05
CA ALA A 105 -17.12 5.33 15.31
C ALA A 105 -17.52 3.87 15.05
N SER A 106 -18.41 3.67 14.08
CA SER A 106 -18.88 2.33 13.74
C SER A 106 -17.70 1.38 13.51
N ASP A 107 -16.86 1.73 12.55
CA ASP A 107 -15.70 0.91 12.22
C ASP A 107 -14.76 0.79 13.42
N LEU A 108 -14.60 1.90 14.14
CA LEU A 108 -13.74 1.91 15.31
C LEU A 108 -14.11 0.80 16.29
N ALA A 109 -15.34 0.82 16.76
CA ALA A 109 -15.83 -0.19 17.70
C ALA A 109 -15.82 -1.58 17.05
N HIS A 110 -16.05 -1.62 15.74
CA HIS A 110 -16.07 -2.88 15.01
C HIS A 110 -14.72 -3.58 15.11
N ASN A 111 -13.65 -2.84 14.80
CA ASN A 111 -12.30 -3.40 14.85
C ASN A 111 -11.80 -3.48 16.28
N LEU A 112 -12.26 -2.55 17.12
CA LEU A 112 -11.86 -2.52 18.52
C LEU A 112 -12.02 -3.90 19.17
N THR A 113 -13.17 -4.52 18.94
CA THR A 113 -13.44 -5.84 19.50
C THR A 113 -12.29 -6.80 19.23
N THR A 114 -11.76 -6.75 18.01
CA THR A 114 -10.66 -7.62 17.62
C THR A 114 -9.36 -7.20 18.31
N VAL A 115 -9.20 -5.91 18.53
CA VAL A 115 -8.01 -5.38 19.18
C VAL A 115 -8.00 -5.72 20.66
N GLY A 116 -9.18 -5.73 21.27
CA GLY A 116 -9.29 -6.04 22.68
C GLY A 116 -10.25 -7.18 22.95
N ASP A 117 -10.92 -7.13 24.10
CA ASP A 117 -11.88 -8.16 24.47
C ASP A 117 -13.30 -7.70 24.23
N LYS A 118 -13.55 -6.41 24.44
CA LYS A 118 -14.88 -5.84 24.25
C LYS A 118 -14.88 -4.34 24.54
N MET A 119 -15.37 -3.55 23.60
CA MET A 119 -15.42 -2.11 23.77
C MET A 119 -16.86 -1.60 23.68
N THR A 120 -17.48 -1.41 24.84
CA THR A 120 -18.86 -0.93 24.90
C THR A 120 -18.92 0.56 25.23
N LYS A 121 -20.12 1.06 25.50
CA LYS A 121 -20.31 2.46 25.84
C LYS A 121 -19.31 2.90 26.90
N GLU A 122 -18.85 1.95 27.71
CA GLU A 122 -17.90 2.25 28.77
C GLU A 122 -16.58 2.76 28.19
N GLU A 123 -16.00 1.98 27.28
CA GLU A 123 -14.74 2.36 26.64
C GLU A 123 -14.88 3.68 25.90
N VAL A 124 -15.76 3.70 24.91
CA VAL A 124 -15.99 4.90 24.11
C VAL A 124 -16.24 6.11 25.00
N GLU A 125 -16.91 5.89 26.13
CA GLU A 125 -17.21 6.97 27.07
C GLU A 125 -15.93 7.64 27.54
N LYS A 126 -15.06 6.86 28.18
CA LYS A 126 -13.79 7.38 28.69
C LYS A 126 -12.89 7.84 27.54
N VAL A 127 -12.90 7.08 26.46
CA VAL A 127 -12.08 7.40 25.29
C VAL A 127 -12.26 8.86 24.89
N PHE A 128 -13.52 9.31 24.84
CA PHE A 128 -13.83 10.68 24.46
C PHE A 128 -13.33 11.66 25.52
N SER A 129 -13.09 11.15 26.73
CA SER A 129 -12.61 11.98 27.83
C SER A 129 -11.11 12.21 27.72
N ILE A 130 -10.43 11.30 27.02
CA ILE A 130 -8.98 11.41 26.85
C ILE A 130 -8.64 12.32 25.67
N LEU A 131 -9.09 11.94 24.47
CA LEU A 131 -8.83 12.73 23.28
C LEU A 131 -9.70 13.97 23.24
N GLY A 132 -10.82 13.93 23.98
CA GLY A 132 -11.72 15.07 24.02
C GLY A 132 -12.47 15.26 22.71
N ILE A 133 -12.85 14.17 22.08
CA ILE A 133 -13.57 14.21 20.81
C ILE A 133 -14.86 13.41 20.89
N THR A 134 -15.90 13.90 20.22
CA THR A 134 -17.18 13.22 20.20
C THR A 134 -17.10 11.89 19.45
N MET A 135 -17.70 10.85 20.02
CA MET A 135 -17.70 9.53 19.40
C MET A 135 -18.40 9.57 18.05
N GLU A 136 -19.28 10.54 17.86
CA GLU A 136 -20.01 10.68 16.61
C GLU A 136 -19.07 11.08 15.47
N SER A 137 -18.05 11.86 15.81
CA SER A 137 -17.08 12.32 14.81
C SER A 137 -16.04 11.24 14.54
N ASP A 138 -15.66 11.11 13.27
CA ASP A 138 -14.66 10.11 12.88
C ASP A 138 -13.40 10.24 13.74
N ILE A 139 -12.67 9.14 13.86
CA ILE A 139 -11.44 9.12 14.66
C ILE A 139 -10.21 9.37 13.79
N ASP A 140 -9.12 9.75 14.42
CA ASP A 140 -7.87 10.03 13.71
C ASP A 140 -6.67 9.62 14.55
N LEU A 141 -5.47 9.85 14.00
CA LEU A 141 -4.24 9.50 14.70
C LEU A 141 -4.32 9.89 16.17
N ALA A 142 -4.83 11.09 16.44
CA ALA A 142 -4.96 11.58 17.80
C ALA A 142 -5.88 10.68 18.62
N THR A 143 -7.04 10.36 18.06
CA THR A 143 -8.01 9.51 18.75
C THR A 143 -7.37 8.20 19.19
N PHE A 144 -6.48 7.66 18.35
CA PHE A 144 -5.80 6.42 18.65
C PHE A 144 -4.81 6.61 19.80
N LEU A 145 -4.00 7.65 19.72
CA LEU A 145 -3.01 7.94 20.74
C LEU A 145 -3.65 7.96 22.13
N LYS A 146 -4.82 8.57 22.23
CA LYS A 146 -5.53 8.65 23.50
C LYS A 146 -6.26 7.35 23.79
N LEU A 147 -6.98 6.84 22.80
CA LEU A 147 -7.72 5.59 22.95
C LEU A 147 -6.83 4.49 23.50
N VAL A 148 -5.64 4.36 22.93
CA VAL A 148 -4.69 3.34 23.36
C VAL A 148 -4.00 3.76 24.65
N ALA A 149 -3.80 5.05 24.82
CA ALA A 149 -3.15 5.58 26.03
C ALA A 149 -3.89 5.13 27.28
N LEU A 150 -5.20 4.93 27.16
CA LEU A 150 -6.01 4.49 28.29
C LEU A 150 -5.38 3.29 28.99
N HIS A 151 -5.25 2.19 28.26
CA HIS A 151 -4.66 0.98 28.81
C HIS A 151 -4.41 -0.06 27.70
N HIS A 152 -3.92 -1.23 28.10
CA HIS A 152 -3.66 -2.30 27.15
C HIS A 152 -3.76 -3.66 27.82
N HIS A 153 -3.34 -4.71 27.10
CA HIS A 153 -3.39 -6.05 27.63
C HIS A 153 -4.83 -6.49 27.91
N HIS A 154 -5.45 -7.12 26.91
CA HIS A 154 -6.83 -7.58 27.05
C HIS A 154 -7.29 -8.30 25.78
N HIS A 155 -7.39 -9.61 25.86
CA HIS A 155 -7.82 -10.42 24.73
C HIS A 155 -9.02 -11.29 25.09
N HIS A 156 -9.75 -11.74 24.07
CA HIS A 156 -10.92 -12.58 24.30
C HIS A 156 -10.73 -13.96 23.65
CA CA B . -9.84 13.18 -18.21
CA CA C . -11.50 1.78 7.50
N MET A 1 -1.06 30.25 3.76
CA MET A 1 -1.43 29.57 2.52
C MET A 1 -0.52 28.38 2.26
N SER A 2 -0.70 27.31 3.04
CA SER A 2 0.11 26.11 2.89
C SER A 2 -0.44 24.97 3.76
N MET A 3 -0.39 25.17 5.08
CA MET A 3 -0.89 24.17 6.01
C MET A 3 -0.08 22.88 5.90
N GLU A 4 -0.25 22.00 6.88
CA GLU A 4 0.47 20.72 6.90
C GLU A 4 -0.10 19.80 7.96
N ILE A 5 -0.45 18.58 7.55
CA ILE A 5 -1.01 17.60 8.47
C ILE A 5 -0.72 16.18 7.99
N GLU A 6 0.53 15.76 8.14
CA GLU A 6 0.95 14.42 7.72
C GLU A 6 0.04 13.37 8.33
N ALA A 7 -0.40 12.42 7.50
CA ALA A 7 -1.27 11.35 7.96
C ALA A 7 -1.60 10.39 6.82
N PRO A 8 -2.04 9.17 7.18
CA PRO A 8 -2.39 8.14 6.20
C PRO A 8 -3.67 8.48 5.42
N ASN A 9 -4.66 9.01 6.13
CA ASN A 9 -5.93 9.37 5.51
C ASN A 9 -5.69 10.31 4.32
N ALA A 10 -4.66 11.14 4.42
CA ALA A 10 -4.33 12.08 3.36
C ALA A 10 -4.23 11.38 2.01
N ASN A 11 -3.72 10.15 2.03
CA ASN A 11 -3.58 9.36 0.80
C ASN A 11 -4.89 9.32 0.03
N THR A 12 -5.94 8.80 0.67
CA THR A 12 -7.24 8.70 0.05
C THR A 12 -7.68 10.04 -0.54
N GLN A 13 -7.22 11.12 0.08
CA GLN A 13 -7.57 12.46 -0.38
C GLN A 13 -6.70 12.87 -1.57
N LYS A 14 -5.47 12.39 -1.59
CA LYS A 14 -4.55 12.69 -2.67
C LYS A 14 -5.13 12.30 -4.02
N ILE A 15 -6.10 11.39 -3.99
CA ILE A 15 -6.74 10.92 -5.22
C ILE A 15 -7.17 12.09 -6.10
N ARG A 16 -7.59 13.18 -5.46
CA ARG A 16 -8.01 14.37 -6.18
C ARG A 16 -6.85 15.00 -6.94
N ASP A 17 -5.68 15.02 -6.31
CA ASP A 17 -4.49 15.59 -6.92
C ASP A 17 -4.06 14.78 -8.15
N CYS A 18 -3.93 13.47 -7.96
CA CYS A 18 -3.53 12.58 -9.05
C CYS A 18 -4.60 12.54 -10.13
N PHE A 19 -5.86 12.50 -9.72
CA PHE A 19 -6.97 12.45 -10.65
C PHE A 19 -6.95 13.63 -11.60
N ASN A 20 -7.02 14.84 -11.03
CA ASN A 20 -7.01 16.06 -11.82
C ASN A 20 -5.66 16.26 -12.50
N PHE A 21 -4.63 15.59 -11.97
CA PHE A 21 -3.28 15.69 -12.53
C PHE A 21 -3.27 15.28 -13.99
N TYR A 22 -3.72 14.06 -14.27
CA TYR A 22 -3.75 13.55 -15.64
C TYR A 22 -5.05 13.94 -16.33
N ASP A 23 -6.12 14.09 -15.54
CA ASP A 23 -7.42 14.46 -16.08
C ASP A 23 -7.52 15.96 -16.29
N ARG A 24 -6.42 16.66 -16.03
CA ARG A 24 -6.38 18.11 -16.19
C ARG A 24 -6.97 18.51 -17.54
N ASP A 25 -6.88 17.63 -18.52
CA ASP A 25 -7.41 17.90 -19.85
C ASP A 25 -8.82 18.44 -19.77
N TYR A 26 -9.57 18.01 -18.76
CA TYR A 26 -10.94 18.45 -18.57
C TYR A 26 -11.87 17.82 -19.61
N ASP A 27 -11.57 16.58 -19.97
CA ASP A 27 -12.37 15.86 -20.95
C ASP A 27 -13.67 15.35 -20.33
N GLY A 28 -13.65 15.17 -19.01
CA GLY A 28 -14.83 14.69 -18.32
C GLY A 28 -14.89 13.18 -18.26
N LYS A 29 -14.02 12.52 -19.01
CA LYS A 29 -13.98 11.06 -19.04
C LYS A 29 -12.58 10.55 -18.69
N ILE A 30 -12.47 9.25 -18.47
CA ILE A 30 -11.19 8.63 -18.14
C ILE A 30 -10.97 7.36 -18.93
N ASP A 31 -9.75 7.19 -19.44
CA ASP A 31 -9.40 6.01 -20.21
C ASP A 31 -8.65 4.98 -19.37
N VAL A 32 -8.39 3.81 -19.94
CA VAL A 32 -7.68 2.76 -19.23
C VAL A 32 -6.18 3.04 -19.19
N LYS A 33 -5.75 4.01 -19.98
CA LYS A 33 -4.33 4.37 -20.03
C LYS A 33 -4.02 5.47 -19.01
N GLN A 34 -4.92 6.44 -18.88
CA GLN A 34 -4.74 7.53 -17.94
C GLN A 34 -4.49 7.00 -16.53
N LEU A 35 -5.28 6.01 -16.14
CA LEU A 35 -5.16 5.41 -14.81
C LEU A 35 -3.71 5.04 -14.52
N GLY A 36 -3.01 4.56 -15.55
CA GLY A 36 -1.63 4.17 -15.37
C GLY A 36 -0.67 5.35 -15.49
N THR A 37 -1.11 6.40 -16.18
CA THR A 37 -0.28 7.58 -16.37
C THR A 37 0.31 8.05 -15.05
N LEU A 38 -0.55 8.22 -14.05
CA LEU A 38 -0.10 8.67 -12.73
C LEU A 38 1.06 7.82 -12.24
N ILE A 39 0.85 6.51 -12.17
CA ILE A 39 1.89 5.59 -11.71
C ILE A 39 3.20 5.82 -12.46
N ARG A 40 3.08 6.27 -13.71
CA ARG A 40 4.25 6.52 -14.54
C ARG A 40 4.83 7.91 -14.24
N SER A 41 3.96 8.85 -13.88
CA SER A 41 4.39 10.21 -13.58
C SER A 41 5.16 10.25 -12.27
N LEU A 42 4.57 9.70 -11.22
CA LEU A 42 5.20 9.68 -9.90
C LEU A 42 6.16 8.50 -9.78
N GLY A 43 5.82 7.40 -10.44
CA GLY A 43 6.66 6.22 -10.40
C GLY A 43 6.39 5.36 -9.16
N CYS A 44 5.18 5.46 -8.63
CA CYS A 44 4.81 4.70 -7.44
C CYS A 44 4.83 3.20 -7.74
N ALA A 45 5.16 2.42 -6.72
CA ALA A 45 5.22 0.96 -6.86
C ALA A 45 6.26 0.55 -7.89
N PRO A 46 6.68 -0.72 -7.83
CA PRO A 46 7.68 -1.27 -8.75
C PRO A 46 7.16 -1.39 -10.18
N THR A 47 6.02 -2.05 -10.33
CA THR A 47 5.41 -2.24 -11.64
C THR A 47 3.92 -1.95 -11.60
N GLU A 48 3.36 -1.57 -12.75
CA GLU A 48 1.94 -1.25 -12.85
C GLU A 48 1.10 -2.45 -12.43
N ASP A 49 1.70 -3.63 -12.42
CA ASP A 49 1.01 -4.85 -12.03
C ASP A 49 0.18 -4.64 -10.77
N GLU A 50 0.70 -3.82 -9.86
CA GLU A 50 0.01 -3.53 -8.61
C GLU A 50 -1.40 -3.03 -8.88
N VAL A 51 -1.50 -1.95 -9.65
CA VAL A 51 -2.79 -1.36 -9.98
C VAL A 51 -3.55 -2.22 -10.99
N ASN A 52 -2.80 -2.80 -11.93
CA ASN A 52 -3.39 -3.65 -12.96
C ASN A 52 -4.08 -4.86 -12.34
N SER A 53 -3.52 -5.34 -11.24
CA SER A 53 -4.07 -6.50 -10.55
C SER A 53 -5.42 -6.16 -9.90
N TYR A 54 -5.43 -5.11 -9.10
CA TYR A 54 -6.64 -4.68 -8.42
C TYR A 54 -7.76 -4.42 -9.42
N ILE A 55 -7.52 -3.49 -10.34
CA ILE A 55 -8.51 -3.14 -11.36
C ILE A 55 -9.01 -4.39 -12.08
N LYS A 56 -8.09 -5.28 -12.42
CA LYS A 56 -8.45 -6.51 -13.11
C LYS A 56 -9.49 -7.30 -12.32
N GLU A 57 -9.18 -7.56 -11.06
CA GLU A 57 -10.10 -8.31 -10.20
C GLU A 57 -11.47 -7.66 -10.17
N PHE A 58 -11.50 -6.34 -10.33
CA PHE A 58 -12.76 -5.59 -10.33
C PHE A 58 -13.62 -5.96 -11.53
N ALA A 59 -12.97 -6.40 -12.60
CA ALA A 59 -13.68 -6.80 -13.81
C ALA A 59 -14.32 -5.60 -14.49
N ILE A 60 -13.50 -4.63 -14.87
CA ILE A 60 -13.98 -3.42 -15.52
C ILE A 60 -13.91 -3.55 -17.04
N GLU A 61 -14.91 -3.01 -17.73
CA GLU A 61 -14.96 -3.08 -19.18
C GLU A 61 -15.15 -1.68 -19.78
N GLY A 62 -14.73 -1.51 -21.03
CA GLY A 62 -14.87 -0.22 -21.69
C GLY A 62 -13.53 0.42 -21.98
N GLU A 63 -13.43 1.11 -23.11
CA GLU A 63 -12.20 1.77 -23.51
C GLU A 63 -11.96 3.01 -22.65
N THR A 64 -13.04 3.68 -22.27
CA THR A 64 -12.95 4.89 -21.45
C THR A 64 -14.32 5.34 -21.00
N PHE A 65 -14.40 5.81 -19.75
CA PHE A 65 -15.66 6.29 -19.19
C PHE A 65 -15.43 7.43 -18.21
N GLN A 66 -15.17 7.08 -16.95
CA GLN A 66 -14.93 8.09 -15.92
C GLN A 66 -14.73 7.42 -14.56
N ILE A 67 -15.40 6.28 -14.37
CA ILE A 67 -15.30 5.55 -13.11
C ILE A 67 -13.87 5.09 -12.84
N GLU A 68 -13.04 5.16 -13.87
CA GLU A 68 -11.65 4.76 -13.76
C GLU A 68 -11.01 5.34 -12.49
N GLN A 69 -11.53 6.48 -12.06
CA GLN A 69 -11.02 7.15 -10.87
C GLN A 69 -10.81 6.15 -9.73
N PHE A 70 -11.65 5.11 -9.71
CA PHE A 70 -11.56 4.09 -8.67
C PHE A 70 -10.13 3.59 -8.51
N GLU A 71 -9.40 3.54 -9.61
CA GLU A 71 -8.01 3.09 -9.59
C GLU A 71 -7.22 3.81 -8.51
N LEU A 72 -7.42 5.12 -8.40
CA LEU A 72 -6.72 5.92 -7.40
C LEU A 72 -7.29 5.66 -6.01
N ILE A 73 -8.60 5.80 -5.86
CA ILE A 73 -9.26 5.58 -4.59
C ILE A 73 -8.85 4.24 -3.99
N MET A 74 -8.65 3.25 -4.85
CA MET A 74 -8.26 1.92 -4.41
C MET A 74 -6.74 1.79 -4.33
N GLU A 75 -6.05 2.55 -5.18
CA GLU A 75 -4.59 2.51 -5.22
C GLU A 75 -4.01 2.72 -3.82
N ARG A 76 -4.51 3.72 -3.11
CA ARG A 76 -4.05 4.02 -1.77
C ARG A 76 -4.37 2.87 -0.81
N GLU A 77 -5.48 2.19 -1.07
CA GLU A 77 -5.90 1.06 -0.23
C GLU A 77 -4.99 -0.15 -0.46
N GLN A 78 -4.77 -0.48 -1.73
CA GLN A 78 -3.93 -1.62 -2.08
C GLN A 78 -2.46 -1.34 -1.75
N SER A 79 -2.05 -0.08 -1.91
CA SER A 79 -0.67 0.32 -1.64
C SER A 79 -0.37 0.19 -0.15
N LYS A 80 -1.39 0.36 0.68
CA LYS A 80 -1.22 0.26 2.13
C LYS A 80 -0.65 -1.10 2.52
N PRO A 81 -0.09 -1.18 3.73
CA PRO A 81 0.50 -2.42 4.25
C PRO A 81 -0.55 -3.47 4.57
N ASP A 82 -0.13 -4.55 5.22
CA ASP A 82 -1.03 -5.62 5.60
C ASP A 82 -0.30 -6.70 6.40
N THR A 83 0.66 -6.27 7.22
CA THR A 83 1.43 -7.21 8.03
C THR A 83 0.92 -7.24 9.46
N ARG A 84 0.45 -6.09 9.95
CA ARG A 84 -0.06 -5.98 11.31
C ARG A 84 -1.11 -7.06 11.57
N GLU A 85 -1.88 -7.39 10.54
CA GLU A 85 -2.92 -8.40 10.67
C GLU A 85 -2.32 -9.79 10.84
N ILE A 86 -1.18 -10.03 10.18
CA ILE A 86 -0.51 -11.31 10.26
C ILE A 86 0.51 -11.31 11.41
N LYS A 87 0.74 -12.49 11.98
CA LYS A 87 1.69 -12.63 13.08
C LYS A 87 3.13 -12.70 12.56
N LEU A 88 3.36 -13.58 11.58
CA LEU A 88 4.68 -13.73 11.00
C LEU A 88 5.14 -12.43 10.34
N ARG A 89 4.39 -12.01 9.32
CA ARG A 89 4.72 -10.77 8.60
C ARG A 89 4.98 -9.63 9.58
N LYS A 90 4.32 -9.67 10.72
CA LYS A 90 4.48 -8.64 11.74
C LYS A 90 5.95 -8.33 11.97
N ALA A 91 6.68 -9.31 12.47
CA ALA A 91 8.11 -9.15 12.73
C ALA A 91 8.95 -9.50 11.50
N PHE A 92 8.50 -10.52 10.77
CA PHE A 92 9.21 -10.96 9.58
C PHE A 92 9.48 -9.78 8.63
N GLU A 93 8.44 -9.00 8.36
CA GLU A 93 8.56 -7.85 7.48
C GLU A 93 9.69 -6.94 7.93
N VAL A 94 9.97 -6.95 9.22
CA VAL A 94 11.03 -6.13 9.78
C VAL A 94 12.40 -6.79 9.60
N PHE A 95 12.42 -8.11 9.55
CA PHE A 95 13.65 -8.86 9.37
C PHE A 95 14.28 -8.56 8.02
N ASP A 96 13.44 -8.46 6.99
CA ASP A 96 13.91 -8.18 5.64
C ASP A 96 12.83 -7.50 4.81
N GLN A 97 13.05 -6.23 4.48
CA GLN A 97 12.08 -5.47 3.70
C GLN A 97 11.61 -6.28 2.49
N ASP A 98 12.50 -7.07 1.93
CA ASP A 98 12.17 -7.89 0.77
C ASP A 98 11.02 -8.84 1.08
N LYS A 99 10.78 -9.07 2.37
CA LYS A 99 9.71 -9.96 2.81
C LYS A 99 8.48 -9.80 1.92
N ASP A 100 7.95 -10.93 1.45
CA ASP A 100 6.77 -10.92 0.58
C ASP A 100 5.71 -11.86 1.12
N GLY A 101 5.88 -12.31 2.36
CA GLY A 101 4.93 -13.22 2.97
C GLY A 101 5.31 -14.67 2.78
N LYS A 102 6.34 -14.92 1.98
CA LYS A 102 6.81 -16.28 1.72
C LYS A 102 8.28 -16.28 1.32
N ILE A 103 9.02 -17.28 1.79
CA ILE A 103 10.44 -17.40 1.47
C ILE A 103 10.88 -18.86 1.49
N LYS A 104 12.18 -19.08 1.29
CA LYS A 104 12.74 -20.42 1.28
C LYS A 104 12.89 -20.96 2.69
N ALA A 105 13.58 -22.09 2.83
CA ALA A 105 13.80 -22.71 4.13
C ALA A 105 14.81 -21.92 4.94
N SER A 106 15.81 -21.35 4.26
CA SER A 106 16.85 -20.58 4.92
C SER A 106 16.27 -19.31 5.55
N ASP A 107 15.68 -18.46 4.72
CA ASP A 107 15.08 -17.22 5.20
C ASP A 107 13.94 -17.50 6.16
N LEU A 108 13.26 -18.62 5.95
CA LEU A 108 12.14 -19.01 6.80
C LEU A 108 12.53 -18.93 8.28
N ALA A 109 13.54 -19.69 8.66
CA ALA A 109 14.01 -19.71 10.05
C ALA A 109 14.81 -18.45 10.37
N HIS A 110 15.47 -17.90 9.35
CA HIS A 110 16.27 -16.69 9.52
C HIS A 110 15.48 -15.60 10.23
N ASN A 111 14.24 -15.40 9.76
CA ASN A 111 13.37 -14.38 10.34
C ASN A 111 12.60 -14.94 11.54
N LEU A 112 12.25 -16.22 11.46
CA LEU A 112 11.52 -16.87 12.54
C LEU A 112 12.20 -16.65 13.88
N THR A 113 13.52 -16.51 13.85
CA THR A 113 14.30 -16.29 15.06
C THR A 113 14.05 -14.89 15.63
N THR A 114 13.86 -13.93 14.75
CA THR A 114 13.62 -12.55 15.17
C THR A 114 12.19 -12.38 15.67
N VAL A 115 11.24 -13.03 15.00
CA VAL A 115 9.83 -12.95 15.39
C VAL A 115 9.55 -13.85 16.59
N GLY A 116 10.30 -14.95 16.69
CA GLY A 116 10.09 -15.88 17.79
C GLY A 116 11.29 -15.93 18.72
N ASP A 117 11.48 -17.07 19.38
CA ASP A 117 12.59 -17.25 20.29
C ASP A 117 13.62 -18.23 19.74
N LYS A 118 13.14 -19.22 19.00
CA LYS A 118 14.00 -20.23 18.40
C LYS A 118 13.22 -21.16 17.48
N MET A 119 13.91 -21.72 16.49
CA MET A 119 13.26 -22.63 15.55
C MET A 119 14.27 -23.63 14.99
N THR A 120 14.33 -24.81 15.59
CA THR A 120 15.25 -25.85 15.16
C THR A 120 14.54 -26.91 14.34
N LYS A 121 15.22 -28.01 14.07
CA LYS A 121 14.65 -29.10 13.28
C LYS A 121 13.28 -29.49 13.82
N GLU A 122 13.04 -29.19 15.10
CA GLU A 122 11.76 -29.51 15.73
C GLU A 122 10.63 -28.70 15.12
N GLU A 123 10.76 -27.37 15.18
CA GLU A 123 9.75 -26.49 14.63
C GLU A 123 9.47 -26.80 13.17
N VAL A 124 10.54 -26.84 12.37
CA VAL A 124 10.42 -27.13 10.94
C VAL A 124 9.82 -28.51 10.72
N GLU A 125 10.14 -29.45 11.61
CA GLU A 125 9.64 -30.81 11.51
C GLU A 125 8.11 -30.82 11.46
N LYS A 126 7.49 -30.31 12.51
CA LYS A 126 6.03 -30.26 12.60
C LYS A 126 5.45 -29.43 11.45
N VAL A 127 6.11 -28.32 11.13
CA VAL A 127 5.66 -27.45 10.04
C VAL A 127 5.42 -28.25 8.76
N PHE A 128 6.25 -29.27 8.54
CA PHE A 128 6.12 -30.11 7.35
C PHE A 128 5.09 -31.20 7.56
N SER A 129 4.78 -31.48 8.83
CA SER A 129 3.79 -32.50 9.16
C SER A 129 2.38 -32.05 8.79
N ILE A 130 2.07 -30.80 9.12
CA ILE A 130 0.75 -30.24 8.83
C ILE A 130 0.70 -29.68 7.41
N LEU A 131 1.70 -28.90 7.05
CA LEU A 131 1.77 -28.29 5.73
C LEU A 131 2.06 -29.35 4.67
N GLY A 132 2.66 -30.46 5.09
CA GLY A 132 2.98 -31.53 4.16
C GLY A 132 3.94 -31.09 3.07
N ILE A 133 4.84 -30.17 3.41
CA ILE A 133 5.82 -29.67 2.46
C ILE A 133 7.20 -30.26 2.73
N THR A 134 7.95 -30.49 1.66
CA THR A 134 9.29 -31.06 1.77
C THR A 134 10.24 -30.06 2.42
N MET A 135 11.08 -30.56 3.33
CA MET A 135 12.05 -29.72 4.02
C MET A 135 12.89 -28.93 3.02
N GLU A 136 13.07 -29.49 1.83
CA GLU A 136 13.87 -28.84 0.79
C GLU A 136 12.97 -28.00 -0.11
N SER A 137 11.98 -27.35 0.48
CA SER A 137 11.06 -26.51 -0.27
C SER A 137 10.90 -25.15 0.40
N ASP A 138 10.09 -24.29 -0.21
CA ASP A 138 9.85 -22.95 0.33
C ASP A 138 8.54 -22.91 1.12
N ILE A 139 8.41 -21.91 1.97
CA ILE A 139 7.21 -21.76 2.80
C ILE A 139 6.28 -20.69 2.23
N ASP A 140 5.02 -20.74 2.63
CA ASP A 140 4.03 -19.77 2.17
C ASP A 140 3.03 -19.45 3.27
N LEU A 141 2.06 -18.59 2.95
CA LEU A 141 1.04 -18.20 3.92
C LEU A 141 0.52 -19.40 4.69
N ALA A 142 0.28 -20.50 3.97
CA ALA A 142 -0.22 -21.72 4.58
C ALA A 142 0.78 -22.27 5.60
N THR A 143 2.05 -22.32 5.21
CA THR A 143 3.10 -22.82 6.08
C THR A 143 3.08 -22.11 7.43
N PHE A 144 2.85 -20.80 7.41
CA PHE A 144 2.80 -20.02 8.63
C PHE A 144 1.55 -20.33 9.44
N LEU A 145 0.45 -20.58 8.73
CA LEU A 145 -0.82 -20.91 9.38
C LEU A 145 -0.69 -22.16 10.25
N LYS A 146 0.00 -23.17 9.72
CA LYS A 146 0.20 -24.41 10.45
C LYS A 146 1.27 -24.26 11.51
N LEU A 147 2.27 -23.42 11.23
CA LEU A 147 3.36 -23.18 12.17
C LEU A 147 2.86 -22.43 13.40
N VAL A 148 2.09 -21.37 13.16
CA VAL A 148 1.55 -20.56 14.25
C VAL A 148 0.44 -21.31 14.98
N ALA A 149 -0.31 -22.11 14.24
CA ALA A 149 -1.40 -22.89 14.83
C ALA A 149 -0.88 -23.95 15.78
N LEU A 150 0.11 -24.71 15.32
CA LEU A 150 0.70 -25.77 16.14
C LEU A 150 1.71 -25.18 17.13
N HIS A 151 2.74 -24.54 16.60
CA HIS A 151 3.77 -23.93 17.44
C HIS A 151 4.52 -25.00 18.24
N HIS A 152 5.62 -24.61 18.87
CA HIS A 152 6.42 -25.53 19.66
C HIS A 152 6.61 -25.00 21.08
N HIS A 153 7.46 -23.99 21.22
CA HIS A 153 7.73 -23.39 22.54
C HIS A 153 6.53 -22.60 23.04
N HIS A 154 6.26 -21.48 22.38
CA HIS A 154 5.13 -20.63 22.76
C HIS A 154 3.83 -21.43 22.77
N HIS A 155 3.39 -21.80 23.98
CA HIS A 155 2.17 -22.57 24.13
C HIS A 155 1.00 -21.89 23.40
N HIS A 156 0.33 -22.65 22.55
CA HIS A 156 -0.80 -22.14 21.78
C HIS A 156 -1.62 -23.28 21.18
CA CA B . -9.03 12.91 -18.56
CA CA C . 11.51 -12.60 2.31
N MET A 1 -24.23 19.11 9.94
CA MET A 1 -22.90 18.51 9.88
C MET A 1 -22.37 18.21 11.27
N SER A 2 -21.85 17.00 11.45
CA SER A 2 -21.31 16.58 12.74
C SER A 2 -20.16 15.60 12.56
N MET A 3 -20.49 14.41 12.05
CA MET A 3 -19.47 13.38 11.83
C MET A 3 -18.81 12.96 13.14
N GLU A 4 -19.23 11.81 13.66
CA GLU A 4 -18.69 11.30 14.91
C GLU A 4 -17.89 10.02 14.68
N ILE A 5 -17.16 9.99 13.56
CA ILE A 5 -16.35 8.83 13.22
C ILE A 5 -14.92 9.24 12.88
N GLU A 6 -14.78 10.35 12.15
CA GLU A 6 -13.47 10.85 11.76
C GLU A 6 -12.76 9.84 10.85
N ALA A 7 -11.73 10.31 10.16
CA ALA A 7 -10.96 9.46 9.26
C ALA A 7 -9.80 10.23 8.65
N PRO A 8 -8.80 9.49 8.14
CA PRO A 8 -7.61 10.08 7.51
C PRO A 8 -7.93 10.73 6.17
N ASN A 9 -7.42 11.94 5.98
CA ASN A 9 -7.65 12.69 4.74
C ASN A 9 -6.39 12.70 3.88
N ALA A 10 -5.25 12.52 4.51
CA ALA A 10 -3.97 12.52 3.81
C ALA A 10 -4.02 11.62 2.58
N ASN A 11 -4.77 10.52 2.70
CA ASN A 11 -4.90 9.57 1.59
C ASN A 11 -6.01 10.00 0.64
N THR A 12 -7.13 10.45 1.21
CA THR A 12 -8.27 10.90 0.41
C THR A 12 -7.86 11.97 -0.59
N GLN A 13 -6.89 12.80 -0.20
CA GLN A 13 -6.41 13.86 -1.07
C GLN A 13 -5.62 13.30 -2.25
N LYS A 14 -4.90 12.22 -2.00
CA LYS A 14 -4.10 11.58 -3.04
C LYS A 14 -4.98 11.15 -4.22
N ILE A 15 -6.19 10.71 -3.90
CA ILE A 15 -7.13 10.28 -4.93
C ILE A 15 -7.40 11.39 -5.95
N ARG A 16 -7.99 12.48 -5.47
CA ARG A 16 -8.30 13.62 -6.33
C ARG A 16 -7.02 14.25 -6.88
N ASP A 17 -5.98 14.26 -6.05
CA ASP A 17 -4.71 14.84 -6.45
C ASP A 17 -4.23 14.24 -7.76
N CYS A 18 -4.02 12.92 -7.77
CA CYS A 18 -3.55 12.23 -8.96
C CYS A 18 -4.65 12.22 -10.04
N PHE A 19 -5.89 12.08 -9.61
CA PHE A 19 -7.02 12.04 -10.53
C PHE A 19 -7.06 13.31 -11.39
N ASN A 20 -7.30 14.45 -10.73
CA ASN A 20 -7.37 15.72 -11.42
C ASN A 20 -6.04 16.05 -12.09
N PHE A 21 -4.96 15.50 -11.56
CA PHE A 21 -3.62 15.73 -12.10
C PHE A 21 -3.60 15.49 -13.61
N TYR A 22 -4.06 14.31 -14.02
CA TYR A 22 -4.08 13.95 -15.43
C TYR A 22 -5.41 14.35 -16.06
N ASP A 23 -6.43 14.50 -15.23
CA ASP A 23 -7.76 14.89 -15.70
C ASP A 23 -7.82 16.39 -16.00
N ARG A 24 -6.70 17.07 -15.81
CA ARG A 24 -6.62 18.51 -16.06
C ARG A 24 -7.20 18.85 -17.42
N ASP A 25 -7.13 17.90 -18.35
CA ASP A 25 -7.65 18.10 -19.70
C ASP A 25 -9.09 18.62 -19.65
N TYR A 26 -9.82 18.23 -18.61
CA TYR A 26 -11.21 18.64 -18.46
C TYR A 26 -12.11 17.93 -19.45
N ASP A 27 -11.77 16.67 -19.75
CA ASP A 27 -12.56 15.88 -20.69
C ASP A 27 -13.76 15.25 -19.99
N GLY A 28 -13.61 14.98 -18.70
CA GLY A 28 -14.69 14.38 -17.94
C GLY A 28 -14.67 12.86 -18.00
N LYS A 29 -13.84 12.32 -18.89
CA LYS A 29 -13.72 10.88 -19.05
C LYS A 29 -12.31 10.41 -18.72
N ILE A 30 -12.14 9.10 -18.57
CA ILE A 30 -10.84 8.52 -18.25
C ILE A 30 -10.51 7.37 -19.20
N ASP A 31 -9.42 7.53 -19.95
CA ASP A 31 -8.99 6.50 -20.89
C ASP A 31 -7.72 5.82 -20.40
N VAL A 32 -7.15 4.96 -21.24
CA VAL A 32 -5.94 4.24 -20.89
C VAL A 32 -4.76 5.18 -20.73
N LYS A 33 -4.69 6.18 -21.61
CA LYS A 33 -3.62 7.16 -21.56
C LYS A 33 -3.47 7.75 -20.16
N GLN A 34 -4.59 8.18 -19.59
CA GLN A 34 -4.59 8.76 -18.25
C GLN A 34 -4.36 7.69 -17.19
N LEU A 35 -4.88 6.49 -17.44
CA LEU A 35 -4.74 5.37 -16.51
C LEU A 35 -3.28 5.17 -16.14
N GLY A 36 -2.41 5.19 -17.14
CA GLY A 36 -0.99 5.00 -16.89
C GLY A 36 -0.29 6.30 -16.52
N THR A 37 -0.91 7.43 -16.86
CA THR A 37 -0.34 8.72 -16.57
C THR A 37 0.06 8.84 -15.11
N LEU A 38 -0.81 8.38 -14.22
CA LEU A 38 -0.56 8.43 -12.79
C LEU A 38 0.74 7.68 -12.45
N ILE A 39 0.77 6.39 -12.75
CA ILE A 39 1.93 5.57 -12.47
C ILE A 39 3.17 6.14 -13.16
N ARG A 40 2.96 6.91 -14.22
CA ARG A 40 4.05 7.51 -14.97
C ARG A 40 4.49 8.83 -14.33
N SER A 41 3.59 9.42 -13.54
CA SER A 41 3.88 10.68 -12.88
C SER A 41 4.56 10.46 -11.54
N LEU A 42 3.92 9.67 -10.68
CA LEU A 42 4.47 9.36 -9.36
C LEU A 42 4.89 7.90 -9.27
N GLY A 43 4.14 7.03 -9.93
CA GLY A 43 4.45 5.62 -9.91
C GLY A 43 4.10 4.96 -8.59
N CYS A 44 2.98 5.36 -8.01
CA CYS A 44 2.54 4.81 -6.73
C CYS A 44 2.61 3.29 -6.75
N ALA A 45 2.55 2.69 -5.57
CA ALA A 45 2.60 1.23 -5.44
C ALA A 45 3.94 0.69 -5.92
N PRO A 46 4.26 -0.55 -5.52
CA PRO A 46 5.52 -1.21 -5.89
C PRO A 46 5.54 -1.58 -7.36
N THR A 47 4.51 -2.27 -7.81
CA THR A 47 4.41 -2.70 -9.21
C THR A 47 3.04 -2.38 -9.79
N GLU A 48 3.00 -2.16 -11.10
CA GLU A 48 1.73 -1.85 -11.77
C GLU A 48 0.74 -2.99 -11.61
N ASP A 49 1.24 -4.17 -11.24
CA ASP A 49 0.39 -5.33 -11.04
C ASP A 49 -0.54 -5.14 -9.85
N GLU A 50 -0.04 -4.44 -8.83
CA GLU A 50 -0.83 -4.18 -7.62
C GLU A 50 -2.10 -3.40 -7.96
N VAL A 51 -1.92 -2.18 -8.46
CA VAL A 51 -3.05 -1.34 -8.83
C VAL A 51 -3.92 -2.01 -9.88
N ASN A 52 -3.29 -2.56 -10.92
CA ASN A 52 -4.01 -3.22 -11.99
C ASN A 52 -4.82 -4.40 -11.44
N SER A 53 -4.29 -5.06 -10.43
CA SER A 53 -4.96 -6.20 -9.82
C SER A 53 -6.25 -5.76 -9.12
N TYR A 54 -6.20 -4.59 -8.50
CA TYR A 54 -7.37 -4.07 -7.79
C TYR A 54 -8.46 -3.64 -8.77
N ILE A 55 -8.11 -2.74 -9.68
CA ILE A 55 -9.06 -2.27 -10.68
C ILE A 55 -9.73 -3.43 -11.41
N LYS A 56 -8.92 -4.39 -11.83
CA LYS A 56 -9.43 -5.56 -12.53
C LYS A 56 -10.24 -6.45 -11.60
N GLU A 57 -9.85 -6.49 -10.33
CA GLU A 57 -10.54 -7.30 -9.33
C GLU A 57 -11.98 -6.82 -9.14
N PHE A 58 -12.21 -5.54 -9.36
CA PHE A 58 -13.54 -4.96 -9.22
C PHE A 58 -14.57 -5.78 -9.97
N ALA A 59 -14.27 -6.10 -11.23
CA ALA A 59 -15.16 -6.89 -12.06
C ALA A 59 -14.52 -7.21 -13.41
N ILE A 60 -14.49 -6.22 -14.29
CA ILE A 60 -13.91 -6.41 -15.62
C ILE A 60 -12.67 -5.55 -15.79
N GLU A 61 -12.15 -5.50 -17.02
CA GLU A 61 -10.96 -4.72 -17.32
C GLU A 61 -11.33 -3.27 -17.66
N GLY A 62 -11.85 -3.07 -18.87
CA GLY A 62 -12.23 -1.73 -19.29
C GLY A 62 -11.11 -1.01 -20.01
N GLU A 63 -11.48 -0.19 -20.99
CA GLU A 63 -10.50 0.57 -21.76
C GLU A 63 -10.57 2.05 -21.43
N THR A 64 -11.71 2.66 -21.73
CA THR A 64 -11.92 4.09 -21.47
C THR A 64 -13.36 4.38 -21.10
N PHE A 65 -13.56 5.24 -20.11
CA PHE A 65 -14.90 5.60 -19.65
C PHE A 65 -14.85 6.79 -18.69
N GLN A 66 -14.77 6.48 -17.40
CA GLN A 66 -14.71 7.52 -16.38
C GLN A 66 -14.58 6.91 -14.99
N ILE A 67 -15.19 5.74 -14.80
CA ILE A 67 -15.13 5.06 -13.51
C ILE A 67 -13.71 4.64 -13.17
N GLU A 68 -12.83 4.70 -14.17
CA GLU A 68 -11.43 4.33 -13.97
C GLU A 68 -10.87 4.97 -12.70
N GLN A 69 -11.43 6.12 -12.33
CA GLN A 69 -10.98 6.83 -11.13
C GLN A 69 -10.86 5.88 -9.95
N PHE A 70 -11.69 4.85 -9.93
CA PHE A 70 -11.68 3.87 -8.85
C PHE A 70 -10.26 3.36 -8.61
N GLU A 71 -9.48 3.25 -9.68
CA GLU A 71 -8.10 2.78 -9.57
C GLU A 71 -7.35 3.55 -8.49
N LEU A 72 -7.52 4.87 -8.48
CA LEU A 72 -6.85 5.72 -7.52
C LEU A 72 -7.47 5.57 -6.13
N ILE A 73 -8.79 5.71 -6.07
CA ILE A 73 -9.52 5.58 -4.81
C ILE A 73 -9.12 4.31 -4.08
N MET A 74 -8.85 3.25 -4.83
CA MET A 74 -8.46 1.97 -4.25
C MET A 74 -6.94 1.88 -4.12
N GLU A 75 -6.23 2.54 -5.03
CA GLU A 75 -4.77 2.52 -5.01
C GLU A 75 -4.24 2.98 -3.66
N ARG A 76 -4.93 3.93 -3.05
CA ARG A 76 -4.53 4.47 -1.75
C ARG A 76 -4.77 3.44 -0.65
N GLU A 77 -5.76 2.58 -0.86
CA GLU A 77 -6.09 1.55 0.12
C GLU A 77 -5.18 0.33 -0.04
N GLN A 78 -4.94 -0.06 -1.30
CA GLN A 78 -4.10 -1.21 -1.59
C GLN A 78 -2.63 -0.89 -1.34
N SER A 79 -2.27 0.38 -1.54
CA SER A 79 -0.89 0.82 -1.34
C SER A 79 -0.45 0.57 0.09
N LYS A 80 -1.42 0.42 0.98
CA LYS A 80 -1.12 0.17 2.40
C LYS A 80 -0.04 -0.89 2.55
N PRO A 81 0.60 -0.92 3.73
CA PRO A 81 1.65 -1.88 4.03
C PRO A 81 1.13 -3.31 4.18
N ASP A 82 2.03 -4.28 4.09
CA ASP A 82 1.66 -5.68 4.21
C ASP A 82 2.88 -6.59 4.08
N THR A 83 4.02 -6.10 4.59
CA THR A 83 5.26 -6.87 4.52
C THR A 83 5.54 -7.55 5.85
N ARG A 84 4.66 -7.35 6.83
CA ARG A 84 4.82 -7.94 8.15
C ARG A 84 5.00 -9.45 8.04
N GLU A 85 4.50 -10.03 6.96
CA GLU A 85 4.62 -11.47 6.74
C GLU A 85 6.06 -11.88 6.49
N ILE A 86 6.76 -11.10 5.65
CA ILE A 86 8.15 -11.39 5.34
C ILE A 86 9.09 -10.54 6.20
N LYS A 87 10.27 -11.07 6.47
CA LYS A 87 11.27 -10.37 7.28
C LYS A 87 12.02 -9.34 6.44
N LEU A 88 12.49 -9.78 5.27
CA LEU A 88 13.24 -8.91 4.37
C LEU A 88 12.37 -7.74 3.91
N ARG A 89 11.21 -8.05 3.34
CA ARG A 89 10.28 -7.03 2.86
C ARG A 89 10.06 -5.97 3.92
N LYS A 90 10.14 -6.37 5.19
CA LYS A 90 9.94 -5.45 6.30
C LYS A 90 10.78 -4.18 6.12
N ALA A 91 12.09 -4.35 6.03
CA ALA A 91 12.99 -3.23 5.85
C ALA A 91 13.15 -2.88 4.38
N PHE A 92 13.16 -3.90 3.54
CA PHE A 92 13.29 -3.70 2.09
C PHE A 92 12.23 -2.74 1.57
N GLU A 93 11.06 -2.79 2.17
CA GLU A 93 9.95 -1.93 1.76
C GLU A 93 10.24 -0.47 2.10
N VAL A 94 11.13 -0.26 3.07
CA VAL A 94 11.50 1.08 3.49
C VAL A 94 12.69 1.60 2.69
N PHE A 95 13.49 0.68 2.14
CA PHE A 95 14.65 1.04 1.35
C PHE A 95 14.31 1.07 -0.14
N ASP A 96 13.39 0.21 -0.54
CA ASP A 96 12.96 0.13 -1.94
C ASP A 96 11.48 -0.19 -2.04
N GLN A 97 10.67 0.85 -2.27
CA GLN A 97 9.23 0.68 -2.39
C GLN A 97 8.88 -0.25 -3.55
N ASP A 98 9.67 -0.19 -4.62
CA ASP A 98 9.45 -1.02 -5.79
C ASP A 98 9.56 -2.50 -5.43
N LYS A 99 10.23 -2.78 -4.33
CA LYS A 99 10.41 -4.15 -3.87
C LYS A 99 9.11 -4.94 -4.01
N ASP A 100 9.21 -6.12 -4.62
CA ASP A 100 8.04 -6.97 -4.82
C ASP A 100 8.30 -8.38 -4.29
N GLY A 101 9.12 -8.47 -3.25
CA GLY A 101 9.43 -9.77 -2.66
C GLY A 101 10.58 -10.46 -3.38
N LYS A 102 11.01 -9.88 -4.49
CA LYS A 102 12.10 -10.45 -5.27
C LYS A 102 12.75 -9.38 -6.16
N ILE A 103 14.08 -9.41 -6.22
CA ILE A 103 14.82 -8.44 -7.02
C ILE A 103 16.24 -8.93 -7.31
N LYS A 104 16.97 -8.17 -8.11
CA LYS A 104 18.34 -8.53 -8.46
C LYS A 104 19.25 -8.47 -7.23
N ALA A 105 20.41 -9.12 -7.33
CA ALA A 105 21.37 -9.14 -6.23
C ALA A 105 21.64 -7.73 -5.72
N SER A 106 21.83 -6.80 -6.64
CA SER A 106 22.11 -5.41 -6.27
C SER A 106 21.07 -4.89 -5.29
N ASP A 107 19.80 -5.00 -5.67
CA ASP A 107 18.71 -4.54 -4.83
C ASP A 107 18.70 -5.28 -3.49
N LEU A 108 19.06 -6.55 -3.53
CA LEU A 108 19.10 -7.37 -2.32
C LEU A 108 20.14 -6.85 -1.33
N ALA A 109 21.39 -6.79 -1.78
CA ALA A 109 22.47 -6.29 -0.94
C ALA A 109 22.27 -4.83 -0.58
N HIS A 110 21.57 -4.09 -1.45
CA HIS A 110 21.30 -2.68 -1.21
C HIS A 110 20.39 -2.49 0.00
N ASN A 111 19.24 -3.15 -0.02
CA ASN A 111 18.28 -3.05 1.07
C ASN A 111 18.72 -3.89 2.26
N LEU A 112 19.51 -4.93 1.98
CA LEU A 112 20.00 -5.82 3.02
C LEU A 112 20.63 -5.02 4.17
N THR A 113 21.40 -4.00 3.81
CA THR A 113 22.06 -3.16 4.80
C THR A 113 21.07 -2.65 5.85
N THR A 114 19.85 -2.38 5.40
CA THR A 114 18.80 -1.89 6.30
C THR A 114 18.36 -2.98 7.27
N VAL A 115 18.10 -4.17 6.75
CA VAL A 115 17.67 -5.29 7.57
C VAL A 115 18.77 -5.71 8.54
N GLY A 116 20.02 -5.57 8.12
CA GLY A 116 21.14 -5.92 8.96
C GLY A 116 22.03 -4.74 9.29
N ASP A 117 23.31 -5.00 9.49
CA ASP A 117 24.26 -3.95 9.82
C ASP A 117 25.20 -3.66 8.64
N LYS A 118 25.53 -4.71 7.91
CA LYS A 118 26.42 -4.58 6.75
C LYS A 118 26.61 -5.93 6.06
N MET A 119 25.67 -6.28 5.20
CA MET A 119 25.74 -7.55 4.46
C MET A 119 26.86 -7.51 3.42
N THR A 120 27.98 -8.16 3.74
CA THR A 120 29.12 -8.20 2.84
C THR A 120 29.20 -9.53 2.12
N LYS A 121 30.32 -9.77 1.44
CA LYS A 121 30.51 -11.01 0.71
C LYS A 121 30.17 -12.23 1.56
N GLU A 122 30.24 -12.05 2.89
CA GLU A 122 29.94 -13.12 3.82
C GLU A 122 28.47 -13.52 3.73
N GLU A 123 27.58 -12.55 3.97
CA GLU A 123 26.16 -12.80 3.93
C GLU A 123 25.76 -13.49 2.63
N VAL A 124 26.24 -12.95 1.51
CA VAL A 124 25.95 -13.52 0.20
C VAL A 124 26.64 -14.86 0.01
N GLU A 125 27.80 -15.01 0.64
CA GLU A 125 28.58 -16.24 0.54
C GLU A 125 27.75 -17.44 0.99
N LYS A 126 26.96 -17.25 2.04
CA LYS A 126 26.11 -18.31 2.57
C LYS A 126 24.78 -18.36 1.82
N VAL A 127 24.24 -17.20 1.50
CA VAL A 127 22.97 -17.11 0.80
C VAL A 127 22.98 -17.98 -0.46
N PHE A 128 24.07 -17.89 -1.22
CA PHE A 128 24.21 -18.67 -2.45
C PHE A 128 24.68 -20.08 -2.14
N SER A 129 24.95 -20.35 -0.87
CA SER A 129 25.43 -21.67 -0.45
C SER A 129 24.27 -22.51 0.08
N ILE A 130 23.29 -21.85 0.70
CA ILE A 130 22.13 -22.54 1.24
C ILE A 130 21.04 -22.70 0.19
N LEU A 131 20.63 -21.58 -0.41
CA LEU A 131 19.60 -21.60 -1.43
C LEU A 131 20.18 -21.97 -2.79
N GLY A 132 21.48 -21.73 -2.95
CA GLY A 132 22.14 -22.06 -4.21
C GLY A 132 21.77 -21.08 -5.32
N ILE A 133 21.73 -19.79 -4.98
CA ILE A 133 21.39 -18.77 -5.95
C ILE A 133 22.59 -18.44 -6.85
N THR A 134 22.31 -18.19 -8.13
CA THR A 134 23.35 -17.87 -9.09
C THR A 134 23.96 -16.50 -8.80
N MET A 135 25.22 -16.31 -9.20
CA MET A 135 25.90 -15.05 -8.99
C MET A 135 25.23 -13.93 -9.77
N GLU A 136 24.71 -14.26 -10.95
CA GLU A 136 24.04 -13.27 -11.79
C GLU A 136 22.54 -13.55 -11.86
N SER A 137 21.97 -13.98 -10.74
CA SER A 137 20.55 -14.29 -10.67
C SER A 137 19.87 -13.51 -9.56
N ASP A 138 18.59 -13.21 -9.75
CA ASP A 138 17.83 -12.45 -8.76
C ASP A 138 17.42 -13.35 -7.60
N ILE A 139 16.89 -12.74 -6.54
CA ILE A 139 16.46 -13.48 -5.36
C ILE A 139 14.95 -13.62 -5.32
N ASP A 140 14.46 -14.56 -4.53
CA ASP A 140 13.02 -14.79 -4.40
C ASP A 140 12.67 -15.24 -2.98
N LEU A 141 11.40 -15.54 -2.76
CA LEU A 141 10.94 -15.98 -1.45
C LEU A 141 11.86 -17.05 -0.87
N ALA A 142 12.24 -18.00 -1.70
CA ALA A 142 13.13 -19.08 -1.27
C ALA A 142 14.47 -18.53 -0.79
N THR A 143 14.96 -17.50 -1.47
CA THR A 143 16.23 -16.88 -1.11
C THR A 143 16.19 -16.34 0.31
N PHE A 144 15.33 -15.36 0.55
CA PHE A 144 15.20 -14.76 1.87
C PHE A 144 14.99 -15.84 2.94
N LEU A 145 14.35 -16.93 2.56
CA LEU A 145 14.08 -18.02 3.47
C LEU A 145 15.38 -18.66 3.95
N LYS A 146 16.31 -18.86 3.02
CA LYS A 146 17.60 -19.46 3.33
C LYS A 146 18.53 -18.44 3.99
N LEU A 147 18.38 -17.18 3.59
CA LEU A 147 19.21 -16.11 4.14
C LEU A 147 18.87 -15.85 5.60
N VAL A 148 17.57 -15.77 5.89
CA VAL A 148 17.10 -15.54 7.25
C VAL A 148 17.27 -16.78 8.12
N ALA A 149 17.13 -17.94 7.49
CA ALA A 149 17.28 -19.21 8.21
C ALA A 149 18.73 -19.44 8.65
N LEU A 150 19.66 -19.01 7.82
CA LEU A 150 21.08 -19.16 8.12
C LEU A 150 21.59 -17.99 8.95
N HIS A 151 21.44 -16.78 8.41
CA HIS A 151 21.90 -15.58 9.11
C HIS A 151 21.34 -15.53 10.53
N HIS A 152 21.98 -14.75 11.38
CA HIS A 152 21.56 -14.62 12.77
C HIS A 152 22.05 -13.30 13.37
N HIS A 153 23.35 -13.05 13.25
CA HIS A 153 23.95 -11.83 13.78
C HIS A 153 25.18 -11.43 12.97
N HIS A 154 25.79 -10.31 13.35
CA HIS A 154 26.97 -9.82 12.64
C HIS A 154 27.77 -8.86 13.53
N HIS A 155 29.09 -9.01 13.52
CA HIS A 155 29.96 -8.17 14.32
C HIS A 155 30.76 -7.21 13.44
N HIS A 156 31.36 -6.20 14.05
CA HIS A 156 32.16 -5.22 13.32
C HIS A 156 33.17 -4.56 14.24
CA CA B . -9.47 13.48 -18.02
CA CA C . 12.42 -4.36 -6.07
N MET A 1 2.50 27.36 -1.49
CA MET A 1 2.62 26.10 -2.22
C MET A 1 3.25 25.02 -1.35
N SER A 2 2.41 24.36 -0.56
CA SER A 2 2.89 23.30 0.33
C SER A 2 1.95 22.10 0.30
N MET A 3 2.52 20.90 0.36
CA MET A 3 1.73 19.68 0.33
C MET A 3 2.28 18.66 1.33
N GLU A 4 2.64 19.15 2.52
CA GLU A 4 3.18 18.28 3.56
C GLU A 4 2.44 18.47 4.87
N ILE A 5 1.39 17.68 5.09
CA ILE A 5 0.60 17.77 6.30
C ILE A 5 -0.05 16.42 6.63
N GLU A 6 0.50 15.74 7.62
CA GLU A 6 -0.03 14.45 8.04
C GLU A 6 -1.53 14.53 8.31
N ALA A 7 -2.23 13.45 7.99
CA ALA A 7 -3.68 13.41 8.20
C ALA A 7 -4.24 12.04 7.82
N PRO A 8 -5.44 11.73 8.33
CA PRO A 8 -6.11 10.46 8.06
C PRO A 8 -6.60 10.36 6.61
N ASN A 9 -7.16 11.45 6.10
CA ASN A 9 -7.66 11.49 4.74
C ASN A 9 -6.61 12.05 3.79
N ALA A 10 -5.37 12.17 4.28
CA ALA A 10 -4.28 12.69 3.47
C ALA A 10 -4.16 11.92 2.16
N ASN A 11 -4.40 10.62 2.21
CA ASN A 11 -4.32 9.77 1.03
C ASN A 11 -5.43 10.10 0.04
N THR A 12 -6.65 10.25 0.56
CA THR A 12 -7.80 10.56 -0.28
C THR A 12 -7.52 11.75 -1.17
N GLN A 13 -6.73 12.70 -0.66
CA GLN A 13 -6.39 13.90 -1.42
C GLN A 13 -5.64 13.54 -2.69
N LYS A 14 -4.80 12.51 -2.61
CA LYS A 14 -4.03 12.06 -3.76
C LYS A 14 -4.94 11.62 -4.90
N ILE A 15 -6.13 11.16 -4.55
CA ILE A 15 -7.10 10.70 -5.53
C ILE A 15 -7.44 11.81 -6.53
N ARG A 16 -8.04 12.89 -6.03
CA ARG A 16 -8.41 14.02 -6.87
C ARG A 16 -7.17 14.69 -7.45
N ASP A 17 -6.12 14.78 -6.64
CA ASP A 17 -4.87 15.40 -7.07
C ASP A 17 -4.29 14.69 -8.30
N CYS A 18 -4.09 13.38 -8.17
CA CYS A 18 -3.55 12.58 -9.26
C CYS A 18 -4.55 12.48 -10.41
N PHE A 19 -5.82 12.26 -10.07
CA PHE A 19 -6.87 12.14 -11.07
C PHE A 19 -6.96 13.40 -11.92
N ASN A 20 -7.29 14.51 -11.26
CA ASN A 20 -7.42 15.79 -11.95
C ASN A 20 -6.11 16.15 -12.67
N PHE A 21 -5.00 15.62 -12.18
CA PHE A 21 -3.70 15.88 -12.77
C PHE A 21 -3.74 15.67 -14.28
N TYR A 22 -4.10 14.47 -14.69
CA TYR A 22 -4.17 14.13 -16.11
C TYR A 22 -5.56 14.44 -16.67
N ASP A 23 -6.54 14.51 -15.79
CA ASP A 23 -7.91 14.80 -16.20
C ASP A 23 -8.11 16.29 -16.42
N ARG A 24 -7.04 17.07 -16.23
CA ARG A 24 -7.10 18.51 -16.41
C ARG A 24 -7.77 18.86 -17.73
N ASP A 25 -7.63 17.97 -18.71
CA ASP A 25 -8.22 18.20 -20.03
C ASP A 25 -9.69 18.61 -19.91
N TYR A 26 -10.35 18.10 -18.87
CA TYR A 26 -11.76 18.41 -18.65
C TYR A 26 -12.64 17.72 -19.67
N ASP A 27 -12.23 16.52 -20.08
CA ASP A 27 -12.99 15.74 -21.05
C ASP A 27 -14.19 15.08 -20.40
N GLY A 28 -14.13 14.91 -19.08
CA GLY A 28 -15.22 14.28 -18.36
C GLY A 28 -15.21 12.77 -18.48
N LYS A 29 -14.04 12.20 -18.74
CA LYS A 29 -13.90 10.76 -18.88
C LYS A 29 -12.46 10.32 -18.61
N ILE A 30 -12.24 9.01 -18.60
CA ILE A 30 -10.91 8.47 -18.36
C ILE A 30 -10.57 7.38 -19.38
N ASP A 31 -9.28 7.21 -19.64
CA ASP A 31 -8.81 6.22 -20.61
C ASP A 31 -7.83 5.25 -19.95
N VAL A 32 -7.38 4.27 -20.71
CA VAL A 32 -6.44 3.27 -20.21
C VAL A 32 -5.02 3.83 -20.15
N LYS A 33 -4.73 4.75 -21.06
CA LYS A 33 -3.40 5.37 -21.12
C LYS A 33 -3.36 6.63 -20.26
N GLN A 34 -4.47 7.35 -20.22
CA GLN A 34 -4.55 8.58 -19.44
C GLN A 34 -4.33 8.29 -17.95
N LEU A 35 -4.91 7.19 -17.48
CA LEU A 35 -4.77 6.81 -16.07
C LEU A 35 -3.31 6.55 -15.72
N GLY A 36 -2.58 5.91 -16.64
CA GLY A 36 -1.19 5.62 -16.41
C GLY A 36 -0.38 6.85 -16.05
N THR A 37 -0.87 8.01 -16.47
CA THR A 37 -0.19 9.27 -16.19
C THR A 37 0.20 9.37 -14.73
N LEU A 38 -0.65 8.85 -13.86
CA LEU A 38 -0.40 8.88 -12.41
C LEU A 38 0.59 7.79 -12.01
N ILE A 39 0.44 6.61 -12.62
CA ILE A 39 1.32 5.49 -12.33
C ILE A 39 2.79 5.90 -12.45
N ARG A 40 3.09 6.71 -13.46
CA ARG A 40 4.46 7.16 -13.68
C ARG A 40 4.75 8.42 -12.86
N SER A 41 3.72 9.23 -12.65
CA SER A 41 3.86 10.46 -11.89
C SER A 41 4.53 10.19 -10.54
N LEU A 42 4.11 9.12 -9.88
CA LEU A 42 4.66 8.75 -8.58
C LEU A 42 5.55 7.52 -8.70
N GLY A 43 5.20 6.62 -9.62
CA GLY A 43 5.98 5.41 -9.82
C GLY A 43 5.97 4.51 -8.61
N CYS A 44 4.89 4.59 -7.82
CA CYS A 44 4.76 3.77 -6.62
C CYS A 44 5.04 2.30 -6.93
N ALA A 45 4.07 1.64 -7.56
CA ALA A 45 4.22 0.23 -7.91
C ALA A 45 5.28 0.04 -8.98
N PRO A 46 5.78 -1.20 -9.11
CA PRO A 46 6.81 -1.54 -10.09
C PRO A 46 6.28 -1.51 -11.52
N THR A 47 5.17 -2.19 -11.75
CA THR A 47 4.55 -2.24 -13.07
C THR A 47 3.06 -1.95 -13.00
N GLU A 48 2.50 -1.48 -14.11
CA GLU A 48 1.08 -1.17 -14.17
C GLU A 48 0.24 -2.40 -13.86
N ASP A 49 0.85 -3.58 -13.98
CA ASP A 49 0.16 -4.83 -13.72
C ASP A 49 -0.37 -4.88 -12.29
N GLU A 50 0.46 -4.44 -11.34
CA GLU A 50 0.08 -4.43 -9.94
C GLU A 50 -1.25 -3.70 -9.75
N VAL A 51 -1.27 -2.41 -10.04
CA VAL A 51 -2.47 -1.60 -9.91
C VAL A 51 -3.59 -2.12 -10.80
N ASN A 52 -3.25 -2.44 -12.05
CA ASN A 52 -4.22 -2.95 -13.00
C ASN A 52 -4.93 -4.18 -12.46
N SER A 53 -4.20 -4.99 -11.69
CA SER A 53 -4.75 -6.20 -11.11
C SER A 53 -5.86 -5.87 -10.12
N TYR A 54 -5.52 -5.05 -9.13
CA TYR A 54 -6.49 -4.65 -8.10
C TYR A 54 -7.77 -4.11 -8.74
N ILE A 55 -7.62 -3.19 -9.69
CA ILE A 55 -8.75 -2.60 -10.37
C ILE A 55 -9.46 -3.63 -11.25
N LYS A 56 -8.68 -4.57 -11.79
CA LYS A 56 -9.24 -5.62 -12.65
C LYS A 56 -10.11 -6.57 -11.85
N GLU A 57 -9.51 -7.23 -10.86
CA GLU A 57 -10.23 -8.17 -10.01
C GLU A 57 -11.41 -7.49 -9.32
N PHE A 58 -11.29 -6.18 -9.12
CA PHE A 58 -12.34 -5.41 -8.47
C PHE A 58 -13.66 -5.52 -9.23
N ALA A 59 -13.57 -5.54 -10.56
CA ALA A 59 -14.76 -5.65 -11.39
C ALA A 59 -14.39 -5.68 -12.87
N ILE A 60 -13.33 -4.95 -13.23
CA ILE A 60 -12.88 -4.89 -14.61
C ILE A 60 -13.90 -4.19 -15.50
N GLU A 61 -13.41 -3.42 -16.47
CA GLU A 61 -14.28 -2.71 -17.39
C GLU A 61 -13.67 -2.66 -18.79
N GLY A 62 -14.26 -1.85 -19.66
CA GLY A 62 -13.76 -1.73 -21.02
C GLY A 62 -12.39 -1.08 -21.08
N GLU A 63 -12.29 0.05 -21.77
CA GLU A 63 -11.03 0.76 -21.90
C GLU A 63 -11.12 2.15 -21.30
N THR A 64 -11.98 2.98 -21.87
CA THR A 64 -12.16 4.35 -21.39
C THR A 64 -13.58 4.56 -20.87
N PHE A 65 -13.69 5.25 -19.74
CA PHE A 65 -14.99 5.53 -19.14
C PHE A 65 -14.92 6.75 -18.22
N GLN A 66 -14.66 6.50 -16.94
CA GLN A 66 -14.56 7.57 -15.96
C GLN A 66 -14.48 7.01 -14.55
N ILE A 67 -15.07 5.84 -14.34
CA ILE A 67 -15.07 5.20 -13.03
C ILE A 67 -13.65 4.77 -12.64
N GLU A 68 -12.73 4.84 -13.60
CA GLU A 68 -11.34 4.45 -13.36
C GLU A 68 -10.82 5.09 -12.07
N GLN A 69 -11.41 6.22 -11.70
CA GLN A 69 -11.00 6.93 -10.49
C GLN A 69 -10.85 5.96 -9.32
N PHE A 70 -11.66 4.91 -9.31
CA PHE A 70 -11.61 3.91 -8.25
C PHE A 70 -10.19 3.43 -8.02
N GLU A 71 -9.39 3.39 -9.08
CA GLU A 71 -8.01 2.96 -9.00
C GLU A 71 -7.29 3.65 -7.84
N LEU A 72 -7.45 4.97 -7.76
CA LEU A 72 -6.81 5.74 -6.71
C LEU A 72 -7.50 5.51 -5.37
N ILE A 73 -8.82 5.65 -5.35
CA ILE A 73 -9.60 5.44 -4.13
C ILE A 73 -9.21 4.13 -3.45
N MET A 74 -8.92 3.11 -4.27
CA MET A 74 -8.54 1.80 -3.74
C MET A 74 -7.02 1.69 -3.62
N GLU A 75 -6.31 2.47 -4.42
CA GLU A 75 -4.85 2.46 -4.40
C GLU A 75 -4.33 2.64 -2.98
N ARG A 76 -4.91 3.59 -2.25
CA ARG A 76 -4.50 3.87 -0.88
C ARG A 76 -4.60 2.61 -0.02
N GLU A 77 -5.55 1.74 -0.35
CA GLU A 77 -5.75 0.50 0.40
C GLU A 77 -4.84 -0.60 -0.14
N GLN A 78 -4.95 -0.87 -1.43
CA GLN A 78 -4.14 -1.91 -2.06
C GLN A 78 -2.66 -1.67 -1.81
N SER A 79 -2.27 -0.40 -1.72
CA SER A 79 -0.88 -0.04 -1.49
C SER A 79 -0.50 -0.29 -0.03
N LYS A 80 -1.49 -0.27 0.85
CA LYS A 80 -1.25 -0.50 2.28
C LYS A 80 -1.58 -1.94 2.66
N PRO A 81 -1.04 -2.39 3.80
CA PRO A 81 -1.26 -3.75 4.30
C PRO A 81 -2.69 -3.97 4.77
N ASP A 82 -3.09 -5.23 4.86
CA ASP A 82 -4.44 -5.57 5.31
C ASP A 82 -4.57 -7.07 5.54
N THR A 83 -5.39 -7.43 6.52
CA THR A 83 -5.60 -8.84 6.86
C THR A 83 -5.97 -9.65 5.62
N ARG A 84 -6.76 -9.05 4.74
CA ARG A 84 -7.19 -9.72 3.52
C ARG A 84 -6.00 -10.27 2.75
N GLU A 85 -4.86 -9.58 2.86
CA GLU A 85 -3.64 -10.00 2.18
C GLU A 85 -3.09 -11.29 2.77
N ILE A 86 -3.29 -11.46 4.08
CA ILE A 86 -2.82 -12.66 4.77
C ILE A 86 -3.54 -13.91 4.28
N LYS A 87 -2.86 -15.04 4.31
CA LYS A 87 -3.44 -16.31 3.87
C LYS A 87 -4.32 -16.90 4.96
N LEU A 88 -3.78 -17.02 6.17
CA LEU A 88 -4.52 -17.57 7.30
C LEU A 88 -5.84 -16.84 7.50
N ARG A 89 -5.75 -15.55 7.82
CA ARG A 89 -6.93 -14.73 8.04
C ARG A 89 -7.92 -14.87 6.88
N LYS A 90 -7.38 -15.07 5.68
CA LYS A 90 -8.21 -15.22 4.48
C LYS A 90 -9.27 -16.29 4.70
N ALA A 91 -8.88 -17.40 5.31
CA ALA A 91 -9.80 -18.50 5.57
C ALA A 91 -10.60 -18.25 6.84
N PHE A 92 -9.90 -17.88 7.91
CA PHE A 92 -10.55 -17.60 9.19
C PHE A 92 -11.72 -16.64 9.01
N GLU A 93 -11.46 -15.52 8.35
CA GLU A 93 -12.49 -14.51 8.11
C GLU A 93 -13.73 -15.14 7.48
N VAL A 94 -13.51 -16.23 6.74
CA VAL A 94 -14.61 -16.92 6.07
C VAL A 94 -15.46 -17.70 7.07
N PHE A 95 -14.82 -18.15 8.14
CA PHE A 95 -15.52 -18.91 9.17
C PHE A 95 -16.00 -17.99 10.30
N ASP A 96 -15.06 -17.26 10.89
CA ASP A 96 -15.38 -16.34 11.98
C ASP A 96 -15.21 -14.90 11.54
N GLN A 97 -16.32 -14.25 11.20
CA GLN A 97 -16.29 -12.86 10.76
C GLN A 97 -15.62 -11.97 11.80
N ASP A 98 -15.80 -12.32 13.06
CA ASP A 98 -15.21 -11.55 14.16
C ASP A 98 -13.69 -11.60 14.10
N LYS A 99 -13.17 -12.60 13.39
CA LYS A 99 -11.72 -12.76 13.26
C LYS A 99 -11.04 -11.41 13.08
N ASP A 100 -10.02 -11.16 13.89
CA ASP A 100 -9.28 -9.91 13.82
C ASP A 100 -7.77 -10.16 13.72
N GLY A 101 -7.41 -11.27 13.06
CA GLY A 101 -6.01 -11.61 12.91
C GLY A 101 -5.48 -12.39 14.10
N LYS A 102 -6.28 -12.51 15.15
CA LYS A 102 -5.88 -13.23 16.34
C LYS A 102 -7.10 -13.74 17.10
N ILE A 103 -7.03 -14.99 17.55
CA ILE A 103 -8.13 -15.60 18.30
C ILE A 103 -7.61 -16.62 19.31
N LYS A 104 -8.54 -17.21 20.06
CA LYS A 104 -8.17 -18.20 21.06
C LYS A 104 -8.21 -19.60 20.47
N ALA A 105 -8.11 -20.61 21.34
CA ALA A 105 -8.13 -22.00 20.90
C ALA A 105 -9.47 -22.36 20.26
N SER A 106 -10.54 -21.76 20.79
CA SER A 106 -11.88 -22.02 20.28
C SER A 106 -11.98 -21.64 18.80
N ASP A 107 -11.74 -20.36 18.52
CA ASP A 107 -11.80 -19.86 17.14
C ASP A 107 -10.64 -20.40 16.32
N LEU A 108 -9.54 -20.71 16.99
CA LEU A 108 -8.37 -21.25 16.30
C LEU A 108 -8.73 -22.41 15.39
N ALA A 109 -9.32 -23.45 15.98
CA ALA A 109 -9.73 -24.62 15.21
C ALA A 109 -11.07 -24.38 14.51
N HIS A 110 -12.01 -23.80 15.24
CA HIS A 110 -13.33 -23.52 14.70
C HIS A 110 -13.23 -22.82 13.35
N ASN A 111 -12.27 -21.89 13.24
CA ASN A 111 -12.06 -21.16 11.99
C ASN A 111 -11.17 -21.94 11.03
N LEU A 112 -10.27 -22.74 11.60
CA LEU A 112 -9.35 -23.54 10.79
C LEU A 112 -10.11 -24.35 9.75
N THR A 113 -11.38 -24.66 10.05
CA THR A 113 -12.21 -25.42 9.14
C THR A 113 -12.13 -24.87 7.73
N THR A 114 -12.34 -23.57 7.59
CA THR A 114 -12.30 -22.91 6.29
C THR A 114 -10.92 -23.04 5.66
N VAL A 115 -9.89 -23.03 6.49
CA VAL A 115 -8.52 -23.14 6.01
C VAL A 115 -8.29 -24.48 5.32
N GLY A 116 -8.87 -25.54 5.87
CA GLY A 116 -8.71 -26.86 5.29
C GLY A 116 -10.00 -27.67 5.36
N ASP A 117 -9.93 -28.83 6.00
CA ASP A 117 -11.09 -29.71 6.13
C ASP A 117 -11.56 -29.76 7.58
N LYS A 118 -10.61 -29.71 8.52
CA LYS A 118 -10.94 -29.75 9.93
C LYS A 118 -9.70 -29.55 10.78
N MET A 119 -9.83 -29.78 12.09
CA MET A 119 -8.70 -29.62 13.01
C MET A 119 -8.84 -30.57 14.20
N THR A 120 -8.21 -31.74 14.09
CA THR A 120 -8.26 -32.74 15.15
C THR A 120 -6.96 -32.74 15.96
N LYS A 121 -6.81 -33.75 16.81
CA LYS A 121 -5.62 -33.87 17.65
C LYS A 121 -4.35 -33.69 16.82
N GLU A 122 -4.45 -33.98 15.53
CA GLU A 122 -3.32 -33.84 14.63
C GLU A 122 -2.93 -32.37 14.46
N GLU A 123 -3.87 -31.56 14.01
CA GLU A 123 -3.63 -30.14 13.80
C GLU A 123 -3.01 -29.51 15.04
N VAL A 124 -3.68 -29.67 16.18
CA VAL A 124 -3.19 -29.12 17.44
C VAL A 124 -1.84 -29.72 17.81
N GLU A 125 -1.67 -31.00 17.55
CA GLU A 125 -0.43 -31.69 17.86
C GLU A 125 0.77 -30.93 17.31
N LYS A 126 0.67 -30.54 16.04
CA LYS A 126 1.74 -29.80 15.38
C LYS A 126 1.70 -28.33 15.76
N VAL A 127 0.50 -27.83 16.07
CA VAL A 127 0.33 -26.44 16.45
C VAL A 127 1.26 -26.06 17.60
N PHE A 128 1.50 -27.01 18.50
CA PHE A 128 2.37 -26.77 19.64
C PHE A 128 3.84 -26.82 19.22
N SER A 129 4.09 -27.30 18.01
CA SER A 129 5.45 -27.41 17.49
C SER A 129 5.83 -26.16 16.71
N ILE A 130 4.95 -25.73 15.80
CA ILE A 130 5.20 -24.55 14.99
C ILE A 130 4.71 -23.28 15.70
N LEU A 131 3.42 -23.26 16.03
CA LEU A 131 2.83 -22.11 16.71
C LEU A 131 3.30 -22.04 18.16
N GLY A 132 3.76 -23.16 18.69
CA GLY A 132 4.24 -23.20 20.06
C GLY A 132 3.25 -22.61 21.03
N ILE A 133 1.96 -22.82 20.76
CA ILE A 133 0.90 -22.30 21.63
C ILE A 133 0.23 -23.43 22.40
N THR A 134 -0.07 -23.17 23.67
CA THR A 134 -0.72 -24.15 24.53
C THR A 134 -2.15 -24.40 24.09
N MET A 135 -2.80 -25.37 24.72
CA MET A 135 -4.18 -25.72 24.40
C MET A 135 -5.10 -24.52 24.64
N GLU A 136 -4.80 -23.75 25.68
CA GLU A 136 -5.60 -22.57 26.01
C GLU A 136 -4.86 -21.29 25.66
N SER A 137 -4.12 -21.32 24.56
CA SER A 137 -3.36 -20.15 24.11
C SER A 137 -3.97 -19.56 22.84
N ASP A 138 -3.77 -18.26 22.65
CA ASP A 138 -4.29 -17.56 21.49
C ASP A 138 -3.29 -17.59 20.34
N ILE A 139 -3.70 -17.09 19.19
CA ILE A 139 -2.83 -17.06 18.01
C ILE A 139 -2.69 -15.64 17.48
N ASP A 140 -1.56 -15.36 16.83
CA ASP A 140 -1.31 -14.04 16.26
C ASP A 140 -0.52 -14.15 14.97
N LEU A 141 -0.15 -13.01 14.40
CA LEU A 141 0.60 -12.97 13.15
C LEU A 141 1.69 -14.04 13.15
N ALA A 142 2.51 -14.05 14.19
CA ALA A 142 3.59 -15.02 14.31
C ALA A 142 3.07 -16.44 14.17
N THR A 143 1.97 -16.74 14.85
CA THR A 143 1.37 -18.06 14.80
C THR A 143 1.17 -18.52 13.36
N PHE A 144 0.51 -17.67 12.56
CA PHE A 144 0.25 -17.99 11.17
C PHE A 144 1.56 -18.24 10.41
N LEU A 145 2.61 -17.52 10.80
CA LEU A 145 3.92 -17.67 10.17
C LEU A 145 4.47 -19.07 10.35
N LYS A 146 4.30 -19.61 11.56
CA LYS A 146 4.78 -20.96 11.87
C LYS A 146 3.93 -22.01 11.15
N LEU A 147 2.63 -21.78 11.08
CA LEU A 147 1.72 -22.71 10.43
C LEU A 147 2.03 -22.80 8.93
N VAL A 148 1.94 -21.66 8.25
CA VAL A 148 2.21 -21.61 6.81
C VAL A 148 3.62 -22.10 6.50
N ALA A 149 4.56 -21.83 7.41
CA ALA A 149 5.94 -22.25 7.23
C ALA A 149 6.05 -23.76 7.23
N LEU A 150 5.28 -24.40 8.10
CA LEU A 150 5.30 -25.87 8.21
C LEU A 150 5.13 -26.51 6.84
N HIS A 151 4.23 -25.95 6.03
CA HIS A 151 3.97 -26.48 4.69
C HIS A 151 3.41 -27.89 4.76
N HIS A 152 2.76 -28.32 3.68
CA HIS A 152 2.17 -29.65 3.63
C HIS A 152 2.17 -30.18 2.19
N HIS A 153 1.60 -31.37 2.00
CA HIS A 153 1.52 -31.98 0.69
C HIS A 153 0.14 -32.59 0.44
N HIS A 154 -0.66 -31.90 -0.37
CA HIS A 154 -2.01 -32.38 -0.67
C HIS A 154 -2.21 -32.45 -2.18
N HIS A 155 -3.38 -32.94 -2.59
CA HIS A 155 -3.70 -33.07 -4.01
C HIS A 155 -4.88 -32.17 -4.38
N HIS A 156 -4.57 -30.95 -4.82
CA HIS A 156 -5.60 -29.99 -5.21
C HIS A 156 -5.70 -29.88 -6.72
CA CA B . -9.49 13.33 -18.45
CA CA C . -12.10 -13.85 16.25
N MET A 1 -31.61 14.95 1.34
CA MET A 1 -31.06 15.74 2.42
C MET A 1 -30.01 14.94 3.21
N SER A 2 -29.14 14.25 2.50
CA SER A 2 -28.10 13.45 3.12
C SER A 2 -27.20 14.31 4.01
N MET A 3 -26.34 15.11 3.37
CA MET A 3 -25.43 15.98 4.11
C MET A 3 -24.51 15.17 5.01
N GLU A 4 -23.59 15.86 5.68
CA GLU A 4 -22.65 15.20 6.58
C GLU A 4 -21.89 14.08 5.86
N ILE A 5 -21.22 14.44 4.77
CA ILE A 5 -20.46 13.46 3.99
C ILE A 5 -19.05 13.29 4.56
N GLU A 6 -18.97 12.62 5.71
CA GLU A 6 -17.68 12.38 6.34
C GLU A 6 -16.83 11.41 5.53
N ALA A 7 -15.53 11.65 5.50
CA ALA A 7 -14.62 10.79 4.76
C ALA A 7 -13.17 11.22 4.95
N PRO A 8 -12.22 10.31 4.67
CA PRO A 8 -10.79 10.58 4.81
C PRO A 8 -10.29 11.57 3.77
N ASN A 9 -9.56 12.59 4.22
CA ASN A 9 -9.02 13.60 3.31
C ASN A 9 -7.51 13.41 3.13
N ALA A 10 -6.85 12.95 4.18
CA ALA A 10 -5.42 12.72 4.13
C ALA A 10 -5.06 11.71 3.04
N ASN A 11 -5.88 10.67 2.92
CA ASN A 11 -5.65 9.63 1.92
C ASN A 11 -6.20 10.06 0.56
N THR A 12 -7.49 10.36 0.52
CA THR A 12 -8.14 10.77 -0.72
C THR A 12 -7.37 11.89 -1.39
N GLN A 13 -6.69 12.71 -0.60
CA GLN A 13 -5.91 13.82 -1.12
C GLN A 13 -4.97 13.35 -2.23
N LYS A 14 -4.28 12.25 -1.98
CA LYS A 14 -3.34 11.70 -2.95
C LYS A 14 -4.08 11.26 -4.22
N ILE A 15 -5.16 10.52 -4.05
CA ILE A 15 -5.95 10.05 -5.18
C ILE A 15 -6.38 11.20 -6.08
N ARG A 16 -7.18 12.11 -5.51
CA ARG A 16 -7.66 13.27 -6.24
C ARG A 16 -6.50 14.06 -6.84
N ASP A 17 -5.40 14.15 -6.09
CA ASP A 17 -4.22 14.88 -6.55
C ASP A 17 -3.76 14.37 -7.90
N CYS A 18 -3.41 13.08 -7.94
CA CYS A 18 -2.94 12.47 -9.19
C CYS A 18 -4.06 12.40 -10.22
N PHE A 19 -5.26 12.10 -9.76
CA PHE A 19 -6.42 11.99 -10.64
C PHE A 19 -6.63 13.30 -11.41
N ASN A 20 -6.94 14.37 -10.67
CA ASN A 20 -7.17 15.67 -11.29
C ASN A 20 -5.91 16.16 -12.01
N PHE A 21 -4.77 15.60 -11.64
CA PHE A 21 -3.50 15.98 -12.25
C PHE A 21 -3.57 15.85 -13.78
N TYR A 22 -3.87 14.64 -14.25
CA TYR A 22 -3.97 14.39 -15.68
C TYR A 22 -5.39 14.61 -16.18
N ASP A 23 -6.36 14.43 -15.28
CA ASP A 23 -7.75 14.61 -15.63
C ASP A 23 -8.14 16.09 -15.60
N ARG A 24 -7.16 16.94 -15.31
CA ARG A 24 -7.40 18.38 -15.24
C ARG A 24 -8.19 18.86 -16.46
N ASP A 25 -8.05 18.15 -17.57
CA ASP A 25 -8.74 18.51 -18.79
C ASP A 25 -10.21 18.81 -18.52
N TYR A 26 -10.79 18.11 -17.55
CA TYR A 26 -12.18 18.30 -17.19
C TYR A 26 -13.10 17.77 -18.27
N ASP A 27 -12.66 16.71 -18.95
CA ASP A 27 -13.45 16.10 -20.02
C ASP A 27 -14.64 15.33 -19.44
N GLY A 28 -14.52 14.94 -18.17
CA GLY A 28 -15.60 14.21 -17.54
C GLY A 28 -15.43 12.70 -17.67
N LYS A 29 -14.51 12.28 -18.52
CA LYS A 29 -14.25 10.87 -18.74
C LYS A 29 -12.76 10.56 -18.61
N ILE A 30 -12.44 9.27 -18.52
CA ILE A 30 -11.05 8.85 -18.39
C ILE A 30 -10.75 7.66 -19.30
N ASP A 31 -9.55 7.64 -19.88
CA ASP A 31 -9.15 6.55 -20.77
C ASP A 31 -7.95 5.81 -20.20
N VAL A 32 -7.45 4.84 -20.96
CA VAL A 32 -6.30 4.05 -20.53
C VAL A 32 -5.04 4.89 -20.50
N LYS A 33 -4.96 5.87 -21.41
CA LYS A 33 -3.80 6.75 -21.49
C LYS A 33 -3.54 7.43 -20.16
N GLN A 34 -4.59 7.98 -19.56
CA GLN A 34 -4.49 8.66 -18.27
C GLN A 34 -4.19 7.67 -17.15
N LEU A 35 -4.75 6.47 -17.28
CA LEU A 35 -4.55 5.42 -16.28
C LEU A 35 -3.07 5.18 -16.03
N GLY A 36 -2.31 5.08 -17.11
CA GLY A 36 -0.87 4.84 -16.98
C GLY A 36 -0.10 6.12 -16.80
N THR A 37 -0.71 7.25 -17.16
CA THR A 37 -0.07 8.55 -17.03
C THR A 37 0.51 8.75 -15.64
N LEU A 38 -0.28 8.40 -14.63
CA LEU A 38 0.15 8.53 -13.24
C LEU A 38 1.43 7.74 -12.99
N ILE A 39 1.35 6.42 -13.14
CA ILE A 39 2.49 5.55 -12.94
C ILE A 39 3.66 5.95 -13.82
N ARG A 40 3.35 6.62 -14.93
CA ARG A 40 4.37 7.08 -15.86
C ARG A 40 4.95 8.42 -15.43
N SER A 41 4.20 9.14 -14.61
CA SER A 41 4.63 10.45 -14.12
C SER A 41 5.49 10.30 -12.86
N LEU A 42 4.92 9.66 -11.84
CA LEU A 42 5.63 9.45 -10.58
C LEU A 42 5.97 7.98 -10.38
N GLY A 43 5.10 7.10 -10.86
CA GLY A 43 5.33 5.68 -10.73
C GLY A 43 5.16 5.19 -9.30
N CYS A 44 4.14 5.69 -8.62
CA CYS A 44 3.88 5.31 -7.24
C CYS A 44 4.02 3.80 -7.05
N ALA A 45 3.03 3.05 -7.53
CA ALA A 45 3.05 1.60 -7.43
C ALA A 45 4.26 1.01 -8.12
N PRO A 46 4.65 -0.21 -7.72
CA PRO A 46 5.80 -0.91 -8.30
C PRO A 46 5.55 -1.36 -9.73
N THR A 47 4.46 -2.09 -9.94
CA THR A 47 4.11 -2.58 -11.27
C THR A 47 2.63 -2.36 -11.56
N GLU A 48 2.29 -2.24 -12.84
CA GLU A 48 0.91 -2.03 -13.26
C GLU A 48 0.03 -3.19 -12.78
N ASP A 49 0.65 -4.30 -12.45
CA ASP A 49 -0.08 -5.48 -11.99
C ASP A 49 -0.79 -5.19 -10.67
N GLU A 50 -0.16 -4.36 -9.85
CA GLU A 50 -0.72 -4.00 -8.55
C GLU A 50 -2.05 -3.26 -8.71
N VAL A 51 -2.00 -2.10 -9.36
CA VAL A 51 -3.20 -1.31 -9.58
C VAL A 51 -4.23 -2.08 -10.41
N ASN A 52 -3.76 -2.74 -11.46
CA ASN A 52 -4.64 -3.52 -12.32
C ASN A 52 -5.29 -4.66 -11.55
N SER A 53 -4.55 -5.24 -10.62
CA SER A 53 -5.06 -6.36 -9.82
C SER A 53 -6.35 -5.95 -9.10
N TYR A 54 -6.27 -4.90 -8.29
CA TYR A 54 -7.42 -4.42 -7.55
C TYR A 54 -8.53 -3.98 -8.49
N ILE A 55 -8.15 -3.25 -9.53
CA ILE A 55 -9.12 -2.76 -10.51
C ILE A 55 -9.91 -3.92 -11.13
N LYS A 56 -9.23 -4.79 -11.85
CA LYS A 56 -9.86 -5.93 -12.48
C LYS A 56 -10.68 -6.72 -11.47
N GLU A 57 -10.15 -6.89 -10.27
CA GLU A 57 -10.83 -7.62 -9.21
C GLU A 57 -12.19 -6.99 -8.90
N PHE A 58 -12.27 -5.67 -9.06
CA PHE A 58 -13.50 -4.94 -8.80
C PHE A 58 -14.55 -5.23 -9.86
N ALA A 59 -14.14 -5.14 -11.13
CA ALA A 59 -15.04 -5.40 -12.25
C ALA A 59 -14.34 -5.22 -13.58
N ILE A 60 -13.24 -5.94 -13.76
CA ILE A 60 -12.47 -5.86 -15.00
C ILE A 60 -12.27 -4.41 -15.42
N GLU A 61 -11.97 -4.22 -16.71
CA GLU A 61 -11.75 -2.87 -17.24
C GLU A 61 -12.27 -2.78 -18.67
N GLY A 62 -11.94 -1.67 -19.34
CA GLY A 62 -12.37 -1.47 -20.71
C GLY A 62 -11.45 -0.54 -21.48
N GLU A 63 -12.04 0.37 -22.25
CA GLU A 63 -11.27 1.32 -23.03
C GLU A 63 -11.20 2.67 -22.35
N THR A 64 -12.35 3.31 -22.17
CA THR A 64 -12.42 4.61 -21.52
C THR A 64 -13.84 4.91 -21.04
N PHE A 65 -13.93 5.48 -19.84
CA PHE A 65 -15.22 5.82 -19.25
C PHE A 65 -15.08 6.94 -18.23
N GLN A 66 -14.77 6.57 -16.99
CA GLN A 66 -14.61 7.54 -15.91
C GLN A 66 -14.42 6.84 -14.57
N ILE A 67 -15.05 5.68 -14.42
CA ILE A 67 -14.95 4.90 -13.19
C ILE A 67 -13.53 4.41 -12.96
N GLU A 68 -12.71 4.50 -14.00
CA GLU A 68 -11.32 4.06 -13.91
C GLU A 68 -10.62 4.67 -12.70
N GLN A 69 -11.15 5.80 -12.24
CA GLN A 69 -10.58 6.49 -11.08
C GLN A 69 -10.32 5.51 -9.94
N PHE A 70 -11.12 4.44 -9.89
CA PHE A 70 -10.97 3.44 -8.85
C PHE A 70 -9.52 2.99 -8.72
N GLU A 71 -8.80 3.02 -9.83
CA GLU A 71 -7.40 2.61 -9.85
C GLU A 71 -6.64 3.28 -8.70
N LEU A 72 -6.76 4.60 -8.60
CA LEU A 72 -6.07 5.35 -7.56
C LEU A 72 -6.73 5.12 -6.21
N ILE A 73 -8.05 5.25 -6.16
CA ILE A 73 -8.79 5.04 -4.92
C ILE A 73 -8.37 3.75 -4.23
N MET A 74 -8.10 2.73 -5.03
CA MET A 74 -7.67 1.43 -4.50
C MET A 74 -6.16 1.33 -4.46
N GLU A 75 -5.49 2.10 -5.32
CA GLU A 75 -4.03 2.09 -5.37
C GLU A 75 -3.43 2.29 -3.99
N ARG A 76 -3.96 3.25 -3.25
CA ARG A 76 -3.48 3.55 -1.91
C ARG A 76 -4.19 2.68 -0.87
N GLU A 77 -5.39 2.23 -1.21
CA GLU A 77 -6.18 1.40 -0.31
C GLU A 77 -5.54 0.03 -0.14
N GLN A 78 -4.99 -0.51 -1.24
CA GLN A 78 -4.35 -1.81 -1.21
C GLN A 78 -2.98 -1.74 -0.53
N SER A 79 -2.29 -0.61 -0.73
CA SER A 79 -0.97 -0.42 -0.14
C SER A 79 -1.06 -0.40 1.38
N LYS A 80 -2.19 0.06 1.90
CA LYS A 80 -2.39 0.13 3.34
C LYS A 80 -2.09 -1.21 4.00
N PRO A 81 -1.84 -1.18 5.32
CA PRO A 81 -1.53 -2.38 6.10
C PRO A 81 -2.73 -3.31 6.24
N ASP A 82 -2.59 -4.33 7.08
CA ASP A 82 -3.67 -5.28 7.31
C ASP A 82 -3.96 -5.44 8.80
N THR A 83 -4.76 -6.44 9.14
CA THR A 83 -5.12 -6.69 10.54
C THR A 83 -4.01 -7.45 11.25
N ARG A 84 -2.94 -7.75 10.52
CA ARG A 84 -1.81 -8.48 11.10
C ARG A 84 -0.90 -7.54 11.89
N GLU A 85 -0.83 -6.29 11.45
CA GLU A 85 0.00 -5.29 12.11
C GLU A 85 -0.57 -4.95 13.48
N ILE A 86 -1.87 -4.74 13.55
CA ILE A 86 -2.54 -4.39 14.80
C ILE A 86 -3.73 -5.31 15.06
N LYS A 87 -4.01 -5.55 16.33
CA LYS A 87 -5.13 -6.41 16.72
C LYS A 87 -6.45 -5.64 16.65
N LEU A 88 -6.43 -4.40 17.13
CA LEU A 88 -7.62 -3.57 17.12
C LEU A 88 -8.08 -3.26 15.70
N ARG A 89 -7.11 -3.03 14.81
CA ARG A 89 -7.41 -2.73 13.42
C ARG A 89 -8.36 -3.77 12.83
N LYS A 90 -8.27 -4.99 13.32
CA LYS A 90 -9.12 -6.08 12.85
C LYS A 90 -10.59 -5.75 13.09
N ALA A 91 -10.90 -5.25 14.28
CA ALA A 91 -12.27 -4.90 14.63
C ALA A 91 -12.62 -3.50 14.13
N PHE A 92 -11.64 -2.61 14.14
CA PHE A 92 -11.84 -1.23 13.68
C PHE A 92 -12.32 -1.21 12.24
N GLU A 93 -11.60 -1.91 11.37
CA GLU A 93 -11.95 -1.96 9.96
C GLU A 93 -13.40 -2.40 9.78
N VAL A 94 -13.94 -3.07 10.78
CA VAL A 94 -15.32 -3.54 10.73
C VAL A 94 -16.29 -2.44 11.14
N PHE A 95 -15.84 -1.56 12.04
CA PHE A 95 -16.67 -0.46 12.50
C PHE A 95 -16.38 0.82 11.72
N ASP A 96 -15.12 1.24 11.76
CA ASP A 96 -14.71 2.45 11.05
C ASP A 96 -13.73 2.12 9.92
N GLN A 97 -14.24 2.04 8.71
CA GLN A 97 -13.40 1.73 7.55
C GLN A 97 -12.26 2.73 7.41
N ASP A 98 -12.51 3.96 7.83
CA ASP A 98 -11.51 5.02 7.76
C ASP A 98 -10.33 4.71 8.68
N LYS A 99 -10.56 3.85 9.66
CA LYS A 99 -9.52 3.47 10.61
C LYS A 99 -8.19 3.24 9.90
N ASP A 100 -7.14 3.90 10.37
CA ASP A 100 -5.82 3.77 9.78
C ASP A 100 -4.79 3.43 10.85
N GLY A 101 -5.22 2.76 11.90
CA GLY A 101 -4.32 2.39 12.98
C GLY A 101 -4.12 3.51 13.98
N LYS A 102 -4.65 4.68 13.66
CA LYS A 102 -4.51 5.85 14.53
C LYS A 102 -5.67 6.81 14.33
N ILE A 103 -6.19 7.34 15.44
CA ILE A 103 -7.31 8.28 15.38
C ILE A 103 -7.50 8.99 16.72
N LYS A 104 -8.45 9.92 16.76
CA LYS A 104 -8.74 10.67 17.97
C LYS A 104 -9.17 9.72 19.10
N ALA A 105 -9.33 10.27 20.30
CA ALA A 105 -9.74 9.49 21.46
C ALA A 105 -11.15 8.94 21.27
N SER A 106 -12.01 9.74 20.64
CA SER A 106 -13.39 9.35 20.40
C SER A 106 -13.46 8.15 19.47
N ASP A 107 -12.93 8.31 18.27
CA ASP A 107 -12.93 7.23 17.28
C ASP A 107 -12.25 5.98 17.83
N LEU A 108 -11.23 6.18 18.66
CA LEU A 108 -10.50 5.06 19.26
C LEU A 108 -11.46 4.10 19.95
N ALA A 109 -12.21 4.61 20.93
CA ALA A 109 -13.16 3.80 21.66
C ALA A 109 -14.37 3.46 20.80
N HIS A 110 -14.73 4.37 19.91
CA HIS A 110 -15.87 4.17 19.02
C HIS A 110 -15.76 2.85 18.28
N ASN A 111 -14.57 2.56 17.77
CA ASN A 111 -14.33 1.32 17.04
C ASN A 111 -13.98 0.18 18.00
N LEU A 112 -13.20 0.50 19.03
CA LEU A 112 -12.79 -0.50 20.01
C LEU A 112 -14.00 -1.28 20.53
N THR A 113 -15.11 -0.56 20.72
CA THR A 113 -16.33 -1.18 21.22
C THR A 113 -16.69 -2.42 20.40
N THR A 114 -16.33 -2.40 19.12
CA THR A 114 -16.61 -3.52 18.24
C THR A 114 -15.71 -4.71 18.54
N VAL A 115 -14.46 -4.43 18.91
CA VAL A 115 -13.50 -5.47 19.23
C VAL A 115 -13.95 -6.27 20.45
N GLY A 116 -14.74 -5.63 21.31
CA GLY A 116 -15.21 -6.31 22.51
C GLY A 116 -14.52 -5.82 23.77
N ASP A 117 -13.19 -5.89 23.76
CA ASP A 117 -12.41 -5.45 24.92
C ASP A 117 -12.84 -4.06 25.38
N LYS A 118 -13.25 -3.23 24.43
CA LYS A 118 -13.68 -1.88 24.72
C LYS A 118 -12.54 -1.04 25.29
N MET A 119 -12.81 0.23 25.54
CA MET A 119 -11.79 1.13 26.08
C MET A 119 -12.44 2.25 26.89
N THR A 120 -12.49 2.07 28.21
CA THR A 120 -13.09 3.07 29.09
C THR A 120 -12.01 3.90 29.78
N LYS A 121 -12.43 4.71 30.75
CA LYS A 121 -11.50 5.56 31.50
C LYS A 121 -10.33 4.74 32.04
N GLU A 122 -10.54 3.43 32.16
CA GLU A 122 -9.50 2.54 32.67
C GLU A 122 -8.35 2.44 31.68
N GLU A 123 -8.64 1.95 30.48
CA GLU A 123 -7.62 1.79 29.44
C GLU A 123 -6.92 3.12 29.17
N VAL A 124 -7.70 4.13 28.80
CA VAL A 124 -7.15 5.45 28.51
C VAL A 124 -6.27 5.94 29.65
N GLU A 125 -6.67 5.62 30.87
CA GLU A 125 -5.91 6.03 32.06
C GLU A 125 -4.47 5.53 31.98
N LYS A 126 -4.31 4.22 31.90
CA LYS A 126 -2.98 3.62 31.82
C LYS A 126 -2.27 4.01 30.53
N VAL A 127 -3.04 4.08 29.43
CA VAL A 127 -2.49 4.45 28.14
C VAL A 127 -1.72 5.77 28.23
N PHE A 128 -2.15 6.64 29.13
CA PHE A 128 -1.51 7.94 29.31
C PHE A 128 -0.27 7.81 30.20
N SER A 129 -0.23 6.74 30.99
CA SER A 129 0.88 6.50 31.90
C SER A 129 2.10 6.00 31.13
N ILE A 130 1.86 5.11 30.18
CA ILE A 130 2.94 4.54 29.36
C ILE A 130 3.26 5.44 28.18
N LEU A 131 2.25 5.72 27.37
CA LEU A 131 2.42 6.57 26.20
C LEU A 131 2.76 8.01 26.60
N GLY A 132 2.41 8.37 27.84
CA GLY A 132 2.70 9.70 28.33
C GLY A 132 1.96 10.78 27.56
N ILE A 133 0.78 10.44 27.05
CA ILE A 133 -0.03 11.38 26.30
C ILE A 133 -1.44 11.49 26.88
N THR A 134 -1.98 12.71 26.87
CA THR A 134 -3.32 12.95 27.39
C THR A 134 -4.38 12.31 26.51
N MET A 135 -5.50 11.94 27.12
CA MET A 135 -6.60 11.32 26.39
C MET A 135 -7.12 12.24 25.30
N GLU A 136 -6.87 13.53 25.46
CA GLU A 136 -7.32 14.53 24.48
C GLU A 136 -6.57 14.38 23.16
N SER A 137 -5.31 13.98 23.24
CA SER A 137 -4.48 13.79 22.06
C SER A 137 -4.78 12.45 21.39
N ASP A 138 -4.92 12.48 20.07
CA ASP A 138 -5.21 11.28 19.30
C ASP A 138 -4.21 10.17 19.64
N ILE A 139 -4.54 8.94 19.26
CA ILE A 139 -3.68 7.79 19.52
C ILE A 139 -2.93 7.37 18.27
N ASP A 140 -1.88 6.58 18.45
CA ASP A 140 -1.08 6.11 17.33
C ASP A 140 -0.60 4.68 17.58
N LEU A 141 0.17 4.15 16.63
CA LEU A 141 0.69 2.79 16.74
C LEU A 141 1.21 2.52 18.15
N ALA A 142 2.05 3.43 18.65
CA ALA A 142 2.61 3.28 19.98
C ALA A 142 1.51 3.15 21.03
N THR A 143 0.50 4.01 20.94
CA THR A 143 -0.61 3.98 21.88
C THR A 143 -1.23 2.59 21.96
N PHE A 144 -1.37 1.94 20.81
CA PHE A 144 -1.95 0.60 20.76
C PHE A 144 -1.03 -0.42 21.43
N LEU A 145 0.27 -0.21 21.29
CA LEU A 145 1.25 -1.12 21.90
C LEU A 145 1.12 -1.12 23.42
N LYS A 146 1.09 0.06 24.01
CA LYS A 146 0.96 0.20 25.45
C LYS A 146 -0.42 -0.26 25.93
N LEU A 147 -1.42 -0.06 25.09
CA LEU A 147 -2.79 -0.45 25.42
C LEU A 147 -2.94 -1.97 25.38
N VAL A 148 -2.75 -2.54 24.19
CA VAL A 148 -2.87 -3.99 24.02
C VAL A 148 -1.99 -4.73 25.01
N ALA A 149 -0.85 -4.13 25.36
CA ALA A 149 0.09 -4.74 26.30
C ALA A 149 -0.48 -4.73 27.71
N LEU A 150 -0.74 -3.54 28.24
CA LEU A 150 -1.28 -3.39 29.58
C LEU A 150 -2.53 -4.25 29.76
N HIS A 151 -3.34 -4.34 28.71
CA HIS A 151 -4.55 -5.13 28.75
C HIS A 151 -4.62 -6.10 27.57
N HIS A 152 -4.09 -7.30 27.77
CA HIS A 152 -4.08 -8.31 26.73
C HIS A 152 -5.49 -8.79 26.41
N HIS A 153 -6.16 -9.35 27.43
CA HIS A 153 -7.53 -9.84 27.26
C HIS A 153 -8.11 -10.26 28.60
N HIS A 154 -9.38 -10.65 28.59
CA HIS A 154 -10.06 -11.09 29.80
C HIS A 154 -11.01 -12.25 29.51
N HIS A 155 -10.51 -13.23 28.75
CA HIS A 155 -11.32 -14.39 28.41
C HIS A 155 -12.58 -13.99 27.67
N HIS A 156 -12.42 -13.22 26.59
CA HIS A 156 -13.56 -12.76 25.81
C HIS A 156 -13.28 -12.90 24.31
CA CA B . -9.61 13.17 -18.37
CA CA C . -10.07 6.31 11.80
N MET A 1 -14.55 21.44 -2.72
CA MET A 1 -15.12 20.17 -2.28
C MET A 1 -14.14 19.43 -1.37
N SER A 2 -14.55 19.19 -0.13
CA SER A 2 -13.71 18.49 0.84
C SER A 2 -14.50 17.36 1.52
N MET A 3 -15.43 17.73 2.38
CA MET A 3 -16.25 16.76 3.08
C MET A 3 -15.37 15.78 3.86
N GLU A 4 -15.99 14.79 4.49
CA GLU A 4 -15.27 13.79 5.27
C GLU A 4 -16.16 12.59 5.59
N ILE A 5 -15.71 11.41 5.21
CA ILE A 5 -16.47 10.19 5.46
C ILE A 5 -15.57 9.07 5.96
N GLU A 6 -14.63 8.65 5.11
CA GLU A 6 -13.70 7.57 5.47
C GLU A 6 -12.82 8.00 6.63
N ALA A 7 -12.13 7.04 7.24
CA ALA A 7 -11.25 7.31 8.37
C ALA A 7 -10.09 8.21 7.95
N PRO A 8 -9.28 7.72 6.99
CA PRO A 8 -8.12 8.47 6.49
C PRO A 8 -8.53 9.67 5.66
N ASN A 9 -7.91 10.82 5.95
CA ASN A 9 -8.21 12.06 5.23
C ASN A 9 -7.09 12.40 4.24
N ALA A 10 -5.86 12.08 4.62
CA ALA A 10 -4.70 12.35 3.78
C ALA A 10 -4.85 11.68 2.41
N ASN A 11 -4.95 10.36 2.41
CA ASN A 11 -5.09 9.61 1.18
C ASN A 11 -6.26 10.14 0.35
N THR A 12 -7.34 10.53 1.03
CA THR A 12 -8.53 11.05 0.37
C THR A 12 -8.16 12.17 -0.59
N GLN A 13 -7.16 12.96 -0.22
CA GLN A 13 -6.70 14.08 -1.05
C GLN A 13 -5.76 13.60 -2.15
N LYS A 14 -4.93 12.60 -1.82
CA LYS A 14 -3.98 12.06 -2.77
C LYS A 14 -4.69 11.56 -4.03
N ILE A 15 -5.72 10.74 -3.83
CA ILE A 15 -6.49 10.20 -4.95
C ILE A 15 -7.04 11.32 -5.83
N ARG A 16 -7.40 12.43 -5.20
CA ARG A 16 -7.95 13.57 -5.93
C ARG A 16 -6.84 14.33 -6.66
N ASP A 17 -5.69 14.45 -6.00
CA ASP A 17 -4.55 15.16 -6.58
C ASP A 17 -4.12 14.49 -7.89
N CYS A 18 -3.87 13.19 -7.83
CA CYS A 18 -3.44 12.44 -9.01
C CYS A 18 -4.57 12.34 -10.02
N PHE A 19 -5.80 12.26 -9.53
CA PHE A 19 -6.96 12.16 -10.40
C PHE A 19 -7.05 13.36 -11.34
N ASN A 20 -7.28 14.54 -10.76
CA ASN A 20 -7.39 15.76 -11.54
C ASN A 20 -6.08 16.07 -12.25
N PHE A 21 -4.99 15.51 -11.73
CA PHE A 21 -3.67 15.74 -12.32
C PHE A 21 -3.67 15.42 -13.81
N TYR A 22 -4.14 14.22 -14.15
CA TYR A 22 -4.20 13.79 -15.54
C TYR A 22 -5.52 14.18 -16.19
N ASP A 23 -6.56 14.30 -15.37
CA ASP A 23 -7.88 14.67 -15.85
C ASP A 23 -7.97 16.18 -16.08
N ARG A 24 -6.86 16.88 -15.82
CA ARG A 24 -6.81 18.32 -15.99
C ARG A 24 -7.38 18.74 -17.35
N ASP A 25 -7.27 17.84 -18.32
CA ASP A 25 -7.78 18.09 -19.66
C ASP A 25 -9.22 18.61 -19.61
N TYR A 26 -9.96 18.19 -18.60
CA TYR A 26 -11.34 18.61 -18.44
C TYR A 26 -12.24 17.92 -19.46
N ASP A 27 -11.91 16.68 -19.80
CA ASP A 27 -12.68 15.91 -20.76
C ASP A 27 -13.94 15.33 -20.10
N GLY A 28 -13.88 15.14 -18.78
CA GLY A 28 -15.02 14.59 -18.07
C GLY A 28 -15.02 13.08 -18.06
N LYS A 29 -14.14 12.48 -18.86
CA LYS A 29 -14.04 11.03 -18.95
C LYS A 29 -12.62 10.56 -18.67
N ILE A 30 -12.44 9.24 -18.58
CA ILE A 30 -11.13 8.67 -18.31
C ILE A 30 -10.83 7.53 -19.28
N ASP A 31 -9.55 7.34 -19.58
CA ASP A 31 -9.12 6.29 -20.49
C ASP A 31 -8.00 5.46 -19.87
N VAL A 32 -7.45 4.53 -20.65
CA VAL A 32 -6.38 3.67 -20.18
C VAL A 32 -5.05 4.42 -20.17
N LYS A 33 -4.88 5.32 -21.14
CA LYS A 33 -3.64 6.10 -21.24
C LYS A 33 -3.41 6.92 -19.97
N GLN A 34 -4.50 7.45 -19.40
CA GLN A 34 -4.40 8.24 -18.19
C GLN A 34 -4.12 7.36 -16.97
N LEU A 35 -4.67 6.15 -16.99
CA LEU A 35 -4.49 5.20 -15.89
C LEU A 35 -3.00 5.01 -15.59
N GLY A 36 -2.22 4.75 -16.64
CA GLY A 36 -0.80 4.55 -16.46
C GLY A 36 -0.05 5.86 -16.25
N THR A 37 -0.62 6.95 -16.75
CA THR A 37 0.01 8.27 -16.61
C THR A 37 0.44 8.52 -15.18
N LEU A 38 -0.53 8.51 -14.25
CA LEU A 38 -0.25 8.74 -12.84
C LEU A 38 0.78 7.74 -12.32
N ILE A 39 0.60 6.47 -12.66
CA ILE A 39 1.51 5.43 -12.23
C ILE A 39 2.96 5.83 -12.48
N ARG A 40 3.19 6.52 -13.59
CA ARG A 40 4.53 6.96 -13.96
C ARG A 40 4.86 8.30 -13.30
N SER A 41 3.84 9.13 -13.13
CA SER A 41 4.01 10.45 -12.51
C SER A 41 4.67 10.32 -11.14
N LEU A 42 4.26 9.31 -10.39
CA LEU A 42 4.80 9.08 -9.05
C LEU A 42 5.70 7.86 -9.04
N GLY A 43 5.37 6.87 -9.87
CA GLY A 43 6.17 5.65 -9.94
C GLY A 43 5.92 4.74 -8.76
N CYS A 44 4.70 4.76 -8.24
CA CYS A 44 4.34 3.92 -7.09
C CYS A 44 4.37 2.44 -7.48
N ALA A 45 4.65 1.58 -6.50
CA ALA A 45 4.71 0.15 -6.74
C ALA A 45 5.83 -0.20 -7.71
N PRO A 46 6.25 -1.48 -7.69
CA PRO A 46 7.32 -1.97 -8.56
C PRO A 46 6.91 -2.02 -10.03
N THR A 47 5.76 -2.64 -10.29
CA THR A 47 5.25 -2.77 -11.64
C THR A 47 3.76 -2.40 -11.71
N GLU A 48 3.29 -2.11 -12.91
CA GLU A 48 1.89 -1.75 -13.11
C GLU A 48 0.96 -2.86 -12.65
N ASP A 49 1.51 -4.07 -12.53
CA ASP A 49 0.73 -5.22 -12.09
C ASP A 49 -0.05 -4.89 -10.81
N GLU A 50 0.52 -4.03 -9.98
CA GLU A 50 -0.12 -3.65 -8.73
C GLU A 50 -1.45 -2.92 -8.99
N VAL A 51 -1.36 -1.77 -9.65
CA VAL A 51 -2.55 -0.98 -9.96
C VAL A 51 -3.49 -1.76 -10.88
N ASN A 52 -2.91 -2.49 -11.84
CA ASN A 52 -3.70 -3.27 -12.77
C ASN A 52 -4.42 -4.41 -12.06
N SER A 53 -3.80 -4.95 -11.02
CA SER A 53 -4.38 -6.04 -10.26
C SER A 53 -5.71 -5.61 -9.63
N TYR A 54 -5.66 -4.56 -8.82
CA TYR A 54 -6.85 -4.05 -8.15
C TYR A 54 -7.88 -3.58 -9.17
N ILE A 55 -7.47 -2.67 -10.05
CA ILE A 55 -8.35 -2.14 -11.08
C ILE A 55 -9.04 -3.25 -11.85
N LYS A 56 -8.35 -4.38 -11.96
CA LYS A 56 -8.90 -5.54 -12.68
C LYS A 56 -9.90 -6.29 -11.81
N GLU A 57 -9.65 -6.33 -10.51
CA GLU A 57 -10.54 -7.01 -9.57
C GLU A 57 -11.89 -6.32 -9.51
N PHE A 58 -11.89 -5.01 -9.73
CA PHE A 58 -13.12 -4.23 -9.70
C PHE A 58 -13.44 -3.65 -11.07
N ALA A 59 -12.98 -4.33 -12.11
CA ALA A 59 -13.21 -3.89 -13.48
C ALA A 59 -12.63 -4.88 -14.49
N ILE A 60 -13.35 -5.96 -14.72
CA ILE A 60 -12.91 -6.98 -15.66
C ILE A 60 -12.51 -6.37 -17.01
N GLU A 61 -13.51 -6.01 -17.80
CA GLU A 61 -13.25 -5.40 -19.11
C GLU A 61 -13.47 -3.90 -19.05
N GLY A 62 -13.12 -3.22 -20.14
CA GLY A 62 -13.28 -1.78 -20.20
C GLY A 62 -12.02 -1.07 -20.68
N GLU A 63 -12.21 -0.03 -21.50
CA GLU A 63 -11.08 0.72 -22.03
C GLU A 63 -11.09 2.16 -21.52
N THR A 64 -12.15 2.89 -21.87
CA THR A 64 -12.28 4.28 -21.44
C THR A 64 -13.73 4.62 -21.11
N PHE A 65 -13.94 5.40 -20.06
CA PHE A 65 -15.27 5.80 -19.65
C PHE A 65 -15.22 6.93 -18.63
N GLN A 66 -15.14 6.58 -17.36
CA GLN A 66 -15.09 7.57 -16.28
C GLN A 66 -14.86 6.89 -14.93
N ILE A 67 -15.43 5.70 -14.77
CA ILE A 67 -15.29 4.96 -13.53
C ILE A 67 -13.83 4.60 -13.26
N GLU A 68 -13.00 4.74 -14.29
CA GLU A 68 -11.57 4.43 -14.16
C GLU A 68 -11.00 5.05 -12.89
N GLN A 69 -11.57 6.16 -12.46
CA GLN A 69 -11.12 6.84 -11.26
C GLN A 69 -10.92 5.86 -10.11
N PHE A 70 -11.74 4.81 -10.10
CA PHE A 70 -11.66 3.79 -9.05
C PHE A 70 -10.23 3.32 -8.86
N GLU A 71 -9.48 3.25 -9.96
CA GLU A 71 -8.10 2.82 -9.92
C GLU A 71 -7.31 3.58 -8.86
N LEU A 72 -7.61 4.87 -8.73
CA LEU A 72 -6.93 5.72 -7.76
C LEU A 72 -7.51 5.51 -6.36
N ILE A 73 -8.83 5.63 -6.26
CA ILE A 73 -9.52 5.45 -4.98
C ILE A 73 -9.11 4.14 -4.31
N MET A 74 -8.83 3.13 -5.13
CA MET A 74 -8.43 1.83 -4.62
C MET A 74 -6.92 1.75 -4.47
N GLU A 75 -6.20 2.44 -5.34
CA GLU A 75 -4.74 2.45 -5.30
C GLU A 75 -4.24 2.93 -3.94
N ARG A 76 -4.96 3.87 -3.35
CA ARG A 76 -4.58 4.42 -2.05
C ARG A 76 -4.85 3.41 -0.94
N GLU A 77 -5.83 2.55 -1.16
CA GLU A 77 -6.19 1.54 -0.17
C GLU A 77 -5.30 0.30 -0.32
N GLN A 78 -4.95 -0.02 -1.56
CA GLN A 78 -4.10 -1.18 -1.83
C GLN A 78 -2.64 -0.85 -1.60
N SER A 79 -2.27 0.40 -1.88
CA SER A 79 -0.89 0.85 -1.71
C SER A 79 -0.74 1.66 -0.43
N LYS A 80 -1.58 1.36 0.56
CA LYS A 80 -1.54 2.06 1.83
C LYS A 80 -0.11 2.15 2.35
N PRO A 81 0.13 3.11 3.25
CA PRO A 81 1.45 3.33 3.85
C PRO A 81 1.84 2.21 4.81
N ASP A 82 3.12 2.16 5.17
CA ASP A 82 3.62 1.14 6.08
C ASP A 82 5.11 1.34 6.36
N THR A 83 5.84 1.80 5.36
CA THR A 83 7.27 2.04 5.49
C THR A 83 7.57 2.91 6.72
N ARG A 84 6.66 3.83 7.00
CA ARG A 84 6.82 4.73 8.15
C ARG A 84 7.12 3.95 9.42
N GLU A 85 6.60 2.72 9.49
CA GLU A 85 6.82 1.86 10.66
C GLU A 85 8.27 1.42 10.75
N ILE A 86 8.83 1.02 9.61
CA ILE A 86 10.21 0.56 9.56
C ILE A 86 11.17 1.74 9.46
N LYS A 87 12.41 1.52 9.87
CA LYS A 87 13.43 2.57 9.83
C LYS A 87 13.84 2.88 8.39
N LEU A 88 13.72 1.87 7.53
CA LEU A 88 14.08 2.04 6.11
C LEU A 88 13.49 3.32 5.55
N ARG A 89 12.26 3.63 5.93
CA ARG A 89 11.58 4.83 5.46
C ARG A 89 12.52 6.04 5.54
N LYS A 90 13.17 6.21 6.68
CA LYS A 90 14.09 7.33 6.87
C LYS A 90 15.48 6.97 6.37
N ALA A 91 15.81 5.67 6.38
CA ALA A 91 17.11 5.21 5.93
C ALA A 91 17.45 5.78 4.56
N PHE A 92 16.60 5.49 3.58
CA PHE A 92 16.82 5.98 2.22
C PHE A 92 16.45 7.45 2.10
N GLU A 93 15.58 7.92 3.00
CA GLU A 93 15.16 9.30 3.00
C GLU A 93 16.35 10.25 2.86
N VAL A 94 17.49 9.82 3.40
CA VAL A 94 18.71 10.61 3.33
C VAL A 94 19.58 10.20 2.15
N PHE A 95 19.64 8.90 1.90
CA PHE A 95 20.44 8.37 0.80
C PHE A 95 19.66 8.42 -0.52
N ASP A 96 18.56 7.70 -0.57
CA ASP A 96 17.72 7.66 -1.76
C ASP A 96 16.34 8.27 -1.49
N GLN A 97 16.17 9.53 -1.87
CA GLN A 97 14.90 10.22 -1.66
C GLN A 97 13.82 9.66 -2.58
N ASP A 98 14.22 9.25 -3.77
CA ASP A 98 13.29 8.69 -4.75
C ASP A 98 12.71 7.37 -4.25
N LYS A 99 13.49 6.66 -3.45
CA LYS A 99 13.05 5.37 -2.91
C LYS A 99 11.63 5.46 -2.36
N ASP A 100 10.91 4.35 -2.43
CA ASP A 100 9.53 4.30 -1.96
C ASP A 100 9.34 3.13 -0.98
N GLY A 101 10.39 2.82 -0.24
CA GLY A 101 10.31 1.71 0.71
C GLY A 101 10.65 0.37 0.08
N LYS A 102 10.80 0.36 -1.23
CA LYS A 102 11.12 -0.86 -1.96
C LYS A 102 11.82 -0.54 -3.27
N ILE A 103 12.86 -1.31 -3.59
CA ILE A 103 13.62 -1.12 -4.82
C ILE A 103 14.53 -2.31 -5.10
N LYS A 104 15.29 -2.22 -6.19
CA LYS A 104 16.20 -3.30 -6.57
C LYS A 104 17.25 -3.52 -5.50
N ALA A 105 18.04 -4.58 -5.66
CA ALA A 105 19.10 -4.90 -4.72
C ALA A 105 20.08 -3.74 -4.56
N SER A 106 20.57 -3.24 -5.69
CA SER A 106 21.52 -2.13 -5.68
C SER A 106 21.00 -0.98 -4.83
N ASP A 107 19.83 -0.46 -5.21
CA ASP A 107 19.23 0.65 -4.49
C ASP A 107 19.16 0.36 -2.98
N LEU A 108 18.74 -0.86 -2.65
CA LEU A 108 18.62 -1.26 -1.26
C LEU A 108 19.96 -1.09 -0.53
N ALA A 109 20.98 -1.78 -1.02
CA ALA A 109 22.31 -1.69 -0.42
C ALA A 109 22.81 -0.26 -0.38
N HIS A 110 22.30 0.56 -1.31
CA HIS A 110 22.71 1.96 -1.38
C HIS A 110 22.22 2.73 -0.16
N ASN A 111 20.90 2.66 0.08
CA ASN A 111 20.31 3.36 1.23
C ASN A 111 20.59 2.61 2.52
N LEU A 112 20.81 1.30 2.41
CA LEU A 112 21.09 0.48 3.57
C LEU A 112 22.19 1.10 4.44
N THR A 113 23.22 1.60 3.80
CA THR A 113 24.34 2.23 4.50
C THR A 113 23.84 3.26 5.51
N THR A 114 22.71 3.90 5.18
CA THR A 114 22.13 4.91 6.06
C THR A 114 21.36 4.26 7.21
N VAL A 115 20.72 3.13 6.93
CA VAL A 115 19.96 2.42 7.95
C VAL A 115 20.88 1.78 8.99
N GLY A 116 22.10 1.46 8.57
CA GLY A 116 23.05 0.86 9.47
C GLY A 116 24.46 1.40 9.29
N ASP A 117 25.45 0.55 9.50
CA ASP A 117 26.84 0.95 9.35
C ASP A 117 27.43 0.42 8.04
N LYS A 118 27.00 -0.78 7.66
CA LYS A 118 27.48 -1.40 6.43
C LYS A 118 26.81 -2.76 6.21
N MET A 119 26.29 -2.96 5.01
CA MET A 119 25.63 -4.22 4.68
C MET A 119 26.30 -4.89 3.48
N THR A 120 27.05 -5.96 3.74
CA THR A 120 27.74 -6.68 2.70
C THR A 120 27.00 -7.96 2.32
N LYS A 121 27.66 -8.82 1.54
CA LYS A 121 27.06 -10.07 1.12
C LYS A 121 26.40 -10.80 2.30
N GLU A 122 26.91 -10.54 3.49
CA GLU A 122 26.39 -11.17 4.70
C GLU A 122 24.93 -10.75 4.93
N GLU A 123 24.70 -9.44 4.99
CA GLU A 123 23.36 -8.92 5.21
C GLU A 123 22.37 -9.50 4.18
N VAL A 124 22.70 -9.34 2.91
CA VAL A 124 21.86 -9.85 1.84
C VAL A 124 21.73 -11.37 1.90
N GLU A 125 22.80 -12.03 2.30
CA GLU A 125 22.82 -13.48 2.41
C GLU A 125 21.64 -13.97 3.25
N LYS A 126 21.55 -13.47 4.48
CA LYS A 126 20.47 -13.86 5.38
C LYS A 126 19.12 -13.36 4.87
N VAL A 127 19.12 -12.18 4.26
CA VAL A 127 17.90 -11.60 3.72
C VAL A 127 17.18 -12.59 2.81
N PHE A 128 17.95 -13.41 2.11
CA PHE A 128 17.39 -14.39 1.20
C PHE A 128 16.97 -15.66 1.95
N SER A 129 17.54 -15.83 3.14
CA SER A 129 17.22 -17.00 3.96
C SER A 129 15.84 -16.87 4.59
N ILE A 130 15.54 -15.68 5.10
CA ILE A 130 14.25 -15.42 5.73
C ILE A 130 13.20 -15.02 4.68
N LEU A 131 13.51 -14.00 3.90
CA LEU A 131 12.60 -13.52 2.87
C LEU A 131 12.42 -14.57 1.78
N GLY A 132 13.39 -15.47 1.66
CA GLY A 132 13.32 -16.51 0.66
C GLY A 132 13.31 -15.96 -0.75
N ILE A 133 13.94 -14.80 -0.94
CA ILE A 133 14.00 -14.16 -2.24
C ILE A 133 15.45 -13.94 -2.68
N THR A 134 15.71 -14.12 -3.97
CA THR A 134 17.04 -13.95 -4.52
C THR A 134 17.47 -12.48 -4.45
N MET A 135 18.72 -12.26 -4.06
CA MET A 135 19.25 -10.90 -3.97
C MET A 135 19.09 -10.15 -5.29
N GLU A 136 19.02 -10.90 -6.39
CA GLU A 136 18.86 -10.30 -7.70
C GLU A 136 17.48 -9.70 -7.86
N SER A 137 16.49 -10.31 -7.22
CA SER A 137 15.11 -9.82 -7.29
C SER A 137 14.93 -8.59 -6.40
N ASP A 138 14.09 -7.67 -6.86
CA ASP A 138 13.82 -6.45 -6.11
C ASP A 138 13.37 -6.77 -4.68
N ILE A 139 13.63 -5.84 -3.77
CA ILE A 139 13.25 -6.03 -2.37
C ILE A 139 11.97 -5.28 -2.04
N ASP A 140 11.38 -5.58 -0.88
CA ASP A 140 10.16 -4.92 -0.45
C ASP A 140 10.15 -4.73 1.07
N LEU A 141 9.07 -4.14 1.58
CA LEU A 141 8.94 -3.91 3.01
C LEU A 141 9.33 -5.15 3.81
N ALA A 142 8.83 -6.30 3.37
CA ALA A 142 9.12 -7.56 4.05
C ALA A 142 10.63 -7.83 4.06
N THR A 143 11.28 -7.63 2.92
CA THR A 143 12.71 -7.84 2.81
C THR A 143 13.47 -7.12 3.90
N PHE A 144 13.25 -5.81 4.01
CA PHE A 144 13.91 -5.00 5.02
C PHE A 144 13.56 -5.48 6.43
N LEU A 145 12.33 -5.93 6.60
CA LEU A 145 11.87 -6.43 7.89
C LEU A 145 12.77 -7.55 8.40
N LYS A 146 13.05 -8.50 7.53
CA LYS A 146 13.91 -9.62 7.89
C LYS A 146 15.35 -9.17 8.09
N LEU A 147 15.76 -8.16 7.34
CA LEU A 147 17.11 -7.63 7.43
C LEU A 147 17.32 -6.89 8.75
N VAL A 148 16.57 -5.79 8.92
CA VAL A 148 16.66 -4.99 10.14
C VAL A 148 16.47 -5.86 11.38
N ALA A 149 15.60 -6.85 11.27
CA ALA A 149 15.33 -7.75 12.38
C ALA A 149 16.55 -8.60 12.72
N LEU A 150 17.06 -9.30 11.73
CA LEU A 150 18.24 -10.15 11.92
C LEU A 150 19.44 -9.32 12.35
N HIS A 151 19.57 -8.12 11.78
CA HIS A 151 20.68 -7.23 12.11
C HIS A 151 20.78 -7.02 13.62
N HIS A 152 22.00 -7.05 14.14
CA HIS A 152 22.23 -6.85 15.56
C HIS A 152 23.72 -6.78 15.87
N HIS A 153 24.44 -7.85 15.52
CA HIS A 153 25.87 -7.92 15.76
C HIS A 153 26.62 -6.96 14.85
N HIS A 154 27.14 -5.87 15.43
CA HIS A 154 27.88 -4.88 14.67
C HIS A 154 28.51 -3.84 15.59
N HIS A 155 27.76 -3.42 16.60
CA HIS A 155 28.25 -2.44 17.56
C HIS A 155 28.56 -1.11 16.86
N HIS A 156 27.66 -0.69 15.97
CA HIS A 156 27.84 0.56 15.24
C HIS A 156 26.62 0.85 14.36
CA CA B . -9.20 13.06 -18.32
CA CA C . 13.64 4.08 -4.68
N MET A 1 -19.94 25.89 -6.70
CA MET A 1 -18.60 25.60 -6.17
C MET A 1 -18.58 25.76 -4.64
N SER A 2 -18.90 24.69 -3.93
CA SER A 2 -18.91 24.72 -2.48
C SER A 2 -19.18 23.33 -1.91
N MET A 3 -18.87 23.14 -0.63
CA MET A 3 -19.08 21.86 0.03
C MET A 3 -18.73 21.96 1.52
N GLU A 4 -19.04 20.90 2.25
CA GLU A 4 -18.77 20.86 3.68
C GLU A 4 -19.03 19.46 4.25
N ILE A 5 -17.97 18.68 4.38
CA ILE A 5 -18.09 17.32 4.92
C ILE A 5 -16.78 16.88 5.59
N GLU A 6 -16.78 16.88 6.92
CA GLU A 6 -15.60 16.48 7.67
C GLU A 6 -15.09 15.12 7.22
N ALA A 7 -13.78 15.01 7.03
CA ALA A 7 -13.17 13.77 6.58
C ALA A 7 -11.65 13.90 6.49
N PRO A 8 -10.96 12.76 6.48
CA PRO A 8 -9.49 12.72 6.40
C PRO A 8 -8.98 13.14 5.03
N ASN A 9 -7.98 14.03 5.02
CA ASN A 9 -7.41 14.51 3.76
C ASN A 9 -6.04 13.88 3.52
N ALA A 10 -5.72 12.86 4.31
CA ALA A 10 -4.44 12.17 4.17
C ALA A 10 -4.41 11.32 2.91
N ASN A 11 -5.31 10.35 2.83
CA ASN A 11 -5.38 9.46 1.67
C ASN A 11 -6.24 10.08 0.57
N THR A 12 -7.28 10.80 0.98
CA THR A 12 -8.18 11.43 0.03
C THR A 12 -7.41 12.27 -0.99
N GLN A 13 -6.34 12.92 -0.54
CA GLN A 13 -5.52 13.74 -1.41
C GLN A 13 -4.90 12.91 -2.52
N LYS A 14 -4.58 11.66 -2.21
CA LYS A 14 -3.98 10.75 -3.18
C LYS A 14 -4.93 10.50 -4.35
N ILE A 15 -6.20 10.28 -4.04
CA ILE A 15 -7.21 10.04 -5.08
C ILE A 15 -7.23 11.16 -6.10
N ARG A 16 -7.57 12.37 -5.65
CA ARG A 16 -7.62 13.52 -6.55
C ARG A 16 -6.26 13.80 -7.17
N ASP A 17 -5.20 13.56 -6.39
CA ASP A 17 -3.84 13.78 -6.87
C ASP A 17 -3.60 13.04 -8.19
N CYS A 18 -3.72 11.73 -8.16
CA CYS A 18 -3.53 10.90 -9.34
C CYS A 18 -4.66 11.10 -10.34
N PHE A 19 -5.88 11.18 -9.83
CA PHE A 19 -7.06 11.37 -10.68
C PHE A 19 -6.90 12.61 -11.56
N ASN A 20 -6.84 13.77 -10.93
CA ASN A 20 -6.69 15.02 -11.65
C ASN A 20 -5.38 15.06 -12.42
N PHE A 21 -4.43 14.24 -11.99
CA PHE A 21 -3.12 14.17 -12.64
C PHE A 21 -3.27 13.92 -14.13
N TYR A 22 -3.90 12.80 -14.46
CA TYR A 22 -4.11 12.43 -15.86
C TYR A 22 -5.44 12.97 -16.38
N ASP A 23 -6.40 13.13 -15.47
CA ASP A 23 -7.71 13.64 -15.84
C ASP A 23 -7.69 15.16 -15.96
N ARG A 24 -6.51 15.74 -15.77
CA ARG A 24 -6.35 17.20 -15.86
C ARG A 24 -7.00 17.74 -17.13
N ASP A 25 -7.05 16.90 -18.17
CA ASP A 25 -7.64 17.30 -19.43
C ASP A 25 -9.03 17.88 -19.22
N TYR A 26 -9.68 17.47 -18.14
CA TYR A 26 -11.03 17.95 -17.82
C TYR A 26 -12.07 17.31 -18.74
N ASP A 27 -11.95 16.00 -18.93
CA ASP A 27 -12.88 15.27 -19.78
C ASP A 27 -13.98 14.60 -18.94
N GLY A 28 -13.67 14.33 -17.68
CA GLY A 28 -14.63 13.70 -16.80
C GLY A 28 -14.50 12.18 -16.79
N LYS A 29 -13.72 11.65 -17.73
CA LYS A 29 -13.52 10.21 -17.83
C LYS A 29 -12.03 9.88 -17.95
N ILE A 30 -11.73 8.59 -18.02
CA ILE A 30 -10.35 8.15 -18.15
C ILE A 30 -10.21 7.04 -19.19
N ASP A 31 -9.14 7.10 -19.98
CA ASP A 31 -8.90 6.12 -21.02
C ASP A 31 -7.63 5.32 -20.72
N VAL A 32 -7.29 4.39 -21.62
CA VAL A 32 -6.10 3.57 -21.46
C VAL A 32 -4.85 4.44 -21.33
N LYS A 33 -4.81 5.53 -22.08
CA LYS A 33 -3.67 6.45 -22.04
C LYS A 33 -3.55 7.12 -20.68
N GLN A 34 -4.67 7.63 -20.17
CA GLN A 34 -4.69 8.29 -18.87
C GLN A 34 -4.47 7.28 -17.74
N LEU A 35 -4.86 6.04 -17.98
CA LEU A 35 -4.70 4.99 -16.98
C LEU A 35 -3.23 4.79 -16.62
N GLY A 36 -2.40 4.59 -17.64
CA GLY A 36 -0.98 4.39 -17.41
C GLY A 36 -0.27 5.68 -17.06
N THR A 37 -0.88 6.81 -17.40
CA THR A 37 -0.30 8.12 -17.12
C THR A 37 0.17 8.21 -15.67
N LEU A 38 -0.75 7.95 -14.74
CA LEU A 38 -0.44 8.01 -13.33
C LEU A 38 0.80 7.16 -13.00
N ILE A 39 0.88 5.99 -13.63
CA ILE A 39 2.01 5.09 -13.42
C ILE A 39 3.31 5.71 -13.92
N ARG A 40 3.19 6.57 -14.92
CA ARG A 40 4.36 7.22 -15.50
C ARG A 40 4.71 8.49 -14.73
N SER A 41 3.72 9.03 -13.99
CA SER A 41 3.92 10.24 -13.21
C SER A 41 4.49 9.91 -11.84
N LEU A 42 3.80 9.05 -11.11
CA LEU A 42 4.23 8.65 -9.78
C LEU A 42 4.69 7.19 -9.77
N GLY A 43 4.02 6.36 -10.57
CA GLY A 43 4.37 4.96 -10.63
C GLY A 43 4.15 4.24 -9.31
N CYS A 44 3.26 4.78 -8.49
CA CYS A 44 2.95 4.19 -7.20
C CYS A 44 4.19 4.18 -6.30
N ALA A 45 3.97 3.97 -5.00
CA ALA A 45 5.06 3.94 -4.05
C ALA A 45 5.91 2.68 -4.21
N PRO A 46 5.28 1.51 -4.01
CA PRO A 46 5.95 0.21 -4.14
C PRO A 46 6.31 -0.12 -5.58
N THR A 47 5.37 -0.73 -6.29
CA THR A 47 5.58 -1.10 -7.68
C THR A 47 4.38 -0.72 -8.55
N GLU A 48 4.64 -0.41 -9.81
CA GLU A 48 3.58 -0.03 -10.74
C GLU A 48 2.56 -1.16 -10.90
N ASP A 49 2.95 -2.35 -10.50
CA ASP A 49 2.08 -3.52 -10.60
C ASP A 49 0.91 -3.40 -9.63
N GLU A 50 1.17 -2.81 -8.46
CA GLU A 50 0.14 -2.64 -7.45
C GLU A 50 -1.11 -1.98 -8.04
N VAL A 51 -0.95 -0.73 -8.49
CA VAL A 51 -2.05 0.01 -9.08
C VAL A 51 -2.73 -0.80 -10.18
N ASN A 52 -1.92 -1.44 -11.01
CA ASN A 52 -2.44 -2.25 -12.12
C ASN A 52 -3.29 -3.41 -11.59
N SER A 53 -2.89 -3.95 -10.45
CA SER A 53 -3.61 -5.07 -9.85
C SER A 53 -4.99 -4.62 -9.38
N TYR A 54 -5.04 -3.51 -8.65
CA TYR A 54 -6.30 -2.98 -8.15
C TYR A 54 -7.27 -2.67 -9.29
N ILE A 55 -6.85 -1.75 -10.15
CA ILE A 55 -7.67 -1.36 -11.29
C ILE A 55 -8.15 -2.58 -12.08
N LYS A 56 -7.23 -3.51 -12.32
CA LYS A 56 -7.56 -4.73 -13.05
C LYS A 56 -8.59 -5.57 -12.30
N GLU A 57 -8.33 -5.79 -11.02
CA GLU A 57 -9.24 -6.57 -10.18
C GLU A 57 -10.67 -6.04 -10.29
N PHE A 58 -10.79 -4.73 -10.48
CA PHE A 58 -12.10 -4.10 -10.59
C PHE A 58 -12.95 -4.79 -11.66
N ALA A 59 -12.29 -5.26 -12.70
CA ALA A 59 -12.98 -5.95 -13.80
C ALA A 59 -13.91 -5.00 -14.54
N ILE A 60 -13.33 -4.09 -15.32
CA ILE A 60 -14.10 -3.13 -16.08
C ILE A 60 -14.08 -3.46 -17.57
N GLU A 61 -14.59 -2.54 -18.38
CA GLU A 61 -14.64 -2.74 -19.83
C GLU A 61 -14.64 -1.40 -20.56
N GLY A 62 -14.51 -1.46 -21.88
CA GLY A 62 -14.50 -0.24 -22.68
C GLY A 62 -13.18 0.48 -22.62
N GLU A 63 -12.68 0.90 -23.78
CA GLU A 63 -11.41 1.60 -23.86
C GLU A 63 -11.37 2.78 -22.88
N THR A 64 -12.53 3.42 -22.72
CA THR A 64 -12.63 4.56 -21.81
C THR A 64 -13.73 4.35 -20.78
N PHE A 65 -13.48 4.80 -19.55
CA PHE A 65 -14.44 4.66 -18.47
C PHE A 65 -14.34 5.82 -17.49
N GLN A 66 -14.80 5.60 -16.26
CA GLN A 66 -14.76 6.63 -15.24
C GLN A 66 -14.79 6.02 -13.84
N ILE A 67 -15.12 4.73 -13.78
CA ILE A 67 -15.18 4.02 -12.50
C ILE A 67 -13.87 4.13 -11.75
N GLU A 68 -12.82 4.54 -12.45
CA GLU A 68 -11.50 4.69 -11.85
C GLU A 68 -11.61 5.36 -10.48
N GLN A 69 -12.57 6.26 -10.34
CA GLN A 69 -12.77 6.97 -9.08
C GLN A 69 -12.70 6.01 -7.90
N PHE A 70 -13.40 4.90 -8.00
CA PHE A 70 -13.42 3.90 -6.94
C PHE A 70 -12.07 3.20 -6.83
N GLU A 71 -11.46 2.92 -7.98
CA GLU A 71 -10.16 2.25 -8.01
C GLU A 71 -9.13 3.02 -7.19
N LEU A 72 -9.16 4.35 -7.30
CA LEU A 72 -8.23 5.19 -6.57
C LEU A 72 -8.53 5.17 -5.07
N ILE A 73 -9.80 5.40 -4.73
CA ILE A 73 -10.22 5.42 -3.33
C ILE A 73 -9.73 4.17 -2.61
N MET A 74 -9.84 3.02 -3.27
CA MET A 74 -9.40 1.76 -2.68
C MET A 74 -7.90 1.56 -2.87
N GLU A 75 -7.37 2.10 -3.96
CA GLU A 75 -5.95 1.98 -4.25
C GLU A 75 -5.11 2.48 -3.08
N ARG A 76 -5.59 3.53 -2.42
CA ARG A 76 -4.89 4.10 -1.28
C ARG A 76 -4.86 3.13 -0.11
N GLU A 77 -5.90 2.31 0.00
CA GLU A 77 -5.99 1.32 1.08
C GLU A 77 -5.26 0.04 0.70
N GLN A 78 -5.34 -0.32 -0.57
CA GLN A 78 -4.70 -1.54 -1.06
C GLN A 78 -3.19 -1.35 -1.18
N SER A 79 -2.78 -0.13 -1.52
CA SER A 79 -1.36 0.19 -1.67
C SER A 79 -0.61 -0.06 -0.37
N LYS A 80 -1.31 0.10 0.75
CA LYS A 80 -0.70 -0.11 2.07
C LYS A 80 -0.01 -1.47 2.13
N PRO A 81 0.91 -1.61 3.10
CA PRO A 81 1.66 -2.86 3.30
C PRO A 81 0.78 -4.00 3.81
N ASP A 82 1.37 -5.17 3.95
CA ASP A 82 0.64 -6.33 4.44
C ASP A 82 1.39 -7.00 5.59
N THR A 83 1.69 -6.22 6.63
CA THR A 83 2.40 -6.73 7.79
C THR A 83 1.71 -7.95 8.36
N ARG A 84 0.38 -7.99 8.26
CA ARG A 84 -0.41 -9.11 8.77
C ARG A 84 -0.25 -10.33 7.86
N GLU A 85 -0.07 -10.07 6.57
CA GLU A 85 0.09 -11.16 5.59
C GLU A 85 1.41 -11.88 5.80
N ILE A 86 2.47 -11.12 5.99
CA ILE A 86 3.80 -11.69 6.19
C ILE A 86 4.56 -10.96 7.30
N LYS A 87 5.42 -11.69 7.99
CA LYS A 87 6.20 -11.10 9.07
C LYS A 87 7.42 -10.35 8.53
N LEU A 88 8.17 -11.01 7.65
CA LEU A 88 9.35 -10.40 7.04
C LEU A 88 9.02 -9.03 6.46
N ARG A 89 7.84 -8.93 5.83
CA ARG A 89 7.42 -7.67 5.23
C ARG A 89 7.52 -6.52 6.23
N LYS A 90 7.41 -6.85 7.52
CA LYS A 90 7.50 -5.85 8.57
C LYS A 90 8.73 -4.97 8.39
N ALA A 91 9.91 -5.58 8.41
CA ALA A 91 11.16 -4.85 8.24
C ALA A 91 11.51 -4.72 6.77
N PHE A 92 11.14 -5.71 5.98
CA PHE A 92 11.42 -5.71 4.55
C PHE A 92 10.76 -4.51 3.87
N GLU A 93 9.43 -4.44 3.97
CA GLU A 93 8.68 -3.35 3.36
C GLU A 93 9.27 -1.99 3.76
N VAL A 94 9.82 -1.92 4.96
CA VAL A 94 10.42 -0.68 5.45
C VAL A 94 11.64 -0.30 4.62
N PHE A 95 12.33 -1.30 4.09
CA PHE A 95 13.51 -1.08 3.28
C PHE A 95 13.17 -1.07 1.79
N ASP A 96 12.55 -2.16 1.34
CA ASP A 96 12.16 -2.29 -0.06
C ASP A 96 10.65 -2.23 -0.21
N GLN A 97 10.13 -1.05 -0.55
CA GLN A 97 8.70 -0.87 -0.72
C GLN A 97 8.13 -1.87 -1.71
N ASP A 98 8.92 -2.19 -2.73
CA ASP A 98 8.50 -3.15 -3.75
C ASP A 98 8.17 -4.51 -3.13
N LYS A 99 8.69 -4.74 -1.93
CA LYS A 99 8.46 -5.99 -1.22
C LYS A 99 7.02 -6.46 -1.42
N ASP A 100 6.84 -7.53 -2.19
CA ASP A 100 5.51 -8.07 -2.45
C ASP A 100 5.38 -9.47 -1.86
N GLY A 101 6.07 -9.71 -0.74
CA GLY A 101 6.01 -11.01 -0.11
C GLY A 101 7.00 -11.99 -0.70
N LYS A 102 7.64 -11.60 -1.80
CA LYS A 102 8.61 -12.45 -2.46
C LYS A 102 9.65 -11.61 -3.22
N ILE A 103 10.91 -11.99 -3.10
CA ILE A 103 11.99 -11.28 -3.77
C ILE A 103 13.13 -12.22 -4.16
N LYS A 104 14.17 -11.66 -4.75
CA LYS A 104 15.33 -12.45 -5.16
C LYS A 104 16.40 -12.46 -4.08
N ALA A 105 17.59 -12.95 -4.44
CA ALA A 105 18.70 -13.00 -3.50
C ALA A 105 19.17 -11.61 -3.11
N SER A 106 19.09 -10.68 -4.06
CA SER A 106 19.50 -9.30 -3.83
C SER A 106 18.68 -8.68 -2.70
N ASP A 107 17.37 -8.59 -2.91
CA ASP A 107 16.48 -8.01 -1.92
C ASP A 107 16.51 -8.81 -0.62
N LEU A 108 16.69 -10.12 -0.75
CA LEU A 108 16.73 -11.00 0.41
C LEU A 108 17.73 -10.48 1.45
N ALA A 109 18.97 -10.25 1.01
CA ALA A 109 20.01 -9.75 1.89
C ALA A 109 19.92 -8.23 2.05
N HIS A 110 19.47 -7.55 1.00
CA HIS A 110 19.34 -6.10 1.03
C HIS A 110 18.41 -5.66 2.16
N ASN A 111 17.19 -6.20 2.16
CA ASN A 111 16.21 -5.87 3.19
C ASN A 111 16.60 -6.49 4.53
N LEU A 112 17.30 -7.61 4.47
CA LEU A 112 17.73 -8.31 5.68
C LEU A 112 18.42 -7.36 6.65
N THR A 113 19.32 -6.53 6.11
CA THR A 113 20.04 -5.57 6.92
C THR A 113 19.10 -4.79 7.82
N THR A 114 17.99 -4.33 7.26
CA THR A 114 16.99 -3.58 8.03
C THR A 114 16.34 -4.44 9.10
N VAL A 115 16.10 -5.71 8.77
CA VAL A 115 15.48 -6.63 9.71
C VAL A 115 16.39 -6.89 10.90
N GLY A 116 17.70 -6.89 10.66
CA GLY A 116 18.65 -7.14 11.72
C GLY A 116 18.75 -8.60 12.10
N ASP A 117 18.71 -9.47 11.09
CA ASP A 117 18.80 -10.91 11.32
C ASP A 117 20.11 -11.46 10.78
N LYS A 118 20.64 -10.82 9.74
CA LYS A 118 21.90 -11.25 9.13
C LYS A 118 21.76 -12.63 8.51
N MET A 119 21.44 -12.67 7.22
CA MET A 119 21.29 -13.93 6.51
C MET A 119 22.60 -14.36 5.86
N THR A 120 23.32 -15.25 6.53
CA THR A 120 24.60 -15.73 6.02
C THR A 120 24.46 -17.13 5.43
N LYS A 121 25.59 -17.76 5.12
CA LYS A 121 25.59 -19.10 4.55
C LYS A 121 24.67 -20.02 5.34
N GLU A 122 24.45 -19.70 6.61
CA GLU A 122 23.59 -20.51 7.47
C GLU A 122 22.14 -20.42 7.03
N GLU A 123 21.60 -19.20 6.99
CA GLU A 123 20.22 -18.99 6.56
C GLU A 123 19.94 -19.69 5.24
N VAL A 124 20.76 -19.42 4.24
CA VAL A 124 20.60 -20.03 2.93
C VAL A 124 20.79 -21.54 3.00
N GLU A 125 21.71 -21.97 3.86
CA GLU A 125 22.00 -23.40 4.02
C GLU A 125 20.72 -24.18 4.32
N LYS A 126 19.97 -23.71 5.31
CA LYS A 126 18.72 -24.36 5.70
C LYS A 126 17.64 -24.14 4.65
N VAL A 127 17.69 -22.98 4.00
CA VAL A 127 16.71 -22.64 2.97
C VAL A 127 16.61 -23.74 1.92
N PHE A 128 17.76 -24.30 1.56
CA PHE A 128 17.80 -25.37 0.56
C PHE A 128 17.40 -26.71 1.18
N SER A 129 17.24 -26.71 2.50
CA SER A 129 16.87 -27.93 3.21
C SER A 129 15.36 -28.12 3.20
N ILE A 130 14.63 -27.13 3.71
CA ILE A 130 13.17 -27.18 3.75
C ILE A 130 12.56 -26.71 2.44
N LEU A 131 12.92 -25.50 2.02
CA LEU A 131 12.41 -24.94 0.79
C LEU A 131 12.93 -25.70 -0.42
N GLY A 132 14.06 -26.38 -0.25
CA GLY A 132 14.65 -27.16 -1.33
C GLY A 132 15.02 -26.29 -2.52
N ILE A 133 15.38 -25.04 -2.25
CA ILE A 133 15.75 -24.11 -3.31
C ILE A 133 17.22 -23.73 -3.20
N THR A 134 17.87 -23.52 -4.34
CA THR A 134 19.28 -23.16 -4.37
C THR A 134 19.48 -21.75 -3.84
N MET A 135 20.74 -21.38 -3.62
CA MET A 135 21.08 -20.06 -3.10
C MET A 135 20.99 -19.01 -4.21
N GLU A 136 21.13 -19.45 -5.45
CA GLU A 136 21.06 -18.54 -6.60
C GLU A 136 19.64 -18.44 -7.13
N SER A 137 18.67 -18.45 -6.22
CA SER A 137 17.27 -18.37 -6.59
C SER A 137 16.56 -17.26 -5.82
N ASP A 138 15.23 -17.23 -5.92
CA ASP A 138 14.44 -16.22 -5.24
C ASP A 138 13.59 -16.85 -4.14
N ILE A 139 13.19 -16.04 -3.16
CA ILE A 139 12.38 -16.51 -2.06
C ILE A 139 10.89 -16.28 -2.32
N ASP A 140 10.04 -17.07 -1.68
CA ASP A 140 8.60 -16.94 -1.84
C ASP A 140 7.88 -17.26 -0.54
N LEU A 141 6.54 -17.23 -0.58
CA LEU A 141 5.74 -17.51 0.61
C LEU A 141 6.29 -18.71 1.37
N ALA A 142 6.47 -19.82 0.66
CA ALA A 142 7.00 -21.03 1.27
C ALA A 142 8.30 -20.75 2.02
N THR A 143 9.16 -19.96 1.41
CA THR A 143 10.45 -19.61 2.01
C THR A 143 10.26 -19.02 3.40
N PHE A 144 9.51 -17.93 3.48
CA PHE A 144 9.24 -17.27 4.76
C PHE A 144 8.68 -18.25 5.77
N LEU A 145 7.99 -19.27 5.27
CA LEU A 145 7.40 -20.29 6.14
C LEU A 145 8.47 -21.11 6.85
N LYS A 146 9.32 -21.77 6.06
CA LYS A 146 10.39 -22.59 6.61
C LYS A 146 11.28 -21.77 7.53
N LEU A 147 11.33 -20.46 7.29
CA LEU A 147 12.14 -19.55 8.11
C LEU A 147 11.42 -19.20 9.41
N VAL A 148 10.29 -18.49 9.27
CA VAL A 148 9.50 -18.09 10.43
C VAL A 148 9.16 -19.28 11.31
N ALA A 149 9.03 -20.45 10.68
CA ALA A 149 8.71 -21.68 11.41
C ALA A 149 9.93 -22.23 12.13
N LEU A 150 10.95 -22.60 11.36
CA LEU A 150 12.18 -23.15 11.93
C LEU A 150 12.82 -22.15 12.89
N HIS A 151 13.21 -21.00 12.36
CA HIS A 151 13.85 -19.96 13.17
C HIS A 151 15.15 -20.46 13.77
N HIS A 152 15.98 -19.53 14.25
CA HIS A 152 17.26 -19.87 14.85
C HIS A 152 17.62 -18.90 15.97
N HIS A 153 18.84 -19.00 16.46
CA HIS A 153 19.31 -18.14 17.54
C HIS A 153 20.02 -16.91 16.97
N HIS A 154 20.20 -15.90 17.81
CA HIS A 154 20.86 -14.66 17.40
C HIS A 154 22.17 -14.46 18.16
N HIS A 155 23.12 -13.78 17.53
CA HIS A 155 24.42 -13.52 18.16
C HIS A 155 24.34 -12.32 19.09
N HIS A 156 24.29 -11.13 18.50
CA HIS A 156 24.21 -9.89 19.28
C HIS A 156 22.77 -9.61 19.70
CA CA B . -9.26 12.65 -18.09
CA CA C . 10.61 -6.72 -3.88
N MET A 1 -3.74 24.58 -6.64
CA MET A 1 -2.92 24.84 -5.47
C MET A 1 -3.66 24.49 -4.19
N SER A 2 -3.03 23.70 -3.34
CA SER A 2 -3.64 23.29 -2.08
C SER A 2 -2.89 23.89 -0.88
N MET A 3 -3.48 23.77 0.30
CA MET A 3 -2.87 24.29 1.52
C MET A 3 -3.07 23.34 2.68
N GLU A 4 -2.30 22.25 2.70
CA GLU A 4 -2.40 21.26 3.76
C GLU A 4 -1.10 21.21 4.57
N ILE A 5 -1.05 20.28 5.53
CA ILE A 5 0.12 20.12 6.37
C ILE A 5 0.51 18.66 6.50
N GLU A 6 -0.29 17.91 7.25
CA GLU A 6 -0.03 16.48 7.45
C GLU A 6 -1.23 15.79 8.10
N ALA A 7 -1.33 14.49 7.89
CA ALA A 7 -2.44 13.72 8.45
C ALA A 7 -2.26 12.23 8.17
N PRO A 8 -2.96 11.39 8.95
CA PRO A 8 -2.89 9.93 8.80
C PRO A 8 -3.57 9.45 7.53
N ASN A 9 -4.76 9.97 7.25
CA ASN A 9 -5.50 9.59 6.06
C ASN A 9 -5.47 10.71 5.01
N ALA A 10 -4.61 11.69 5.25
CA ALA A 10 -4.47 12.82 4.33
C ALA A 10 -4.27 12.34 2.89
N ASN A 11 -3.57 11.21 2.75
CA ASN A 11 -3.30 10.65 1.43
C ASN A 11 -4.58 10.53 0.62
N THR A 12 -5.70 10.34 1.31
CA THR A 12 -6.99 10.21 0.64
C THR A 12 -7.25 11.37 -0.30
N GLN A 13 -6.72 12.54 0.04
CA GLN A 13 -6.89 13.74 -0.78
C GLN A 13 -6.02 13.65 -2.03
N LYS A 14 -4.88 12.97 -1.92
CA LYS A 14 -3.97 12.82 -3.04
C LYS A 14 -4.70 12.34 -4.28
N ILE A 15 -5.75 11.55 -4.07
CA ILE A 15 -6.54 11.03 -5.18
C ILE A 15 -6.96 12.14 -6.14
N ARG A 16 -7.17 13.32 -5.59
CA ARG A 16 -7.58 14.47 -6.40
C ARG A 16 -6.41 15.00 -7.21
N ASP A 17 -5.21 14.94 -6.64
CA ASP A 17 -4.01 15.40 -7.31
C ASP A 17 -3.65 14.50 -8.49
N CYS A 18 -3.51 13.21 -8.20
CA CYS A 18 -3.16 12.24 -9.24
C CYS A 18 -4.23 12.19 -10.32
N PHE A 19 -5.49 12.24 -9.91
CA PHE A 19 -6.61 12.21 -10.84
C PHE A 19 -6.61 13.45 -11.73
N ASN A 20 -6.69 14.63 -11.12
CA ASN A 20 -6.70 15.88 -11.85
C ASN A 20 -5.39 16.08 -12.61
N PHE A 21 -4.35 15.37 -12.19
CA PHE A 21 -3.04 15.46 -12.82
C PHE A 21 -3.14 15.13 -14.31
N TYR A 22 -3.63 13.93 -14.60
CA TYR A 22 -3.77 13.47 -15.98
C TYR A 22 -5.14 13.87 -16.54
N ASP A 23 -6.13 13.96 -15.66
CA ASP A 23 -7.48 14.33 -16.06
C ASP A 23 -7.61 15.84 -16.23
N ARG A 24 -6.50 16.54 -16.02
CA ARG A 24 -6.49 17.99 -16.13
C ARG A 24 -7.17 18.44 -17.43
N ASP A 25 -7.10 17.60 -18.44
CA ASP A 25 -7.70 17.90 -19.74
C ASP A 25 -9.14 18.38 -19.56
N TYR A 26 -9.81 17.86 -18.54
CA TYR A 26 -11.20 18.22 -18.25
C TYR A 26 -12.14 17.60 -19.28
N ASP A 27 -11.79 16.41 -19.75
CA ASP A 27 -12.61 15.70 -20.73
C ASP A 27 -13.83 15.08 -20.07
N GLY A 28 -13.74 14.84 -18.76
CA GLY A 28 -14.86 14.25 -18.04
C GLY A 28 -14.80 12.74 -18.03
N LYS A 29 -13.92 12.17 -18.85
CA LYS A 29 -13.79 10.72 -18.94
C LYS A 29 -12.34 10.30 -18.67
N ILE A 30 -12.14 9.02 -18.41
CA ILE A 30 -10.81 8.49 -18.14
C ILE A 30 -10.49 7.30 -19.05
N ASP A 31 -9.21 7.07 -19.29
CA ASP A 31 -8.78 5.96 -20.13
C ASP A 31 -7.81 5.05 -19.38
N VAL A 32 -7.90 3.75 -19.65
CA VAL A 32 -7.04 2.78 -18.99
C VAL A 32 -5.58 3.19 -19.08
N LYS A 33 -5.25 3.95 -20.11
CA LYS A 33 -3.88 4.42 -20.31
C LYS A 33 -3.63 5.72 -19.53
N GLN A 34 -4.64 6.59 -19.52
CA GLN A 34 -4.53 7.86 -18.81
C GLN A 34 -4.14 7.64 -17.35
N LEU A 35 -4.81 6.70 -16.71
CA LEU A 35 -4.54 6.40 -15.31
C LEU A 35 -3.06 6.10 -15.08
N GLY A 36 -2.45 5.43 -16.05
CA GLY A 36 -1.04 5.10 -15.95
C GLY A 36 -0.17 6.34 -15.79
N THR A 37 -0.72 7.49 -16.13
CA THR A 37 0.01 8.75 -16.02
C THR A 37 0.30 9.10 -14.57
N LEU A 38 -0.49 8.53 -13.67
CA LEU A 38 -0.32 8.79 -12.24
C LEU A 38 0.81 7.95 -11.66
N ILE A 39 0.85 6.67 -12.06
CA ILE A 39 1.88 5.76 -11.58
C ILE A 39 3.25 6.16 -12.13
N ARG A 40 3.26 6.76 -13.31
CA ARG A 40 4.51 7.18 -13.94
C ARG A 40 4.88 8.59 -13.50
N SER A 41 3.89 9.36 -13.06
CA SER A 41 4.12 10.73 -12.61
C SER A 41 4.91 10.76 -11.30
N LEU A 42 4.42 10.02 -10.31
CA LEU A 42 5.09 9.96 -9.01
C LEU A 42 5.99 8.73 -8.91
N GLY A 43 5.57 7.65 -9.57
CA GLY A 43 6.35 6.42 -9.55
C GLY A 43 5.94 5.49 -8.43
N CYS A 44 4.66 5.54 -8.05
CA CYS A 44 4.14 4.70 -6.98
C CYS A 44 4.47 3.22 -7.23
N ALA A 45 3.75 2.60 -8.15
CA ALA A 45 3.96 1.20 -8.49
C ALA A 45 4.89 1.06 -9.70
N PRO A 46 5.48 -0.12 -9.85
CA PRO A 46 6.40 -0.42 -10.96
C PRO A 46 5.68 -0.49 -12.30
N THR A 47 4.61 -1.28 -12.36
CA THR A 47 3.84 -1.43 -13.59
C THR A 47 2.35 -1.32 -13.31
N GLU A 48 1.57 -1.06 -14.36
CA GLU A 48 0.12 -0.93 -14.23
C GLU A 48 -0.49 -2.22 -13.70
N ASP A 49 0.25 -3.31 -13.81
CA ASP A 49 -0.21 -4.61 -13.33
C ASP A 49 -0.81 -4.50 -11.94
N GLU A 50 -0.23 -3.62 -11.13
CA GLU A 50 -0.70 -3.42 -9.76
C GLU A 50 -2.18 -3.05 -9.75
N VAL A 51 -2.50 -1.89 -10.31
CA VAL A 51 -3.88 -1.41 -10.37
C VAL A 51 -4.75 -2.35 -11.20
N ASN A 52 -4.26 -2.71 -12.38
CA ASN A 52 -4.99 -3.59 -13.28
C ASN A 52 -5.35 -4.90 -12.58
N SER A 53 -4.47 -5.35 -11.70
CA SER A 53 -4.69 -6.59 -10.95
C SER A 53 -5.96 -6.49 -10.11
N TYR A 54 -5.95 -5.58 -9.14
CA TYR A 54 -7.09 -5.39 -8.26
C TYR A 54 -8.38 -5.21 -9.06
N ILE A 55 -8.31 -4.37 -10.09
CA ILE A 55 -9.46 -4.10 -10.94
C ILE A 55 -9.94 -5.37 -11.62
N LYS A 56 -9.07 -5.99 -12.41
CA LYS A 56 -9.41 -7.21 -13.13
C LYS A 56 -10.00 -8.25 -12.17
N GLU A 57 -9.37 -8.40 -11.01
CA GLU A 57 -9.84 -9.35 -10.01
C GLU A 57 -11.26 -9.03 -9.57
N PHE A 58 -11.60 -7.75 -9.60
CA PHE A 58 -12.94 -7.31 -9.20
C PHE A 58 -14.01 -7.95 -10.08
N ALA A 59 -13.80 -7.88 -11.39
CA ALA A 59 -14.75 -8.46 -12.34
C ALA A 59 -14.27 -8.27 -13.78
N ILE A 60 -14.48 -7.06 -14.30
CA ILE A 60 -14.07 -6.74 -15.67
C ILE A 60 -13.70 -5.28 -15.81
N GLU A 61 -13.50 -4.84 -17.04
CA GLU A 61 -13.15 -3.44 -17.31
C GLU A 61 -13.10 -3.17 -18.82
N GLY A 62 -13.61 -2.01 -19.22
CA GLY A 62 -13.62 -1.64 -20.61
C GLY A 62 -12.34 -0.96 -21.04
N GLU A 63 -12.49 0.13 -21.80
CA GLU A 63 -11.33 0.89 -22.28
C GLU A 63 -11.27 2.26 -21.61
N THR A 64 -12.26 3.09 -21.88
CA THR A 64 -12.32 4.43 -21.31
C THR A 64 -13.73 4.78 -20.84
N PHE A 65 -13.82 5.41 -19.68
CA PHE A 65 -15.12 5.80 -19.13
C PHE A 65 -14.97 6.97 -18.16
N GLN A 66 -14.71 6.67 -16.90
CA GLN A 66 -14.54 7.70 -15.88
C GLN A 66 -14.36 7.08 -14.50
N ILE A 67 -14.97 5.91 -14.30
CA ILE A 67 -14.88 5.21 -13.03
C ILE A 67 -13.43 4.94 -12.65
N GLU A 68 -12.54 5.02 -13.64
CA GLU A 68 -11.12 4.78 -13.41
C GLU A 68 -10.64 5.48 -12.14
N GLN A 69 -11.24 6.63 -11.85
CA GLN A 69 -10.88 7.40 -10.66
C GLN A 69 -10.82 6.50 -9.44
N PHE A 70 -11.84 5.66 -9.27
CA PHE A 70 -11.93 4.76 -8.14
C PHE A 70 -10.66 3.91 -8.04
N GLU A 71 -10.15 3.48 -9.20
CA GLU A 71 -8.94 2.65 -9.24
C GLU A 71 -7.79 3.34 -8.51
N LEU A 72 -7.70 4.65 -8.68
CA LEU A 72 -6.64 5.43 -8.04
C LEU A 72 -6.83 5.48 -6.53
N ILE A 73 -8.04 5.85 -6.11
CA ILE A 73 -8.35 5.93 -4.68
C ILE A 73 -7.98 4.64 -3.96
N MET A 74 -8.36 3.51 -4.55
CA MET A 74 -8.06 2.20 -3.97
C MET A 74 -6.60 1.83 -4.18
N GLU A 75 -6.05 2.25 -5.32
CA GLU A 75 -4.66 1.96 -5.65
C GLU A 75 -3.73 2.37 -4.51
N ARG A 76 -4.05 3.50 -3.87
CA ARG A 76 -3.25 4.00 -2.77
C ARG A 76 -3.32 3.06 -1.57
N GLU A 77 -4.44 2.36 -1.44
CA GLU A 77 -4.64 1.44 -0.33
C GLU A 77 -4.07 0.07 -0.66
N GLN A 78 -4.25 -0.37 -1.90
CA GLN A 78 -3.75 -1.66 -2.34
C GLN A 78 -2.24 -1.62 -2.53
N SER A 79 -1.73 -0.46 -2.91
CA SER A 79 -0.29 -0.30 -3.13
C SER A 79 0.49 -0.60 -1.86
N LYS A 80 -0.20 -0.55 -0.72
CA LYS A 80 0.44 -0.82 0.57
C LYS A 80 1.26 -2.10 0.50
N PRO A 81 2.19 -2.25 1.46
CA PRO A 81 3.07 -3.42 1.53
C PRO A 81 2.31 -4.69 1.94
N ASP A 82 2.50 -5.75 1.17
CA ASP A 82 1.84 -7.02 1.45
C ASP A 82 2.84 -8.18 1.42
N THR A 83 3.77 -8.12 0.47
CA THR A 83 4.78 -9.15 0.33
C THR A 83 5.57 -9.35 1.62
N ARG A 84 5.64 -8.29 2.42
CA ARG A 84 6.36 -8.34 3.69
C ARG A 84 5.53 -9.02 4.77
N GLU A 85 4.21 -9.05 4.55
CA GLU A 85 3.30 -9.68 5.50
C GLU A 85 3.50 -11.19 5.54
N ILE A 86 3.60 -11.79 4.36
CA ILE A 86 3.80 -13.23 4.26
C ILE A 86 5.12 -13.56 3.57
N LYS A 87 5.70 -14.69 3.93
CA LYS A 87 6.97 -15.13 3.35
C LYS A 87 6.74 -15.78 1.99
N LEU A 88 5.94 -16.84 1.98
CA LEU A 88 5.64 -17.56 0.75
C LEU A 88 5.15 -16.61 -0.33
N ARG A 89 4.30 -15.66 0.06
CA ARG A 89 3.75 -14.68 -0.87
C ARG A 89 4.86 -14.07 -1.72
N LYS A 90 6.05 -13.96 -1.14
CA LYS A 90 7.19 -13.38 -1.83
C LYS A 90 7.41 -14.07 -3.18
N ALA A 91 7.66 -15.38 -3.13
CA ALA A 91 7.89 -16.15 -4.34
C ALA A 91 6.70 -16.06 -5.29
N PHE A 92 5.50 -16.38 -4.78
CA PHE A 92 4.29 -16.32 -5.58
C PHE A 92 4.18 -14.99 -6.32
N GLU A 93 4.36 -13.89 -5.59
CA GLU A 93 4.28 -12.57 -6.18
C GLU A 93 5.18 -12.47 -7.42
N VAL A 94 6.29 -13.20 -7.39
CA VAL A 94 7.23 -13.19 -8.51
C VAL A 94 6.59 -13.77 -9.77
N PHE A 95 5.65 -14.70 -9.58
CA PHE A 95 4.98 -15.33 -10.71
C PHE A 95 3.62 -14.67 -10.96
N ASP A 96 2.78 -14.63 -9.93
CA ASP A 96 1.47 -14.02 -10.03
C ASP A 96 1.39 -12.73 -9.23
N GLN A 97 1.54 -11.60 -9.92
CA GLN A 97 1.49 -10.29 -9.27
C GLN A 97 0.15 -10.08 -8.57
N ASP A 98 -0.92 -10.61 -9.18
CA ASP A 98 -2.25 -10.47 -8.61
C ASP A 98 -2.33 -11.11 -7.23
N LYS A 99 -1.39 -12.01 -6.95
CA LYS A 99 -1.35 -12.69 -5.66
C LYS A 99 -1.68 -11.73 -4.52
N ASP A 100 -2.61 -12.13 -3.66
CA ASP A 100 -3.02 -11.31 -2.53
C ASP A 100 -2.89 -12.09 -1.22
N GLY A 101 -1.93 -13.00 -1.17
CA GLY A 101 -1.72 -13.80 0.03
C GLY A 101 -2.64 -14.99 0.09
N LYS A 102 -3.59 -15.06 -0.84
CA LYS A 102 -4.54 -16.17 -0.88
C LYS A 102 -5.04 -16.39 -2.30
N ILE A 103 -5.13 -17.67 -2.69
CA ILE A 103 -5.58 -18.02 -4.03
C ILE A 103 -6.03 -19.47 -4.09
N LYS A 104 -6.53 -19.89 -5.25
CA LYS A 104 -6.99 -21.26 -5.43
C LYS A 104 -5.82 -22.24 -5.48
N ALA A 105 -6.11 -23.52 -5.31
CA ALA A 105 -5.08 -24.55 -5.34
C ALA A 105 -4.22 -24.44 -6.60
N SER A 106 -4.82 -23.95 -7.67
CA SER A 106 -4.11 -23.79 -8.94
C SER A 106 -3.01 -22.73 -8.82
N ASP A 107 -3.41 -21.52 -8.48
CA ASP A 107 -2.45 -20.41 -8.34
C ASP A 107 -1.39 -20.75 -7.30
N LEU A 108 -1.79 -21.52 -6.28
CA LEU A 108 -0.86 -21.91 -5.23
C LEU A 108 0.41 -22.53 -5.81
N ALA A 109 0.24 -23.61 -6.56
CA ALA A 109 1.36 -24.30 -7.18
C ALA A 109 1.84 -23.55 -8.42
N HIS A 110 0.90 -22.96 -9.14
CA HIS A 110 1.22 -22.21 -10.36
C HIS A 110 2.36 -21.23 -10.10
N ASN A 111 2.26 -20.49 -9.01
CA ASN A 111 3.28 -19.51 -8.66
C ASN A 111 4.41 -20.17 -7.86
N LEU A 112 4.10 -21.27 -7.19
CA LEU A 112 5.08 -21.98 -6.40
C LEU A 112 6.35 -22.25 -7.21
N THR A 113 6.19 -22.38 -8.53
CA THR A 113 7.31 -22.63 -9.42
C THR A 113 8.47 -21.67 -9.13
N THR A 114 8.12 -20.45 -8.71
CA THR A 114 9.13 -19.45 -8.40
C THR A 114 9.83 -19.75 -7.08
N VAL A 115 9.04 -20.18 -6.09
CA VAL A 115 9.59 -20.52 -4.78
C VAL A 115 10.62 -21.63 -4.87
N GLY A 116 10.46 -22.49 -5.86
CA GLY A 116 11.40 -23.59 -6.04
C GLY A 116 11.42 -24.52 -4.85
N ASP A 117 10.24 -24.90 -4.37
CA ASP A 117 10.14 -25.79 -3.23
C ASP A 117 9.56 -27.15 -3.65
N LYS A 118 8.88 -27.16 -4.78
CA LYS A 118 8.29 -28.40 -5.29
C LYS A 118 7.19 -28.90 -4.36
N MET A 119 5.97 -28.42 -4.57
CA MET A 119 4.83 -28.82 -3.75
C MET A 119 3.87 -29.69 -4.55
N THR A 120 4.02 -31.00 -4.43
CA THR A 120 3.16 -31.94 -5.14
C THR A 120 2.09 -32.51 -4.22
N LYS A 121 1.39 -33.54 -4.71
CA LYS A 121 0.35 -34.18 -3.92
C LYS A 121 0.83 -34.52 -2.52
N GLU A 122 2.15 -34.65 -2.37
CA GLU A 122 2.75 -34.97 -1.08
C GLU A 122 2.60 -33.81 -0.12
N GLU A 123 3.14 -32.66 -0.51
CA GLU A 123 3.07 -31.46 0.33
C GLU A 123 1.64 -31.14 0.72
N VAL A 124 0.79 -30.92 -0.28
CA VAL A 124 -0.62 -30.62 -0.04
C VAL A 124 -1.26 -31.66 0.86
N GLU A 125 -0.86 -32.92 0.68
CA GLU A 125 -1.40 -34.01 1.48
C GLU A 125 -1.21 -33.74 2.98
N LYS A 126 0.05 -33.63 3.39
CA LYS A 126 0.38 -33.37 4.79
C LYS A 126 -0.20 -32.04 5.24
N VAL A 127 -0.09 -31.03 4.39
CA VAL A 127 -0.60 -29.70 4.70
C VAL A 127 -2.06 -29.75 5.14
N PHE A 128 -2.79 -30.75 4.63
CA PHE A 128 -4.19 -30.92 4.98
C PHE A 128 -4.34 -31.66 6.30
N SER A 129 -3.29 -32.38 6.69
CA SER A 129 -3.31 -33.14 7.94
C SER A 129 -3.03 -32.24 9.13
N ILE A 130 -2.16 -31.26 8.93
CA ILE A 130 -1.79 -30.32 9.99
C ILE A 130 -2.76 -29.15 10.04
N LEU A 131 -3.23 -28.72 8.87
CA LEU A 131 -4.16 -27.61 8.78
C LEU A 131 -5.61 -28.10 8.85
N GLY A 132 -5.81 -29.38 8.52
CA GLY A 132 -7.15 -29.95 8.57
C GLY A 132 -8.09 -29.29 7.57
N ILE A 133 -7.55 -28.85 6.45
CA ILE A 133 -8.34 -28.20 5.41
C ILE A 133 -8.24 -28.95 4.10
N THR A 134 -9.35 -28.97 3.35
CA THR A 134 -9.39 -29.66 2.06
C THR A 134 -8.50 -28.95 1.04
N MET A 135 -7.75 -29.75 0.27
CA MET A 135 -6.86 -29.19 -0.74
C MET A 135 -7.65 -28.47 -1.82
N GLU A 136 -8.92 -28.83 -1.97
CA GLU A 136 -9.79 -28.22 -2.97
C GLU A 136 -10.06 -26.75 -2.62
N SER A 137 -10.12 -26.46 -1.33
CA SER A 137 -10.38 -25.10 -0.86
C SER A 137 -9.15 -24.21 -1.06
N ASP A 138 -9.38 -22.97 -1.46
CA ASP A 138 -8.30 -22.02 -1.67
C ASP A 138 -7.36 -21.98 -0.47
N ILE A 139 -6.15 -21.48 -0.69
CA ILE A 139 -5.16 -21.38 0.38
C ILE A 139 -5.18 -20.00 1.03
N ASP A 140 -4.82 -19.94 2.31
CA ASP A 140 -4.79 -18.68 3.03
C ASP A 140 -3.67 -18.67 4.06
N LEU A 141 -3.60 -17.60 4.84
CA LEU A 141 -2.57 -17.47 5.87
C LEU A 141 -2.38 -18.78 6.63
N ALA A 142 -3.48 -19.52 6.79
CA ALA A 142 -3.43 -20.80 7.49
C ALA A 142 -2.62 -21.83 6.73
N THR A 143 -2.93 -22.00 5.44
CA THR A 143 -2.22 -22.95 4.61
C THR A 143 -0.72 -22.75 4.69
N PHE A 144 -0.28 -21.50 4.52
CA PHE A 144 1.13 -21.17 4.58
C PHE A 144 1.71 -21.46 5.96
N LEU A 145 0.94 -21.14 6.99
CA LEU A 145 1.35 -21.37 8.37
C LEU A 145 1.77 -22.83 8.58
N LYS A 146 0.83 -23.74 8.32
CA LYS A 146 1.10 -25.16 8.47
C LYS A 146 2.07 -25.66 7.42
N LEU A 147 2.02 -25.04 6.23
CA LEU A 147 2.90 -25.42 5.14
C LEU A 147 4.36 -25.18 5.50
N VAL A 148 4.71 -23.92 5.72
CA VAL A 148 6.07 -23.56 6.08
C VAL A 148 6.50 -24.21 7.39
N ALA A 149 5.53 -24.39 8.29
CA ALA A 149 5.80 -25.01 9.59
C ALA A 149 6.30 -26.44 9.41
N LEU A 150 5.54 -27.23 8.65
CA LEU A 150 5.91 -28.63 8.42
C LEU A 150 7.07 -28.72 7.45
N HIS A 151 6.88 -28.20 6.24
CA HIS A 151 7.93 -28.21 5.22
C HIS A 151 8.29 -29.65 4.84
N HIS A 152 7.78 -30.11 3.71
CA HIS A 152 8.04 -31.46 3.24
C HIS A 152 9.53 -31.67 3.00
N HIS A 153 10.06 -31.00 1.99
CA HIS A 153 11.48 -31.11 1.65
C HIS A 153 11.96 -29.88 0.87
N HIS A 154 13.26 -29.76 0.73
CA HIS A 154 13.85 -28.63 0.01
C HIS A 154 14.64 -29.11 -1.21
N HIS A 155 14.70 -28.28 -2.24
CA HIS A 155 15.42 -28.62 -3.46
C HIS A 155 15.46 -27.42 -4.41
N HIS A 156 16.66 -26.87 -4.60
CA HIS A 156 16.83 -25.72 -5.48
C HIS A 156 16.06 -24.51 -4.97
CA CA B . -9.15 12.92 -18.48
CA CA C . -3.78 -14.48 -6.85
N MET A 1 -31.86 9.41 7.24
CA MET A 1 -31.53 10.60 6.47
C MET A 1 -30.07 10.99 6.69
N SER A 2 -29.35 11.19 5.59
CA SER A 2 -27.94 11.56 5.66
C SER A 2 -27.11 10.46 6.32
N MET A 3 -25.80 10.65 6.33
CA MET A 3 -24.90 9.66 6.93
C MET A 3 -23.69 10.36 7.55
N GLU A 4 -23.05 9.68 8.50
CA GLU A 4 -21.88 10.22 9.18
C GLU A 4 -20.66 9.33 8.96
N ILE A 5 -19.64 9.88 8.31
CA ILE A 5 -18.42 9.14 8.04
C ILE A 5 -17.18 9.99 8.33
N GLU A 6 -16.67 9.86 9.55
CA GLU A 6 -15.48 10.62 9.96
C GLU A 6 -14.21 9.91 9.53
N ALA A 7 -13.24 10.68 9.03
CA ALA A 7 -11.97 10.12 8.59
C ALA A 7 -11.03 11.22 8.11
N PRO A 8 -9.73 10.90 8.06
CA PRO A 8 -8.70 11.86 7.63
C PRO A 8 -8.77 12.15 6.14
N ASN A 9 -8.20 13.28 5.73
CA ASN A 9 -8.21 13.68 4.33
C ASN A 9 -6.83 13.47 3.69
N ALA A 10 -5.95 12.77 4.41
CA ALA A 10 -4.61 12.51 3.93
C ALA A 10 -4.65 11.81 2.57
N ASN A 11 -5.29 10.63 2.53
CA ASN A 11 -5.39 9.87 1.30
C ASN A 11 -6.59 10.33 0.46
N THR A 12 -7.66 10.73 1.15
CA THR A 12 -8.87 11.19 0.47
C THR A 12 -8.55 12.27 -0.55
N GLN A 13 -7.59 13.13 -0.22
CA GLN A 13 -7.19 14.20 -1.12
C GLN A 13 -6.18 13.70 -2.15
N LYS A 14 -5.34 12.75 -1.75
CA LYS A 14 -4.34 12.19 -2.65
C LYS A 14 -4.98 11.72 -3.95
N ILE A 15 -5.96 10.82 -3.84
CA ILE A 15 -6.64 10.29 -5.01
C ILE A 15 -7.14 11.42 -5.90
N ARG A 16 -7.54 12.53 -5.28
CA ARG A 16 -8.04 13.69 -6.03
C ARG A 16 -6.91 14.40 -6.75
N ASP A 17 -5.75 14.48 -6.08
CA ASP A 17 -4.58 15.14 -6.66
C ASP A 17 -4.13 14.43 -7.93
N CYS A 18 -3.79 13.14 -7.80
CA CYS A 18 -3.34 12.35 -8.93
C CYS A 18 -4.41 12.29 -10.01
N PHE A 19 -5.66 12.15 -9.60
CA PHE A 19 -6.77 12.08 -10.54
C PHE A 19 -6.81 13.31 -11.45
N ASN A 20 -7.03 14.47 -10.85
CA ASN A 20 -7.09 15.73 -11.59
C ASN A 20 -5.75 16.01 -12.26
N PHE A 21 -4.69 15.39 -11.75
CA PHE A 21 -3.35 15.58 -12.30
C PHE A 21 -3.32 15.26 -13.79
N TYR A 22 -3.74 14.04 -14.14
CA TYR A 22 -3.75 13.60 -15.53
C TYR A 22 -5.08 13.95 -16.19
N ASP A 23 -6.14 14.02 -15.38
CA ASP A 23 -7.46 14.34 -15.89
C ASP A 23 -7.63 15.85 -16.05
N ARG A 24 -6.57 16.60 -15.76
CA ARG A 24 -6.61 18.05 -15.87
C ARG A 24 -7.19 18.48 -17.22
N ASP A 25 -7.05 17.62 -18.22
CA ASP A 25 -7.57 17.90 -19.55
C ASP A 25 -9.01 18.39 -19.48
N TYR A 26 -9.75 17.90 -18.50
CA TYR A 26 -11.15 18.28 -18.32
C TYR A 26 -12.03 17.66 -19.40
N ASP A 27 -11.65 16.46 -19.84
CA ASP A 27 -12.41 15.76 -20.87
C ASP A 27 -13.66 15.12 -20.29
N GLY A 28 -13.62 14.83 -19.00
CA GLY A 28 -14.77 14.22 -18.34
C GLY A 28 -14.74 12.71 -18.42
N LYS A 29 -13.86 12.18 -19.27
CA LYS A 29 -13.74 10.73 -19.43
C LYS A 29 -12.37 10.24 -18.99
N ILE A 30 -12.23 8.93 -18.81
CA ILE A 30 -10.97 8.34 -18.39
C ILE A 30 -10.64 7.11 -19.21
N ASP A 31 -9.43 7.07 -19.75
CA ASP A 31 -8.98 5.94 -20.56
C ASP A 31 -7.92 5.13 -19.82
N VAL A 32 -7.36 4.14 -20.52
CA VAL A 32 -6.33 3.28 -19.93
C VAL A 32 -4.98 3.98 -19.92
N LYS A 33 -4.79 4.92 -20.85
CA LYS A 33 -3.53 5.66 -20.95
C LYS A 33 -3.28 6.46 -19.67
N GLN A 34 -4.33 7.07 -19.15
CA GLN A 34 -4.22 7.86 -17.92
C GLN A 34 -3.99 6.97 -16.71
N LEU A 35 -4.59 5.78 -16.73
CA LEU A 35 -4.45 4.83 -15.63
C LEU A 35 -2.97 4.63 -15.29
N GLY A 36 -2.15 4.43 -16.31
CA GLY A 36 -0.72 4.22 -16.09
C GLY A 36 0.04 5.53 -15.96
N THR A 37 -0.56 6.61 -16.44
CA THR A 37 0.07 7.92 -16.39
C THR A 37 0.47 8.27 -14.97
N LEU A 38 -0.46 8.11 -14.03
CA LEU A 38 -0.19 8.41 -12.63
C LEU A 38 1.05 7.68 -12.13
N ILE A 39 1.00 6.35 -12.17
CA ILE A 39 2.13 5.54 -11.73
C ILE A 39 3.39 5.87 -12.52
N ARG A 40 3.21 6.43 -13.71
CA ARG A 40 4.33 6.81 -14.56
C ARG A 40 4.86 8.18 -14.18
N SER A 41 4.02 8.98 -13.52
CA SER A 41 4.40 10.33 -13.10
C SER A 41 5.09 10.30 -11.74
N LEU A 42 4.39 9.75 -10.75
CA LEU A 42 4.93 9.66 -9.39
C LEU A 42 5.27 8.23 -9.03
N GLY A 43 4.46 7.29 -9.53
CA GLY A 43 4.69 5.89 -9.24
C GLY A 43 4.37 5.52 -7.81
N CYS A 44 3.29 6.10 -7.28
CA CYS A 44 2.89 5.83 -5.91
C CYS A 44 2.82 4.33 -5.64
N ALA A 45 2.70 3.97 -4.37
CA ALA A 45 2.62 2.56 -3.98
C ALA A 45 3.94 1.85 -4.26
N PRO A 46 4.12 0.69 -3.63
CA PRO A 46 5.33 -0.13 -3.78
C PRO A 46 5.43 -0.75 -5.17
N THR A 47 4.37 -1.43 -5.57
CA THR A 47 4.34 -2.09 -6.88
C THR A 47 3.03 -1.80 -7.61
N GLU A 48 3.11 -1.62 -8.92
CA GLU A 48 1.93 -1.34 -9.73
C GLU A 48 0.90 -2.46 -9.60
N ASP A 49 1.34 -3.60 -9.10
CA ASP A 49 0.46 -4.75 -8.92
C ASP A 49 -0.69 -4.40 -7.98
N GLU A 50 -0.44 -3.51 -7.04
CA GLU A 50 -1.45 -3.09 -6.08
C GLU A 50 -2.61 -2.39 -6.78
N VAL A 51 -2.28 -1.51 -7.72
CA VAL A 51 -3.30 -0.78 -8.47
C VAL A 51 -3.85 -1.61 -9.62
N ASN A 52 -2.99 -2.41 -10.23
CA ASN A 52 -3.39 -3.26 -11.34
C ASN A 52 -4.30 -4.38 -10.86
N SER A 53 -4.05 -4.88 -9.66
CA SER A 53 -4.85 -5.96 -9.10
C SER A 53 -6.25 -5.47 -8.76
N TYR A 54 -6.33 -4.42 -7.94
CA TYR A 54 -7.62 -3.86 -7.54
C TYR A 54 -8.45 -3.47 -8.76
N ILE A 55 -7.87 -2.65 -9.62
CA ILE A 55 -8.56 -2.20 -10.83
C ILE A 55 -9.01 -3.39 -11.68
N LYS A 56 -8.24 -4.48 -11.61
CA LYS A 56 -8.56 -5.69 -12.36
C LYS A 56 -9.82 -6.35 -11.82
N GLU A 57 -9.77 -6.75 -10.55
CA GLU A 57 -10.91 -7.40 -9.92
C GLU A 57 -12.18 -6.57 -10.10
N PHE A 58 -12.01 -5.26 -10.20
CA PHE A 58 -13.15 -4.35 -10.38
C PHE A 58 -13.65 -4.38 -11.81
N ALA A 59 -12.73 -4.47 -12.76
CA ALA A 59 -13.08 -4.51 -14.18
C ALA A 59 -11.84 -4.65 -15.05
N ILE A 60 -11.33 -5.87 -15.16
CA ILE A 60 -10.14 -6.13 -15.97
C ILE A 60 -10.32 -5.60 -17.39
N GLU A 61 -11.55 -5.64 -17.88
CA GLU A 61 -11.84 -5.16 -19.22
C GLU A 61 -12.29 -3.70 -19.20
N GLY A 62 -12.28 -3.07 -20.37
CA GLY A 62 -12.68 -1.68 -20.47
C GLY A 62 -11.65 -0.83 -21.18
N GLU A 63 -12.09 -0.13 -22.23
CA GLU A 63 -11.19 0.72 -23.00
C GLU A 63 -11.08 2.10 -22.37
N THR A 64 -12.19 2.82 -22.31
CA THR A 64 -12.22 4.15 -21.73
C THR A 64 -13.64 4.60 -21.44
N PHE A 65 -13.83 5.27 -20.30
CA PHE A 65 -15.16 5.75 -19.92
C PHE A 65 -15.03 6.92 -18.93
N GLN A 66 -14.88 6.59 -17.66
CA GLN A 66 -14.75 7.61 -16.63
C GLN A 66 -14.69 6.98 -15.24
N ILE A 67 -15.37 5.85 -15.09
CA ILE A 67 -15.40 5.14 -13.81
C ILE A 67 -13.99 4.74 -13.37
N GLU A 68 -13.06 4.75 -14.32
CA GLU A 68 -11.67 4.38 -14.03
C GLU A 68 -11.17 5.10 -12.79
N GLN A 69 -11.74 6.27 -12.50
CA GLN A 69 -11.36 7.05 -11.34
C GLN A 69 -11.33 6.18 -10.08
N PHE A 70 -12.22 5.20 -10.03
CA PHE A 70 -12.30 4.30 -8.89
C PHE A 70 -10.93 3.71 -8.56
N GLU A 71 -10.10 3.56 -9.58
CA GLU A 71 -8.75 3.02 -9.41
C GLU A 71 -8.02 3.74 -8.27
N LEU A 72 -8.01 5.07 -8.33
CA LEU A 72 -7.35 5.88 -7.31
C LEU A 72 -8.14 5.88 -6.02
N ILE A 73 -9.43 6.23 -6.12
CA ILE A 73 -10.31 6.27 -4.95
C ILE A 73 -10.19 5.00 -4.13
N MET A 74 -9.96 3.88 -4.81
CA MET A 74 -9.83 2.59 -4.13
C MET A 74 -8.36 2.31 -3.79
N GLU A 75 -7.46 2.76 -4.66
CA GLU A 75 -6.03 2.55 -4.45
C GLU A 75 -5.61 3.03 -3.06
N ARG A 76 -6.13 4.19 -2.66
CA ARG A 76 -5.81 4.76 -1.35
C ARG A 76 -6.28 3.84 -0.23
N GLU A 77 -7.33 3.06 -0.50
CA GLU A 77 -7.87 2.14 0.49
C GLU A 77 -7.11 0.82 0.48
N GLN A 78 -6.98 0.22 -0.70
CA GLN A 78 -6.28 -1.04 -0.84
C GLN A 78 -4.82 -0.91 -0.41
N SER A 79 -4.25 0.27 -0.63
CA SER A 79 -2.86 0.51 -0.26
C SER A 79 -2.71 0.64 1.26
N LYS A 80 -3.79 1.04 1.91
CA LYS A 80 -3.79 1.20 3.36
C LYS A 80 -3.50 -0.12 4.06
N PRO A 81 -2.33 -0.21 4.71
CA PRO A 81 -1.91 -1.41 5.44
C PRO A 81 -2.75 -1.67 6.68
N ASP A 82 -2.31 -2.62 7.49
CA ASP A 82 -3.02 -2.97 8.72
C ASP A 82 -2.04 -3.22 9.86
N THR A 83 -0.92 -2.50 9.85
CA THR A 83 0.09 -2.64 10.89
C THR A 83 -0.01 -1.53 11.92
N ARG A 84 -0.36 -0.33 11.46
CA ARG A 84 -0.50 0.81 12.35
C ARG A 84 -1.41 0.48 13.53
N GLU A 85 -2.38 -0.40 13.30
CA GLU A 85 -3.30 -0.80 14.35
C GLU A 85 -2.60 -1.61 15.43
N ILE A 86 -1.63 -2.43 15.02
CA ILE A 86 -0.87 -3.25 15.95
C ILE A 86 0.44 -2.58 16.34
N LYS A 87 0.90 -2.86 17.56
CA LYS A 87 2.13 -2.29 18.06
C LYS A 87 3.34 -3.04 17.52
N LEU A 88 3.38 -4.35 17.78
CA LEU A 88 4.49 -5.19 17.30
C LEU A 88 4.50 -5.26 15.79
N ARG A 89 3.39 -5.68 15.20
CA ARG A 89 3.28 -5.80 13.76
C ARG A 89 3.74 -4.52 13.07
N LYS A 90 3.59 -3.40 13.78
CA LYS A 90 3.99 -2.10 13.23
C LYS A 90 5.37 -2.19 12.58
N ALA A 91 6.38 -2.53 13.37
CA ALA A 91 7.74 -2.65 12.86
C ALA A 91 7.99 -4.04 12.30
N PHE A 92 7.36 -5.04 12.89
CA PHE A 92 7.53 -6.42 12.45
C PHE A 92 7.29 -6.55 10.95
N GLU A 93 6.21 -5.95 10.48
CA GLU A 93 5.87 -6.00 9.06
C GLU A 93 7.05 -5.56 8.20
N VAL A 94 7.90 -4.70 8.77
CA VAL A 94 9.06 -4.20 8.06
C VAL A 94 10.22 -5.20 8.14
N PHE A 95 10.28 -5.93 9.26
CA PHE A 95 11.34 -6.92 9.45
C PHE A 95 11.15 -8.11 8.53
N ASP A 96 9.97 -8.72 8.59
CA ASP A 96 9.67 -9.88 7.75
C ASP A 96 8.18 -9.96 7.47
N GLN A 97 7.80 -9.66 6.23
CA GLN A 97 6.39 -9.70 5.83
C GLN A 97 5.74 -10.99 6.28
N ASP A 98 6.53 -12.05 6.40
CA ASP A 98 6.03 -13.34 6.83
C ASP A 98 5.33 -13.24 8.18
N LYS A 99 5.61 -12.17 8.91
CA LYS A 99 5.01 -11.95 10.22
C LYS A 99 3.55 -12.38 10.23
N ASP A 100 3.18 -13.17 11.24
CA ASP A 100 1.81 -13.65 11.36
C ASP A 100 1.24 -13.34 12.74
N GLY A 101 1.68 -12.23 13.31
CA GLY A 101 1.22 -11.84 14.63
C GLY A 101 1.59 -12.84 15.70
N LYS A 102 2.52 -13.74 15.38
CA LYS A 102 2.97 -14.75 16.32
C LYS A 102 4.34 -15.29 15.93
N ILE A 103 5.21 -15.44 16.91
CA ILE A 103 6.56 -15.95 16.67
C ILE A 103 7.20 -16.44 17.97
N LYS A 104 8.45 -16.88 17.87
CA LYS A 104 9.18 -17.39 19.02
C LYS A 104 10.04 -16.29 19.64
N ALA A 105 10.87 -16.67 20.61
CA ALA A 105 11.75 -15.71 21.28
C ALA A 105 12.80 -15.17 20.32
N SER A 106 13.17 -15.99 19.33
CA SER A 106 14.18 -15.59 18.35
C SER A 106 13.68 -14.43 17.49
N ASP A 107 12.58 -14.67 16.78
CA ASP A 107 12.00 -13.65 15.92
C ASP A 107 11.53 -12.45 16.74
N LEU A 108 11.27 -12.68 18.03
CA LEU A 108 10.82 -11.62 18.92
C LEU A 108 11.85 -10.49 19.00
N ALA A 109 13.05 -10.82 19.45
CA ALA A 109 14.11 -9.85 19.58
C ALA A 109 14.67 -9.46 18.21
N HIS A 110 14.53 -10.36 17.24
CA HIS A 110 15.01 -10.12 15.90
C HIS A 110 14.29 -8.94 15.27
N ASN A 111 12.96 -9.00 15.23
CA ASN A 111 12.17 -7.93 14.66
C ASN A 111 12.11 -6.72 15.60
N LEU A 112 12.12 -6.99 16.90
CA LEU A 112 12.07 -5.94 17.91
C LEU A 112 13.12 -4.87 17.62
N THR A 113 14.33 -5.30 17.30
CA THR A 113 15.42 -4.39 17.01
C THR A 113 15.01 -3.37 15.95
N THR A 114 14.22 -3.81 14.97
CA THR A 114 13.76 -2.93 13.90
C THR A 114 12.91 -1.80 14.46
N VAL A 115 12.14 -2.09 15.51
CA VAL A 115 11.28 -1.09 16.14
C VAL A 115 12.09 0.12 16.58
N GLY A 116 13.33 -0.12 17.03
CA GLY A 116 14.18 0.96 17.48
C GLY A 116 14.00 1.27 18.95
N ASP A 117 13.61 0.25 19.72
CA ASP A 117 13.40 0.42 21.15
C ASP A 117 14.46 -0.34 21.95
N LYS A 118 15.01 -1.38 21.35
CA LYS A 118 16.03 -2.20 21.99
C LYS A 118 15.46 -2.92 23.21
N MET A 119 15.02 -4.16 23.00
CA MET A 119 14.46 -4.96 24.07
C MET A 119 15.49 -5.94 24.62
N THR A 120 15.98 -5.66 25.82
CA THR A 120 16.98 -6.51 26.46
C THR A 120 16.35 -7.38 27.54
N LYS A 121 17.19 -8.03 28.34
CA LYS A 121 16.72 -8.90 29.41
C LYS A 121 15.61 -8.21 30.20
N GLU A 122 15.63 -6.88 30.24
CA GLU A 122 14.63 -6.11 30.97
C GLU A 122 13.24 -6.35 30.40
N GLU A 123 13.09 -6.12 29.10
CA GLU A 123 11.81 -6.31 28.42
C GLU A 123 11.26 -7.71 28.69
N VAL A 124 12.05 -8.73 28.35
CA VAL A 124 11.65 -10.11 28.54
C VAL A 124 11.36 -10.40 30.01
N GLU A 125 12.14 -9.77 30.89
CA GLU A 125 11.97 -9.96 32.33
C GLU A 125 10.52 -9.70 32.74
N LYS A 126 10.01 -8.54 32.39
CA LYS A 126 8.64 -8.15 32.71
C LYS A 126 7.64 -8.98 31.89
N VAL A 127 8.02 -9.31 30.67
CA VAL A 127 7.17 -10.09 29.79
C VAL A 127 6.69 -11.37 30.48
N PHE A 128 7.55 -11.93 31.32
CA PHE A 128 7.21 -13.16 32.04
C PHE A 128 6.39 -12.85 33.29
N SER A 129 6.44 -11.59 33.72
CA SER A 129 5.71 -11.16 34.91
C SER A 129 4.23 -11.02 34.61
N ILE A 130 3.91 -10.39 33.49
CA ILE A 130 2.52 -10.19 33.07
C ILE A 130 1.99 -11.40 32.32
N LEU A 131 2.70 -11.78 31.26
CA LEU A 131 2.29 -12.93 30.45
C LEU A 131 2.39 -14.22 31.25
N GLY A 132 3.20 -14.20 32.31
CA GLY A 132 3.37 -15.37 33.13
C GLY A 132 3.94 -16.55 32.38
N ILE A 133 4.72 -16.26 31.33
CA ILE A 133 5.32 -17.30 30.52
C ILE A 133 6.84 -17.18 30.50
N THR A 134 7.52 -18.32 30.46
CA THR A 134 8.98 -18.33 30.45
C THR A 134 9.52 -17.77 29.14
N MET A 135 10.75 -17.28 29.18
CA MET A 135 11.39 -16.71 27.99
C MET A 135 11.58 -17.78 26.92
N GLU A 136 11.47 -19.04 27.32
CA GLU A 136 11.63 -20.16 26.39
C GLU A 136 10.29 -20.54 25.76
N SER A 137 9.48 -19.53 25.46
CA SER A 137 8.17 -19.75 24.86
C SER A 137 7.99 -18.86 23.63
N ASP A 138 6.76 -18.83 23.12
CA ASP A 138 6.44 -18.02 21.94
C ASP A 138 5.56 -16.83 22.33
N ILE A 139 5.61 -15.78 21.51
CA ILE A 139 4.81 -14.59 21.75
C ILE A 139 3.50 -14.63 20.98
N ASP A 140 2.47 -14.02 21.54
CA ASP A 140 1.16 -13.98 20.89
C ASP A 140 0.43 -12.67 21.21
N LEU A 141 -0.82 -12.57 20.76
CA LEU A 141 -1.61 -11.37 21.00
C LEU A 141 -1.43 -10.86 22.42
N ALA A 142 -1.48 -11.78 23.38
CA ALA A 142 -1.31 -11.42 24.78
C ALA A 142 0.03 -10.73 25.03
N THR A 143 1.08 -11.28 24.43
CA THR A 143 2.42 -10.72 24.58
C THR A 143 2.45 -9.24 24.19
N PHE A 144 1.70 -8.90 23.14
CA PHE A 144 1.64 -7.52 22.68
C PHE A 144 0.88 -6.64 23.66
N LEU A 145 -0.13 -7.23 24.30
CA LEU A 145 -0.94 -6.50 25.27
C LEU A 145 -0.11 -6.09 26.48
N LYS A 146 0.47 -7.07 27.17
CA LYS A 146 1.29 -6.81 28.34
C LYS A 146 2.48 -5.93 27.98
N LEU A 147 2.93 -6.01 26.73
CA LEU A 147 4.06 -5.22 26.27
C LEU A 147 3.65 -3.78 26.02
N VAL A 148 2.75 -3.58 25.06
CA VAL A 148 2.26 -2.25 24.73
C VAL A 148 1.69 -1.55 25.96
N ALA A 149 1.14 -2.33 26.88
CA ALA A 149 0.56 -1.78 28.11
C ALA A 149 1.65 -1.34 29.06
N LEU A 150 2.50 -2.27 29.47
CA LEU A 150 3.59 -1.97 30.40
C LEU A 150 4.53 -0.91 29.81
N HIS A 151 5.12 -1.22 28.66
CA HIS A 151 6.03 -0.31 28.00
C HIS A 151 7.32 -0.15 28.79
N HIS A 152 7.26 0.60 29.89
CA HIS A 152 8.42 0.83 30.74
C HIS A 152 8.07 1.71 31.93
N HIS A 153 9.08 2.07 32.71
CA HIS A 153 8.88 2.92 33.89
C HIS A 153 9.27 4.36 33.59
N HIS A 154 9.32 5.18 34.63
CA HIS A 154 9.69 6.58 34.49
C HIS A 154 11.20 6.74 34.31
N HIS A 155 11.59 7.66 33.44
CA HIS A 155 13.01 7.91 33.17
C HIS A 155 13.20 9.17 32.35
N HIS A 156 14.42 9.69 32.35
CA HIS A 156 14.73 10.91 31.60
C HIS A 156 13.75 12.03 31.95
CA CA B . -9.01 12.79 -18.54
CA CA C . 7.16 -13.87 11.68
#